data_7M2T
#
_entry.id   7M2T
#
_cell.length_a   175.760
_cell.length_b   169.860
_cell.length_c   244.560
_cell.angle_alpha   90.000
_cell.angle_beta   92.690
_cell.angle_gamma   90.000
#
_symmetry.space_group_name_H-M   'I 1 2 1'
#
loop_
_entity.id
_entity.type
_entity.pdbx_description
1 polymer 'Coat protein'
2 polymer "RNA (5'-R(P*AP*AP*AP*AP*AP*AP*AP*AP*AP*AP*AP*A)-3')"
3 polymer 'RNA (27-mer)'
4 non-polymer 'MAGNESIUM ION'
5 non-polymer 'PHOSPHATE ION'
6 non-polymer 'SULFATE ION'
7 water water
#
loop_
_entity_poly.entity_id
_entity_poly.type
_entity_poly.pdbx_seq_one_letter_code
_entity_poly.pdbx_strand_id
1 'polypeptide(L)'
;MGRGKVKPNRKSTGDNSNVVTMIRAGSYPKVNPTPTWVRAIPFEVSVQSGIAFKVPVGSLFSANFRTDSFTSVTVMSVRA
WTQLTPPVNEYSFVRLKPLFKTGDSTEEFEGRASNINTRASVGYRIPTNLRQNTVAADNVCEVRSNCRQVALVISCCFN
;
A,B,C,D,E,F,G,H,I,J,K,L,M,N,O,BB,CC,DD,EE,FF,GG,HH,II,JJ,KK,LL,MM,NN,OO,PP
2 'polyribonucleotide' AAAAAAAAAAAA P,Q,R,S,T,U,V,W,X,Y,Z,a,b,c,d,QQ,RR,SS,TT,UU,VV,WW,YY,ZZ,bb,cc,dd,ee,ff,gg
3 'polyribonucleotide' UUUUUUUUUUUUUUUUUUUUUUUUUUU e,f,g,h,i,j,k,l,m,n,o,p,q,r,s,t,u,v,w,x,y,z,1,2,3,4,5,6,7,8,hh,ii,jj,kk,ll,mm,nn,oo,pp,qq,rr,ss,tt,uu,vv,ww,xx,yy,zz
#
loop_
_chem_comp.id
_chem_comp.type
_chem_comp.name
_chem_comp.formula
A RNA linking ADENOSINE-5'-MONOPHOSPHATE 'C10 H14 N5 O7 P'
MG non-polymer 'MAGNESIUM ION' 'Mg 2'
PO4 non-polymer 'PHOSPHATE ION' 'O4 P -3'
SO4 non-polymer 'SULFATE ION' 'O4 S -2'
U RNA linking URIDINE-5'-MONOPHOSPHATE 'C9 H13 N2 O9 P'
#
# COMPACT_ATOMS: atom_id res chain seq x y z
N ASN A 16 30.15 -45.82 35.91
CA ASN A 16 30.18 -45.10 37.17
C ASN A 16 31.15 -45.78 38.15
N SER A 17 31.36 -45.14 39.29
CA SER A 17 32.29 -45.67 40.29
C SER A 17 31.66 -46.83 41.06
N ASN A 18 32.50 -47.76 41.49
CA ASN A 18 32.06 -48.91 42.26
C ASN A 18 32.67 -48.97 43.66
N VAL A 19 33.54 -48.02 44.02
CA VAL A 19 34.21 -48.01 45.31
C VAL A 19 34.08 -46.63 45.93
N VAL A 20 34.38 -46.58 47.24
CA VAL A 20 34.44 -45.30 47.93
C VAL A 20 35.58 -44.47 47.35
N THR A 21 35.34 -43.18 47.20
CA THR A 21 36.35 -42.26 46.70
C THR A 21 36.42 -41.05 47.63
N MET A 22 37.56 -40.37 47.59
CA MET A 22 37.82 -39.26 48.50
C MET A 22 37.12 -38.00 48.05
N ILE A 23 36.62 -37.23 49.02
CA ILE A 23 36.15 -35.86 48.81
C ILE A 23 37.17 -34.94 49.44
N ARG A 24 37.58 -33.91 48.69
CA ARG A 24 38.56 -32.95 49.20
C ARG A 24 37.81 -31.79 49.86
N ALA A 25 37.36 -32.05 51.08
CA ALA A 25 36.58 -31.09 51.83
C ALA A 25 37.41 -29.85 52.17
N GLY A 26 36.72 -28.71 52.29
CA GLY A 26 37.41 -27.47 52.55
C GLY A 26 37.19 -26.95 53.95
N SER A 27 36.73 -25.71 54.07
CA SER A 27 36.42 -25.15 55.38
C SER A 27 35.08 -25.67 55.88
N TYR A 28 34.87 -25.57 57.18
CA TYR A 28 33.61 -26.02 57.75
C TYR A 28 32.47 -25.18 57.19
N PRO A 29 31.44 -25.80 56.62
CA PRO A 29 30.39 -25.05 55.92
C PRO A 29 29.42 -24.40 56.89
N LYS A 30 28.47 -23.65 56.33
CA LYS A 30 27.32 -23.21 57.08
C LYS A 30 26.36 -24.38 57.22
N VAL A 31 25.83 -24.57 58.43
CA VAL A 31 24.97 -25.71 58.73
C VAL A 31 23.69 -25.21 59.40
N ASN A 32 22.70 -26.10 59.44
CA ASN A 32 21.41 -25.87 60.07
C ASN A 32 20.77 -27.22 60.39
N PRO A 33 20.75 -27.63 61.65
CA PRO A 33 20.22 -28.96 61.98
C PRO A 33 18.72 -29.06 61.86
N THR A 34 17.99 -27.94 61.90
CA THR A 34 16.53 -27.94 61.93
C THR A 34 16.01 -27.08 60.78
N PRO A 35 15.98 -27.61 59.56
CA PRO A 35 15.61 -26.78 58.40
C PRO A 35 14.12 -26.71 58.16
N THR A 36 13.74 -25.93 57.13
CA THR A 36 12.37 -25.80 56.68
C THR A 36 11.99 -27.00 55.81
N TRP A 37 10.68 -27.14 55.57
CA TRP A 37 10.16 -28.30 54.86
C TRP A 37 8.87 -27.91 54.17
N VAL A 38 8.82 -28.04 52.85
CA VAL A 38 7.60 -27.82 52.08
C VAL A 38 6.84 -29.14 51.98
N ARG A 39 5.57 -29.14 52.36
CA ARG A 39 4.83 -30.37 52.50
C ARG A 39 3.42 -30.23 51.95
N ALA A 40 2.81 -31.39 51.69
CA ALA A 40 1.38 -31.51 51.42
C ALA A 40 0.82 -32.45 52.47
N ILE A 41 0.10 -31.92 53.44
CA ILE A 41 -0.35 -32.66 54.61
C ILE A 41 -1.78 -33.13 54.38
N PRO A 42 -2.06 -34.42 54.43
CA PRO A 42 -3.45 -34.88 54.36
C PRO A 42 -4.00 -35.23 55.73
N PHE A 43 -5.21 -34.74 56.05
CA PHE A 43 -5.90 -35.16 57.26
C PHE A 43 -7.39 -35.00 57.03
N GLU A 44 -8.17 -35.53 57.97
CA GLU A 44 -9.63 -35.51 57.89
C GLU A 44 -10.20 -34.80 59.11
N VAL A 45 -11.40 -34.23 58.95
CA VAL A 45 -12.11 -33.59 60.03
C VAL A 45 -13.56 -34.07 60.00
N SER A 46 -14.18 -34.14 61.17
CA SER A 46 -15.58 -34.50 61.31
C SER A 46 -16.44 -33.25 61.27
N VAL A 47 -17.58 -33.34 60.58
CA VAL A 47 -18.44 -32.20 60.31
C VAL A 47 -19.87 -32.57 60.68
N GLN A 48 -20.59 -31.62 61.28
CA GLN A 48 -22.02 -31.75 61.43
C GLN A 48 -22.73 -31.10 60.27
N SER A 49 -23.92 -31.61 59.95
CA SER A 49 -24.74 -31.01 58.90
C SER A 49 -25.17 -29.61 59.32
N GLY A 50 -25.10 -28.67 58.38
CA GLY A 50 -25.54 -27.31 58.61
C GLY A 50 -24.68 -26.50 59.56
N ILE A 51 -23.57 -27.04 60.04
CA ILE A 51 -22.73 -26.35 61.02
C ILE A 51 -21.32 -26.23 60.45
N ALA A 52 -20.78 -25.02 60.48
CA ALA A 52 -19.40 -24.81 60.06
C ALA A 52 -18.43 -25.38 61.09
N PHE A 53 -17.34 -25.95 60.60
CA PHE A 53 -16.26 -26.45 61.45
C PHE A 53 -15.00 -25.62 61.18
N LYS A 54 -14.46 -25.01 62.24
CA LYS A 54 -13.20 -24.28 62.12
C LYS A 54 -12.05 -25.26 62.22
N VAL A 55 -11.17 -25.27 61.21
CA VAL A 55 -10.07 -26.22 61.14
C VAL A 55 -8.87 -25.61 61.84
N PRO A 56 -8.39 -26.19 62.94
CA PRO A 56 -7.26 -25.61 63.65
C PRO A 56 -5.92 -25.90 62.97
N VAL A 57 -5.02 -24.92 63.08
CA VAL A 57 -3.69 -25.04 62.51
C VAL A 57 -2.90 -26.15 63.21
N GLY A 58 -3.20 -26.39 64.49
CA GLY A 58 -2.49 -27.41 65.26
C GLY A 58 -2.59 -28.80 64.68
N SER A 59 -3.61 -29.07 63.87
CA SER A 59 -3.73 -30.36 63.22
C SER A 59 -2.49 -30.71 62.40
N LEU A 60 -1.75 -29.71 61.94
CA LEU A 60 -0.60 -29.92 61.06
C LEU A 60 0.67 -30.30 61.82
N PHE A 61 0.70 -30.16 63.14
CA PHE A 61 1.86 -30.52 63.95
C PHE A 61 1.58 -31.87 64.60
N SER A 62 2.20 -32.92 64.07
CA SER A 62 1.95 -34.27 64.56
C SER A 62 3.13 -35.16 64.20
N ALA A 63 3.42 -36.11 65.09
CA ALA A 63 4.40 -37.15 64.75
C ALA A 63 3.97 -37.94 63.53
N ASN A 64 2.65 -38.05 63.30
CA ASN A 64 2.14 -38.77 62.14
C ASN A 64 2.55 -38.14 60.81
N PHE A 65 2.99 -36.89 60.82
CA PHE A 65 3.45 -36.20 59.61
C PHE A 65 4.93 -35.88 59.66
N ARG A 66 5.65 -36.38 60.68
CA ARG A 66 7.04 -35.99 60.95
C ARG A 66 7.18 -34.48 61.19
N THR A 67 6.15 -33.84 61.72
CA THR A 67 6.15 -32.38 61.87
C THR A 67 6.07 -31.91 63.31
N ASP A 68 6.17 -32.82 64.29
CA ASP A 68 5.96 -32.42 65.68
C ASP A 68 7.07 -31.51 66.23
N SER A 69 8.17 -31.33 65.51
CA SER A 69 9.21 -30.43 65.98
C SER A 69 9.02 -28.99 65.51
N PHE A 70 8.01 -28.73 64.68
CA PHE A 70 7.71 -27.38 64.22
C PHE A 70 6.65 -26.75 65.11
N THR A 71 6.76 -25.43 65.30
CA THR A 71 5.74 -24.66 66.00
C THR A 71 5.06 -23.64 65.11
N SER A 72 5.57 -23.37 63.92
CA SER A 72 4.97 -22.43 62.98
C SER A 72 4.84 -23.07 61.61
N VAL A 73 4.00 -22.47 60.78
CA VAL A 73 3.78 -22.96 59.42
C VAL A 73 3.19 -21.82 58.60
N THR A 74 3.52 -21.79 57.31
CA THR A 74 2.96 -20.85 56.35
C THR A 74 2.10 -21.64 55.37
N VAL A 75 0.79 -21.45 55.45
CA VAL A 75 -0.13 -22.17 54.56
C VAL A 75 -0.14 -21.48 53.21
N MET A 76 0.00 -22.26 52.13
CA MET A 76 -0.07 -21.72 50.78
C MET A 76 -1.41 -21.99 50.11
N SER A 77 -1.89 -23.23 50.12
CA SER A 77 -3.16 -23.55 49.51
C SER A 77 -3.88 -24.63 50.30
N VAL A 78 -5.21 -24.62 50.22
CA VAL A 78 -6.08 -25.56 50.91
C VAL A 78 -6.98 -26.23 49.87
N ARG A 79 -7.05 -27.55 49.91
CA ARG A 79 -7.95 -28.31 49.06
C ARG A 79 -8.75 -29.28 49.92
N ALA A 80 -10.04 -29.41 49.63
CA ALA A 80 -10.95 -30.21 50.45
C ALA A 80 -11.75 -31.17 49.59
N TRP A 81 -11.96 -32.38 50.11
CA TRP A 81 -12.80 -33.38 49.48
C TRP A 81 -13.78 -33.90 50.53
N THR A 82 -14.97 -34.28 50.08
CA THR A 82 -15.86 -35.04 50.96
C THR A 82 -15.31 -36.45 51.13
N GLN A 83 -15.42 -36.98 52.35
CA GLN A 83 -14.76 -38.22 52.72
C GLN A 83 -15.72 -39.38 52.94
N LEU A 84 -17.01 -39.10 53.17
CA LEU A 84 -18.04 -40.12 53.30
C LEU A 84 -19.17 -39.81 52.32
N THR A 85 -20.07 -40.77 52.17
CA THR A 85 -21.17 -40.63 51.23
C THR A 85 -22.16 -39.56 51.71
N PRO A 86 -22.87 -38.92 50.78
CA PRO A 86 -23.82 -37.88 51.17
C PRO A 86 -25.12 -38.48 51.65
N PRO A 87 -26.00 -37.67 52.25
CA PRO A 87 -27.34 -38.18 52.60
C PRO A 87 -28.08 -38.71 51.38
N VAL A 88 -29.08 -39.54 51.64
CA VAL A 88 -29.86 -40.14 50.55
C VAL A 88 -30.47 -39.03 49.70
N ASN A 89 -30.52 -39.29 48.38
CA ASN A 89 -31.10 -38.41 47.37
C ASN A 89 -30.23 -37.22 47.01
N GLU A 90 -29.13 -37.00 47.73
CA GLU A 90 -28.32 -35.80 47.54
C GLU A 90 -27.00 -36.09 46.83
N TYR A 91 -26.43 -35.05 46.23
CA TYR A 91 -25.06 -35.04 45.77
C TYR A 91 -24.18 -34.38 46.82
N SER A 92 -22.94 -34.85 46.94
CA SER A 92 -22.02 -34.27 47.91
C SER A 92 -21.79 -32.79 47.60
N PHE A 93 -21.47 -32.03 48.65
CA PHE A 93 -20.92 -30.70 48.46
C PHE A 93 -19.99 -30.38 49.61
N VAL A 94 -19.18 -29.34 49.41
CA VAL A 94 -18.23 -28.89 50.41
C VAL A 94 -17.94 -27.43 50.14
N ARG A 95 -17.92 -26.62 51.21
CA ARG A 95 -17.61 -25.20 51.15
C ARG A 95 -16.42 -24.89 52.02
N LEU A 96 -15.55 -24.00 51.54
CA LEU A 96 -14.40 -23.53 52.31
C LEU A 96 -14.49 -22.03 52.47
N LYS A 97 -14.31 -21.55 53.69
CA LYS A 97 -14.26 -20.11 53.98
C LYS A 97 -12.91 -19.77 54.61
N PRO A 98 -12.07 -18.98 53.95
CA PRO A 98 -10.75 -18.68 54.52
C PRO A 98 -10.85 -17.84 55.77
N LEU A 99 -9.93 -18.10 56.70
CA LEU A 99 -9.80 -17.34 57.95
C LEU A 99 -8.40 -16.77 58.06
N PHE A 100 -8.28 -15.55 58.56
CA PHE A 100 -6.99 -14.92 58.75
C PHE A 100 -6.97 -14.14 60.06
N LYS A 101 -5.81 -14.14 60.72
CA LYS A 101 -5.67 -13.42 61.99
C LYS A 101 -5.96 -11.93 61.83
N THR A 102 -5.55 -11.34 60.71
CA THR A 102 -5.79 -9.92 60.49
C THR A 102 -7.20 -9.62 59.99
N GLY A 103 -8.03 -10.63 59.76
CA GLY A 103 -9.39 -10.41 59.29
C GLY A 103 -9.94 -11.57 58.50
N ASP A 104 -11.09 -12.09 58.90
CA ASP A 104 -11.65 -13.27 58.25
C ASP A 104 -12.34 -12.89 56.94
N SER A 105 -12.26 -13.80 55.98
CA SER A 105 -12.96 -13.64 54.71
C SER A 105 -14.43 -14.03 54.86
N THR A 106 -15.22 -13.65 53.87
CA THR A 106 -16.59 -14.12 53.76
C THR A 106 -16.86 -14.80 52.43
N GLU A 107 -15.80 -15.19 51.72
CA GLU A 107 -15.96 -16.07 50.57
C GLU A 107 -16.44 -17.44 51.03
N GLU A 108 -17.17 -18.13 50.14
CA GLU A 108 -17.66 -19.48 50.40
C GLU A 108 -17.43 -20.31 49.13
N PHE A 109 -16.16 -20.62 48.85
CA PHE A 109 -15.81 -21.44 47.70
C PHE A 109 -16.45 -22.82 47.84
N GLU A 110 -17.22 -23.22 46.85
CA GLU A 110 -18.05 -24.41 46.95
C GLU A 110 -17.80 -25.35 45.77
N GLY A 111 -17.77 -26.64 46.06
CA GLY A 111 -17.76 -27.66 45.04
C GLY A 111 -18.90 -28.64 45.26
N ARG A 112 -19.47 -29.13 44.16
CA ARG A 112 -20.55 -30.10 44.21
C ARG A 112 -20.23 -31.25 43.27
N ALA A 113 -20.65 -32.44 43.67
CA ALA A 113 -20.50 -33.60 42.82
C ALA A 113 -21.59 -33.62 41.76
N SER A 114 -21.28 -34.22 40.62
CA SER A 114 -22.27 -34.44 39.57
C SER A 114 -22.67 -35.91 39.46
N ASN A 115 -22.07 -36.77 40.27
CA ASN A 115 -22.42 -38.19 40.38
C ASN A 115 -22.57 -38.48 41.87
N ILE A 116 -23.69 -39.06 42.27
CA ILE A 116 -23.98 -39.21 43.70
C ILE A 116 -22.92 -40.05 44.39
N ASN A 117 -22.17 -40.86 43.65
CA ASN A 117 -21.18 -41.76 44.21
C ASN A 117 -19.78 -41.15 44.26
N THR A 118 -19.65 -39.85 43.97
CA THR A 118 -18.37 -39.21 43.75
C THR A 118 -18.13 -38.12 44.78
N ARG A 119 -16.86 -37.94 45.15
CA ARG A 119 -16.48 -36.89 46.08
C ARG A 119 -16.73 -35.52 45.46
N ALA A 120 -17.19 -34.58 46.27
CA ALA A 120 -17.14 -33.17 45.92
C ALA A 120 -15.81 -32.58 46.38
N SER A 121 -15.36 -31.53 45.70
CA SER A 121 -14.07 -30.96 46.01
C SER A 121 -14.02 -29.49 45.62
N VAL A 122 -13.16 -28.74 46.33
CA VAL A 122 -12.88 -27.36 46.00
C VAL A 122 -11.58 -26.99 46.72
N GLY A 123 -10.98 -25.87 46.31
CA GLY A 123 -9.79 -25.38 46.96
C GLY A 123 -9.65 -23.89 46.81
N TYR A 124 -8.75 -23.32 47.60
CA TYR A 124 -8.41 -21.91 47.46
C TYR A 124 -6.93 -21.72 47.74
N ARG A 125 -6.34 -20.76 47.03
CA ARG A 125 -4.94 -20.38 47.20
C ARG A 125 -4.84 -19.11 48.04
N ILE A 126 -3.84 -19.06 48.91
CA ILE A 126 -3.59 -17.87 49.71
C ILE A 126 -2.56 -17.01 49.00
N PRO A 127 -2.85 -15.72 48.77
CA PRO A 127 -1.90 -14.87 48.06
C PRO A 127 -0.66 -14.55 48.90
N THR A 128 0.39 -14.14 48.20
CA THR A 128 1.69 -13.89 48.83
C THR A 128 1.57 -12.95 50.02
N ASN A 129 0.85 -11.84 49.84
CA ASN A 129 0.72 -10.83 50.89
C ASN A 129 0.00 -11.35 52.13
N LEU A 130 -0.58 -12.55 52.08
CA LEU A 130 -1.25 -13.13 53.23
C LEU A 130 -0.55 -14.37 53.77
N ARG A 131 0.63 -14.71 53.23
CA ARG A 131 1.36 -15.90 53.68
C ARG A 131 2.28 -15.52 54.84
N GLN A 132 1.65 -15.29 55.99
CA GLN A 132 2.37 -15.15 57.25
C GLN A 132 2.32 -16.46 58.02
N ASN A 133 3.06 -16.51 59.12
CA ASN A 133 3.08 -17.70 59.94
C ASN A 133 1.78 -17.83 60.73
N THR A 134 1.38 -19.06 60.99
CA THR A 134 0.30 -19.39 61.90
C THR A 134 0.80 -20.41 62.90
N VAL A 135 0.17 -20.43 64.08
CA VAL A 135 0.57 -21.34 65.15
C VAL A 135 -0.62 -22.23 65.50
N ALA A 136 -0.35 -23.22 66.37
CA ALA A 136 -1.31 -24.28 66.61
C ALA A 136 -2.66 -23.77 67.10
N ALA A 137 -2.69 -22.60 67.73
CA ALA A 137 -3.94 -22.05 68.22
C ALA A 137 -4.74 -21.32 67.15
N ASP A 138 -4.14 -21.02 66.00
CA ASP A 138 -4.85 -20.34 64.92
C ASP A 138 -5.76 -21.30 64.17
N ASN A 139 -6.59 -20.74 63.29
CA ASN A 139 -7.48 -21.50 62.43
C ASN A 139 -7.16 -21.22 60.97
N VAL A 140 -7.32 -22.25 60.13
CA VAL A 140 -7.08 -22.12 58.69
C VAL A 140 -8.32 -21.62 57.97
N CYS A 141 -9.45 -22.30 58.17
CA CYS A 141 -10.64 -22.03 57.39
C CYS A 141 -11.84 -22.66 58.08
N GLU A 142 -13.03 -22.35 57.57
CA GLU A 142 -14.26 -23.03 57.96
C GLU A 142 -14.67 -24.01 56.88
N VAL A 143 -15.18 -25.17 57.30
CA VAL A 143 -15.68 -26.20 56.40
C VAL A 143 -17.17 -26.37 56.63
N ARG A 144 -17.93 -26.41 55.55
CA ARG A 144 -19.31 -26.87 55.57
C ARG A 144 -19.47 -27.98 54.55
N SER A 145 -20.31 -28.95 54.88
CA SER A 145 -20.56 -30.06 53.97
C SER A 145 -21.80 -30.81 54.42
N ASN A 146 -22.49 -31.43 53.46
CA ASN A 146 -23.56 -32.35 53.79
C ASN A 146 -23.03 -33.76 54.11
N CYS A 147 -21.73 -33.97 54.04
CA CYS A 147 -21.10 -35.22 54.43
C CYS A 147 -20.48 -35.07 55.82
N ARG A 148 -20.48 -36.17 56.58
CA ARG A 148 -20.06 -36.10 57.96
C ARG A 148 -18.54 -36.05 58.12
N GLN A 149 -17.79 -36.18 57.04
CA GLN A 149 -16.34 -36.14 57.10
C GLN A 149 -15.79 -35.47 55.85
N VAL A 150 -14.78 -34.64 56.02
CA VAL A 150 -14.12 -33.93 54.92
C VAL A 150 -12.64 -34.22 54.99
N ALA A 151 -12.04 -34.51 53.83
CA ALA A 151 -10.61 -34.77 53.73
C ALA A 151 -9.91 -33.52 53.18
N LEU A 152 -8.87 -33.09 53.88
CA LEU A 152 -8.12 -31.90 53.51
C LEU A 152 -6.72 -32.29 53.09
N VAL A 153 -6.19 -31.57 52.10
CA VAL A 153 -4.78 -31.61 51.76
C VAL A 153 -4.28 -30.17 51.73
N ILE A 154 -3.39 -29.83 52.64
CA ILE A 154 -2.90 -28.47 52.79
C ILE A 154 -1.45 -28.43 52.34
N SER A 155 -1.15 -27.50 51.42
CA SER A 155 0.21 -27.23 51.00
C SER A 155 0.76 -26.09 51.85
N CYS A 156 1.91 -26.32 52.48
CA CYS A 156 2.42 -25.38 53.47
C CYS A 156 3.92 -25.53 53.58
N CYS A 157 4.54 -24.53 54.20
CA CYS A 157 5.97 -24.53 54.48
C CYS A 157 6.16 -24.48 55.98
N PHE A 158 6.74 -25.54 56.55
CA PHE A 158 7.04 -25.56 57.96
C PHE A 158 8.34 -24.81 58.23
N ASN A 159 8.32 -23.95 59.24
CA ASN A 159 9.54 -23.25 59.63
C ASN A 159 9.59 -23.06 61.14
N ASN B 16 8.04 -65.04 1.32
CA ASN B 16 8.87 -65.74 2.29
C ASN B 16 8.94 -67.23 1.94
N SER B 17 9.84 -67.95 2.61
CA SER B 17 10.05 -69.36 2.32
C SER B 17 8.85 -70.19 2.74
N ASN B 18 8.58 -71.23 1.97
CA ASN B 18 7.49 -72.16 2.25
C ASN B 18 7.97 -73.54 2.66
N VAL B 19 9.29 -73.77 2.66
CA VAL B 19 9.85 -75.07 3.00
C VAL B 19 10.97 -74.89 4.00
N VAL B 20 11.36 -76.01 4.62
CA VAL B 20 12.52 -75.99 5.52
C VAL B 20 13.77 -75.65 4.71
N THR B 21 14.69 -74.94 5.35
CA THR B 21 15.95 -74.58 4.72
C THR B 21 17.09 -74.83 5.68
N MET B 22 18.28 -75.05 5.12
CA MET B 22 19.45 -75.37 5.92
C MET B 22 19.95 -74.16 6.67
N ILE B 23 20.40 -74.38 7.91
CA ILE B 23 21.18 -73.40 8.67
C ILE B 23 22.62 -73.89 8.72
N ARG B 24 23.56 -72.99 8.43
CA ARG B 24 24.97 -73.35 8.43
C ARG B 24 25.57 -73.03 9.80
N ALA B 25 25.20 -73.87 10.76
CA ALA B 25 25.64 -73.70 12.14
C ALA B 25 27.15 -73.80 12.26
N GLY B 26 27.68 -73.22 13.33
CA GLY B 26 29.12 -73.19 13.54
C GLY B 26 29.55 -73.94 14.78
N SER B 27 30.35 -73.30 15.62
CA SER B 27 30.79 -73.92 16.86
C SER B 27 29.63 -74.01 17.85
N TYR B 28 29.79 -74.87 18.84
CA TYR B 28 28.73 -75.03 19.83
C TYR B 28 28.65 -73.75 20.68
N PRO B 29 27.47 -73.15 20.80
CA PRO B 29 27.36 -71.83 21.43
C PRO B 29 27.38 -71.91 22.95
N LYS B 30 27.49 -70.75 23.57
CA LYS B 30 27.23 -70.64 25.00
C LYS B 30 25.75 -70.86 25.24
N VAL B 31 25.42 -71.65 26.26
CA VAL B 31 24.04 -72.00 26.54
C VAL B 31 23.73 -71.81 28.01
N ASN B 32 22.45 -71.74 28.31
CA ASN B 32 21.96 -71.63 29.68
C ASN B 32 20.57 -72.27 29.74
N PRO B 33 20.43 -73.41 30.42
CA PRO B 33 19.11 -74.06 30.48
C PRO B 33 18.12 -73.38 31.43
N THR B 34 18.58 -72.50 32.32
CA THR B 34 17.72 -71.88 33.34
C THR B 34 17.94 -70.38 33.35
N PRO B 35 17.38 -69.67 32.37
CA PRO B 35 17.63 -68.22 32.26
C PRO B 35 16.79 -67.42 33.24
N THR B 36 17.05 -66.12 33.26
CA THR B 36 16.28 -65.16 34.03
C THR B 36 14.99 -64.80 33.28
N TRP B 37 14.08 -64.14 34.00
CA TRP B 37 12.76 -63.84 33.45
C TRP B 37 12.23 -62.57 34.09
N VAL B 38 11.91 -61.58 33.27
CA VAL B 38 11.32 -60.32 33.74
C VAL B 38 9.80 -60.44 33.67
N ARG B 39 9.14 -60.17 34.80
CA ARG B 39 7.74 -60.58 34.96
C ARG B 39 6.95 -59.49 35.68
N ALA B 40 5.64 -59.52 35.46
CA ALA B 40 4.66 -58.80 36.27
C ALA B 40 3.70 -59.82 36.86
N ILE B 41 3.84 -60.09 38.14
CA ILE B 41 3.11 -61.17 38.82
C ILE B 41 1.86 -60.58 39.47
N PRO B 42 0.66 -61.12 39.18
CA PRO B 42 -0.54 -60.63 39.87
C PRO B 42 -1.08 -61.62 40.90
N PHE B 43 -1.23 -61.19 42.15
CA PHE B 43 -1.83 -62.02 43.18
C PHE B 43 -2.56 -61.13 44.17
N GLU B 44 -3.38 -61.76 45.02
CA GLU B 44 -4.19 -61.07 46.00
C GLU B 44 -3.77 -61.49 47.40
N VAL B 45 -4.07 -60.63 48.37
CA VAL B 45 -3.85 -60.93 49.78
C VAL B 45 -5.08 -60.48 50.57
N SER B 46 -5.32 -61.14 51.70
CA SER B 46 -6.42 -60.80 52.59
C SER B 46 -5.95 -59.84 53.66
N VAL B 47 -6.70 -58.77 53.87
CA VAL B 47 -6.35 -57.70 54.79
C VAL B 47 -7.44 -57.58 55.84
N GLN B 48 -7.03 -57.36 57.09
CA GLN B 48 -7.96 -57.06 58.17
C GLN B 48 -8.01 -55.56 58.41
N SER B 49 -9.16 -55.09 58.88
CA SER B 49 -9.31 -53.69 59.23
C SER B 49 -8.37 -53.31 60.36
N GLY B 50 -7.68 -52.17 60.19
CA GLY B 50 -6.81 -51.65 61.22
C GLY B 50 -5.49 -52.37 61.39
N ILE B 51 -5.26 -53.47 60.68
CA ILE B 51 -4.08 -54.31 60.87
C ILE B 51 -3.32 -54.37 59.55
N ALA B 52 -2.01 -54.13 59.62
CA ALA B 52 -1.16 -54.23 58.44
C ALA B 52 -0.84 -55.68 58.13
N PHE B 53 -0.76 -56.00 56.85
CA PHE B 53 -0.39 -57.33 56.38
C PHE B 53 0.97 -57.24 55.69
N LYS B 54 1.90 -58.07 56.12
CA LYS B 54 3.20 -58.16 55.49
C LYS B 54 3.11 -59.14 54.33
N VAL B 55 3.46 -58.68 53.12
CA VAL B 55 3.36 -59.49 51.92
C VAL B 55 4.65 -60.29 51.78
N PRO B 56 4.61 -61.61 51.85
CA PRO B 56 5.85 -62.38 51.72
C PRO B 56 6.31 -62.49 50.28
N VAL B 57 7.64 -62.42 50.10
CA VAL B 57 8.24 -62.64 48.79
C VAL B 57 7.89 -64.02 48.27
N GLY B 58 7.78 -65.01 49.17
CA GLY B 58 7.47 -66.38 48.76
C GLY B 58 6.18 -66.51 47.97
N SER B 59 5.32 -65.50 48.00
CA SER B 59 4.11 -65.54 47.19
C SER B 59 4.43 -65.56 45.70
N LEU B 60 5.59 -65.02 45.32
CA LEU B 60 5.95 -64.92 43.91
C LEU B 60 6.48 -66.21 43.32
N PHE B 61 6.86 -67.19 44.15
CA PHE B 61 7.33 -68.49 43.67
C PHE B 61 6.16 -69.46 43.70
N SER B 62 5.72 -69.90 42.52
CA SER B 62 4.52 -70.74 42.42
C SER B 62 4.42 -71.28 41.00
N ALA B 63 4.00 -72.54 40.89
CA ALA B 63 3.69 -73.10 39.58
C ALA B 63 2.61 -72.30 38.87
N ASN B 64 1.75 -71.61 39.64
CA ASN B 64 0.72 -70.77 39.05
C ASN B 64 1.28 -69.63 38.22
N PHE B 65 2.55 -69.28 38.41
CA PHE B 65 3.21 -68.22 37.67
C PHE B 65 4.32 -68.74 36.77
N ARG B 66 4.49 -70.06 36.68
CA ARG B 66 5.62 -70.68 36.01
C ARG B 66 6.96 -70.32 36.66
N THR B 67 6.96 -70.02 37.95
CA THR B 67 8.15 -69.53 38.62
C THR B 67 8.62 -70.42 39.77
N ASP B 68 8.02 -71.60 39.95
CA ASP B 68 8.39 -72.46 41.07
C ASP B 68 9.84 -72.95 41.01
N SER B 69 10.53 -72.78 39.89
CA SER B 69 11.92 -73.20 39.78
C SER B 69 12.91 -72.14 40.25
N PHE B 70 12.43 -70.94 40.59
CA PHE B 70 13.29 -69.88 41.08
C PHE B 70 13.28 -69.86 42.61
N THR B 71 14.42 -69.46 43.19
CA THR B 71 14.52 -69.27 44.63
C THR B 71 14.83 -67.84 45.03
N SER B 72 15.19 -66.97 44.08
CA SER B 72 15.46 -65.57 44.37
C SER B 72 14.72 -64.71 43.35
N VAL B 73 14.46 -63.46 43.74
CA VAL B 73 13.81 -62.52 42.86
C VAL B 73 14.26 -61.12 43.24
N THR B 74 14.36 -60.25 42.23
CA THR B 74 14.72 -58.84 42.42
C THR B 74 13.48 -58.01 42.10
N VAL B 75 12.87 -57.44 43.13
CA VAL B 75 11.64 -56.68 42.96
C VAL B 75 11.99 -55.28 42.47
N MET B 76 11.29 -54.83 41.43
CA MET B 76 11.51 -53.50 40.86
C MET B 76 10.43 -52.50 41.27
N SER B 77 9.15 -52.85 41.13
CA SER B 77 8.08 -51.95 41.51
C SER B 77 6.89 -52.75 42.03
N VAL B 78 6.12 -52.12 42.90
CA VAL B 78 4.93 -52.71 43.51
C VAL B 78 3.76 -51.80 43.24
N ARG B 79 2.63 -52.38 42.81
CA ARG B 79 1.38 -51.64 42.62
C ARG B 79 0.24 -52.43 43.26
N ALA B 80 -0.71 -51.71 43.84
CA ALA B 80 -1.77 -52.33 44.63
C ALA B 80 -3.11 -51.72 44.28
N TRP B 81 -4.14 -52.55 44.24
CA TRP B 81 -5.52 -52.15 44.04
C TRP B 81 -6.38 -52.81 45.12
N THR B 82 -7.39 -52.10 45.59
CA THR B 82 -8.40 -52.75 46.41
C THR B 82 -9.20 -53.72 45.54
N GLN B 83 -9.47 -54.91 46.06
CA GLN B 83 -10.07 -55.99 45.30
C GLN B 83 -11.50 -56.30 45.71
N LEU B 84 -11.98 -55.76 46.83
CA LEU B 84 -13.36 -55.90 47.24
C LEU B 84 -13.91 -54.52 47.57
N THR B 85 -15.23 -54.45 47.73
CA THR B 85 -15.89 -53.18 47.98
C THR B 85 -15.56 -52.68 49.38
N PRO B 86 -15.61 -51.36 49.59
CA PRO B 86 -15.28 -50.81 50.91
C PRO B 86 -16.47 -50.93 51.86
N PRO B 87 -16.28 -50.61 53.13
CA PRO B 87 -17.42 -50.57 54.05
C PRO B 87 -18.45 -49.53 53.61
N VAL B 88 -19.68 -49.72 54.12
CA VAL B 88 -20.76 -48.79 53.83
C VAL B 88 -20.32 -47.37 54.21
N ASN B 89 -20.67 -46.41 53.37
CA ASN B 89 -20.42 -44.97 53.49
C ASN B 89 -18.98 -44.58 53.13
N GLU B 90 -18.07 -45.52 52.93
CA GLU B 90 -16.66 -45.18 52.78
C GLU B 90 -16.20 -45.31 51.32
N TYR B 91 -15.13 -44.58 51.01
CA TYR B 91 -14.39 -44.75 49.76
C TYR B 91 -13.21 -45.67 50.02
N SER B 92 -12.87 -46.50 49.02
CA SER B 92 -11.75 -47.41 49.17
C SER B 92 -10.45 -46.63 49.35
N PHE B 93 -9.53 -47.21 50.12
CA PHE B 93 -8.17 -46.71 50.19
C PHE B 93 -7.22 -47.87 50.39
N VAL B 94 -5.96 -47.65 50.03
CA VAL B 94 -4.90 -48.64 50.24
C VAL B 94 -3.60 -47.90 50.51
N ARG B 95 -2.82 -48.41 51.46
CA ARG B 95 -1.50 -47.87 51.78
C ARG B 95 -0.44 -48.94 51.61
N LEU B 96 0.75 -48.52 51.19
CA LEU B 96 1.89 -49.41 51.02
C LEU B 96 3.07 -48.84 51.81
N LYS B 97 3.67 -49.68 52.65
CA LYS B 97 4.91 -49.31 53.34
C LYS B 97 6.03 -50.22 52.88
N PRO B 98 7.06 -49.69 52.21
CA PRO B 98 8.13 -50.56 51.71
C PRO B 98 8.96 -51.15 52.85
N LEU B 99 9.32 -52.42 52.69
CA LEU B 99 10.18 -53.13 53.62
C LEU B 99 11.47 -53.53 52.94
N PHE B 100 12.57 -53.50 53.69
CA PHE B 100 13.88 -53.89 53.17
C PHE B 100 14.68 -54.58 54.26
N LYS B 101 15.46 -55.58 53.85
CA LYS B 101 16.29 -56.34 54.81
C LYS B 101 17.33 -55.45 55.47
N THR B 102 17.87 -54.46 54.76
CA THR B 102 18.84 -53.57 55.37
C THR B 102 18.21 -52.45 56.19
N GLY B 103 16.88 -52.33 56.17
CA GLY B 103 16.21 -51.31 56.95
C GLY B 103 14.87 -50.91 56.36
N ASP B 104 13.81 -50.98 57.18
CA ASP B 104 12.47 -50.73 56.69
C ASP B 104 12.20 -49.24 56.52
N SER B 105 11.36 -48.91 55.55
CA SER B 105 10.90 -47.55 55.34
C SER B 105 9.76 -47.21 56.29
N THR B 106 9.45 -45.92 56.38
CA THR B 106 8.27 -45.46 57.11
C THR B 106 7.35 -44.63 56.22
N GLU B 107 7.54 -44.69 54.90
CA GLU B 107 6.59 -44.07 53.99
C GLU B 107 5.29 -44.88 53.96
N GLU B 108 4.19 -44.15 53.79
CA GLU B 108 2.87 -44.76 53.68
C GLU B 108 2.18 -44.20 52.43
N PHE B 109 2.69 -44.59 51.26
CA PHE B 109 2.06 -44.22 50.00
C PHE B 109 0.61 -44.66 50.01
N GLU B 110 -0.29 -43.74 49.69
CA GLU B 110 -1.72 -44.00 49.86
C GLU B 110 -2.49 -43.54 48.64
N GLY B 111 -3.42 -44.38 48.20
CA GLY B 111 -4.37 -44.01 47.16
C GLY B 111 -5.78 -44.15 47.68
N ARG B 112 -6.65 -43.23 47.28
CA ARG B 112 -8.05 -43.26 47.66
C ARG B 112 -8.92 -43.19 46.41
N ALA B 113 -10.08 -43.82 46.51
CA ALA B 113 -11.06 -43.76 45.43
C ALA B 113 -11.86 -42.48 45.55
N SER B 114 -12.19 -41.89 44.41
CA SER B 114 -13.07 -40.73 44.36
C SER B 114 -14.49 -41.10 43.95
N ASN B 115 -14.75 -42.38 43.77
CA ASN B 115 -16.07 -42.94 43.50
C ASN B 115 -16.17 -44.20 44.35
N ILE B 116 -17.28 -44.34 45.10
CA ILE B 116 -17.33 -45.45 46.07
C ILE B 116 -17.29 -46.80 45.36
N ASN B 117 -17.73 -46.86 44.10
CA ASN B 117 -17.75 -48.11 43.36
C ASN B 117 -16.43 -48.44 42.68
N THR B 118 -15.39 -47.65 42.93
CA THR B 118 -14.15 -47.72 42.17
C THR B 118 -12.99 -48.17 43.06
N ARG B 119 -12.08 -48.96 42.49
CA ARG B 119 -10.87 -49.37 43.18
C ARG B 119 -10.03 -48.15 43.55
N ALA B 120 -9.38 -48.22 44.70
CA ALA B 120 -8.28 -47.32 45.02
C ALA B 120 -6.98 -48.00 44.62
N SER B 121 -5.98 -47.20 44.23
CA SER B 121 -4.71 -47.76 43.80
C SER B 121 -3.55 -46.86 44.19
N VAL B 122 -2.39 -47.48 44.31
CA VAL B 122 -1.14 -46.78 44.56
C VAL B 122 -0.01 -47.76 44.29
N GLY B 123 1.18 -47.22 44.00
CA GLY B 123 2.35 -48.06 43.83
C GLY B 123 3.59 -47.29 44.24
N TYR B 124 4.72 -48.02 44.31
CA TYR B 124 6.00 -47.38 44.54
C TYR B 124 7.08 -48.12 43.75
N ARG B 125 8.14 -47.38 43.44
CA ARG B 125 9.28 -47.89 42.69
C ARG B 125 10.47 -48.05 43.63
N ILE B 126 11.22 -49.13 43.46
CA ILE B 126 12.42 -49.38 44.25
C ILE B 126 13.63 -48.87 43.48
N PRO B 127 14.46 -48.02 44.08
CA PRO B 127 15.59 -47.46 43.34
C PRO B 127 16.67 -48.50 43.09
N THR B 128 17.49 -48.23 42.07
CA THR B 128 18.52 -49.17 41.65
C THR B 128 19.38 -49.62 42.82
N ASN B 129 19.76 -48.68 43.70
CA ASN B 129 20.65 -48.99 44.81
C ASN B 129 20.01 -49.90 45.86
N LEU B 130 18.71 -50.18 45.76
CA LEU B 130 18.06 -51.09 46.70
C LEU B 130 17.52 -52.35 46.03
N ARG B 131 17.86 -52.58 44.76
CA ARG B 131 17.41 -53.77 44.04
C ARG B 131 18.41 -54.91 44.22
N GLN B 132 18.39 -55.47 45.42
CA GLN B 132 19.09 -56.71 45.68
C GLN B 132 18.09 -57.86 45.61
N ASN B 133 18.60 -59.08 45.75
CA ASN B 133 17.74 -60.26 45.71
C ASN B 133 16.97 -60.39 47.02
N THR B 134 15.82 -61.03 46.93
CA THR B 134 15.04 -61.43 48.09
C THR B 134 14.62 -62.88 47.93
N VAL B 135 14.55 -63.59 49.04
CA VAL B 135 14.17 -65.00 49.03
C VAL B 135 12.82 -65.15 49.71
N ALA B 136 12.30 -66.39 49.75
CA ALA B 136 10.92 -66.60 50.17
C ALA B 136 10.66 -66.09 51.58
N ALA B 137 11.64 -66.20 52.47
CA ALA B 137 11.43 -65.79 53.86
C ALA B 137 11.32 -64.28 54.01
N ASP B 138 11.72 -63.50 53.01
CA ASP B 138 11.69 -62.05 53.12
C ASP B 138 10.29 -61.51 52.88
N ASN B 139 10.12 -60.23 53.15
CA ASN B 139 8.86 -59.52 52.95
C ASN B 139 9.07 -58.37 51.98
N VAL B 140 8.02 -58.07 51.21
CA VAL B 140 8.07 -56.99 50.24
C VAL B 140 7.62 -55.68 50.85
N CYS B 141 6.45 -55.67 51.48
CA CYS B 141 5.86 -54.44 51.97
C CYS B 141 4.74 -54.77 52.94
N GLU B 142 4.24 -53.73 53.60
CA GLU B 142 3.03 -53.83 54.41
C GLU B 142 1.87 -53.19 53.64
N VAL B 143 0.70 -53.80 53.75
CA VAL B 143 -0.51 -53.33 53.10
C VAL B 143 -1.52 -52.99 54.19
N ARG B 144 -2.16 -51.83 54.06
CA ARG B 144 -3.33 -51.47 54.84
C ARG B 144 -4.46 -51.07 53.92
N SER B 145 -5.69 -51.39 54.31
CA SER B 145 -6.84 -51.04 53.49
C SER B 145 -8.10 -51.18 54.33
N ASN B 146 -9.12 -50.42 53.96
CA ASN B 146 -10.45 -50.65 54.51
C ASN B 146 -11.23 -51.68 53.73
N CYS B 147 -10.65 -52.23 52.66
CA CYS B 147 -11.24 -53.33 51.92
C CYS B 147 -10.58 -54.64 52.33
N ARG B 148 -11.34 -55.74 52.25
CA ARG B 148 -10.91 -57.00 52.83
C ARG B 148 -9.92 -57.76 51.96
N GLN B 149 -9.77 -57.39 50.69
CA GLN B 149 -8.74 -57.97 49.84
C GLN B 149 -8.05 -56.86 49.07
N VAL B 150 -6.77 -57.10 48.75
CA VAL B 150 -5.97 -56.17 47.96
C VAL B 150 -5.29 -56.98 46.86
N ALA B 151 -5.43 -56.52 45.63
CA ALA B 151 -4.77 -57.14 44.48
C ALA B 151 -3.47 -56.41 44.19
N LEU B 152 -2.38 -57.16 44.12
CA LEU B 152 -1.07 -56.60 43.85
C LEU B 152 -0.57 -57.08 42.49
N VAL B 153 0.15 -56.19 41.80
CA VAL B 153 0.94 -56.55 40.63
C VAL B 153 2.36 -56.09 40.90
N ILE B 154 3.31 -57.03 40.86
CA ILE B 154 4.70 -56.77 41.22
C ILE B 154 5.57 -57.01 39.99
N SER B 155 6.36 -56.01 39.63
CA SER B 155 7.32 -56.12 38.53
C SER B 155 8.67 -56.53 39.11
N CYS B 156 9.21 -57.64 38.62
CA CYS B 156 10.40 -58.22 39.23
C CYS B 156 11.17 -59.01 38.19
N CYS B 157 12.42 -59.33 38.54
CA CYS B 157 13.29 -60.16 37.72
C CYS B 157 13.60 -61.43 38.50
N PHE B 158 13.05 -62.56 38.05
CA PHE B 158 13.40 -63.83 38.65
C PHE B 158 14.78 -64.27 38.16
N ASN B 159 15.58 -64.79 39.08
CA ASN B 159 16.94 -65.21 38.75
C ASN B 159 17.43 -66.31 39.70
N ASN C 16 -25.00 -36.53 -11.80
CA ASN C 16 -24.88 -37.94 -12.16
C ASN C 16 -26.03 -38.35 -13.08
N SER C 17 -25.96 -39.59 -13.58
CA SER C 17 -27.00 -40.09 -14.47
C SER C 17 -28.31 -40.29 -13.71
N ASN C 18 -29.42 -40.06 -14.41
CA ASN C 18 -30.74 -40.28 -13.86
C ASN C 18 -31.49 -41.41 -14.54
N VAL C 19 -30.91 -42.03 -15.57
CA VAL C 19 -31.56 -43.12 -16.27
C VAL C 19 -30.63 -44.31 -16.38
N VAL C 20 -31.21 -45.46 -16.72
CA VAL C 20 -30.42 -46.65 -17.01
C VAL C 20 -29.52 -46.40 -18.21
N THR C 21 -28.30 -46.91 -18.16
CA THR C 21 -27.36 -46.78 -19.26
C THR C 21 -26.78 -48.15 -19.57
N MET C 22 -26.21 -48.25 -20.77
CA MET C 22 -25.72 -49.54 -21.27
C MET C 22 -24.33 -49.85 -20.71
N ILE C 23 -24.15 -51.10 -20.30
CA ILE C 23 -22.83 -51.65 -19.98
C ILE C 23 -22.39 -52.51 -21.17
N ARG C 24 -21.18 -52.27 -21.65
CA ARG C 24 -20.64 -53.05 -22.78
C ARG C 24 -19.82 -54.22 -22.24
N ALA C 25 -20.56 -55.22 -21.75
CA ALA C 25 -19.94 -56.42 -21.21
C ALA C 25 -19.14 -57.15 -22.28
N GLY C 26 -18.23 -58.00 -21.82
CA GLY C 26 -17.40 -58.77 -22.73
C GLY C 26 -17.59 -60.25 -22.60
N SER C 27 -16.53 -60.96 -22.23
CA SER C 27 -16.60 -62.41 -22.07
C SER C 27 -17.29 -62.74 -20.74
N TYR C 28 -17.58 -64.03 -20.56
CA TYR C 28 -18.17 -64.44 -19.28
C TYR C 28 -17.09 -64.45 -18.20
N PRO C 29 -17.30 -63.78 -17.07
CA PRO C 29 -16.24 -63.67 -16.07
C PRO C 29 -16.08 -64.96 -15.27
N LYS C 30 -14.97 -65.03 -14.54
CA LYS C 30 -14.89 -65.98 -13.46
C LYS C 30 -15.92 -65.60 -12.40
N VAL C 31 -16.63 -66.61 -11.88
CA VAL C 31 -17.73 -66.38 -10.95
C VAL C 31 -17.56 -67.31 -9.76
N ASN C 32 -18.33 -67.02 -8.71
CA ASN C 32 -18.33 -67.85 -7.50
C ASN C 32 -19.62 -67.60 -6.74
N PRO C 33 -20.53 -68.59 -6.70
CA PRO C 33 -21.80 -68.39 -5.98
C PRO C 33 -21.65 -68.38 -4.46
N THR C 34 -20.55 -68.90 -3.91
CA THR C 34 -20.44 -69.16 -2.47
C THR C 34 -19.11 -68.62 -1.95
N PRO C 35 -19.00 -67.31 -1.78
CA PRO C 35 -17.71 -66.70 -1.44
C PRO C 35 -17.42 -66.76 0.06
N THR C 36 -16.20 -66.36 0.40
CA THR C 36 -15.77 -66.19 1.78
C THR C 36 -16.37 -64.92 2.38
N TRP C 37 -16.21 -64.75 3.69
CA TRP C 37 -16.84 -63.64 4.38
C TRP C 37 -16.10 -63.35 5.68
N VAL C 38 -15.54 -62.15 5.80
CA VAL C 38 -14.86 -61.71 7.01
C VAL C 38 -15.89 -61.08 7.93
N ARG C 39 -15.95 -61.56 9.17
CA ARG C 39 -17.07 -61.23 10.05
C ARG C 39 -16.60 -60.98 11.48
N ALA C 40 -17.47 -60.33 12.24
CA ALA C 40 -17.32 -60.16 13.69
C ALA C 40 -18.60 -60.70 14.31
N ILE C 41 -18.54 -61.90 14.87
CA ILE C 41 -19.72 -62.62 15.34
C ILE C 41 -19.91 -62.34 16.82
N PRO C 42 -21.05 -61.78 17.25
CA PRO C 42 -21.32 -61.63 18.68
C PRO C 42 -22.23 -62.73 19.21
N PHE C 43 -21.87 -63.33 20.35
CA PHE C 43 -22.74 -64.31 20.97
C PHE C 43 -22.34 -64.48 22.43
N GLU C 44 -23.26 -65.03 23.21
CA GLU C 44 -23.09 -65.17 24.65
C GLU C 44 -23.01 -66.63 25.06
N VAL C 45 -22.29 -66.90 26.15
CA VAL C 45 -22.18 -68.23 26.72
C VAL C 45 -22.42 -68.12 28.22
N SER C 46 -22.97 -69.20 28.80
CA SER C 46 -23.23 -69.26 30.24
C SER C 46 -22.09 -69.97 30.94
N VAL C 47 -21.71 -69.46 32.11
CA VAL C 47 -20.53 -69.92 32.84
C VAL C 47 -20.92 -70.22 34.28
N GLN C 48 -20.25 -71.21 34.86
CA GLN C 48 -20.35 -71.48 36.29
C GLN C 48 -19.15 -70.88 37.01
N SER C 49 -19.35 -70.55 38.29
CA SER C 49 -18.28 -69.98 39.09
C SER C 49 -17.16 -70.98 39.30
N GLY C 50 -15.94 -70.57 38.98
CA GLY C 50 -14.77 -71.41 39.20
C GLY C 50 -14.62 -72.57 38.27
N ILE C 51 -15.41 -72.64 37.20
CA ILE C 51 -15.36 -73.75 36.26
C ILE C 51 -15.18 -73.20 34.85
N ALA C 52 -14.17 -73.69 34.15
CA ALA C 52 -13.91 -73.26 32.78
C ALA C 52 -14.98 -73.77 31.83
N PHE C 53 -15.30 -72.97 30.82
CA PHE C 53 -16.23 -73.35 29.78
C PHE C 53 -15.52 -73.31 28.43
N LYS C 54 -15.49 -74.44 27.74
CA LYS C 54 -14.91 -74.51 26.40
C LYS C 54 -15.93 -73.98 25.39
N VAL C 55 -15.55 -72.95 24.66
CA VAL C 55 -16.44 -72.35 23.66
C VAL C 55 -16.35 -73.15 22.37
N PRO C 56 -17.46 -73.71 21.89
CA PRO C 56 -17.41 -74.52 20.66
C PRO C 56 -17.47 -73.65 19.40
N VAL C 57 -16.65 -74.02 18.42
CA VAL C 57 -16.63 -73.34 17.13
C VAL C 57 -18.01 -73.36 16.49
N GLY C 58 -18.74 -74.47 16.66
CA GLY C 58 -20.06 -74.64 16.08
C GLY C 58 -21.03 -73.51 16.38
N SER C 59 -20.77 -72.77 17.46
CA SER C 59 -21.60 -71.62 17.79
C SER C 59 -21.57 -70.56 16.70
N LEU C 60 -20.52 -70.53 15.88
CA LEU C 60 -20.38 -69.52 14.84
C LEU C 60 -21.14 -69.85 13.57
N PHE C 61 -21.67 -71.07 13.43
CA PHE C 61 -22.48 -71.45 12.29
C PHE C 61 -23.94 -71.43 12.71
N SER C 62 -24.68 -70.43 12.23
CA SER C 62 -26.06 -70.25 12.62
C SER C 62 -26.75 -69.36 11.60
N ALA C 63 -28.03 -69.64 11.35
CA ALA C 63 -28.82 -68.74 10.52
C ALA C 63 -28.90 -67.36 11.14
N ASN C 64 -28.82 -67.27 12.46
CA ASN C 64 -28.84 -65.98 13.15
C ASN C 64 -27.73 -65.05 12.70
N PHE C 65 -26.65 -65.60 12.14
CA PHE C 65 -25.51 -64.81 11.68
C PHE C 65 -25.37 -64.81 10.16
N ARG C 66 -26.34 -65.41 9.46
CA ARG C 66 -26.25 -65.66 8.01
C ARG C 66 -25.06 -66.54 7.66
N THR C 67 -24.68 -67.46 8.55
CA THR C 67 -23.47 -68.26 8.34
C THR C 67 -23.74 -69.76 8.33
N ASP C 68 -25.01 -70.18 8.29
CA ASP C 68 -25.31 -71.61 8.38
C ASP C 68 -24.91 -72.40 7.14
N SER C 69 -24.54 -71.74 6.04
CA SER C 69 -24.09 -72.44 4.85
C SER C 69 -22.60 -72.74 4.87
N PHE C 70 -21.87 -72.27 5.88
CA PHE C 70 -20.44 -72.54 6.04
C PHE C 70 -20.23 -73.75 6.93
N THR C 71 -19.10 -74.43 6.72
CA THR C 71 -18.71 -75.57 7.54
C THR C 71 -17.34 -75.39 8.19
N SER C 72 -16.55 -74.40 7.76
CA SER C 72 -15.25 -74.13 8.35
C SER C 72 -15.12 -72.64 8.57
N VAL C 73 -14.21 -72.25 9.46
CA VAL C 73 -13.95 -70.85 9.76
C VAL C 73 -12.53 -70.71 10.26
N THR C 74 -11.91 -69.58 9.94
CA THR C 74 -10.56 -69.26 10.41
C THR C 74 -10.65 -68.13 11.42
N VAL C 75 -10.43 -68.45 12.68
CA VAL C 75 -10.53 -67.47 13.75
C VAL C 75 -9.28 -66.60 13.77
N MET C 76 -9.46 -65.29 13.80
CA MET C 76 -8.36 -64.33 13.84
C MET C 76 -8.13 -63.77 15.23
N SER C 77 -9.18 -63.30 15.90
CA SER C 77 -9.03 -62.78 17.25
C SER C 77 -10.32 -63.03 18.03
N VAL C 78 -10.19 -63.02 19.35
CA VAL C 78 -11.27 -63.33 20.28
C VAL C 78 -11.29 -62.28 21.37
N ARG C 79 -12.46 -61.67 21.59
CA ARG C 79 -12.66 -60.71 22.67
C ARG C 79 -13.87 -61.11 23.50
N ALA C 80 -13.76 -60.95 24.82
CA ALA C 80 -14.80 -61.37 25.74
C ALA C 80 -15.12 -60.26 26.74
N TRP C 81 -16.41 -60.06 27.00
CA TRP C 81 -16.89 -59.17 28.04
C TRP C 81 -17.78 -59.95 29.00
N THR C 82 -17.74 -59.59 30.27
CA THR C 82 -18.76 -60.08 31.19
C THR C 82 -20.10 -59.48 30.80
N GLN C 83 -21.16 -60.29 30.92
CA GLN C 83 -22.47 -59.94 30.41
C GLN C 83 -23.52 -59.75 31.50
N LEU C 84 -23.26 -60.22 32.72
CA LEU C 84 -24.13 -59.97 33.87
C LEU C 84 -23.28 -59.40 35.01
N THR C 85 -23.96 -58.90 36.04
CA THR C 85 -23.27 -58.33 37.18
C THR C 85 -22.55 -59.42 37.97
N PRO C 86 -21.50 -59.06 38.71
CA PRO C 86 -20.75 -60.06 39.48
C PRO C 86 -21.41 -60.32 40.82
N PRO C 87 -20.88 -61.25 41.62
CA PRO C 87 -21.37 -61.40 42.99
C PRO C 87 -21.23 -60.11 43.77
N VAL C 88 -22.00 -60.03 44.86
CA VAL C 88 -21.89 -58.90 45.76
C VAL C 88 -20.46 -58.82 46.29
N ASN C 89 -19.94 -57.59 46.42
CA ASN C 89 -18.64 -57.21 46.96
C ASN C 89 -17.52 -57.32 45.93
N GLU C 90 -17.72 -58.00 44.80
CA GLU C 90 -16.64 -58.29 43.88
C GLU C 90 -16.71 -57.43 42.62
N TYR C 91 -15.55 -57.24 42.02
CA TYR C 91 -15.46 -56.70 40.67
C TYR C 91 -15.47 -57.85 39.67
N SER C 92 -16.00 -57.59 38.48
CA SER C 92 -16.04 -58.60 37.45
C SER C 92 -14.63 -58.95 36.98
N PHE C 93 -14.47 -60.19 36.51
CA PHE C 93 -13.27 -60.56 35.78
C PHE C 93 -13.62 -61.62 34.76
N VAL C 94 -12.78 -61.73 33.72
CA VAL C 94 -12.92 -62.76 32.71
C VAL C 94 -11.53 -63.20 32.29
N ARG C 95 -11.35 -64.50 32.07
CA ARG C 95 -10.10 -65.07 31.61
C ARG C 95 -10.36 -65.85 30.33
N LEU C 96 -9.40 -65.80 29.41
CA LEU C 96 -9.43 -66.57 28.18
C LEU C 96 -8.19 -67.44 28.10
N LYS C 97 -8.39 -68.72 27.80
CA LYS C 97 -7.28 -69.64 27.52
C LYS C 97 -7.40 -70.13 26.09
N PRO C 98 -6.47 -69.78 25.20
CA PRO C 98 -6.59 -70.22 23.81
C PRO C 98 -6.41 -71.72 23.68
N LEU C 99 -7.26 -72.33 22.83
CA LEU C 99 -7.20 -73.74 22.52
C LEU C 99 -6.88 -73.94 21.04
N PHE C 100 -6.13 -75.00 20.73
CA PHE C 100 -5.75 -75.29 19.36
C PHE C 100 -5.69 -76.79 19.14
N LYS C 101 -6.04 -77.22 17.92
CA LYS C 101 -6.05 -78.64 17.60
C LYS C 101 -4.67 -79.26 17.70
N THR C 102 -3.63 -78.52 17.32
CA THR C 102 -2.27 -79.04 17.39
C THR C 102 -1.63 -78.88 18.77
N GLY C 103 -2.32 -78.26 19.73
CA GLY C 103 -1.76 -78.11 21.06
C GLY C 103 -2.36 -76.95 21.83
N ASP C 104 -2.93 -77.23 22.99
CA ASP C 104 -3.60 -76.19 23.77
C ASP C 104 -2.58 -75.29 24.47
N SER C 105 -2.96 -74.04 24.65
CA SER C 105 -2.15 -73.08 25.38
C SER C 105 -2.44 -73.15 26.87
N THR C 106 -1.56 -72.52 27.64
CA THR C 106 -1.77 -72.37 29.08
C THR C 106 -1.75 -70.90 29.51
N GLU C 107 -1.79 -69.98 28.55
CA GLU C 107 -1.98 -68.58 28.89
C GLU C 107 -3.38 -68.37 29.44
N GLU C 108 -3.49 -67.44 30.38
CA GLU C 108 -4.77 -67.08 30.99
C GLU C 108 -4.86 -65.56 30.97
N PHE C 109 -5.04 -64.98 29.78
CA PHE C 109 -5.22 -63.55 29.66
C PHE C 109 -6.44 -63.12 30.46
N GLU C 110 -6.27 -62.10 31.30
CA GLU C 110 -7.29 -61.74 32.26
C GLU C 110 -7.55 -60.24 32.22
N GLY C 111 -8.83 -59.88 32.28
CA GLY C 111 -9.23 -58.51 32.49
C GLY C 111 -10.11 -58.41 33.72
N ARG C 112 -9.99 -57.30 34.44
CA ARG C 112 -10.83 -57.03 35.59
C ARG C 112 -11.38 -55.61 35.49
N ALA C 113 -12.61 -55.44 35.96
CA ALA C 113 -13.20 -54.12 36.06
C ALA C 113 -12.62 -53.38 37.25
N SER C 114 -12.56 -52.05 37.14
CA SER C 114 -12.17 -51.19 38.25
C SER C 114 -13.36 -50.45 38.84
N ASN C 115 -14.56 -50.67 38.31
CA ASN C 115 -15.80 -50.11 38.82
C ASN C 115 -16.81 -51.25 38.86
N ILE C 116 -17.38 -51.52 40.04
CA ILE C 116 -18.19 -52.74 40.20
C ILE C 116 -19.34 -52.78 39.22
N ASN C 117 -19.82 -51.63 38.77
CA ASN C 117 -20.95 -51.56 37.84
C ASN C 117 -20.52 -51.71 36.38
N THR C 118 -19.27 -52.08 36.11
CA THR C 118 -18.72 -52.07 34.77
C THR C 118 -18.31 -53.47 34.33
N ARG C 119 -18.42 -53.71 33.02
CA ARG C 119 -17.95 -54.97 32.44
C ARG C 119 -16.43 -55.06 32.56
N ALA C 120 -15.95 -56.29 32.75
CA ALA C 120 -14.55 -56.61 32.53
C ALA C 120 -14.39 -57.13 31.09
N SER C 121 -13.20 -56.97 30.55
CA SER C 121 -12.97 -57.36 29.16
C SER C 121 -11.51 -57.73 28.95
N VAL C 122 -11.30 -58.63 27.99
CA VAL C 122 -9.96 -59.05 27.58
C VAL C 122 -10.09 -59.71 26.23
N GLY C 123 -8.97 -59.84 25.51
CA GLY C 123 -8.96 -60.54 24.25
C GLY C 123 -7.59 -61.06 23.92
N TYR C 124 -7.52 -61.84 22.84
CA TYR C 124 -6.23 -62.26 22.31
C TYR C 124 -6.31 -62.37 20.79
N ARG C 125 -5.16 -62.21 20.16
CA ARG C 125 -5.00 -62.35 18.72
C ARG C 125 -4.30 -63.67 18.40
N ILE C 126 -4.75 -64.33 17.35
CA ILE C 126 -4.15 -65.59 16.91
C ILE C 126 -3.11 -65.26 15.83
N PRO C 127 -1.88 -65.74 15.95
CA PRO C 127 -0.87 -65.40 14.93
C PRO C 127 -1.12 -66.14 13.63
N THR C 128 -0.47 -65.64 12.57
CA THR C 128 -0.70 -66.16 11.23
C THR C 128 -0.43 -67.66 11.14
N ASN C 129 0.67 -68.11 11.74
CA ASN C 129 1.04 -69.53 11.65
C ASN C 129 0.04 -70.45 12.34
N LEU C 130 -0.91 -69.92 13.12
CA LEU C 130 -1.91 -70.74 13.78
C LEU C 130 -3.30 -70.56 13.20
N ARG C 131 -3.45 -69.82 12.09
CA ARG C 131 -4.75 -69.54 11.50
C ARG C 131 -5.09 -70.61 10.46
N GLN C 132 -5.40 -71.80 10.95
CA GLN C 132 -5.94 -72.84 10.09
C GLN C 132 -7.45 -72.93 10.29
N ASN C 133 -8.08 -73.79 9.52
CA ASN C 133 -9.53 -73.92 9.63
C ASN C 133 -9.91 -74.70 10.88
N THR C 134 -11.09 -74.38 11.39
CA THR C 134 -11.73 -75.14 12.45
C THR C 134 -13.14 -75.50 11.98
N VAL C 135 -13.67 -76.58 12.55
CA VAL C 135 -15.01 -77.05 12.21
C VAL C 135 -15.83 -77.09 13.50
N ALA C 136 -17.13 -77.36 13.33
CA ALA C 136 -18.08 -77.23 14.43
C ALA C 136 -17.67 -78.02 15.66
N ALA C 137 -17.03 -79.18 15.48
CA ALA C 137 -16.67 -80.00 16.63
C ALA C 137 -15.50 -79.42 17.43
N ASP C 138 -14.74 -78.48 16.85
CA ASP C 138 -13.59 -77.91 17.53
C ASP C 138 -14.02 -76.89 18.59
N ASN C 139 -13.05 -76.48 19.40
CA ASN C 139 -13.25 -75.44 20.42
C ASN C 139 -12.33 -74.27 20.13
N VAL C 140 -12.75 -73.08 20.57
CA VAL C 140 -11.96 -71.87 20.37
C VAL C 140 -11.08 -71.58 21.58
N CYS C 141 -11.68 -71.58 22.77
CA CYS C 141 -11.01 -71.14 23.98
C CYS C 141 -11.79 -71.61 25.20
N GLU C 142 -11.14 -71.51 26.35
CA GLU C 142 -11.80 -71.70 27.64
C GLU C 142 -12.06 -70.35 28.28
N VAL C 143 -13.27 -70.18 28.82
CA VAL C 143 -13.67 -68.95 29.49
C VAL C 143 -13.87 -69.25 30.97
N ARG C 144 -13.31 -68.39 31.82
CA ARG C 144 -13.56 -68.40 33.25
C ARG C 144 -13.99 -67.01 33.68
N SER C 145 -14.94 -66.94 34.61
CA SER C 145 -15.45 -65.64 35.05
C SER C 145 -16.23 -65.82 36.34
N ASN C 146 -16.32 -64.75 37.12
CA ASN C 146 -17.20 -64.72 38.28
C ASN C 146 -18.60 -64.21 37.94
N CYS C 147 -18.86 -63.93 36.66
CA CYS C 147 -20.20 -63.61 36.20
C CYS C 147 -20.80 -64.81 35.50
N ARG C 148 -22.13 -64.90 35.53
CA ARG C 148 -22.79 -66.10 35.00
C ARG C 148 -22.91 -66.10 33.48
N GLN C 149 -22.71 -64.96 32.83
CA GLN C 149 -22.70 -64.91 31.37
C GLN C 149 -21.54 -64.08 30.89
N VAL C 150 -20.98 -64.49 29.75
CA VAL C 150 -19.88 -63.80 29.10
C VAL C 150 -20.25 -63.58 27.65
N ALA C 151 -20.03 -62.36 27.15
CA ALA C 151 -20.32 -62.00 25.78
C ALA C 151 -19.02 -62.05 24.98
N LEU C 152 -19.02 -62.81 23.89
CA LEU C 152 -17.85 -62.90 23.02
C LEU C 152 -18.13 -62.21 21.69
N VAL C 153 -17.08 -61.59 21.15
CA VAL C 153 -17.05 -61.10 19.78
C VAL C 153 -15.82 -61.71 19.13
N ILE C 154 -16.03 -62.56 18.13
CA ILE C 154 -14.95 -63.25 17.45
C ILE C 154 -14.83 -62.69 16.03
N SER C 155 -13.62 -62.32 15.65
CA SER C 155 -13.30 -61.93 14.28
C SER C 155 -12.80 -63.15 13.55
N CYS C 156 -13.38 -63.42 12.38
CA CYS C 156 -13.07 -64.66 11.70
C CYS C 156 -13.41 -64.54 10.23
N CYS C 157 -12.80 -65.43 9.43
CA CYS C 157 -13.06 -65.53 8.01
C CYS C 157 -13.79 -66.84 7.75
N PHE C 158 -15.04 -66.75 7.32
CA PHE C 158 -15.79 -67.95 6.95
C PHE C 158 -15.42 -68.36 5.54
N ASN C 159 -15.21 -69.66 5.34
CA ASN C 159 -14.87 -70.18 4.02
C ASN C 159 -15.36 -71.61 3.86
N ASN D 16 -23.03 0.19 14.87
CA ASN D 16 -24.14 -0.20 13.99
C ASN D 16 -25.28 0.82 14.07
N SER D 17 -26.31 0.60 13.25
CA SER D 17 -27.43 1.54 13.18
C SER D 17 -28.31 1.43 14.42
N ASN D 18 -28.86 2.56 14.84
CA ASN D 18 -29.72 2.63 16.02
C ASN D 18 -31.16 2.98 15.69
N VAL D 19 -31.48 3.27 14.42
CA VAL D 19 -32.83 3.67 14.03
C VAL D 19 -33.25 2.83 12.83
N VAL D 20 -34.55 2.87 12.55
CA VAL D 20 -35.06 2.22 11.35
C VAL D 20 -34.45 2.88 10.11
N THR D 21 -34.27 2.09 9.06
CA THR D 21 -33.71 2.60 7.81
C THR D 21 -34.48 2.01 6.64
N MET D 22 -34.45 2.72 5.52
CA MET D 22 -35.19 2.33 4.33
C MET D 22 -34.54 1.13 3.65
N ILE D 23 -35.37 0.24 3.10
CA ILE D 23 -34.95 -0.79 2.16
C ILE D 23 -35.51 -0.42 0.80
N ARG D 24 -34.63 -0.36 -0.21
CA ARG D 24 -35.05 -0.01 -1.57
C ARG D 24 -35.49 -1.29 -2.29
N ALA D 25 -36.60 -1.83 -1.80
CA ALA D 25 -37.16 -3.07 -2.33
C ALA D 25 -37.51 -2.93 -3.80
N GLY D 26 -37.55 -4.06 -4.51
CA GLY D 26 -37.84 -4.06 -5.92
C GLY D 26 -39.12 -4.78 -6.28
N SER D 27 -39.04 -5.71 -7.21
CA SER D 27 -40.21 -6.46 -7.63
C SER D 27 -40.65 -7.42 -6.52
N TYR D 28 -41.91 -7.82 -6.58
CA TYR D 28 -42.41 -8.77 -5.61
C TYR D 28 -41.69 -10.11 -5.79
N PRO D 29 -41.12 -10.68 -4.74
CA PRO D 29 -40.26 -11.85 -4.90
C PRO D 29 -41.07 -13.14 -5.02
N LYS D 30 -40.35 -14.23 -5.27
CA LYS D 30 -40.95 -15.55 -5.14
C LYS D 30 -41.13 -15.87 -3.66
N VAL D 31 -42.30 -16.38 -3.28
CA VAL D 31 -42.62 -16.64 -1.89
C VAL D 31 -43.07 -18.08 -1.74
N ASN D 32 -43.11 -18.53 -0.49
CA ASN D 32 -43.61 -19.84 -0.11
C ASN D 32 -44.03 -19.79 1.36
N PRO D 33 -45.34 -19.83 1.64
CA PRO D 33 -45.79 -19.73 3.03
C PRO D 33 -45.60 -21.01 3.83
N THR D 34 -45.31 -22.14 3.20
CA THR D 34 -45.24 -23.44 3.87
C THR D 34 -43.95 -24.14 3.48
N PRO D 35 -42.82 -23.67 3.97
CA PRO D 35 -41.52 -24.24 3.56
C PRO D 35 -41.22 -25.57 4.24
N THR D 36 -40.12 -26.17 3.81
CA THR D 36 -39.61 -27.38 4.41
C THR D 36 -38.86 -27.05 5.70
N TRP D 37 -38.48 -28.10 6.43
CA TRP D 37 -37.86 -27.89 7.74
C TRP D 37 -37.00 -29.09 8.09
N VAL D 38 -35.71 -28.85 8.31
CA VAL D 38 -34.78 -29.89 8.75
C VAL D 38 -34.82 -29.93 10.27
N ARG D 39 -35.12 -31.11 10.82
CA ARG D 39 -35.42 -31.21 12.25
C ARG D 39 -34.76 -32.44 12.84
N ALA D 40 -34.59 -32.38 14.17
CA ALA D 40 -34.21 -33.54 14.97
C ALA D 40 -35.31 -33.72 16.01
N ILE D 41 -36.09 -34.79 15.88
CA ILE D 41 -37.31 -34.98 16.64
C ILE D 41 -37.03 -35.98 17.75
N PRO D 42 -37.20 -35.61 19.03
CA PRO D 42 -37.04 -36.58 20.11
C PRO D 42 -38.37 -37.07 20.64
N PHE D 43 -38.53 -38.38 20.77
CA PHE D 43 -39.72 -38.93 21.40
C PHE D 43 -39.40 -40.32 21.92
N GLU D 44 -40.33 -40.87 22.70
CA GLU D 44 -40.11 -42.13 23.39
C GLU D 44 -41.19 -43.13 23.00
N VAL D 45 -40.80 -44.41 22.99
CA VAL D 45 -41.74 -45.51 22.79
C VAL D 45 -41.63 -46.48 23.95
N SER D 46 -42.73 -47.18 24.21
CA SER D 46 -42.75 -48.26 25.19
C SER D 46 -42.57 -49.57 24.45
N VAL D 47 -41.68 -50.43 24.96
CA VAL D 47 -41.45 -51.74 24.36
C VAL D 47 -41.58 -52.80 25.43
N GLN D 48 -42.10 -53.95 25.03
CA GLN D 48 -42.26 -55.11 25.90
C GLN D 48 -41.08 -56.05 25.72
N SER D 49 -40.80 -56.82 26.77
CA SER D 49 -39.72 -57.80 26.72
C SER D 49 -39.98 -58.82 25.61
N GLY D 50 -38.96 -59.07 24.80
CA GLY D 50 -39.01 -60.10 23.79
C GLY D 50 -39.94 -59.84 22.62
N ILE D 51 -40.43 -58.62 22.48
CA ILE D 51 -41.33 -58.26 21.38
C ILE D 51 -40.79 -57.02 20.69
N ALA D 52 -40.67 -57.08 19.37
CA ALA D 52 -40.25 -55.92 18.60
C ALA D 52 -41.40 -54.93 18.47
N PHE D 53 -41.06 -53.65 18.52
CA PHE D 53 -42.03 -52.57 18.35
C PHE D 53 -41.75 -51.84 17.05
N LYS D 54 -42.76 -51.73 16.20
CA LYS D 54 -42.65 -50.97 14.97
C LYS D 54 -42.93 -49.50 15.26
N VAL D 55 -41.96 -48.64 14.98
CA VAL D 55 -42.09 -47.21 15.24
C VAL D 55 -42.81 -46.57 14.06
N PRO D 56 -43.99 -45.97 14.27
CA PRO D 56 -44.74 -45.40 13.16
C PRO D 56 -44.28 -43.98 12.82
N VAL D 57 -44.23 -43.70 11.51
CA VAL D 57 -43.85 -42.37 11.04
C VAL D 57 -44.76 -41.31 11.60
N GLY D 58 -46.05 -41.63 11.80
CA GLY D 58 -47.02 -40.68 12.33
C GLY D 58 -46.64 -40.09 13.67
N SER D 59 -45.71 -40.71 14.40
CA SER D 59 -45.23 -40.12 15.65
C SER D 59 -44.60 -38.76 15.40
N LEU D 60 -44.03 -38.56 14.21
CA LEU D 60 -43.26 -37.36 13.92
C LEU D 60 -44.12 -36.13 13.65
N PHE D 61 -45.40 -36.31 13.35
CA PHE D 61 -46.31 -35.21 13.08
C PHE D 61 -47.12 -34.94 14.35
N SER D 62 -46.90 -33.77 14.97
CA SER D 62 -47.57 -33.42 16.20
C SER D 62 -47.31 -31.96 16.51
N ALA D 63 -48.29 -31.33 17.18
CA ALA D 63 -48.11 -29.96 17.63
C ALA D 63 -46.96 -29.84 18.62
N ASN D 64 -46.68 -30.90 19.38
CA ASN D 64 -45.58 -30.91 20.34
C ASN D 64 -44.23 -30.68 19.67
N PHE D 65 -44.14 -30.82 18.36
CA PHE D 65 -42.90 -30.60 17.62
C PHE D 65 -43.05 -29.48 16.58
N ARG D 66 -44.17 -28.75 16.61
CA ARG D 66 -44.51 -27.75 15.60
C ARG D 66 -44.59 -28.35 14.20
N THR D 67 -44.92 -29.63 14.08
CA THR D 67 -44.89 -30.31 12.78
C THR D 67 -46.26 -30.85 12.35
N ASP D 68 -47.35 -30.45 13.00
CA ASP D 68 -48.65 -31.00 12.66
C ASP D 68 -49.17 -30.53 11.32
N SER D 69 -48.54 -29.54 10.69
CA SER D 69 -48.97 -29.06 9.38
C SER D 69 -48.34 -29.83 8.23
N PHE D 70 -47.48 -30.80 8.53
CA PHE D 70 -46.86 -31.64 7.51
C PHE D 70 -47.59 -32.98 7.41
N THR D 71 -47.58 -33.55 6.21
CA THR D 71 -48.10 -34.88 5.98
C THR D 71 -47.06 -35.84 5.42
N SER D 72 -45.88 -35.35 5.06
CA SER D 72 -44.79 -36.19 4.58
C SER D 72 -43.51 -35.83 5.30
N VAL D 73 -42.57 -36.76 5.31
CA VAL D 73 -41.25 -36.54 5.89
C VAL D 73 -40.27 -37.49 5.23
N THR D 74 -39.03 -37.03 5.09
CA THR D 74 -37.94 -37.86 4.59
C THR D 74 -36.96 -38.09 5.74
N VAL D 75 -36.86 -39.33 6.18
CA VAL D 75 -36.03 -39.68 7.32
C VAL D 75 -34.59 -39.86 6.85
N MET D 76 -33.65 -39.24 7.56
CA MET D 76 -32.24 -39.34 7.21
C MET D 76 -31.46 -40.29 8.11
N SER D 77 -31.68 -40.22 9.43
CA SER D 77 -30.97 -41.11 10.34
C SER D 77 -31.82 -41.32 11.59
N VAL D 78 -31.58 -42.46 12.24
CA VAL D 78 -32.32 -42.86 13.43
C VAL D 78 -31.31 -43.21 14.52
N ARG D 79 -31.48 -42.62 15.70
CA ARG D 79 -30.63 -42.92 16.85
C ARG D 79 -31.52 -43.24 18.04
N ALA D 80 -31.15 -44.30 18.77
CA ALA D 80 -31.97 -44.80 19.87
C ALA D 80 -31.14 -44.88 21.14
N TRP D 81 -31.78 -44.59 22.27
CA TRP D 81 -31.21 -44.76 23.60
C TRP D 81 -32.21 -45.51 24.45
N THR D 82 -31.71 -46.38 25.33
CA THR D 82 -32.58 -46.91 26.37
C THR D 82 -32.97 -45.77 27.31
N GLN D 83 -34.22 -45.77 27.74
CA GLN D 83 -34.78 -44.65 28.49
C GLN D 83 -35.09 -44.98 29.94
N LEU D 84 -35.16 -46.27 30.30
CA LEU D 84 -35.32 -46.71 31.68
C LEU D 84 -34.25 -47.73 32.03
N THR D 85 -34.15 -48.04 33.31
CA THR D 85 -33.15 -48.97 33.79
C THR D 85 -33.44 -50.38 33.27
N PRO D 86 -32.42 -51.22 33.14
CA PRO D 86 -32.63 -52.59 32.66
C PRO D 86 -33.04 -53.48 33.81
N PRO D 87 -33.40 -54.74 33.53
CA PRO D 87 -33.68 -55.67 34.62
C PRO D 87 -32.47 -55.89 35.50
N VAL D 88 -32.73 -56.40 36.71
CA VAL D 88 -31.65 -56.64 37.67
C VAL D 88 -30.65 -57.61 37.08
N ASN D 89 -29.36 -57.34 37.33
CA ASN D 89 -28.18 -58.09 36.90
C ASN D 89 -27.81 -57.86 35.44
N GLU D 90 -28.61 -57.13 34.66
CA GLU D 90 -28.37 -57.00 33.23
C GLU D 90 -27.82 -55.64 32.88
N TYR D 91 -27.14 -55.58 31.73
CA TYR D 91 -26.79 -54.32 31.10
C TYR D 91 -27.84 -53.99 30.05
N SER D 92 -28.09 -52.70 29.87
CA SER D 92 -29.06 -52.29 28.86
C SER D 92 -28.58 -52.64 27.47
N PHE D 93 -29.52 -52.96 26.59
CA PHE D 93 -29.23 -53.06 25.17
C PHE D 93 -30.43 -52.56 24.38
N VAL D 94 -30.18 -52.15 23.15
CA VAL D 94 -31.23 -51.74 22.23
C VAL D 94 -30.83 -52.20 20.82
N ARG D 95 -31.81 -52.66 20.05
CA ARG D 95 -31.61 -53.11 18.68
C ARG D 95 -32.53 -52.35 17.76
N LEU D 96 -32.04 -52.04 16.56
CA LEU D 96 -32.82 -51.38 15.52
C LEU D 96 -32.77 -52.20 14.25
N LYS D 97 -33.95 -52.50 13.69
CA LYS D 97 -34.07 -53.08 12.37
C LYS D 97 -34.75 -52.09 11.44
N PRO D 98 -34.11 -51.60 10.39
CA PRO D 98 -34.75 -50.60 9.53
C PRO D 98 -35.86 -51.20 8.69
N LEU D 99 -36.89 -50.39 8.43
CA LEU D 99 -38.02 -50.79 7.62
C LEU D 99 -38.14 -49.85 6.43
N PHE D 100 -38.62 -50.39 5.31
CA PHE D 100 -38.77 -49.63 4.08
C PHE D 100 -39.96 -50.15 3.28
N LYS D 101 -40.73 -49.21 2.71
CA LYS D 101 -41.90 -49.59 1.93
C LYS D 101 -41.54 -50.49 0.75
N THR D 102 -40.36 -50.29 0.15
CA THR D 102 -39.96 -51.10 -0.99
C THR D 102 -39.32 -52.43 -0.59
N GLY D 103 -39.18 -52.70 0.70
CA GLY D 103 -38.56 -53.94 1.14
C GLY D 103 -37.83 -53.77 2.46
N ASP D 104 -38.16 -54.61 3.45
CA ASP D 104 -37.61 -54.45 4.78
C ASP D 104 -36.22 -55.04 4.88
N SER D 105 -35.40 -54.42 5.73
CA SER D 105 -34.05 -54.90 6.01
C SER D 105 -34.10 -55.98 7.09
N THR D 106 -32.99 -56.70 7.21
CA THR D 106 -32.83 -57.70 8.26
C THR D 106 -31.60 -57.44 9.12
N GLU D 107 -31.01 -56.26 9.01
CA GLU D 107 -29.96 -55.85 9.94
C GLU D 107 -30.55 -55.63 11.32
N GLU D 108 -29.78 -55.99 12.34
CA GLU D 108 -30.17 -55.76 13.73
C GLU D 108 -29.03 -55.00 14.42
N PHE D 109 -28.88 -53.72 14.07
CA PHE D 109 -27.88 -52.88 14.69
C PHE D 109 -28.12 -52.81 16.20
N GLU D 110 -27.10 -53.14 16.97
CA GLU D 110 -27.25 -53.30 18.41
C GLU D 110 -26.19 -52.51 19.17
N GLY D 111 -26.62 -51.84 20.22
CA GLY D 111 -25.71 -51.23 21.18
C GLY D 111 -25.97 -51.78 22.57
N ARG D 112 -24.91 -51.93 23.35
CA ARG D 112 -25.00 -52.41 24.71
C ARG D 112 -24.26 -51.47 25.63
N ALA D 113 -24.74 -51.38 26.86
CA ALA D 113 -24.05 -50.58 27.87
C ALA D 113 -22.94 -51.39 28.51
N SER D 114 -21.89 -50.69 28.95
CA SER D 114 -20.80 -51.31 29.70
C SER D 114 -20.82 -50.93 31.16
N ASN D 115 -21.79 -50.13 31.58
CA ASN D 115 -22.06 -49.80 32.97
C ASN D 115 -23.55 -49.99 33.19
N ILE D 116 -23.93 -50.74 34.24
CA ILE D 116 -25.34 -51.07 34.40
C ILE D 116 -26.19 -49.83 34.56
N ASN D 117 -25.60 -48.76 35.08
CA ASN D 117 -26.32 -47.50 35.31
C ASN D 117 -26.38 -46.60 34.09
N THR D 118 -25.92 -47.07 32.94
CA THR D 118 -25.71 -46.23 31.77
C THR D 118 -26.63 -46.67 30.63
N ARG D 119 -27.04 -45.70 29.81
CA ARG D 119 -27.86 -46.00 28.65
C ARG D 119 -27.07 -46.76 27.59
N ALA D 120 -27.74 -47.70 26.94
CA ALA D 120 -27.25 -48.28 25.70
C ALA D 120 -27.76 -47.42 24.55
N SER D 121 -27.01 -47.41 23.45
CA SER D 121 -27.41 -46.60 22.32
C SER D 121 -26.83 -47.17 21.04
N VAL D 122 -27.51 -46.84 19.93
CA VAL D 122 -27.08 -47.25 18.60
C VAL D 122 -27.87 -46.41 17.60
N GLY D 123 -27.39 -46.36 16.36
CA GLY D 123 -28.10 -45.63 15.34
C GLY D 123 -27.76 -46.19 13.98
N TYR D 124 -28.48 -45.71 12.96
CA TYR D 124 -28.16 -46.09 11.60
C TYR D 124 -28.50 -44.95 10.65
N ARG D 125 -27.78 -44.91 9.54
CA ARG D 125 -27.97 -43.90 8.50
C ARG D 125 -28.72 -44.50 7.32
N ILE D 126 -29.65 -43.73 6.77
CA ILE D 126 -30.38 -44.14 5.56
C ILE D 126 -29.68 -43.54 4.35
N PRO D 127 -29.31 -44.36 3.36
CA PRO D 127 -28.59 -43.83 2.20
C PRO D 127 -29.50 -43.00 1.29
N THR D 128 -28.85 -42.19 0.44
CA THR D 128 -29.57 -41.28 -0.44
C THR D 128 -30.60 -42.01 -1.31
N ASN D 129 -30.20 -43.16 -1.88
CA ASN D 129 -31.10 -43.87 -2.78
C ASN D 129 -32.37 -44.36 -2.08
N LEU D 130 -32.40 -44.39 -0.75
CA LEU D 130 -33.57 -44.83 0.00
C LEU D 130 -34.30 -43.69 0.69
N ARG D 131 -33.90 -42.43 0.46
CA ARG D 131 -34.51 -41.29 1.13
C ARG D 131 -35.71 -40.77 0.33
N GLN D 132 -36.77 -41.55 0.34
CA GLN D 132 -38.05 -41.11 -0.19
C GLN D 132 -38.95 -40.65 0.95
N ASN D 133 -40.12 -40.12 0.58
CA ASN D 133 -41.07 -39.66 1.57
C ASN D 133 -41.78 -40.84 2.22
N THR D 134 -42.12 -40.67 3.49
CA THR D 134 -42.97 -41.59 4.21
C THR D 134 -44.12 -40.80 4.81
N VAL D 135 -45.27 -41.46 4.98
CA VAL D 135 -46.45 -40.80 5.52
C VAL D 135 -46.83 -41.48 6.84
N ALA D 136 -47.84 -40.95 7.52
CA ALA D 136 -48.13 -41.36 8.90
C ALA D 136 -48.33 -42.86 9.03
N ALA D 137 -48.89 -43.51 8.02
CA ALA D 137 -49.20 -44.94 8.12
C ALA D 137 -47.98 -45.83 7.95
N ASP D 138 -46.85 -45.29 7.52
CA ASP D 138 -45.63 -46.09 7.36
C ASP D 138 -44.92 -46.27 8.71
N ASN D 139 -43.89 -47.10 8.70
CA ASN D 139 -43.08 -47.38 9.87
C ASN D 139 -41.62 -47.06 9.58
N VAL D 140 -40.90 -46.61 10.60
CA VAL D 140 -39.49 -46.28 10.44
C VAL D 140 -38.61 -47.50 10.70
N CYS D 141 -38.83 -48.20 11.80
CA CYS D 141 -37.93 -49.28 12.20
C CYS D 141 -38.58 -50.10 13.30
N GLU D 142 -38.01 -51.27 13.55
CA GLU D 142 -38.35 -52.09 14.71
C GLU D 142 -37.35 -51.83 15.82
N VAL D 143 -37.84 -51.71 17.05
CA VAL D 143 -37.01 -51.55 18.22
C VAL D 143 -37.18 -52.76 19.12
N ARG D 144 -36.06 -53.27 19.63
CA ARG D 144 -36.05 -54.27 20.69
C ARG D 144 -35.13 -53.78 21.79
N SER D 145 -35.49 -54.11 23.02
CA SER D 145 -34.70 -53.70 24.17
C SER D 145 -35.13 -54.52 25.38
N ASN D 146 -34.22 -54.64 26.35
CA ASN D 146 -34.58 -55.18 27.65
C ASN D 146 -35.06 -54.11 28.61
N CYS D 147 -35.16 -52.85 28.17
CA CYS D 147 -35.70 -51.75 28.96
C CYS D 147 -37.09 -51.41 28.44
N ARG D 148 -37.96 -50.97 29.34
CA ARG D 148 -39.37 -50.80 29.00
C ARG D 148 -39.65 -49.53 28.21
N GLN D 149 -38.67 -48.66 28.03
CA GLN D 149 -38.84 -47.48 27.20
C GLN D 149 -37.55 -47.21 26.43
N VAL D 150 -37.70 -46.74 25.20
CA VAL D 150 -36.58 -46.36 24.36
C VAL D 150 -36.79 -44.92 23.87
N ALA D 151 -35.75 -44.11 23.98
CA ALA D 151 -35.78 -42.74 23.48
C ALA D 151 -35.19 -42.70 22.08
N LEU D 152 -35.91 -42.11 21.14
CA LEU D 152 -35.47 -41.98 19.77
C LEU D 152 -35.22 -40.51 19.46
N VAL D 153 -34.18 -40.25 18.66
CA VAL D 153 -33.98 -38.95 18.04
C VAL D 153 -33.80 -39.19 16.55
N ILE D 154 -34.73 -38.69 15.74
CA ILE D 154 -34.74 -38.93 14.30
C ILE D 154 -34.40 -37.62 13.60
N SER D 155 -33.36 -37.65 12.76
CA SER D 155 -33.06 -36.54 11.88
C SER D 155 -33.82 -36.72 10.58
N CYS D 156 -34.57 -35.69 10.18
CA CYS D 156 -35.49 -35.84 9.06
C CYS D 156 -35.76 -34.48 8.44
N CYS D 157 -36.38 -34.51 7.26
CA CYS D 157 -36.75 -33.32 6.50
C CYS D 157 -38.26 -33.34 6.30
N PHE D 158 -38.95 -32.41 6.95
CA PHE D 158 -40.39 -32.27 6.76
C PHE D 158 -40.67 -31.48 5.50
N ASN D 159 -41.55 -32.00 4.66
CA ASN D 159 -41.90 -31.31 3.42
C ASN D 159 -43.36 -31.54 3.04
N ASN E 16 10.97 -5.71 44.54
CA ASN E 16 9.92 -4.69 44.56
C ASN E 16 10.07 -3.81 45.81
N SER E 17 9.23 -2.79 45.92
CA SER E 17 9.32 -1.88 47.04
C SER E 17 8.80 -2.51 48.33
N ASN E 18 9.45 -2.17 49.45
CA ASN E 18 9.10 -2.71 50.75
C ASN E 18 8.51 -1.68 51.70
N VAL E 19 8.37 -0.42 51.28
CA VAL E 19 7.85 0.63 52.13
C VAL E 19 6.85 1.45 51.34
N VAL E 20 6.04 2.22 52.06
CA VAL E 20 5.07 3.11 51.43
C VAL E 20 5.80 4.14 50.58
N THR E 21 5.17 4.52 49.46
CA THR E 21 5.72 5.54 48.58
C THR E 21 4.63 6.51 48.20
N MET E 22 5.05 7.70 47.77
CA MET E 22 4.12 8.78 47.44
C MET E 22 3.45 8.53 46.10
N ILE E 23 2.18 8.90 46.01
CA ILE E 23 1.46 9.02 44.74
C ILE E 23 1.25 10.51 44.49
N ARG E 24 1.56 10.95 43.27
CA ARG E 24 1.40 12.36 42.93
C ARG E 24 0.02 12.53 42.30
N ALA E 25 -0.99 12.51 43.16
CA ALA E 25 -2.38 12.60 42.73
C ALA E 25 -2.65 13.97 42.11
N GLY E 26 -3.61 14.01 41.19
CA GLY E 26 -3.94 15.24 40.51
C GLY E 26 -5.30 15.76 40.87
N SER E 27 -6.09 16.09 39.86
CA SER E 27 -7.44 16.58 40.09
C SER E 27 -8.31 15.48 40.67
N TYR E 28 -9.37 15.88 41.35
CA TYR E 28 -10.31 14.90 41.88
C TYR E 28 -10.94 14.13 40.72
N PRO E 29 -10.98 12.80 40.77
CA PRO E 29 -11.46 12.03 39.63
C PRO E 29 -12.97 11.89 39.59
N LYS E 30 -13.46 11.33 38.49
CA LYS E 30 -14.83 10.84 38.44
C LYS E 30 -14.93 9.61 39.33
N VAL E 31 -16.00 9.54 40.13
CA VAL E 31 -16.17 8.46 41.09
C VAL E 31 -17.59 7.92 40.99
N ASN E 32 -17.78 6.73 41.55
CA ASN E 32 -19.09 6.08 41.64
C ASN E 32 -19.10 5.13 42.84
N PRO E 33 -19.86 5.45 43.89
CA PRO E 33 -19.89 4.58 45.06
C PRO E 33 -20.70 3.31 44.88
N THR E 34 -21.48 3.19 43.81
CA THR E 34 -22.39 2.06 43.61
C THR E 34 -22.24 1.52 42.20
N PRO E 35 -21.16 0.79 41.92
CA PRO E 35 -20.88 0.34 40.55
C PRO E 35 -21.73 -0.87 40.17
N THR E 36 -21.55 -1.29 38.92
CA THR E 36 -22.15 -2.51 38.40
C THR E 36 -21.32 -3.72 38.79
N TRP E 37 -21.86 -4.90 38.53
CA TRP E 37 -21.21 -6.14 38.95
C TRP E 37 -21.65 -7.28 38.03
N VAL E 38 -20.70 -7.84 37.29
CA VAL E 38 -20.95 -9.04 36.51
C VAL E 38 -20.80 -10.25 37.42
N ARG E 39 -21.81 -11.11 37.45
CA ARG E 39 -21.87 -12.16 38.46
C ARG E 39 -22.42 -13.45 37.87
N ALA E 40 -22.04 -14.56 38.51
CA ALA E 40 -22.65 -15.86 38.29
C ALA E 40 -23.27 -16.29 39.62
N ILE E 41 -24.60 -16.25 39.68
CA ILE E 41 -25.33 -16.45 40.93
C ILE E 41 -25.81 -17.89 41.00
N PRO E 42 -25.50 -18.64 42.07
CA PRO E 42 -26.02 -20.00 42.20
C PRO E 42 -27.13 -20.11 43.24
N PHE E 43 -28.27 -20.68 42.86
CA PHE E 43 -29.35 -20.90 43.81
C PHE E 43 -30.21 -22.06 43.32
N GLU E 44 -30.99 -22.63 44.24
CA GLU E 44 -31.83 -23.79 43.96
C GLU E 44 -33.31 -23.43 44.05
N VAL E 45 -34.12 -24.16 43.29
CA VAL E 45 -35.56 -24.03 43.32
C VAL E 45 -36.17 -25.42 43.50
N SER E 46 -37.36 -25.48 44.08
CA SER E 46 -38.09 -26.73 44.27
C SER E 46 -39.09 -26.92 43.14
N VAL E 47 -39.17 -28.15 42.63
CA VAL E 47 -39.98 -28.46 41.46
C VAL E 47 -40.91 -29.61 41.79
N GLN E 48 -42.13 -29.55 41.27
CA GLN E 48 -43.09 -30.64 41.36
C GLN E 48 -43.16 -31.37 40.03
N SER E 49 -43.44 -32.68 40.11
CA SER E 49 -43.56 -33.48 38.90
C SER E 49 -44.73 -33.00 38.05
N GLY E 50 -44.50 -32.91 36.74
CA GLY E 50 -45.52 -32.54 35.79
C GLY E 50 -45.96 -31.09 35.83
N ILE E 51 -45.28 -30.25 36.59
CA ILE E 51 -45.68 -28.86 36.77
C ILE E 51 -44.49 -27.94 36.49
N ALA E 52 -44.72 -26.88 35.73
CA ALA E 52 -43.67 -25.90 35.46
C ALA E 52 -43.54 -24.95 36.63
N PHE E 53 -42.30 -24.57 36.94
CA PHE E 53 -42.00 -23.58 37.97
C PHE E 53 -41.39 -22.36 37.30
N LYS E 54 -42.01 -21.20 37.53
CA LYS E 54 -41.48 -19.94 37.03
C LYS E 54 -40.43 -19.42 38.01
N VAL E 55 -39.20 -19.25 37.54
CA VAL E 55 -38.10 -18.79 38.39
C VAL E 55 -38.19 -17.27 38.52
N PRO E 56 -38.41 -16.73 39.71
CA PRO E 56 -38.52 -15.28 39.86
C PRO E 56 -37.15 -14.60 39.84
N VAL E 57 -37.12 -13.42 39.23
CA VAL E 57 -35.89 -12.65 39.16
C VAL E 57 -35.47 -12.20 40.56
N GLY E 58 -36.43 -11.92 41.44
CA GLY E 58 -36.14 -11.50 42.80
C GLY E 58 -35.21 -12.41 43.56
N SER E 59 -35.09 -13.67 43.13
CA SER E 59 -34.18 -14.60 43.77
C SER E 59 -32.73 -14.15 43.68
N LEU E 60 -32.42 -13.27 42.73
CA LEU E 60 -31.04 -12.83 42.51
C LEU E 60 -30.64 -11.64 43.39
N PHE E 61 -31.60 -10.99 44.05
CA PHE E 61 -31.30 -9.88 44.97
C PHE E 61 -31.36 -10.44 46.38
N SER E 62 -30.19 -10.67 46.97
CA SER E 62 -30.11 -11.26 48.30
C SER E 62 -28.77 -10.92 48.93
N ALA E 63 -28.79 -10.70 50.25
CA ALA E 63 -27.55 -10.51 50.98
C ALA E 63 -26.65 -11.74 50.89
N ASN E 64 -27.23 -12.91 50.66
CA ASN E 64 -26.44 -14.13 50.47
C ASN E 64 -25.58 -14.07 49.21
N PHE E 65 -25.85 -13.13 48.32
CA PHE E 65 -25.05 -12.94 47.11
C PHE E 65 -24.34 -11.60 47.09
N ARG E 66 -24.44 -10.83 48.17
CA ARG E 66 -23.95 -9.44 48.24
C ARG E 66 -24.67 -8.54 47.24
N THR E 67 -25.91 -8.86 46.89
CA THR E 67 -26.62 -8.16 45.83
C THR E 67 -27.89 -7.47 46.30
N ASP E 68 -28.13 -7.39 47.61
CA ASP E 68 -29.36 -6.79 48.11
C ASP E 68 -29.47 -5.30 47.83
N SER E 69 -28.41 -4.65 47.38
CA SER E 69 -28.47 -3.22 47.07
C SER E 69 -28.85 -2.93 45.63
N PHE E 70 -29.03 -3.95 44.79
CA PHE E 70 -29.48 -3.78 43.42
C PHE E 70 -31.00 -3.99 43.34
N THR E 71 -31.64 -3.24 42.45
CA THR E 71 -33.05 -3.44 42.14
C THR E 71 -33.29 -3.88 40.71
N SER E 72 -32.25 -3.97 39.88
CA SER E 72 -32.38 -4.38 38.50
C SER E 72 -31.20 -5.27 38.13
N VAL E 73 -31.40 -6.07 37.09
CA VAL E 73 -30.37 -7.01 36.64
C VAL E 73 -30.60 -7.32 35.18
N THR E 74 -29.50 -7.49 34.44
CA THR E 74 -29.54 -7.90 33.05
C THR E 74 -29.03 -9.34 32.95
N VAL E 75 -29.91 -10.26 32.62
CA VAL E 75 -29.56 -11.68 32.56
C VAL E 75 -28.93 -11.98 31.21
N MET E 76 -27.77 -12.64 31.23
CA MET E 76 -27.04 -12.97 30.01
C MET E 76 -27.18 -14.42 29.61
N SER E 77 -27.10 -15.36 30.56
CA SER E 77 -27.29 -16.77 30.25
C SER E 77 -27.79 -17.50 31.49
N VAL E 78 -28.50 -18.60 31.25
CA VAL E 78 -29.08 -19.42 32.31
C VAL E 78 -28.66 -20.87 32.09
N ARG E 79 -28.13 -21.50 33.13
CA ARG E 79 -27.81 -22.92 33.13
C ARG E 79 -28.49 -23.61 34.31
N ALA E 80 -28.90 -24.86 34.09
CA ALA E 80 -29.64 -25.59 35.12
C ALA E 80 -29.11 -27.01 35.24
N TRP E 81 -29.00 -27.47 36.49
CA TRP E 81 -28.67 -28.86 36.79
C TRP E 81 -29.75 -29.42 37.71
N THR E 82 -30.00 -30.71 37.58
CA THR E 82 -30.81 -31.36 38.61
C THR E 82 -29.99 -31.46 39.89
N GLN E 83 -30.69 -31.40 41.03
CA GLN E 83 -30.05 -31.27 42.33
C GLN E 83 -30.34 -32.43 43.26
N LEU E 84 -31.35 -33.25 42.98
CA LEU E 84 -31.63 -34.47 43.73
C LEU E 84 -31.74 -35.63 42.75
N THR E 85 -31.77 -36.84 43.31
CA THR E 85 -31.88 -38.04 42.49
C THR E 85 -33.24 -38.10 41.79
N PRO E 86 -33.32 -38.77 40.65
CA PRO E 86 -34.61 -38.90 39.96
C PRO E 86 -35.42 -40.02 40.58
N PRO E 87 -36.66 -40.25 40.11
CA PRO E 87 -37.41 -41.41 40.58
C PRO E 87 -36.73 -42.72 40.20
N VAL E 88 -37.16 -43.80 40.86
CA VAL E 88 -36.66 -45.13 40.57
C VAL E 88 -36.91 -45.46 39.10
N ASN E 89 -35.93 -46.08 38.47
CA ASN E 89 -35.91 -46.58 37.09
C ASN E 89 -35.65 -45.48 36.07
N GLU E 90 -35.64 -44.20 36.46
CA GLU E 90 -35.56 -43.12 35.49
C GLU E 90 -34.20 -42.42 35.52
N TYR E 91 -33.88 -41.80 34.40
CA TYR E 91 -32.75 -40.87 34.30
C TYR E 91 -33.25 -39.46 34.53
N SER E 92 -32.39 -38.63 35.13
CA SER E 92 -32.76 -37.23 35.35
C SER E 92 -32.96 -36.51 34.02
N PHE E 93 -33.87 -35.54 34.02
CA PHE E 93 -33.96 -34.58 32.93
C PHE E 93 -34.37 -33.23 33.50
N VAL E 94 -34.11 -32.18 32.72
CA VAL E 94 -34.49 -30.82 33.10
C VAL E 94 -34.78 -30.03 31.83
N ARG E 95 -35.80 -29.19 31.88
CA ARG E 95 -36.21 -28.37 30.75
C ARG E 95 -36.22 -26.90 31.15
N LEU E 96 -35.81 -26.05 30.22
CA LEU E 96 -35.85 -24.61 30.41
C LEU E 96 -36.64 -23.96 29.29
N LYS E 97 -37.58 -23.10 29.66
CA LYS E 97 -38.36 -22.32 28.69
C LYS E 97 -38.13 -20.84 28.99
N PRO E 98 -37.48 -20.08 28.12
CA PRO E 98 -37.22 -18.67 28.41
C PRO E 98 -38.51 -17.88 28.45
N LEU E 99 -38.59 -16.94 29.39
CA LEU E 99 -39.69 -15.99 29.50
C LEU E 99 -39.16 -14.58 29.28
N PHE E 100 -39.97 -13.73 28.65
CA PHE E 100 -39.58 -12.34 28.42
C PHE E 100 -40.80 -11.44 28.60
N LYS E 101 -40.53 -10.22 29.09
CA LYS E 101 -41.59 -9.23 29.29
C LYS E 101 -42.24 -8.81 27.99
N THR E 102 -41.49 -8.81 26.89
CA THR E 102 -42.05 -8.44 25.59
C THR E 102 -42.68 -9.62 24.86
N GLY E 103 -42.62 -10.83 25.43
CA GLY E 103 -43.19 -12.00 24.79
C GLY E 103 -42.47 -13.27 25.15
N ASP E 104 -43.20 -14.27 25.63
CA ASP E 104 -42.59 -15.51 26.10
C ASP E 104 -42.17 -16.41 24.94
N SER E 105 -41.13 -17.19 25.17
CA SER E 105 -40.71 -18.23 24.23
C SER E 105 -41.54 -19.49 24.42
N THR E 106 -41.46 -20.38 23.44
CA THR E 106 -42.07 -21.70 23.53
C THR E 106 -41.04 -22.81 23.29
N GLU E 107 -39.75 -22.47 23.29
CA GLU E 107 -38.71 -23.50 23.26
C GLU E 107 -38.66 -24.24 24.59
N GLU E 108 -38.25 -25.50 24.53
CA GLU E 108 -38.08 -26.32 25.72
C GLU E 108 -36.71 -27.01 25.66
N PHE E 109 -35.65 -26.23 25.89
CA PHE E 109 -34.30 -26.76 25.92
C PHE E 109 -34.19 -27.83 27.00
N GLU E 110 -33.85 -29.06 26.59
CA GLU E 110 -33.88 -30.20 27.50
C GLU E 110 -32.52 -30.89 27.53
N GLY E 111 -32.12 -31.31 28.72
CA GLY E 111 -30.98 -32.19 28.87
C GLY E 111 -31.35 -33.39 29.70
N ARG E 112 -30.67 -34.50 29.44
CA ARG E 112 -30.95 -35.74 30.14
C ARG E 112 -29.65 -36.39 30.56
N ALA E 113 -29.70 -37.08 31.70
CA ALA E 113 -28.56 -37.87 32.13
C ALA E 113 -28.50 -39.16 31.34
N SER E 114 -27.28 -39.63 31.06
CA SER E 114 -27.05 -40.95 30.48
C SER E 114 -26.56 -41.94 31.52
N ASN E 115 -26.46 -41.51 32.78
CA ASN E 115 -26.18 -42.37 33.92
C ASN E 115 -27.18 -41.96 35.00
N ILE E 116 -27.88 -42.95 35.57
CA ILE E 116 -28.94 -42.61 36.53
C ILE E 116 -28.40 -41.85 37.71
N ASN E 117 -27.12 -42.02 38.03
CA ASN E 117 -26.52 -41.39 39.19
C ASN E 117 -25.95 -40.00 38.91
N THR E 118 -26.06 -39.48 37.70
CA THR E 118 -25.47 -38.19 37.37
C THR E 118 -26.55 -37.14 37.09
N ARG E 119 -26.16 -35.88 37.27
CA ARG E 119 -27.06 -34.77 37.04
C ARG E 119 -27.35 -34.61 35.55
N ALA E 120 -28.54 -34.13 35.24
CA ALA E 120 -28.87 -33.63 33.92
C ALA E 120 -28.66 -32.12 33.91
N SER E 121 -28.33 -31.58 32.74
CA SER E 121 -28.04 -30.16 32.65
C SER E 121 -28.37 -29.64 31.26
N VAL E 122 -28.74 -28.36 31.22
CA VAL E 122 -29.03 -27.67 29.97
C VAL E 122 -28.97 -26.18 30.26
N GLY E 123 -28.79 -25.37 29.22
CA GLY E 123 -28.78 -23.93 29.40
C GLY E 123 -29.09 -23.23 28.10
N TYR E 124 -29.33 -21.93 28.21
CA TYR E 124 -29.56 -21.11 27.02
C TYR E 124 -28.94 -19.73 27.21
N ARG E 125 -28.62 -19.11 26.08
CA ARG E 125 -28.03 -17.79 26.03
C ARG E 125 -29.07 -16.79 25.52
N ILE E 126 -29.11 -15.61 26.13
CA ILE E 126 -30.03 -14.56 25.72
C ILE E 126 -29.31 -13.64 24.74
N PRO E 127 -29.86 -13.43 23.54
CA PRO E 127 -29.18 -12.56 22.57
C PRO E 127 -29.24 -11.10 23.00
N THR E 128 -28.33 -10.32 22.40
CA THR E 128 -28.14 -8.93 22.80
C THR E 128 -29.43 -8.12 22.71
N ASN E 129 -30.20 -8.31 21.63
CA ASN E 129 -31.43 -7.56 21.41
C ASN E 129 -32.47 -7.81 22.50
N LEU E 130 -32.28 -8.81 23.34
CA LEU E 130 -33.24 -9.13 24.40
C LEU E 130 -32.67 -8.90 25.80
N ARG E 131 -31.48 -8.32 25.91
CA ARG E 131 -30.85 -8.10 27.22
C ARG E 131 -31.22 -6.72 27.76
N GLN E 132 -32.48 -6.58 28.12
CA GLN E 132 -32.93 -5.40 28.85
C GLN E 132 -32.93 -5.71 30.35
N ASN E 133 -33.24 -4.72 31.15
CA ASN E 133 -33.26 -4.92 32.59
C ASN E 133 -34.49 -5.72 33.00
N THR E 134 -34.37 -6.44 34.11
CA THR E 134 -35.50 -7.09 34.76
C THR E 134 -35.48 -6.72 36.24
N VAL E 135 -36.67 -6.72 36.84
CA VAL E 135 -36.79 -6.38 38.25
C VAL E 135 -37.40 -7.56 39.00
N ALA E 136 -37.53 -7.42 40.32
CA ALA E 136 -37.84 -8.57 41.16
C ALA E 136 -39.14 -9.26 40.77
N ALA E 137 -40.14 -8.51 40.32
CA ALA E 137 -41.43 -9.10 40.01
C ALA E 137 -41.45 -9.88 38.70
N ASP E 138 -40.38 -9.80 37.91
CA ASP E 138 -40.32 -10.51 36.63
C ASP E 138 -39.86 -11.95 36.84
N ASN E 139 -39.91 -12.72 35.75
CA ASN E 139 -39.49 -14.11 35.76
C ASN E 139 -38.40 -14.31 34.71
N VAL E 140 -37.49 -15.24 34.99
CA VAL E 140 -36.44 -15.57 34.04
C VAL E 140 -36.89 -16.66 33.07
N CYS E 141 -37.44 -17.76 33.61
CA CYS E 141 -37.72 -18.93 32.79
C CYS E 141 -38.64 -19.87 33.55
N GLU E 142 -39.09 -20.91 32.85
CA GLU E 142 -39.83 -22.01 33.44
C GLU E 142 -38.93 -23.23 33.55
N VAL E 143 -39.00 -23.93 34.68
CA VAL E 143 -38.22 -25.14 34.91
C VAL E 143 -39.17 -26.32 35.02
N ARG E 144 -38.85 -27.40 34.33
CA ARG E 144 -39.50 -28.70 34.50
C ARG E 144 -38.43 -29.75 34.71
N SER E 145 -38.74 -30.75 35.52
CA SER E 145 -37.77 -31.78 35.87
C SER E 145 -38.50 -32.90 36.59
N ASN E 146 -37.99 -34.12 36.41
CA ASN E 146 -38.47 -35.24 37.22
C ASN E 146 -37.75 -35.33 38.56
N CYS E 147 -36.84 -34.42 38.84
CA CYS E 147 -36.20 -34.31 40.14
C CYS E 147 -36.83 -33.16 40.91
N ARG E 148 -36.89 -33.31 42.24
CA ARG E 148 -37.64 -32.37 43.05
C ARG E 148 -36.90 -31.06 43.29
N GLN E 149 -35.61 -30.98 42.96
CA GLN E 149 -34.88 -29.74 43.08
C GLN E 149 -34.00 -29.53 41.86
N VAL E 150 -33.89 -28.28 41.43
CA VAL E 150 -33.06 -27.89 40.30
C VAL E 150 -32.12 -26.79 40.76
N ALA E 151 -30.84 -26.95 40.48
CA ALA E 151 -29.84 -25.94 40.78
C ALA E 151 -29.61 -25.07 39.54
N LEU E 152 -29.71 -23.76 39.73
CA LEU E 152 -29.53 -22.80 38.64
C LEU E 152 -28.26 -21.99 38.88
N VAL E 153 -27.55 -21.70 37.79
CA VAL E 153 -26.47 -20.72 37.79
C VAL E 153 -26.78 -19.73 36.68
N ILE E 154 -26.98 -18.47 37.05
CA ILE E 154 -27.36 -17.42 36.12
C ILE E 154 -26.21 -16.44 35.99
N SER E 155 -25.75 -16.20 34.76
CA SER E 155 -24.78 -15.16 34.48
C SER E 155 -25.52 -13.87 34.19
N CYS E 156 -25.19 -12.81 34.93
CA CYS E 156 -25.95 -11.58 34.82
C CYS E 156 -25.08 -10.40 35.19
N CYS E 157 -25.59 -9.20 34.89
CA CYS E 157 -24.94 -7.94 35.24
C CYS E 157 -25.90 -7.16 36.14
N PHE E 158 -25.55 -7.05 37.41
CA PHE E 158 -26.33 -6.21 38.30
C PHE E 158 -26.00 -4.75 38.04
N ASN E 159 -27.04 -3.92 37.88
CA ASN E 159 -26.85 -2.49 37.69
C ASN E 159 -27.91 -1.73 38.46
N ASN F 16 -25.14 -10.95 14.27
CA ASN F 16 -25.19 -11.73 15.51
C ASN F 16 -26.54 -12.43 15.64
N SER F 17 -26.67 -13.28 16.66
CA SER F 17 -27.90 -14.03 16.86
C SER F 17 -28.99 -13.13 17.42
N ASN F 18 -30.23 -13.37 16.98
CA ASN F 18 -31.38 -12.60 17.43
C ASN F 18 -32.34 -13.40 18.30
N VAL F 19 -32.06 -14.67 18.55
CA VAL F 19 -32.94 -15.53 19.33
C VAL F 19 -32.12 -16.24 20.40
N VAL F 20 -32.84 -16.81 21.37
CA VAL F 20 -32.20 -17.65 22.37
C VAL F 20 -31.63 -18.89 21.69
N THR F 21 -30.44 -19.30 22.12
CA THR F 21 -29.83 -20.53 21.62
C THR F 21 -29.37 -21.36 22.80
N MET F 22 -29.15 -22.64 22.53
CA MET F 22 -28.85 -23.60 23.58
C MET F 22 -27.37 -23.57 23.96
N ILE F 23 -27.10 -23.64 25.25
CA ILE F 23 -25.78 -23.93 25.80
C ILE F 23 -25.75 -25.40 26.16
N ARG F 24 -24.66 -26.09 25.82
CA ARG F 24 -24.50 -27.49 26.16
C ARG F 24 -23.65 -27.57 27.42
N ALA F 25 -24.29 -27.32 28.56
CA ALA F 25 -23.62 -27.31 29.85
C ALA F 25 -23.13 -28.70 30.19
N GLY F 26 -22.09 -28.74 31.03
CA GLY F 26 -21.52 -30.00 31.45
C GLY F 26 -21.77 -30.31 32.91
N SER F 27 -20.72 -30.69 33.62
CA SER F 27 -20.84 -30.96 35.04
C SER F 27 -21.14 -29.67 35.80
N TYR F 28 -21.49 -29.81 37.06
CA TYR F 28 -21.76 -28.65 37.87
C TYR F 28 -20.45 -27.94 38.20
N PRO F 29 -20.35 -26.63 38.00
CA PRO F 29 -19.07 -25.93 38.19
C PRO F 29 -18.77 -25.63 39.65
N LYS F 30 -17.53 -25.25 39.90
CA LYS F 30 -17.20 -24.59 41.15
C LYS F 30 -17.90 -23.23 41.19
N VAL F 31 -18.51 -22.90 42.32
CA VAL F 31 -19.26 -21.67 42.45
C VAL F 31 -18.88 -20.97 43.75
N ASN F 32 -19.22 -19.69 43.82
CA ASN F 32 -18.99 -18.89 45.02
C ASN F 32 -20.05 -17.79 45.08
N PRO F 33 -20.99 -17.87 46.03
CA PRO F 33 -22.04 -16.85 46.12
C PRO F 33 -21.55 -15.52 46.65
N THR F 34 -20.41 -15.48 47.34
CA THR F 34 -19.91 -14.26 48.00
C THR F 34 -18.49 -13.98 47.55
N PRO F 35 -18.32 -13.44 46.34
CA PRO F 35 -16.98 -13.24 45.80
C PRO F 35 -16.30 -11.98 46.36
N THR F 36 -15.04 -11.81 45.95
CA THR F 36 -14.25 -10.63 46.26
C THR F 36 -14.63 -9.47 45.32
N TRP F 37 -14.13 -8.29 45.65
CA TRP F 37 -14.46 -7.10 44.87
C TRP F 37 -13.34 -6.09 45.00
N VAL F 38 -12.73 -5.72 43.86
CA VAL F 38 -11.72 -4.66 43.82
C VAL F 38 -12.45 -3.34 43.60
N ARG F 39 -12.21 -2.38 44.48
CA ARG F 39 -13.06 -1.19 44.52
C ARG F 39 -12.23 0.07 44.75
N ALA F 40 -12.82 1.20 44.33
CA ALA F 40 -12.35 2.54 44.69
C ALA F 40 -13.47 3.21 45.46
N ILE F 41 -13.29 3.38 46.75
CA ILE F 41 -14.34 3.87 47.65
C ILE F 41 -14.12 5.37 47.88
N PRO F 42 -15.10 6.23 47.58
CA PRO F 42 -14.96 7.65 47.89
C PRO F 42 -15.79 8.08 49.10
N PHE F 43 -15.16 8.73 50.07
CA PHE F 43 -15.89 9.24 51.23
C PHE F 43 -15.12 10.41 51.81
N GLU F 44 -15.80 11.19 52.65
CA GLU F 44 -15.22 12.39 53.23
C GLU F 44 -15.16 12.26 54.75
N VAL F 45 -14.22 13.00 55.33
CA VAL F 45 -14.05 13.08 56.78
C VAL F 45 -13.95 14.54 57.17
N SER F 46 -14.32 14.83 58.42
CA SER F 46 -14.21 16.19 58.97
C SER F 46 -12.92 16.33 59.77
N VAL F 47 -12.23 17.46 59.58
CA VAL F 47 -10.91 17.67 60.15
C VAL F 47 -10.89 19.00 60.89
N GLN F 48 -10.23 19.02 62.04
CA GLN F 48 -10.01 20.24 62.81
C GLN F 48 -8.60 20.76 62.59
N SER F 49 -8.44 22.07 62.75
CA SER F 49 -7.15 22.70 62.59
C SER F 49 -6.17 22.21 63.65
N GLY F 50 -4.95 21.88 63.22
CA GLY F 50 -3.90 21.48 64.13
C GLY F 50 -4.10 20.16 64.82
N ILE F 51 -5.11 19.38 64.42
CA ILE F 51 -5.39 18.09 65.05
C ILE F 51 -5.48 17.02 63.97
N ALA F 52 -4.84 15.89 64.21
CA ALA F 52 -4.87 14.77 63.28
C ALA F 52 -6.12 13.94 63.48
N PHE F 53 -6.69 13.47 62.38
CA PHE F 53 -7.89 12.64 62.39
C PHE F 53 -7.51 11.25 61.91
N LYS F 54 -7.79 10.23 62.73
CA LYS F 54 -7.55 8.85 62.35
C LYS F 54 -8.73 8.33 61.55
N VAL F 55 -8.48 7.90 60.32
CA VAL F 55 -9.54 7.43 59.42
C VAL F 55 -9.81 5.95 59.72
N PRO F 56 -11.00 5.62 60.22
CA PRO F 56 -11.28 4.22 60.56
C PRO F 56 -11.61 3.39 59.33
N VAL F 57 -11.13 2.15 59.33
CA VAL F 57 -11.39 1.23 58.22
C VAL F 57 -12.89 0.97 58.09
N GLY F 58 -13.63 1.00 59.19
CA GLY F 58 -15.06 0.77 59.19
C GLY F 58 -15.85 1.65 58.24
N SER F 59 -15.27 2.78 57.84
CA SER F 59 -15.95 3.67 56.91
C SER F 59 -16.14 3.04 55.53
N LEU F 60 -15.36 2.02 55.20
CA LEU F 60 -15.44 1.37 53.89
C LEU F 60 -16.51 0.29 53.82
N PHE F 61 -17.15 -0.05 54.94
CA PHE F 61 -18.22 -1.04 54.96
C PHE F 61 -19.54 -0.30 55.14
N SER F 62 -20.31 -0.19 54.06
CA SER F 62 -21.56 0.57 54.10
C SER F 62 -22.44 0.15 52.93
N ALA F 63 -23.75 0.13 53.17
CA ALA F 63 -24.69 -0.09 52.09
C ALA F 63 -24.52 0.96 51.00
N ASN F 64 -24.08 2.17 51.36
CA ASN F 64 -23.84 3.22 50.39
C ASN F 64 -22.78 2.84 49.37
N PHE F 65 -21.92 1.87 49.69
CA PHE F 65 -20.90 1.39 48.78
C PHE F 65 -21.16 -0.02 48.29
N ARG F 66 -22.31 -0.61 48.64
CA ARG F 66 -22.62 -2.02 48.38
C ARG F 66 -21.63 -2.95 49.07
N THR F 67 -21.09 -2.54 50.22
CA THR F 67 -20.03 -3.30 50.87
C THR F 67 -20.37 -3.75 52.29
N ASP F 68 -21.63 -3.64 52.71
CA ASP F 68 -21.97 -3.97 54.09
C ASP F 68 -21.90 -5.47 54.40
N SER F 69 -21.72 -6.32 53.39
CA SER F 69 -21.59 -7.75 53.64
C SER F 69 -20.16 -8.20 53.85
N PHE F 70 -19.19 -7.29 53.71
CA PHE F 70 -17.80 -7.61 53.99
C PHE F 70 -17.44 -7.24 55.43
N THR F 71 -16.55 -8.04 56.02
CA THR F 71 -15.98 -7.72 57.33
C THR F 71 -14.48 -7.44 57.28
N SER F 72 -13.84 -7.67 56.13
CA SER F 72 -12.41 -7.42 55.99
C SER F 72 -12.14 -6.73 54.66
N VAL F 73 -11.05 -5.98 54.61
CA VAL F 73 -10.64 -5.28 53.40
C VAL F 73 -9.12 -5.24 53.35
N THR F 74 -8.58 -5.28 52.14
CA THR F 74 -7.15 -5.15 51.91
C THR F 74 -6.91 -3.83 51.18
N VAL F 75 -6.40 -2.83 51.91
CA VAL F 75 -6.16 -1.51 51.34
C VAL F 75 -4.90 -1.54 50.50
N MET F 76 -4.98 -1.00 49.29
CA MET F 76 -3.84 -0.96 48.38
C MET F 76 -3.22 0.42 48.24
N SER F 77 -4.04 1.46 48.10
CA SER F 77 -3.52 2.82 48.00
C SER F 77 -4.56 3.80 48.52
N VAL F 78 -4.08 4.97 48.93
CA VAL F 78 -4.91 6.00 49.53
C VAL F 78 -4.57 7.34 48.89
N ARG F 79 -5.60 8.05 48.43
CA ARG F 79 -5.45 9.40 47.90
C ARG F 79 -6.42 10.33 48.62
N ALA F 80 -5.98 11.57 48.87
CA ALA F 80 -6.79 12.52 49.61
C ALA F 80 -6.79 13.87 48.91
N TRP F 81 -7.97 14.49 48.85
CA TRP F 81 -8.12 15.85 48.35
C TRP F 81 -8.76 16.70 49.45
N THR F 82 -8.49 18.00 49.42
CA THR F 82 -9.25 18.91 50.25
C THR F 82 -10.65 19.09 49.65
N GLN F 83 -11.64 19.22 50.53
CA GLN F 83 -13.04 19.21 50.12
C GLN F 83 -13.76 20.54 50.39
N LEU F 84 -13.17 21.43 51.18
CA LEU F 84 -13.71 22.76 51.39
C LEU F 84 -12.58 23.78 51.20
N THR F 85 -12.97 25.05 51.09
CA THR F 85 -11.98 26.10 50.88
C THR F 85 -11.09 26.27 52.11
N PRO F 86 -9.85 26.72 51.91
CA PRO F 86 -8.96 26.94 53.05
C PRO F 86 -9.29 28.26 53.74
N PRO F 87 -8.62 28.56 54.86
CA PRO F 87 -8.81 29.88 55.48
C PRO F 87 -8.38 31.00 54.55
N VAL F 88 -8.79 32.22 54.92
CA VAL F 88 -8.40 33.41 54.17
C VAL F 88 -6.88 33.53 54.19
N ASN F 89 -6.31 33.91 53.06
CA ASN F 89 -4.90 34.18 52.79
C ASN F 89 -4.08 32.92 52.56
N GLU F 90 -4.62 31.72 52.81
CA GLU F 90 -3.83 30.49 52.76
C GLU F 90 -4.18 29.67 51.53
N TYR F 91 -3.22 28.82 51.14
CA TYR F 91 -3.45 27.77 50.14
C TYR F 91 -3.78 26.47 50.86
N SER F 92 -4.60 25.64 50.22
CA SER F 92 -4.97 24.36 50.81
C SER F 92 -3.75 23.47 50.94
N PHE F 93 -3.75 22.65 51.99
CA PHE F 93 -2.80 21.55 52.10
C PHE F 93 -3.47 20.36 52.77
N VAL F 94 -2.88 19.18 52.57
CA VAL F 94 -3.36 17.95 53.18
C VAL F 94 -2.17 17.03 53.40
N ARG F 95 -2.14 16.35 54.55
CA ARG F 95 -1.07 15.43 54.92
C ARG F 95 -1.66 14.06 55.22
N LEU F 96 -0.92 13.01 54.85
CA LEU F 96 -1.30 11.64 55.17
C LEU F 96 -0.16 10.94 55.89
N LYS F 97 -0.47 10.31 57.01
CA LYS F 97 0.49 9.49 57.75
C LYS F 97 -0.02 8.06 57.78
N PRO F 98 0.65 7.12 57.12
CA PRO F 98 0.16 5.73 57.11
C PRO F 98 0.23 5.11 58.50
N LEU F 99 -0.80 4.35 58.84
CA LEU F 99 -0.87 3.60 60.09
C LEU F 99 -0.96 2.11 59.77
N PHE F 100 -0.32 1.28 60.60
CA PHE F 100 -0.34 -0.16 60.41
C PHE F 100 -0.46 -0.86 61.75
N LYS F 101 -1.18 -1.99 61.76
CA LYS F 101 -1.33 -2.79 62.97
C LYS F 101 0.02 -3.28 63.50
N THR F 102 0.95 -3.61 62.60
CA THR F 102 2.26 -4.07 63.03
C THR F 102 3.23 -2.94 63.35
N GLY F 103 2.84 -1.68 63.12
CA GLY F 103 3.72 -0.57 63.43
C GLY F 103 3.45 0.67 62.60
N ASP F 104 3.17 1.79 63.26
CA ASP F 104 2.79 3.01 62.56
C ASP F 104 4.01 3.66 61.88
N SER F 105 3.75 4.26 60.73
CA SER F 105 4.76 5.06 60.04
C SER F 105 4.88 6.44 60.67
N THR F 106 5.93 7.16 60.28
CA THR F 106 6.08 8.56 60.65
C THR F 106 6.32 9.43 59.43
N GLU F 107 6.03 8.91 58.24
CA GLU F 107 6.02 9.75 57.05
C GLU F 107 4.81 10.67 57.10
N GLU F 108 4.96 11.86 56.52
CA GLU F 108 3.89 12.84 56.43
C GLU F 108 3.85 13.33 54.99
N PHE F 109 3.32 12.49 54.09
CA PHE F 109 3.19 12.87 52.69
C PHE F 109 2.26 14.07 52.58
N GLU F 110 2.73 15.13 51.94
CA GLU F 110 2.01 16.40 51.93
C GLU F 110 1.87 16.92 50.51
N GLY F 111 0.69 17.47 50.23
CA GLY F 111 0.46 18.20 48.99
C GLY F 111 -0.15 19.54 49.28
N ARG F 112 0.21 20.53 48.46
CA ARG F 112 -0.31 21.88 48.62
C ARG F 112 -0.83 22.37 47.28
N ALA F 113 -1.84 23.22 47.35
CA ALA F 113 -2.34 23.87 46.15
C ALA F 113 -1.46 25.05 45.79
N SER F 114 -1.37 25.34 44.50
CA SER F 114 -0.66 26.51 44.01
C SER F 114 -1.60 27.60 43.56
N ASN F 115 -2.90 27.34 43.59
CA ASN F 115 -3.94 28.33 43.35
C ASN F 115 -4.94 28.22 44.50
N ILE F 116 -5.21 29.35 45.17
CA ILE F 116 -5.98 29.29 46.42
C ILE F 116 -7.35 28.68 46.20
N ASN F 117 -7.88 28.75 44.98
CA ASN F 117 -9.19 28.23 44.66
C ASN F 117 -9.17 26.75 44.29
N THR F 118 -8.05 26.07 44.48
CA THR F 118 -7.84 24.72 43.98
C THR F 118 -7.60 23.73 45.11
N ARG F 119 -8.11 22.51 44.92
CA ARG F 119 -7.88 21.44 45.88
C ARG F 119 -6.40 21.11 45.97
N ALA F 120 -5.96 20.77 47.19
CA ALA F 120 -4.67 20.13 47.38
C ALA F 120 -4.89 18.62 47.44
N SER F 121 -3.88 17.87 46.98
CA SER F 121 -4.02 16.42 46.93
C SER F 121 -2.67 15.76 47.14
N VAL F 122 -2.73 14.54 47.64
CA VAL F 122 -1.54 13.71 47.84
C VAL F 122 -2.03 12.28 48.02
N GLY F 123 -1.13 11.33 47.84
CA GLY F 123 -1.51 9.95 48.05
C GLY F 123 -0.31 9.11 48.41
N TYR F 124 -0.57 7.87 48.82
CA TYR F 124 0.51 6.93 49.07
C TYR F 124 0.04 5.53 48.71
N ARG F 125 1.00 4.71 48.30
CA ARG F 125 0.78 3.32 47.92
C ARG F 125 1.34 2.41 49.00
N ILE F 126 0.60 1.36 49.31
CA ILE F 126 1.01 0.36 50.32
C ILE F 126 1.72 -0.78 49.59
N PRO F 127 2.92 -1.15 49.99
CA PRO F 127 3.64 -2.21 49.29
C PRO F 127 3.07 -3.59 49.62
N THR F 128 3.42 -4.57 48.78
CA THR F 128 2.82 -5.89 48.86
C THR F 128 3.04 -6.52 50.23
N ASN F 129 4.25 -6.39 50.78
CA ASN F 129 4.56 -6.96 52.08
C ASN F 129 3.72 -6.39 53.21
N LEU F 130 2.94 -5.34 52.96
CA LEU F 130 2.10 -4.75 53.99
C LEU F 130 0.61 -4.83 53.68
N ARG F 131 0.21 -5.47 52.58
CA ARG F 131 -1.20 -5.60 52.21
C ARG F 131 -1.81 -6.83 52.87
N GLN F 132 -2.05 -6.71 54.17
CA GLN F 132 -2.84 -7.70 54.89
C GLN F 132 -4.24 -7.17 55.11
N ASN F 133 -5.10 -8.03 55.66
CA ASN F 133 -6.47 -7.60 55.92
C ASN F 133 -6.52 -6.63 57.07
N THR F 134 -7.51 -5.74 57.02
CA THR F 134 -7.86 -4.87 58.13
C THR F 134 -9.35 -5.01 58.38
N VAL F 135 -9.77 -4.70 59.61
CA VAL F 135 -11.17 -4.79 59.96
C VAL F 135 -11.65 -3.44 60.49
N ALA F 136 -12.95 -3.37 60.84
CA ALA F 136 -13.58 -2.08 61.10
C ALA F 136 -12.89 -1.31 62.22
N ALA F 137 -12.37 -2.02 63.22
CA ALA F 137 -11.77 -1.35 64.36
C ALA F 137 -10.38 -0.78 64.08
N ASP F 138 -9.82 -1.06 62.90
CA ASP F 138 -8.49 -0.58 62.56
C ASP F 138 -8.56 0.82 61.96
N ASN F 139 -7.39 1.39 61.68
CA ASN F 139 -7.27 2.69 61.05
C ASN F 139 -6.39 2.59 59.82
N VAL F 140 -6.69 3.43 58.83
CA VAL F 140 -5.87 3.49 57.62
C VAL F 140 -4.74 4.49 57.79
N CYS F 141 -5.05 5.72 58.19
CA CYS F 141 -4.08 6.79 58.16
C CYS F 141 -4.55 7.94 59.05
N GLU F 142 -3.64 8.89 59.26
CA GLU F 142 -3.95 10.15 59.90
C GLU F 142 -4.03 11.26 58.85
N VAL F 143 -5.01 12.14 58.98
CA VAL F 143 -5.20 13.27 58.06
C VAL F 143 -4.97 14.56 58.82
N ARG F 144 -4.21 15.47 58.21
CA ARG F 144 -4.11 16.85 58.66
C ARG F 144 -4.38 17.76 57.48
N SER F 145 -5.01 18.90 57.76
CA SER F 145 -5.36 19.84 56.71
C SER F 145 -5.78 21.15 57.36
N ASN F 146 -5.57 22.25 56.65
CA ASN F 146 -6.14 23.52 57.05
C ASN F 146 -7.56 23.71 56.54
N CYS F 147 -8.10 22.72 55.83
CA CYS F 147 -9.49 22.70 55.42
C CYS F 147 -10.28 21.77 56.33
N ARG F 148 -11.55 22.12 56.56
CA ARG F 148 -12.35 21.42 57.55
C ARG F 148 -12.88 20.07 57.05
N GLN F 149 -12.73 19.77 55.77
CA GLN F 149 -13.21 18.50 55.23
C GLN F 149 -12.24 18.00 54.18
N VAL F 150 -12.02 16.68 54.17
CA VAL F 150 -11.09 16.04 53.25
C VAL F 150 -11.79 14.88 52.58
N ALA F 151 -11.70 14.81 51.26
CA ALA F 151 -12.25 13.71 50.48
C ALA F 151 -11.19 12.66 50.22
N LEU F 152 -11.48 11.42 50.56
CA LEU F 152 -10.58 10.30 50.33
C LEU F 152 -11.15 9.40 49.24
N VAL F 153 -10.27 8.84 48.43
CA VAL F 153 -10.60 7.75 47.53
C VAL F 153 -9.62 6.64 47.83
N ILE F 154 -10.13 5.50 48.30
CA ILE F 154 -9.29 4.38 48.73
C ILE F 154 -9.48 3.23 47.74
N SER F 155 -8.38 2.76 47.17
CA SER F 155 -8.39 1.59 46.29
C SER F 155 -8.11 0.35 47.15
N CYS F 156 -9.03 -0.59 47.16
CA CYS F 156 -8.92 -1.72 48.07
C CYS F 156 -9.58 -2.95 47.46
N CYS F 157 -9.31 -4.09 48.08
CA CYS F 157 -9.89 -5.38 47.70
C CYS F 157 -10.73 -5.85 48.88
N PHE F 158 -12.05 -5.83 48.72
CA PHE F 158 -12.93 -6.39 49.73
C PHE F 158 -12.94 -7.91 49.61
N ASN F 159 -12.85 -8.58 50.76
CA ASN F 159 -12.85 -10.03 50.76
C ASN F 159 -13.46 -10.57 52.05
N ASN G 16 -14.72 24.64 -11.80
CA ASN G 16 -16.02 24.01 -11.66
C ASN G 16 -17.05 24.76 -12.51
N SER G 17 -18.28 24.24 -12.57
CA SER G 17 -19.30 24.81 -13.43
C SER G 17 -19.84 26.11 -12.84
N ASN G 18 -20.20 27.04 -13.72
CA ASN G 18 -20.76 28.32 -13.33
C ASN G 18 -22.21 28.50 -13.76
N VAL G 19 -22.80 27.51 -14.42
CA VAL G 19 -24.18 27.61 -14.89
C VAL G 19 -24.96 26.38 -14.47
N VAL G 20 -26.28 26.51 -14.53
CA VAL G 20 -27.16 25.37 -14.27
C VAL G 20 -26.95 24.31 -15.34
N THR G 21 -26.91 23.05 -14.94
CA THR G 21 -26.73 21.95 -15.87
C THR G 21 -27.76 20.86 -15.61
N MET G 22 -28.00 20.06 -16.63
CA MET G 22 -29.06 19.06 -16.58
C MET G 22 -28.65 17.84 -15.76
N ILE G 23 -29.61 17.32 -15.00
CA ILE G 23 -29.50 16.01 -14.37
C ILE G 23 -30.36 15.04 -15.18
N ARG G 24 -29.79 13.89 -15.54
CA ARG G 24 -30.56 12.88 -16.26
C ARG G 24 -31.22 11.94 -15.25
N ALA G 25 -32.25 12.48 -14.62
CA ALA G 25 -33.02 11.73 -13.64
C ALA G 25 -33.68 10.52 -14.28
N GLY G 26 -33.94 9.50 -13.46
CA GLY G 26 -34.56 8.28 -13.94
C GLY G 26 -35.92 8.04 -13.34
N SER G 27 -36.08 6.90 -12.69
CA SER G 27 -37.36 6.54 -12.10
C SER G 27 -37.54 7.25 -10.76
N TYR G 28 -38.79 7.39 -10.35
CA TYR G 28 -39.11 8.08 -9.11
C TYR G 28 -38.51 7.33 -7.92
N PRO G 29 -37.67 7.97 -7.11
CA PRO G 29 -36.94 7.24 -6.07
C PRO G 29 -37.81 6.93 -4.86
N LYS G 30 -37.23 6.16 -3.94
CA LYS G 30 -37.83 5.97 -2.63
C LYS G 30 -37.62 7.25 -1.82
N VAL G 31 -38.69 7.76 -1.22
CA VAL G 31 -38.63 9.03 -0.51
C VAL G 31 -39.18 8.84 0.90
N ASN G 32 -38.97 9.86 1.73
CA ASN G 32 -39.43 9.90 3.11
C ASN G 32 -39.48 11.35 3.56
N PRO G 33 -40.67 11.92 3.72
CA PRO G 33 -40.75 13.34 4.10
C PRO G 33 -40.35 13.61 5.54
N THR G 34 -40.36 12.60 6.41
CA THR G 34 -40.14 12.79 7.84
C THR G 34 -39.03 11.86 8.33
N PRO G 35 -37.78 12.19 8.02
CA PRO G 35 -36.67 11.29 8.35
C PRO G 35 -36.26 11.39 9.82
N THR G 36 -35.30 10.55 10.18
CA THR G 36 -34.71 10.54 11.51
C THR G 36 -33.66 11.65 11.61
N TRP G 37 -33.14 11.85 12.82
CA TRP G 37 -32.21 12.95 13.06
C TRP G 37 -31.37 12.65 14.29
N VAL G 38 -30.05 12.57 14.12
CA VAL G 38 -29.13 12.41 15.23
C VAL G 38 -28.75 13.79 15.74
N ARG G 39 -28.88 14.01 17.04
CA ARG G 39 -28.74 15.35 17.60
C ARG G 39 -27.98 15.30 18.93
N ALA G 40 -27.46 16.46 19.32
CA ALA G 40 -26.95 16.71 20.66
C ALA G 40 -27.73 17.89 21.21
N ILE G 41 -28.63 17.62 22.16
CA ILE G 41 -29.62 18.60 22.61
C ILE G 41 -29.13 19.22 23.91
N PRO G 42 -29.00 20.55 23.99
CA PRO G 42 -28.66 21.20 25.26
C PRO G 42 -29.85 21.83 25.95
N PHE G 43 -30.05 21.53 27.24
CA PHE G 43 -31.07 22.21 28.03
C PHE G 43 -30.67 22.17 29.50
N GLU G 44 -31.40 22.93 30.32
CA GLU G 44 -31.06 23.10 31.72
C GLU G 44 -32.24 22.75 32.60
N VAL G 45 -31.95 22.19 33.77
CA VAL G 45 -32.97 21.87 34.76
C VAL G 45 -32.62 22.56 36.08
N SER G 46 -33.65 22.95 36.82
CA SER G 46 -33.49 23.49 38.15
C SER G 46 -33.47 22.36 39.18
N VAL G 47 -32.65 22.52 40.21
CA VAL G 47 -32.37 21.46 41.16
C VAL G 47 -32.39 22.02 42.57
N GLN G 48 -33.03 21.29 43.49
CA GLN G 48 -32.95 21.59 44.90
C GLN G 48 -31.80 20.82 45.54
N SER G 49 -31.17 21.44 46.53
CA SER G 49 -30.10 20.77 47.26
C SER G 49 -30.64 19.56 48.00
N GLY G 50 -29.90 18.45 47.94
CA GLY G 50 -30.26 17.24 48.64
C GLY G 50 -31.46 16.50 48.09
N ILE G 51 -32.03 16.95 46.98
CA ILE G 51 -33.20 16.31 46.38
C ILE G 51 -32.86 15.93 44.95
N ALA G 52 -33.10 14.67 44.61
CA ALA G 52 -32.91 14.23 43.24
C ALA G 52 -34.02 14.77 42.35
N PHE G 53 -33.66 15.16 41.12
CA PHE G 53 -34.61 15.64 40.13
C PHE G 53 -34.65 14.66 38.96
N LYS G 54 -35.83 14.11 38.70
CA LYS G 54 -36.02 13.22 37.56
C LYS G 54 -36.16 14.06 36.29
N VAL G 55 -35.36 13.74 35.28
CA VAL G 55 -35.30 14.52 34.05
C VAL G 55 -36.27 13.91 33.05
N PRO G 56 -37.35 14.59 32.69
CA PRO G 56 -38.33 13.99 31.78
C PRO G 56 -37.85 14.00 30.33
N VAL G 57 -38.13 12.89 29.63
CA VAL G 57 -37.80 12.79 28.22
C VAL G 57 -38.48 13.89 27.40
N GLY G 58 -39.66 14.32 27.85
CA GLY G 58 -40.42 15.32 27.10
C GLY G 58 -39.68 16.62 26.87
N SER G 59 -38.67 16.90 27.69
CA SER G 59 -37.86 18.10 27.49
C SER G 59 -37.17 18.11 26.13
N LEU G 60 -36.97 16.94 25.54
CA LEU G 60 -36.27 16.82 24.26
C LEU G 60 -37.12 17.19 23.07
N PHE G 61 -38.45 17.26 23.23
CA PHE G 61 -39.35 17.62 22.15
C PHE G 61 -39.77 19.08 22.34
N SER G 62 -39.33 19.94 21.44
CA SER G 62 -39.56 21.38 21.57
C SER G 62 -39.25 22.05 20.25
N ALA G 63 -40.05 23.07 19.91
CA ALA G 63 -39.73 23.88 18.75
C ALA G 63 -38.35 24.51 18.86
N ASN G 64 -37.90 24.80 20.09
CA ASN G 64 -36.60 25.41 20.30
C ASN G 64 -35.46 24.52 19.82
N PHE G 65 -35.71 23.23 19.60
CA PHE G 65 -34.71 22.30 19.11
C PHE G 65 -35.02 21.81 17.70
N ARG G 66 -36.06 22.37 17.06
CA ARG G 66 -36.61 21.87 15.80
C ARG G 66 -37.03 20.40 15.92
N THR G 67 -37.51 19.98 17.10
CA THR G 67 -37.82 18.57 17.32
C THR G 67 -39.27 18.33 17.73
N ASP G 68 -40.15 19.33 17.64
CA ASP G 68 -41.52 19.16 18.10
C ASP G 68 -42.37 18.26 17.19
N SER G 69 -41.86 17.83 16.05
CA SER G 69 -42.59 16.90 15.20
C SER G 69 -42.34 15.44 15.56
N PHE G 70 -41.35 15.16 16.40
CA PHE G 70 -41.07 13.81 16.86
C PHE G 70 -41.88 13.51 18.13
N THR G 71 -42.25 12.25 18.28
CA THR G 71 -42.88 11.78 19.51
C THR G 71 -42.06 10.71 20.22
N SER G 72 -40.95 10.27 19.63
CA SER G 72 -40.09 9.24 20.23
C SER G 72 -38.64 9.62 20.03
N VAL G 73 -37.77 9.02 20.85
CA VAL G 73 -36.34 9.30 20.77
C VAL G 73 -35.59 8.14 21.41
N THR G 74 -34.39 7.86 20.90
CA THR G 74 -33.49 6.85 21.46
C THR G 74 -32.29 7.58 22.02
N VAL G 75 -32.14 7.55 23.35
CA VAL G 75 -31.05 8.24 24.01
C VAL G 75 -29.80 7.37 23.96
N MET G 76 -28.67 7.96 23.55
CA MET G 76 -27.42 7.23 23.47
C MET G 76 -26.47 7.56 24.62
N SER G 77 -26.25 8.84 24.91
CA SER G 77 -25.40 9.23 26.02
C SER G 77 -25.95 10.50 26.67
N VAL G 78 -25.59 10.69 27.94
CA VAL G 78 -26.03 11.84 28.73
C VAL G 78 -24.80 12.43 29.40
N ARG G 79 -24.65 13.76 29.30
CA ARG G 79 -23.57 14.49 29.96
CA ARG G 79 -23.57 14.48 29.97
C ARG G 79 -24.16 15.68 30.70
N ALA G 80 -23.67 15.93 31.91
CA ALA G 80 -24.20 16.98 32.76
C ALA G 80 -23.09 17.89 33.27
N TRP G 81 -23.41 19.17 33.39
CA TRP G 81 -22.53 20.16 33.97
C TRP G 81 -23.32 20.97 34.99
N THR G 82 -22.64 21.43 36.04
CA THR G 82 -23.27 22.41 36.92
C THR G 82 -23.32 23.76 36.20
N GLN G 83 -24.43 24.47 36.39
CA GLN G 83 -24.74 25.65 35.61
C GLN G 83 -24.69 26.94 36.41
N LEU G 84 -24.71 26.86 37.74
CA LEU G 84 -24.54 28.00 38.61
C LEU G 84 -23.42 27.70 39.61
N THR G 85 -23.05 28.73 40.37
CA THR G 85 -21.95 28.58 41.31
C THR G 85 -22.38 27.76 42.52
N PRO G 86 -21.45 27.08 43.18
CA PRO G 86 -21.80 26.26 44.33
C PRO G 86 -22.03 27.12 45.56
N PRO G 87 -22.52 26.56 46.66
CA PRO G 87 -22.55 27.29 47.92
C PRO G 87 -21.16 27.75 48.34
N VAL G 88 -21.14 28.70 49.28
CA VAL G 88 -19.88 29.21 49.80
C VAL G 88 -19.08 28.05 50.38
N ASN G 89 -17.75 28.10 50.18
CA ASN G 89 -16.79 27.15 50.72
C ASN G 89 -16.76 25.80 49.99
N GLU G 90 -17.72 25.54 49.11
CA GLU G 90 -17.83 24.22 48.49
C GLU G 90 -17.33 24.23 47.05
N TYR G 91 -16.93 23.04 46.59
CA TYR G 91 -16.71 22.79 45.17
C TYR G 91 -17.98 22.18 44.58
N SER G 92 -18.26 22.53 43.32
CA SER G 92 -19.44 21.99 42.66
C SER G 92 -19.34 20.47 42.55
N PHE G 93 -20.50 19.82 42.57
CA PHE G 93 -20.58 18.41 42.20
C PHE G 93 -21.91 18.16 41.50
N VAL G 94 -21.97 17.04 40.80
CA VAL G 94 -23.18 16.61 40.11
C VAL G 94 -23.15 15.09 40.02
N ARG G 95 -24.30 14.46 40.22
CA ARG G 95 -24.45 13.01 40.13
C ARG G 95 -25.56 12.67 39.15
N LEU G 96 -25.38 11.58 38.40
CA LEU G 96 -26.37 11.08 37.47
C LEU G 96 -26.70 9.64 37.79
N LYS G 97 -28.00 9.34 37.91
CA LYS G 97 -28.47 7.97 38.06
C LYS G 97 -29.31 7.60 36.85
N PRO G 98 -28.89 6.64 36.03
CA PRO G 98 -29.71 6.27 34.87
C PRO G 98 -31.02 5.65 35.27
N LEU G 99 -32.06 5.91 34.47
CA LEU G 99 -33.38 5.33 34.66
C LEU G 99 -33.80 4.60 33.39
N PHE G 100 -34.53 3.50 33.55
CA PHE G 100 -34.99 2.71 32.42
C PHE G 100 -36.39 2.16 32.70
N LYS G 101 -37.20 2.08 31.64
CA LYS G 101 -38.56 1.56 31.79
C LYS G 101 -38.58 0.10 32.24
N THR G 102 -37.57 -0.67 31.86
CA THR G 102 -37.48 -2.07 32.29
C THR G 102 -36.80 -2.24 33.64
N GLY G 103 -36.35 -1.15 34.27
CA GLY G 103 -35.69 -1.25 35.56
C GLY G 103 -34.66 -0.17 35.79
N ASP G 104 -34.75 0.53 36.91
CA ASP G 104 -33.86 1.65 37.18
C ASP G 104 -32.53 1.18 37.74
N SER G 105 -31.48 1.94 37.44
CA SER G 105 -30.15 1.68 37.94
C SER G 105 -29.98 2.29 39.33
N THR G 106 -28.95 1.82 40.04
CA THR G 106 -28.57 2.43 41.30
C THR G 106 -27.14 2.97 41.26
N GLU G 107 -26.57 3.08 40.06
CA GLU G 107 -25.32 3.79 39.89
C GLU G 107 -25.51 5.27 40.21
N GLU G 108 -24.42 5.92 40.65
CA GLU G 108 -24.42 7.35 40.92
C GLU G 108 -23.10 7.92 40.41
N PHE G 109 -22.95 7.94 39.09
CA PHE G 109 -21.75 8.53 38.48
C PHE G 109 -21.64 9.99 38.90
N GLU G 110 -20.49 10.36 39.46
CA GLU G 110 -20.34 11.66 40.09
C GLU G 110 -19.11 12.38 39.57
N GLY G 111 -19.27 13.66 39.27
CA GLY G 111 -18.15 14.55 38.99
C GLY G 111 -18.08 15.63 40.04
N ARG G 112 -16.86 16.03 40.40
CA ARG G 112 -16.62 17.13 41.30
C ARG G 112 -15.62 18.09 40.67
N ALA G 113 -15.72 19.36 41.04
CA ALA G 113 -14.76 20.35 40.57
C ALA G 113 -13.53 20.36 41.46
N SER G 114 -12.39 20.73 40.88
CA SER G 114 -11.16 20.90 41.62
C SER G 114 -10.78 22.36 41.78
N ASN G 115 -11.53 23.26 41.16
CA ASN G 115 -11.41 24.71 41.32
C ASN G 115 -12.81 25.22 41.61
N ILE G 116 -12.95 26.04 42.66
CA ILE G 116 -14.30 26.41 43.11
C ILE G 116 -15.06 27.18 42.04
N ASN G 117 -14.34 27.87 41.15
CA ASN G 117 -14.95 28.67 40.11
C ASN G 117 -15.26 27.88 38.84
N THR G 118 -15.12 26.56 38.87
CA THR G 118 -15.19 25.73 37.68
C THR G 118 -16.37 24.75 37.76
N ARG G 119 -16.98 24.51 36.60
CA ARG G 119 -18.07 23.55 36.52
C ARG G 119 -17.60 22.14 36.87
N ALA G 120 -18.47 21.38 37.53
CA ALA G 120 -18.30 19.94 37.66
C ALA G 120 -19.06 19.25 36.52
N SER G 121 -18.59 18.07 36.15
CA SER G 121 -19.18 17.38 35.01
C SER G 121 -19.01 15.88 35.14
N VAL G 122 -19.95 15.15 34.54
CA VAL G 122 -19.89 13.70 34.44
C VAL G 122 -20.89 13.28 33.37
N GLY G 123 -20.74 12.06 32.88
CA GLY G 123 -21.69 11.54 31.91
C GLY G 123 -21.68 10.02 31.94
N TYR G 124 -22.73 9.45 31.33
CA TYR G 124 -22.80 8.01 31.17
C TYR G 124 -23.31 7.67 29.78
N ARG G 125 -22.82 6.54 29.27
CA ARG G 125 -23.24 6.00 27.99
C ARG G 125 -24.24 4.87 28.21
N ILE G 126 -25.25 4.81 27.35
CA ILE G 126 -26.27 3.76 27.39
C ILE G 126 -25.85 2.66 26.41
N PRO G 127 -25.75 1.41 26.86
CA PRO G 127 -25.33 0.34 25.94
C PRO G 127 -26.39 0.03 24.90
N THR G 128 -25.94 -0.62 23.82
CA THR G 128 -26.82 -0.92 22.69
C THR G 128 -28.08 -1.65 23.13
N ASN G 129 -27.93 -2.66 24.00
CA ASN G 129 -29.05 -3.49 24.42
C ASN G 129 -30.11 -2.73 25.22
N LEU G 130 -29.87 -1.48 25.59
CA LEU G 130 -30.86 -0.67 26.30
C LEU G 130 -31.30 0.54 25.49
N ARG G 131 -30.90 0.64 24.23
CA ARG G 131 -31.30 1.77 23.38
C ARG G 131 -32.61 1.44 22.67
N GLN G 132 -33.68 1.45 23.47
CA GLN G 132 -35.02 1.44 22.92
C GLN G 132 -35.61 2.84 22.98
N ASN G 133 -36.75 3.02 22.32
CA ASN G 133 -37.36 4.34 22.27
C ASN G 133 -37.91 4.73 23.63
N THR G 134 -37.99 6.03 23.85
CA THR G 134 -38.68 6.60 25.01
C THR G 134 -39.62 7.69 24.51
N VAL G 135 -40.67 7.94 25.28
CA VAL G 135 -41.66 8.94 24.94
C VAL G 135 -41.68 10.01 26.03
N ALA G 136 -42.43 11.08 25.77
CA ALA G 136 -42.36 12.28 26.61
C ALA G 136 -42.66 11.98 28.07
N ALA G 137 -43.48 10.98 28.36
CA ALA G 137 -43.83 10.66 29.73
C ALA G 137 -42.70 9.98 30.50
N ASP G 138 -41.73 9.40 29.80
CA ASP G 138 -40.62 8.68 30.43
C ASP G 138 -39.61 9.66 31.03
N ASN G 139 -38.70 9.10 31.84
CA ASN G 139 -37.61 9.85 32.44
C ASN G 139 -36.28 9.30 31.96
N VAL G 140 -35.29 10.19 31.85
CA VAL G 140 -33.96 9.81 31.41
C VAL G 140 -33.10 9.36 32.59
N CYS G 141 -33.05 10.19 33.63
CA CYS G 141 -32.10 9.99 34.72
C CYS G 141 -32.50 10.89 35.89
N GLU G 142 -31.88 10.63 37.03
CA GLU G 142 -31.97 11.51 38.19
C GLU G 142 -30.73 12.36 38.29
N VAL G 143 -30.90 13.63 38.61
CA VAL G 143 -29.80 14.56 38.83
C VAL G 143 -29.77 14.95 40.29
N ARG G 144 -28.57 15.00 40.86
CA ARG G 144 -28.32 15.60 42.17
C ARG G 144 -27.14 16.55 42.05
N SER G 145 -27.21 17.68 42.72
CA SER G 145 -26.13 18.65 42.68
C SER G 145 -26.27 19.60 43.84
N ASN G 146 -25.14 20.16 44.27
CA ASN G 146 -25.15 21.26 45.22
C ASN G 146 -25.33 22.61 44.55
N CYS G 147 -25.41 22.65 43.22
CA CYS G 147 -25.74 23.86 42.48
C CYS G 147 -27.20 23.82 42.07
N ARG G 148 -27.80 24.99 41.95
CA ARG G 148 -29.25 25.05 41.75
C ARG G 148 -29.68 24.82 40.31
N GLN G 149 -28.75 24.85 39.36
CA GLN G 149 -29.06 24.53 37.97
C GLN G 149 -28.00 23.60 37.40
N VAL G 150 -28.45 22.63 36.61
CA VAL G 150 -27.56 21.71 35.92
C VAL G 150 -27.82 21.83 34.43
N ALA G 151 -26.75 21.89 33.65
CA ALA G 151 -26.83 21.91 32.19
C ALA G 151 -26.58 20.50 31.66
N LEU G 152 -27.47 20.05 30.78
CA LEU G 152 -27.38 18.72 30.20
C LEU G 152 -27.21 18.83 28.70
N VAL G 153 -26.37 17.94 28.15
CA VAL G 153 -26.26 17.75 26.70
C VAL G 153 -26.51 16.27 26.46
N ILE G 154 -27.62 15.95 25.81
CA ILE G 154 -28.02 14.56 25.57
C ILE G 154 -27.85 14.25 24.10
N SER G 155 -27.10 13.20 23.79
CA SER G 155 -26.95 12.70 22.43
C SER G 155 -28.00 11.62 22.18
N CYS G 156 -28.77 11.79 21.11
CA CYS G 156 -29.93 10.94 20.89
C CYS G 156 -30.31 10.94 19.42
N CYS G 157 -31.13 9.96 19.04
CA CYS G 157 -31.63 9.83 17.67
C CYS G 157 -33.13 9.99 17.71
N PHE G 158 -33.62 11.09 17.14
CA PHE G 158 -35.06 11.26 17.02
C PHE G 158 -35.60 10.39 15.89
N ASN G 159 -36.69 9.70 16.14
CA ASN G 159 -37.31 8.88 15.11
C ASN G 159 -38.83 8.87 15.26
N ASN H 16 25.44 41.01 1.79
CA ASN H 16 24.48 41.67 0.93
C ASN H 16 24.93 43.11 0.62
N SER H 17 24.15 43.81 -0.19
CA SER H 17 24.54 45.14 -0.64
C SER H 17 24.44 46.16 0.48
N ASN H 18 25.40 47.09 0.50
CA ASN H 18 25.38 48.20 1.45
C ASN H 18 25.08 49.53 0.79
N VAL H 19 24.91 49.57 -0.53
CA VAL H 19 24.66 50.81 -1.25
C VAL H 19 23.45 50.64 -2.16
N VAL H 20 22.93 51.79 -2.62
CA VAL H 20 21.89 51.78 -3.64
C VAL H 20 22.42 51.15 -4.91
N THR H 21 21.57 50.38 -5.59
CA THR H 21 21.94 49.76 -6.84
C THR H 21 20.84 50.01 -7.86
N MET H 22 21.22 49.91 -9.14
CA MET H 22 20.27 50.19 -10.21
C MET H 22 19.31 49.03 -10.41
N ILE H 23 18.08 49.37 -10.79
CA ILE H 23 17.09 48.42 -11.27
C ILE H 23 16.84 48.72 -12.73
N ARG H 24 16.90 47.69 -13.58
CA ARG H 24 16.70 47.88 -15.01
C ARG H 24 15.20 47.71 -15.30
N ALA H 25 14.46 48.76 -14.99
CA ALA H 25 13.03 48.79 -15.19
C ALA H 25 12.69 48.72 -16.67
N GLY H 26 11.47 48.27 -16.96
CA GLY H 26 11.04 48.13 -18.33
C GLY H 26 9.83 48.96 -18.67
N SER H 27 8.80 48.31 -19.21
CA SER H 27 7.57 48.99 -19.56
C SER H 27 6.81 49.40 -18.31
N TYR H 28 5.98 50.43 -18.46
CA TYR H 28 5.18 50.88 -17.32
C TYR H 28 4.21 49.77 -16.93
N PRO H 29 4.15 49.39 -15.65
CA PRO H 29 3.41 48.19 -15.25
C PRO H 29 1.92 48.47 -15.11
N LYS H 30 1.17 47.40 -14.84
CA LYS H 30 -0.20 47.54 -14.38
C LYS H 30 -0.17 48.00 -12.92
N VAL H 31 -1.01 48.98 -12.58
CA VAL H 31 -1.00 49.58 -11.26
C VAL H 31 -2.42 49.68 -10.73
N ASN H 32 -2.51 49.82 -9.40
CA ASN H 32 -3.78 49.99 -8.70
C ASN H 32 -3.53 50.80 -7.43
N PRO H 33 -4.01 52.04 -7.36
CA PRO H 33 -3.79 52.85 -6.16
C PRO H 33 -4.66 52.47 -4.97
N THR H 34 -5.73 51.72 -5.16
CA THR H 34 -6.68 51.39 -4.10
C THR H 34 -6.93 49.89 -4.06
N PRO H 35 -5.98 49.12 -3.55
CA PRO H 35 -6.08 47.66 -3.59
C PRO H 35 -7.03 47.12 -2.52
N THR H 36 -7.22 45.79 -2.55
CA THR H 36 -7.98 45.08 -1.54
C THR H 36 -7.09 44.81 -0.32
N TRP H 37 -7.73 44.36 0.76
CA TRP H 37 -7.03 44.14 2.02
C TRP H 37 -7.75 43.07 2.81
N VAL H 38 -7.02 42.00 3.16
CA VAL H 38 -7.56 40.94 4.00
C VAL H 38 -7.22 41.25 5.45
N ARG H 39 -8.24 41.27 6.31
CA ARG H 39 -8.12 41.86 7.63
C ARG H 39 -8.81 41.01 8.68
N ALA H 40 -8.37 41.20 9.93
CA ALA H 40 -9.06 40.71 11.12
C ALA H 40 -9.37 41.91 11.99
N ILE H 41 -10.64 42.30 12.05
CA ILE H 41 -11.06 43.57 12.65
C ILE H 41 -11.55 43.30 14.06
N PRO H 42 -10.97 43.94 15.09
CA PRO H 42 -11.49 43.78 16.45
C PRO H 42 -12.32 44.97 16.92
N PHE H 43 -13.56 44.72 17.34
CA PHE H 43 -14.38 45.77 17.93
C PHE H 43 -15.34 45.15 18.95
N GLU H 44 -15.94 46.00 19.76
CA GLU H 44 -16.86 45.58 20.81
C GLU H 44 -18.25 46.14 20.54
N VAL H 45 -19.26 45.46 21.07
CA VAL H 45 -20.63 45.95 21.02
C VAL H 45 -21.23 45.83 22.41
N SER H 46 -22.25 46.66 22.67
CA SER H 46 -23.00 46.65 23.92
C SER H 46 -24.30 45.87 23.72
N VAL H 47 -24.59 44.94 24.63
CA VAL H 47 -25.79 44.12 24.51
C VAL H 47 -26.54 44.16 25.82
N GLN H 48 -27.86 44.00 25.71
CA GLN H 48 -28.75 44.00 26.86
C GLN H 48 -29.18 42.57 27.19
N SER H 49 -29.44 42.33 28.46
CA SER H 49 -29.93 41.02 28.89
C SER H 49 -31.28 40.73 28.23
N GLY H 50 -31.38 39.54 27.64
CA GLY H 50 -32.60 39.08 27.03
C GLY H 50 -32.90 39.63 25.65
N ILE H 51 -32.07 40.52 25.13
CA ILE H 51 -32.33 41.19 23.86
C ILE H 51 -31.15 40.95 22.93
N ALA H 52 -31.46 40.57 21.69
CA ALA H 52 -30.44 40.37 20.68
C ALA H 52 -30.01 41.71 20.09
N PHE H 53 -28.73 41.79 19.73
CA PHE H 53 -28.17 42.97 19.09
C PHE H 53 -27.72 42.61 17.68
N LYS H 54 -28.24 43.35 16.70
CA LYS H 54 -27.79 43.19 15.32
C LYS H 54 -26.50 43.98 15.11
N VAL H 55 -25.46 43.30 14.66
CA VAL H 55 -24.14 43.91 14.48
C VAL H 55 -24.10 44.53 13.09
N PRO H 56 -23.97 45.84 12.97
CA PRO H 56 -23.97 46.47 11.64
C PRO H 56 -22.62 46.32 10.95
N VAL H 57 -22.69 46.04 9.63
CA VAL H 57 -21.48 45.94 8.81
C VAL H 57 -20.68 47.23 8.87
N GLY H 58 -21.36 48.37 8.89
CA GLY H 58 -20.71 49.68 8.94
C GLY H 58 -19.74 49.85 10.09
N SER H 59 -19.85 49.00 11.11
CA SER H 59 -18.86 49.01 12.18
C SER H 59 -17.46 48.77 11.66
N LEU H 60 -17.33 48.07 10.53
CA LEU H 60 -16.03 47.68 10.01
C LEU H 60 -15.34 48.80 9.24
N PHE H 61 -16.05 49.86 8.86
CA PHE H 61 -15.47 50.98 8.12
C PHE H 61 -15.17 52.11 9.10
N SER H 62 -13.88 52.36 9.33
CA SER H 62 -13.48 53.39 10.28
C SER H 62 -12.01 53.71 10.09
N ALA H 63 -11.66 54.98 10.30
CA ALA H 63 -10.25 55.35 10.34
C ALA H 63 -9.50 54.59 11.42
N ASN H 64 -10.21 54.14 12.46
CA ASN H 64 -9.58 53.39 13.54
C ASN H 64 -9.02 52.06 13.06
N PHE H 65 -9.48 51.56 11.91
CA PHE H 65 -8.98 50.33 11.33
C PHE H 65 -8.27 50.57 10.01
N ARG H 66 -8.07 51.84 9.63
CA ARG H 66 -7.53 52.22 8.32
C ARG H 66 -8.43 51.77 7.18
N THR H 67 -9.74 51.64 7.43
CA THR H 67 -10.65 51.07 6.45
C THR H 67 -11.74 52.04 6.01
N ASP H 68 -11.64 53.33 6.35
CA ASP H 68 -12.69 54.26 6.01
C ASP H 68 -12.77 54.58 4.52
N SER H 69 -11.77 54.18 3.72
CA SER H 69 -11.83 54.40 2.28
C SER H 69 -12.59 53.31 1.54
N PHE H 70 -13.05 52.27 2.23
CA PHE H 70 -13.83 51.19 1.63
C PHE H 70 -15.32 51.42 1.85
N THR H 71 -16.12 50.92 0.90
CA THR H 71 -17.57 50.94 1.04
C THR H 71 -18.19 49.55 1.00
N SER H 72 -17.42 48.51 0.67
CA SER H 72 -17.92 47.14 0.64
C SER H 72 -16.91 46.23 1.34
N VAL H 73 -17.42 45.13 1.88
CA VAL H 73 -16.58 44.14 2.53
C VAL H 73 -17.20 42.77 2.33
N THR H 74 -16.35 41.75 2.21
CA THR H 74 -16.77 40.35 2.12
C THR H 74 -16.36 39.66 3.42
N VAL H 75 -17.34 39.30 4.23
CA VAL H 75 -17.07 38.69 5.53
C VAL H 75 -16.84 37.21 5.35
N MET H 76 -15.76 36.69 5.95
CA MET H 76 -15.44 35.27 5.89
C MET H 76 -15.75 34.53 7.17
N SER H 77 -15.48 35.12 8.34
CA SER H 77 -15.75 34.41 9.58
C SER H 77 -15.97 35.41 10.71
N VAL H 78 -16.85 35.04 11.65
CA VAL H 78 -17.16 35.83 12.83
C VAL H 78 -16.78 35.02 14.05
N ARG H 79 -16.07 35.65 14.99
CA ARG H 79 -15.77 35.05 16.29
C ARG H 79 -16.08 36.07 17.38
N ALA H 80 -16.57 35.58 18.52
CA ALA H 80 -17.08 36.45 19.57
C ALA H 80 -16.61 35.98 20.94
N TRP H 81 -16.30 36.94 21.79
CA TRP H 81 -15.93 36.69 23.18
C TRP H 81 -16.74 37.61 24.07
N THR H 82 -17.16 37.12 25.24
CA THR H 82 -17.70 38.04 26.24
C THR H 82 -16.60 38.97 26.73
N GLN H 83 -16.94 40.24 26.93
CA GLN H 83 -15.95 41.27 27.20
C GLN H 83 -16.06 41.86 28.62
N LEU H 84 -17.12 41.55 29.36
CA LEU H 84 -17.22 41.93 30.77
C LEU H 84 -17.66 40.71 31.58
N THR H 85 -17.57 40.85 32.91
CA THR H 85 -17.91 39.73 33.78
C THR H 85 -19.40 39.42 33.71
N PRO H 86 -19.80 38.18 33.98
CA PRO H 86 -21.21 37.81 33.91
C PRO H 86 -21.91 38.16 35.21
N PRO H 87 -23.23 38.01 35.28
CA PRO H 87 -23.94 38.28 36.53
C PRO H 87 -23.49 37.34 37.64
N VAL H 88 -23.77 37.76 38.88
CA VAL H 88 -23.43 36.96 40.05
C VAL H 88 -24.11 35.60 39.93
N ASN H 89 -23.33 34.54 40.19
CA ASN H 89 -23.68 33.12 40.19
C ASN H 89 -23.66 32.49 38.80
N GLU H 90 -23.52 33.25 37.72
CA GLU H 90 -23.64 32.69 36.38
C GLU H 90 -22.28 32.55 35.71
N TYR H 91 -22.21 31.60 34.77
CA TYR H 91 -21.10 31.51 33.83
C TYR H 91 -21.45 32.29 32.58
N SER H 92 -20.43 32.88 31.96
CA SER H 92 -20.66 33.68 30.76
C SER H 92 -21.13 32.78 29.60
N PHE H 93 -21.97 33.35 28.74
CA PHE H 93 -22.29 32.69 27.48
C PHE H 93 -22.43 33.75 26.40
N VAL H 94 -22.34 33.29 25.15
CA VAL H 94 -22.54 34.16 23.99
C VAL H 94 -23.12 33.32 22.86
N ARG H 95 -24.08 33.90 22.12
CA ARG H 95 -24.73 33.23 21.00
C ARG H 95 -24.59 34.09 19.76
N LEU H 96 -24.39 33.44 18.61
CA LEU H 96 -24.29 34.12 17.33
C LEU H 96 -25.31 33.52 16.35
N LYS H 97 -26.10 34.38 15.73
CA LYS H 97 -27.08 33.98 14.72
C LYS H 97 -26.72 34.63 13.40
N PRO H 98 -26.29 33.86 12.39
CA PRO H 98 -25.86 34.48 11.13
C PRO H 98 -27.01 35.15 10.40
N LEU H 99 -26.72 36.33 9.84
CA LEU H 99 -27.68 37.10 9.05
C LEU H 99 -27.19 37.24 7.61
N PHE H 100 -28.10 37.12 6.65
CA PHE H 100 -27.75 37.23 5.24
C PHE H 100 -28.85 37.97 4.50
N LYS H 101 -28.44 38.79 3.53
CA LYS H 101 -29.40 39.57 2.74
C LYS H 101 -30.34 38.68 1.93
N THR H 102 -29.90 37.47 1.55
CA THR H 102 -30.76 36.57 0.81
C THR H 102 -31.60 35.68 1.70
N GLY H 103 -31.44 35.76 3.02
CA GLY H 103 -32.23 34.95 3.93
C GLY H 103 -31.52 34.65 5.23
N ASP H 104 -32.15 35.00 6.35
CA ASP H 104 -31.49 34.88 7.65
C ASP H 104 -31.46 33.42 8.11
N SER H 105 -30.37 33.06 8.78
CA SER H 105 -30.27 31.76 9.41
C SER H 105 -31.06 31.73 10.71
N THR H 106 -31.29 30.53 11.21
CA THR H 106 -31.85 30.36 12.55
C THR H 106 -30.93 29.55 13.45
N GLU H 107 -29.66 29.41 13.07
CA GLU H 107 -28.68 28.76 13.94
C GLU H 107 -28.32 29.68 15.09
N GLU H 108 -28.09 29.08 16.25
CA GLU H 108 -27.73 29.81 17.47
C GLU H 108 -26.46 29.19 18.06
N PHE H 109 -25.35 29.33 17.34
CA PHE H 109 -24.07 28.86 17.85
C PHE H 109 -23.77 29.51 19.20
N GLU H 110 -23.49 28.67 20.20
CA GLU H 110 -23.37 29.14 21.57
C GLU H 110 -22.10 28.63 22.22
N GLY H 111 -21.43 29.50 22.94
CA GLY H 111 -20.29 29.12 23.78
C GLY H 111 -20.53 29.54 25.21
N ARG H 112 -20.15 28.68 26.13
CA ARG H 112 -20.27 28.97 27.56
C ARG H 112 -18.91 28.83 28.22
N ALA H 113 -18.66 29.68 29.21
CA ALA H 113 -17.47 29.54 30.02
C ALA H 113 -17.63 28.37 30.98
N SER H 114 -16.52 27.68 31.25
CA SER H 114 -16.50 26.64 32.26
C SER H 114 -15.87 27.11 33.56
N ASN H 115 -15.44 28.36 33.60
CA ASN H 115 -14.91 29.02 34.79
C ASN H 115 -15.54 30.41 34.84
N ILE H 116 -16.12 30.78 35.99
CA ILE H 116 -16.87 32.03 36.04
C ILE H 116 -15.99 33.23 35.71
N ASN H 117 -14.68 33.11 35.92
CA ASN H 117 -13.78 34.24 35.72
C ASN H 117 -13.26 34.35 34.29
N THR H 118 -13.67 33.45 33.39
CA THR H 118 -13.12 33.45 32.04
C THR H 118 -14.20 33.77 31.01
N ARG H 119 -13.73 34.25 29.85
CA ARG H 119 -14.62 34.58 28.76
C ARG H 119 -15.28 33.34 28.18
N ALA H 120 -16.47 33.52 27.63
CA ALA H 120 -17.09 32.54 26.77
C ALA H 120 -16.84 32.94 25.32
N SER H 121 -16.69 31.95 24.45
CA SER H 121 -16.36 32.24 23.06
C SER H 121 -17.05 31.26 22.12
N VAL H 122 -17.27 31.73 20.90
CA VAL H 122 -17.86 30.95 19.82
C VAL H 122 -17.66 31.72 18.53
N GLY H 123 -17.64 31.01 17.40
CA GLY H 123 -17.56 31.65 16.10
C GLY H 123 -18.28 30.81 15.07
N TYR H 124 -18.39 31.37 13.86
CA TYR H 124 -18.91 30.59 12.74
C TYR H 124 -18.21 31.03 11.46
N ARG H 125 -18.11 30.10 10.53
CA ARG H 125 -17.53 30.34 9.23
C ARG H 125 -18.63 30.46 8.18
N ILE H 126 -18.47 31.43 7.27
CA ILE H 126 -19.41 31.64 6.17
C ILE H 126 -18.93 30.84 4.95
N PRO H 127 -19.78 30.02 4.34
CA PRO H 127 -19.33 29.22 3.20
C PRO H 127 -19.09 30.08 1.97
N THR H 128 -18.36 29.51 1.02
CA THR H 128 -17.97 30.24 -0.18
C THR H 128 -19.20 30.75 -0.95
N ASN H 129 -20.23 29.91 -1.06
CA ASN H 129 -21.42 30.29 -1.82
C ASN H 129 -22.20 31.43 -1.18
N LEU H 130 -21.83 31.88 0.01
CA LEU H 130 -22.51 33.01 0.66
C LEU H 130 -21.60 34.20 0.90
N ARG H 131 -20.36 34.16 0.39
CA ARG H 131 -19.43 35.27 0.57
C ARG H 131 -19.62 36.30 -0.54
N GLN H 132 -20.74 37.01 -0.47
CA GLN H 132 -20.92 38.18 -1.31
C GLN H 132 -20.55 39.44 -0.52
N ASN H 133 -20.54 40.56 -1.22
CA ASN H 133 -20.23 41.83 -0.58
C ASN H 133 -21.39 42.27 0.32
N THR H 134 -21.04 43.00 1.38
CA THR H 134 -22.02 43.70 2.19
C THR H 134 -21.63 45.17 2.29
N VAL H 135 -22.61 46.03 2.49
CA VAL H 135 -22.37 47.47 2.63
C VAL H 135 -22.77 47.90 4.02
N ALA H 136 -22.57 49.19 4.33
CA ALA H 136 -22.69 49.65 5.71
C ALA H 136 -24.09 49.40 6.27
N ALA H 137 -25.12 49.53 5.44
CA ALA H 137 -26.49 49.36 5.92
C ALA H 137 -26.83 47.91 6.24
N ASP H 138 -25.96 46.95 5.90
CA ASP H 138 -26.23 45.55 6.14
C ASP H 138 -25.90 45.15 7.58
N ASN H 139 -26.29 43.94 7.94
CA ASN H 139 -26.04 43.38 9.27
C ASN H 139 -25.26 42.08 9.13
N VAL H 140 -24.34 41.85 10.07
CA VAL H 140 -23.52 40.64 10.05
C VAL H 140 -24.23 39.49 10.75
N CYS H 141 -24.66 39.71 11.99
CA CYS H 141 -25.18 38.64 12.83
C CYS H 141 -25.92 39.27 14.00
N GLU H 142 -26.61 38.43 14.76
CA GLU H 142 -27.19 38.82 16.03
C GLU H 142 -26.37 38.24 17.17
N VAL H 143 -26.16 39.03 18.20
CA VAL H 143 -25.41 38.62 19.40
C VAL H 143 -26.37 38.59 20.57
N ARG H 144 -26.31 37.53 21.36
CA ARG H 144 -26.96 37.46 22.66
C ARG H 144 -25.92 37.06 23.71
N SER H 145 -26.07 37.59 24.91
CA SER H 145 -25.12 37.29 25.98
C SER H 145 -25.74 37.70 27.30
N ASN H 146 -25.27 37.05 28.37
CA ASN H 146 -25.58 37.51 29.71
C ASN H 146 -24.57 38.53 30.21
N CYS H 147 -23.56 38.85 29.40
CA CYS H 147 -22.59 39.89 29.70
C CYS H 147 -22.92 41.14 28.90
N ARG H 148 -22.65 42.30 29.50
CA ARG H 148 -23.11 43.56 28.93
C ARG H 148 -22.34 43.99 27.69
N GLN H 149 -21.14 43.46 27.47
CA GLN H 149 -20.38 43.75 26.27
C GLN H 149 -19.86 42.47 25.66
N VAL H 150 -19.75 42.46 24.33
CA VAL H 150 -19.21 41.34 23.59
C VAL H 150 -18.15 41.87 22.65
N ALA H 151 -17.00 41.20 22.61
CA ALA H 151 -15.90 41.56 21.71
C ALA H 151 -15.94 40.64 20.50
N LEU H 152 -16.01 41.23 19.31
CA LEU H 152 -15.98 40.49 18.07
C LEU H 152 -14.60 40.64 17.41
N VAL H 153 -14.23 39.62 16.66
CA VAL H 153 -13.11 39.68 15.73
C VAL H 153 -13.60 39.08 14.42
N ILE H 154 -13.57 39.86 13.35
CA ILE H 154 -14.17 39.48 12.08
C ILE H 154 -13.08 39.39 11.02
N SER H 155 -12.97 38.22 10.39
CA SER H 155 -12.07 38.04 9.25
C SER H 155 -12.84 38.38 7.98
N CYS H 156 -12.30 39.31 7.19
CA CYS H 156 -13.04 39.82 6.04
C CYS H 156 -12.06 40.33 5.00
N CYS H 157 -12.58 40.50 3.78
CA CYS H 157 -11.82 41.04 2.66
C CYS H 157 -12.45 42.38 2.28
N PHE H 158 -11.72 43.46 2.52
CA PHE H 158 -12.16 44.78 2.08
C PHE H 158 -11.88 44.95 0.59
N ASN H 159 -12.83 45.54 -0.12
CA ASN H 159 -12.67 45.75 -1.55
C ASN H 159 -13.56 46.88 -2.03
N ASN I 16 39.77 15.38 36.61
CA ASN I 16 40.26 16.71 36.26
C ASN I 16 41.39 17.14 37.20
N SER I 17 42.04 18.25 36.87
CA SER I 17 43.17 18.72 37.65
C SER I 17 42.72 19.26 39.01
N ASN I 18 43.50 18.97 40.04
CA ASN I 18 43.21 19.42 41.39
C ASN I 18 44.13 20.54 41.86
N VAL I 19 45.09 20.96 41.04
CA VAL I 19 46.03 22.01 41.42
C VAL I 19 46.12 23.05 40.30
N VAL I 20 46.73 24.19 40.64
CA VAL I 20 47.03 25.22 39.65
C VAL I 20 48.05 24.69 38.66
N THR I 21 47.91 25.08 37.40
CA THR I 21 48.84 24.67 36.36
C THR I 21 49.22 25.88 35.52
N MET I 22 50.27 25.72 34.74
CA MET I 22 50.82 26.83 33.98
C MET I 22 50.07 27.01 32.66
N ILE I 23 49.88 28.28 32.29
CA ILE I 23 49.43 28.66 30.96
C ILE I 23 50.62 29.26 30.22
N ARG I 24 50.87 28.79 29.00
CA ARG I 24 51.99 29.30 28.21
C ARG I 24 51.49 30.46 27.34
N ALA I 25 51.21 31.57 28.02
CA ALA I 25 50.75 32.78 27.35
C ALA I 25 51.78 33.26 26.33
N GLY I 26 51.29 34.02 25.34
CA GLY I 26 52.16 34.56 24.32
C GLY I 26 52.15 36.07 24.29
N SER I 27 51.92 36.63 23.09
CA SER I 27 51.86 38.08 22.94
C SER I 27 50.70 38.66 23.75
N TYR I 28 50.79 39.95 24.02
CA TYR I 28 49.71 40.64 24.71
C TYR I 28 48.50 40.73 23.78
N PRO I 29 47.32 40.30 24.22
CA PRO I 29 46.18 40.18 23.32
C PRO I 29 45.49 41.53 23.10
N LYS I 30 44.55 41.53 22.15
CA LYS I 30 43.59 42.60 22.07
C LYS I 30 42.70 42.56 23.30
N VAL I 31 42.46 43.73 23.90
CA VAL I 31 41.68 43.82 25.13
C VAL I 31 40.60 44.88 24.95
N ASN I 32 39.66 44.88 25.90
CA ASN I 32 38.58 45.86 25.94
C ASN I 32 38.02 45.90 27.36
N PRO I 33 38.22 46.99 28.09
CA PRO I 33 37.72 47.06 29.46
C PRO I 33 36.22 47.29 29.58
N THR I 34 35.53 47.69 28.51
CA THR I 34 34.14 48.15 28.59
C THR I 34 33.33 47.54 27.46
N PRO I 35 33.02 46.25 27.54
CA PRO I 35 32.41 45.55 26.41
C PRO I 35 30.91 45.79 26.30
N THR I 36 30.33 45.27 25.21
CA THR I 36 28.90 45.28 25.00
C THR I 36 28.22 44.24 25.92
N TRP I 37 26.90 44.29 25.97
CA TRP I 37 26.17 43.40 26.88
C TRP I 37 24.75 43.23 26.38
N VAL I 38 24.40 41.99 26.03
CA VAL I 38 23.04 41.64 25.61
C VAL I 38 22.23 41.31 26.85
N ARG I 39 21.08 41.96 27.01
CA ARG I 39 20.34 41.92 28.26
C ARG I 39 18.84 41.86 27.99
N ALA I 40 18.11 41.45 29.02
CA ALA I 40 16.64 41.53 29.05
C ALA I 40 16.27 42.26 30.34
N ILE I 41 15.91 43.54 30.21
CA ILE I 41 15.76 44.43 31.36
C ILE I 41 14.32 44.39 31.83
N PRO I 42 14.05 44.07 33.10
CA PRO I 42 12.68 44.17 33.63
C PRO I 42 12.44 45.44 34.42
N PHE I 43 11.42 46.21 34.07
CA PHE I 43 11.04 47.39 34.86
C PHE I 43 9.57 47.70 34.65
N GLU I 44 9.03 48.55 35.53
CA GLU I 44 7.61 48.85 35.56
C GLU I 44 7.38 50.34 35.35
N VAL I 45 6.24 50.66 34.74
CA VAL I 45 5.83 52.04 34.53
C VAL I 45 4.40 52.21 35.01
N SER I 46 4.11 53.40 35.55
CA SER I 46 2.76 53.76 35.98
C SER I 46 2.00 54.39 34.83
N VAL I 47 0.73 54.00 34.70
CA VAL I 47 -0.10 54.41 33.57
C VAL I 47 -1.40 55.00 34.11
N GLN I 48 -1.94 55.98 33.38
CA GLN I 48 -3.26 56.50 33.64
C GLN I 48 -4.27 55.86 32.70
N SER I 49 -5.51 55.78 33.14
CA SER I 49 -6.57 55.23 32.32
C SER I 49 -6.77 56.06 31.06
N GLY I 50 -6.80 55.40 29.90
CA GLY I 50 -7.10 56.04 28.65
C GLY I 50 -6.07 57.03 28.14
N ILE I 51 -4.89 57.08 28.76
CA ILE I 51 -3.84 58.01 28.36
C ILE I 51 -2.59 57.22 28.04
N ALA I 52 -2.01 57.47 26.87
CA ALA I 52 -0.78 56.82 26.47
C ALA I 52 0.39 57.31 27.32
N PHE I 53 1.30 56.40 27.66
CA PHE I 53 2.52 56.71 28.36
C PHE I 53 3.71 56.40 27.46
N LYS I 54 4.57 57.39 27.27
CA LYS I 54 5.78 57.21 26.48
C LYS I 54 6.88 56.67 27.38
N VAL I 55 7.44 55.51 27.04
CA VAL I 55 8.44 54.85 27.86
C VAL I 55 9.80 55.41 27.48
N PRO I 56 10.53 56.07 28.39
CA PRO I 56 11.83 56.65 28.03
C PRO I 56 12.95 55.61 28.07
N VAL I 57 13.81 55.69 27.05
CA VAL I 57 14.99 54.82 26.99
C VAL I 57 15.85 54.97 28.22
N GLY I 58 15.88 56.16 28.81
CA GLY I 58 16.67 56.42 30.01
C GLY I 58 16.39 55.46 31.15
N SER I 59 15.22 54.83 31.12
CA SER I 59 14.87 53.85 32.15
C SER I 59 15.80 52.64 32.11
N LEU I 60 16.44 52.38 30.98
CA LEU I 60 17.28 51.20 30.81
C LEU I 60 18.69 51.41 31.38
N PHE I 61 19.06 52.62 31.76
CA PHE I 61 20.39 52.91 32.31
C PHE I 61 20.24 53.13 33.81
N SER I 62 20.69 52.16 34.60
CA SER I 62 20.56 52.25 36.05
C SER I 62 21.54 51.30 36.71
N ALA I 63 22.01 51.70 37.89
CA ALA I 63 22.84 50.80 38.69
C ALA I 63 22.07 49.56 39.10
N ASN I 64 20.73 49.67 39.19
CA ASN I 64 19.90 48.51 39.53
C ASN I 64 19.97 47.42 38.48
N PHE I 65 20.41 47.73 37.27
CA PHE I 65 20.56 46.76 36.19
C PHE I 65 22.02 46.51 35.84
N ARG I 66 22.97 47.12 36.56
CA ARG I 66 24.39 47.11 36.24
C ARG I 66 24.69 47.82 34.92
N THR I 67 23.85 48.77 34.51
CA THR I 67 24.00 49.38 33.19
C THR I 67 24.27 50.87 33.24
N ASP I 68 24.59 51.44 34.42
CA ASP I 68 24.78 52.88 34.52
C ASP I 68 26.01 53.39 33.77
N SER I 69 26.92 52.50 33.35
CA SER I 69 28.10 52.94 32.61
C SER I 69 27.85 53.07 31.11
N PHE I 70 26.72 52.58 30.61
CA PHE I 70 26.38 52.72 29.20
C PHE I 70 25.62 54.02 28.97
N THR I 71 25.74 54.56 27.75
CA THR I 71 24.98 55.73 27.35
C THR I 71 24.11 55.50 26.12
N SER I 72 24.29 54.38 25.42
CA SER I 72 23.47 54.03 24.27
C SER I 72 23.03 52.58 24.40
N VAL I 73 21.97 52.24 23.68
CA VAL I 73 21.45 50.88 23.71
C VAL I 73 20.68 50.63 22.42
N THR I 74 20.76 49.39 21.92
CA THR I 74 20.05 48.97 20.73
C THR I 74 18.94 48.02 21.15
N VAL I 75 17.69 48.46 21.00
CA VAL I 75 16.55 47.67 21.43
C VAL I 75 16.21 46.65 20.35
N MET I 76 16.02 45.40 20.75
CA MET I 76 15.67 44.32 19.83
C MET I 76 14.21 43.92 19.88
N SER I 77 13.65 43.77 21.08
CA SER I 77 12.24 43.42 21.20
C SER I 77 11.70 43.96 22.52
N VAL I 78 10.40 44.23 22.54
CA VAL I 78 9.72 44.81 23.69
C VAL I 78 8.52 43.94 24.01
N ARG I 79 8.41 43.49 25.25
CA ARG I 79 7.26 42.73 25.73
C ARG I 79 6.71 43.41 26.98
N ALA I 80 5.38 43.37 27.12
CA ALA I 80 4.72 44.09 28.20
C ALA I 80 3.66 43.21 28.84
N TRP I 81 3.52 43.32 30.16
CA TRP I 81 2.48 42.66 30.92
C TRP I 81 1.78 43.68 31.81
N THR I 82 0.49 43.49 32.01
CA THR I 82 -0.20 44.27 33.04
C THR I 82 0.26 43.81 34.41
N GLN I 83 0.43 44.75 35.33
CA GLN I 83 1.08 44.50 36.60
C GLN I 83 0.16 44.63 37.81
N LEU I 84 -0.99 45.27 37.66
CA LEU I 84 -2.00 45.34 38.71
C LEU I 84 -3.33 44.85 38.14
N THR I 85 -4.28 44.59 39.03
CA THR I 85 -5.58 44.09 38.61
C THR I 85 -6.35 45.16 37.84
N PRO I 86 -7.25 44.75 36.93
CA PRO I 86 -8.00 45.72 36.13
C PRO I 86 -9.16 46.30 36.93
N PRO I 87 -9.87 47.27 36.37
CA PRO I 87 -11.10 47.74 37.02
C PRO I 87 -12.09 46.61 37.20
N VAL I 88 -13.03 46.82 38.13
CA VAL I 88 -14.08 45.84 38.36
C VAL I 88 -14.84 45.61 37.06
N ASN I 89 -15.21 44.36 36.82
CA ASN I 89 -15.97 43.84 35.69
C ASN I 89 -15.13 43.68 34.43
N GLU I 90 -13.89 44.15 34.40
CA GLU I 90 -13.10 44.19 33.17
C GLU I 90 -11.99 43.14 33.15
N TYR I 91 -11.61 42.75 31.93
CA TYR I 91 -10.39 41.99 31.71
C TYR I 91 -9.25 42.95 31.40
N SER I 92 -8.05 42.61 31.86
CA SER I 92 -6.88 43.43 31.57
C SER I 92 -6.63 43.49 30.07
N PHE I 93 -6.09 44.62 29.61
CA PHE I 93 -5.56 44.72 28.26
C PHE I 93 -4.35 45.64 28.27
N VAL I 94 -3.49 45.48 27.27
CA VAL I 94 -2.31 46.31 27.13
C VAL I 94 -2.03 46.52 25.65
N ARG I 95 -1.64 47.75 25.29
CA ARG I 95 -1.30 48.09 23.92
C ARG I 95 0.09 48.69 23.88
N LEU I 96 0.80 48.42 22.79
CA LEU I 96 2.11 48.99 22.53
C LEU I 96 2.12 49.67 21.17
N LYS I 97 2.57 50.92 21.13
CA LYS I 97 2.78 51.61 19.87
C LYS I 97 4.27 51.88 19.70
N PRO I 98 4.93 51.26 18.72
CA PRO I 98 6.38 51.47 18.57
C PRO I 98 6.70 52.91 18.17
N LEU I 99 7.80 53.41 18.72
CA LEU I 99 8.29 54.75 18.41
C LEU I 99 9.71 54.66 17.89
N PHE I 100 10.05 55.55 16.95
CA PHE I 100 11.38 55.57 16.35
C PHE I 100 11.75 57.01 16.04
N LYS I 101 13.05 57.31 16.14
CA LYS I 101 13.53 58.65 15.86
C LYS I 101 13.27 59.06 14.41
N THR I 102 13.36 58.12 13.48
CA THR I 102 13.16 58.45 12.07
C THR I 102 11.70 58.46 11.65
N GLY I 103 10.77 58.17 12.55
CA GLY I 103 9.37 58.12 12.20
C GLY I 103 8.58 57.16 13.07
N ASP I 104 7.53 57.66 13.72
CA ASP I 104 6.77 56.84 14.65
C ASP I 104 5.77 55.94 13.93
N SER I 105 5.50 54.79 14.54
CA SER I 105 4.52 53.86 14.01
C SER I 105 3.12 54.25 14.47
N THR I 106 2.13 53.63 13.84
CA THR I 106 0.73 53.77 14.27
C THR I 106 0.10 52.42 14.56
N GLU I 107 0.89 51.34 14.55
CA GLU I 107 0.39 50.05 15.02
C GLU I 107 0.04 50.13 16.50
N GLU I 108 -0.94 49.34 16.90
CA GLU I 108 -1.37 49.27 18.29
C GLU I 108 -1.53 47.79 18.64
N PHE I 109 -0.40 47.09 18.77
CA PHE I 109 -0.41 45.69 19.17
C PHE I 109 -1.08 45.56 20.53
N GLU I 110 -2.08 44.69 20.63
CA GLU I 110 -2.91 44.62 21.82
C GLU I 110 -3.03 43.18 22.30
N GLY I 111 -2.92 43.01 23.61
CA GLY I 111 -3.20 41.74 24.25
C GLY I 111 -4.26 41.93 25.33
N ARG I 112 -5.16 40.95 25.42
CA ARG I 112 -6.19 40.96 26.44
C ARG I 112 -6.18 39.63 27.18
N ALA I 113 -6.53 39.69 28.46
CA ALA I 113 -6.67 38.48 29.25
C ALA I 113 -8.02 37.83 28.97
N SER I 114 -8.06 36.51 29.06
CA SER I 114 -9.31 35.78 28.97
C SER I 114 -9.80 35.29 30.32
N ASN I 115 -9.08 35.61 31.39
CA ASN I 115 -9.47 35.34 32.77
C ASN I 115 -9.17 36.61 33.57
N ILE I 116 -10.16 37.11 34.30
CA ILE I 116 -10.01 38.42 34.95
C ILE I 116 -8.82 38.43 35.89
N ASN I 117 -8.49 37.29 36.49
CA ASN I 117 -7.43 37.24 37.48
C ASN I 117 -6.03 37.12 36.88
N THR I 118 -5.88 37.20 35.56
CA THR I 118 -4.57 36.97 34.94
C THR I 118 -4.12 38.17 34.11
N ARG I 119 -2.81 38.26 33.94
CA ARG I 119 -2.22 39.38 33.21
C ARG I 119 -2.58 39.30 31.73
N ALA I 120 -2.75 40.45 31.11
CA ALA I 120 -2.69 40.57 29.66
C ALA I 120 -1.23 40.79 29.26
N SER I 121 -0.91 40.39 28.03
CA SER I 121 0.47 40.49 27.58
C SER I 121 0.50 40.65 26.07
N VAL I 122 1.57 41.28 25.59
CA VAL I 122 1.79 41.51 24.16
C VAL I 122 3.22 42.01 23.98
N GLY I 123 3.70 41.97 22.75
CA GLY I 123 5.03 42.48 22.47
C GLY I 123 5.24 42.62 20.99
N TYR I 124 6.35 43.25 20.62
CA TYR I 124 6.71 43.38 19.22
C TYR I 124 8.22 43.26 19.04
N ARG I 125 8.62 42.83 17.86
CA ARG I 125 10.02 42.70 17.48
C ARG I 125 10.39 43.85 16.53
N ILE I 126 11.57 44.42 16.75
CA ILE I 126 12.08 45.47 15.87
C ILE I 126 12.96 44.83 14.80
N PRO I 127 12.72 45.13 13.53
CA PRO I 127 13.51 44.50 12.46
C PRO I 127 14.91 45.08 12.39
N THR I 128 15.78 44.34 11.69
CA THR I 128 17.20 44.69 11.63
C THR I 128 17.43 46.11 11.12
N ASN I 129 16.71 46.50 10.08
CA ASN I 129 16.91 47.82 9.47
C ASN I 129 16.53 48.97 10.40
N LEU I 130 15.86 48.71 11.51
CA LEU I 130 15.48 49.77 12.45
C LEU I 130 16.24 49.68 13.76
N ARG I 131 17.23 48.80 13.86
CA ARG I 131 17.99 48.61 15.11
C ARG I 131 19.21 49.53 15.09
N GLN I 132 18.96 50.81 15.32
CA GLN I 132 20.03 51.77 15.56
C GLN I 132 20.09 52.10 17.04
N ASN I 133 21.05 52.94 17.42
CA ASN I 133 21.19 53.23 18.82
C ASN I 133 20.12 54.22 19.27
N THR I 134 19.81 54.17 20.56
CA THR I 134 18.97 55.16 21.22
C THR I 134 19.67 55.61 22.49
N VAL I 135 19.33 56.81 22.94
CA VAL I 135 19.95 57.40 24.11
C VAL I 135 18.85 57.79 25.09
N ALA I 136 19.26 58.15 26.31
CA ALA I 136 18.33 58.37 27.41
C ALA I 136 17.18 59.28 27.03
N ALA I 137 17.43 60.27 26.17
CA ALA I 137 16.39 61.23 25.81
C ALA I 137 15.33 60.64 24.89
N ASP I 138 15.61 59.50 24.25
CA ASP I 138 14.68 58.92 23.30
C ASP I 138 13.57 58.15 24.02
N ASN I 139 12.60 57.68 23.24
CA ASN I 139 11.49 56.88 23.73
C ASN I 139 11.42 55.56 22.97
N VAL I 140 10.97 54.52 23.65
CA VAL I 140 10.82 53.20 23.02
C VAL I 140 9.46 53.04 22.38
N CYS I 141 8.40 53.30 23.14
CA CYS I 141 7.05 52.95 22.73
C CYS I 141 6.04 53.68 23.59
N GLU I 142 4.79 53.69 23.13
CA GLU I 142 3.65 54.14 23.92
C GLU I 142 2.94 52.93 24.51
N VAL I 143 2.48 53.07 25.76
CA VAL I 143 1.77 52.01 26.47
C VAL I 143 0.40 52.53 26.88
N ARG I 144 -0.65 51.77 26.55
CA ARG I 144 -1.99 52.02 27.03
C ARG I 144 -2.52 50.77 27.73
N SER I 145 -3.33 50.97 28.76
CA SER I 145 -3.85 49.85 29.53
C SER I 145 -4.98 50.34 30.42
N ASN I 146 -5.87 49.42 30.79
CA ASN I 146 -6.86 49.70 31.81
C ASN I 146 -6.35 49.36 33.21
N CYS I 147 -5.09 48.96 33.33
CA CYS I 147 -4.46 48.74 34.62
C CYS I 147 -3.49 49.88 34.92
N ARG I 148 -3.25 50.13 36.20
CA ARG I 148 -2.45 51.28 36.60
C ARG I 148 -0.95 51.06 36.50
N GLN I 149 -0.50 49.82 36.36
CA GLN I 149 0.91 49.52 36.16
C GLN I 149 1.08 48.50 35.06
N VAL I 150 2.17 48.65 34.31
CA VAL I 150 2.54 47.72 33.25
C VAL I 150 3.99 47.34 33.46
N ALA I 151 4.27 46.04 33.42
CA ALA I 151 5.62 45.52 33.56
C ALA I 151 6.20 45.26 32.17
N LEU I 152 7.40 45.79 31.92
CA LEU I 152 8.07 45.65 30.65
C LEU I 152 9.31 44.78 30.79
N VAL I 153 9.58 43.97 29.77
CA VAL I 153 10.84 43.27 29.63
C VAL I 153 11.36 43.59 28.24
N ILE I 154 12.54 44.23 28.17
CA ILE I 154 13.08 44.72 26.93
C ILE I 154 14.39 44.00 26.65
N SER I 155 14.46 43.34 25.49
CA SER I 155 15.68 42.68 25.04
C SER I 155 16.50 43.68 24.24
N CYS I 156 17.74 43.92 24.67
CA CYS I 156 18.53 44.97 24.07
C CYS I 156 20.01 44.65 24.19
N CYS I 157 20.80 45.31 23.34
CA CYS I 157 22.25 45.21 23.35
C CYS I 157 22.81 46.53 23.83
N PHE I 158 23.38 46.54 25.03
CA PHE I 158 24.06 47.73 25.53
C PHE I 158 25.42 47.85 24.88
N ASN I 159 25.79 49.07 24.52
CA ASN I 159 27.07 49.31 23.86
C ASN I 159 27.52 50.74 24.08
N ASN J 16 8.42 -16.89 44.28
CA ASN J 16 9.51 -16.43 45.14
C ASN J 16 9.54 -17.25 46.43
N SER J 17 10.55 -16.97 47.26
CA SER J 17 10.72 -17.71 48.50
C SER J 17 9.63 -17.36 49.50
N ASN J 18 9.17 -18.35 50.25
CA ASN J 18 8.16 -18.16 51.27
C ASN J 18 8.69 -18.31 52.69
N VAL J 19 9.94 -18.73 52.85
CA VAL J 19 10.52 -18.97 54.16
C VAL J 19 11.86 -18.28 54.27
N VAL J 20 12.34 -18.14 55.50
CA VAL J 20 13.69 -17.66 55.73
C VAL J 20 14.70 -18.60 55.07
N THR J 21 15.76 -18.03 54.52
CA THR J 21 16.83 -18.81 53.93
C THR J 21 18.17 -18.31 54.44
N MET J 22 19.16 -19.21 54.44
CA MET J 22 20.48 -18.88 54.93
C MET J 22 21.19 -17.90 53.99
N ILE J 23 21.99 -17.02 54.59
CA ILE J 23 22.93 -16.17 53.87
C ILE J 23 24.34 -16.60 54.26
N ARG J 24 25.19 -16.84 53.27
CA ARG J 24 26.55 -17.34 53.53
C ARG J 24 27.50 -16.16 53.68
N ALA J 25 27.38 -15.49 54.82
CA ALA J 25 28.17 -14.31 55.12
C ALA J 25 29.66 -14.65 55.20
N GLY J 26 30.48 -13.62 55.00
CA GLY J 26 31.93 -13.77 55.05
C GLY J 26 32.58 -12.93 56.11
N SER J 27 33.59 -12.14 55.73
CA SER J 27 34.27 -11.28 56.68
C SER J 27 33.35 -10.17 57.15
N TYR J 28 33.64 -9.64 58.33
CA TYR J 28 32.88 -8.51 58.83
C TYR J 28 33.13 -7.32 57.91
N PRO J 29 32.10 -6.68 57.39
CA PRO J 29 32.27 -5.67 56.34
C PRO J 29 32.71 -4.34 56.92
N LYS J 30 32.99 -3.40 56.01
CA LYS J 30 33.09 -2.01 56.42
C LYS J 30 31.69 -1.50 56.74
N VAL J 31 31.56 -0.74 57.83
CA VAL J 31 30.27 -0.25 58.29
C VAL J 31 30.38 1.24 58.57
N ASN J 32 29.22 1.88 58.68
CA ASN J 32 29.14 3.27 59.08
C ASN J 32 27.80 3.52 59.75
N PRO J 33 27.78 3.74 61.07
CA PRO J 33 26.50 3.93 61.76
C PRO J 33 25.83 5.25 61.45
N THR J 34 26.56 6.24 60.93
CA THR J 34 26.05 7.59 60.73
C THR J 34 26.34 8.05 59.31
N PRO J 35 25.59 7.55 58.33
CA PRO J 35 25.86 7.88 56.93
C PRO J 35 25.32 9.25 56.53
N THR J 36 25.65 9.65 55.31
CA THR J 36 25.13 10.87 54.72
C THR J 36 23.70 10.62 54.22
N TRP J 37 23.05 11.70 53.78
CA TRP J 37 21.64 11.61 53.38
C TRP J 37 21.33 12.74 52.41
N VAL J 38 20.88 12.41 51.21
CA VAL J 38 20.43 13.39 50.23
C VAL J 38 18.94 13.64 50.45
N ARG J 39 18.57 14.92 50.57
CA ARG J 39 17.23 15.26 51.02
C ARG J 39 16.71 16.47 50.27
N ALA J 40 15.38 16.60 50.28
CA ALA J 40 14.68 17.82 49.88
C ALA J 40 13.87 18.28 51.09
N ILE J 41 14.28 19.38 51.69
CA ILE J 41 13.76 19.82 52.98
C ILE J 41 12.75 20.94 52.74
N PRO J 42 11.50 20.80 53.20
CA PRO J 42 10.53 21.89 53.05
C PRO J 42 10.29 22.65 54.34
N PHE J 43 10.36 23.98 54.29
CA PHE J 43 10.02 24.79 55.46
C PHE J 43 9.65 26.18 54.97
N GLU J 44 9.05 26.96 55.88
CA GLU J 44 8.53 28.27 55.57
C GLU J 44 9.23 29.32 56.41
N VAL J 45 9.35 30.53 55.87
CA VAL J 45 9.88 31.68 56.59
C VAL J 45 8.89 32.82 56.50
N SER J 46 8.90 33.66 57.53
CA SER J 46 8.10 34.88 57.55
C SER J 46 8.95 36.04 57.06
N VAL J 47 8.40 36.85 56.16
CA VAL J 47 9.10 38.02 55.64
C VAL J 47 8.18 39.22 55.74
N GLN J 48 8.77 40.39 55.95
CA GLN J 48 8.04 41.65 56.03
C GLN J 48 8.17 42.40 54.71
N SER J 49 7.22 43.31 54.47
CA SER J 49 7.23 44.10 53.25
C SER J 49 8.46 44.98 53.19
N GLY J 50 9.19 44.90 52.08
CA GLY J 50 10.33 45.77 51.83
C GLY J 50 11.57 45.46 52.62
N ILE J 51 11.65 44.32 53.28
CA ILE J 51 12.83 43.93 54.06
C ILE J 51 13.26 42.54 53.62
N ALA J 52 14.53 42.41 53.28
CA ALA J 52 15.08 41.10 52.94
C ALA J 52 15.30 40.27 54.20
N PHE J 53 15.00 38.98 54.11
CA PHE J 53 15.17 38.04 55.22
C PHE J 53 16.26 37.05 54.86
N LYS J 54 17.30 36.98 55.68
CA LYS J 54 18.37 36.01 55.49
C LYS J 54 17.93 34.66 56.02
N VAL J 55 17.97 33.64 55.18
CA VAL J 55 17.56 32.29 55.58
C VAL J 55 18.74 31.59 56.24
N PRO J 56 18.62 31.17 57.50
CA PRO J 56 19.74 30.54 58.18
C PRO J 56 19.83 29.06 57.89
N VAL J 57 21.07 28.57 57.71
CA VAL J 57 21.30 27.15 57.48
C VAL J 57 20.78 26.31 58.63
N GLY J 58 20.81 26.85 59.85
CA GLY J 58 20.31 26.15 61.02
C GLY J 58 18.88 25.67 60.90
N SER J 59 18.10 26.27 59.99
CA SER J 59 16.74 25.81 59.77
C SER J 59 16.69 24.36 59.30
N LEU J 60 17.78 23.86 58.73
CA LEU J 60 17.80 22.53 58.12
C LEU J 60 18.06 21.42 59.12
N PHE J 61 18.53 21.74 60.34
CA PHE J 61 18.82 20.75 61.36
C PHE J 61 17.67 20.76 62.36
N SER J 62 16.80 19.74 62.27
CA SER J 62 15.64 19.70 63.15
C SER J 62 15.11 18.27 63.21
N ALA J 63 14.60 17.89 64.38
CA ALA J 63 13.96 16.59 64.51
C ALA J 63 12.77 16.44 63.55
N ASN J 64 12.13 17.56 63.20
CA ASN J 64 10.99 17.52 62.28
C ASN J 64 11.38 17.04 60.89
N PHE J 65 12.67 17.06 60.56
CA PHE J 65 13.16 16.55 59.28
C PHE J 65 14.01 15.30 59.45
N ARG J 66 14.09 14.76 60.66
CA ARG J 66 14.97 13.64 60.99
C ARG J 66 16.45 13.99 60.81
N THR J 67 16.82 15.26 60.95
CA THR J 67 18.19 15.68 60.65
C THR J 67 18.88 16.36 61.82
N ASP J 68 18.36 16.20 63.04
CA ASP J 68 18.97 16.86 64.20
C ASP J 68 20.33 16.27 64.58
N SER J 69 20.72 15.13 64.01
CA SER J 69 22.01 14.52 64.31
C SER J 69 23.13 15.04 63.43
N PHE J 70 22.81 15.84 62.41
CA PHE J 70 23.82 16.43 61.55
C PHE J 70 24.20 17.82 62.06
N THR J 71 25.44 18.22 61.77
CA THR J 71 25.91 19.56 62.06
C THR J 71 26.43 20.29 60.83
N SER J 72 26.50 19.61 59.67
CA SER J 72 26.91 20.23 58.42
C SER J 72 26.00 19.75 57.31
N VAL J 73 25.90 20.57 56.25
CA VAL J 73 25.08 20.23 55.10
C VAL J 73 25.67 20.92 53.88
N THR J 74 25.59 20.25 52.72
CA THR J 74 26.00 20.81 51.44
C THR J 74 24.74 21.11 50.64
N VAL J 75 24.49 22.40 50.40
CA VAL J 75 23.30 22.84 49.68
C VAL J 75 23.56 22.76 48.18
N MET J 76 22.62 22.17 47.44
CA MET J 76 22.75 22.03 46.00
C MET J 76 21.86 22.99 45.22
N SER J 77 20.59 23.09 45.58
CA SER J 77 19.69 24.04 44.91
C SER J 77 18.70 24.57 45.93
N VAL J 78 18.10 25.70 45.58
CA VAL J 78 17.14 26.40 46.43
C VAL J 78 15.95 26.80 45.56
N ARG J 79 14.75 26.48 46.01
CA ARG J 79 13.53 26.86 45.33
C ARG J 79 12.56 27.47 46.32
N ALA J 80 11.89 28.56 45.91
CA ALA J 80 11.02 29.30 46.80
C ALA J 80 9.67 29.53 46.15
N TRP J 81 8.61 29.44 46.96
CA TRP J 81 7.25 29.73 46.56
C TRP J 81 6.65 30.70 47.55
N THR J 82 5.77 31.59 47.06
CA THR J 82 4.97 32.39 47.98
C THR J 82 3.96 31.49 48.67
N GLN J 83 3.77 31.73 49.97
CA GLN J 83 2.99 30.84 50.82
C GLN J 83 1.67 31.45 51.28
N LEU J 84 1.50 32.77 51.16
CA LEU J 84 0.24 33.44 51.46
C LEU J 84 -0.13 34.33 50.29
N THR J 85 -1.37 34.83 50.31
CA THR J 85 -1.85 35.67 49.24
C THR J 85 -1.15 37.03 49.25
N PRO J 86 -1.03 37.69 48.10
CA PRO J 86 -0.37 38.98 48.04
C PRO J 86 -1.33 40.09 48.45
N PRO J 87 -0.86 41.33 48.58
CA PRO J 87 -1.77 42.44 48.86
C PRO J 87 -2.80 42.62 47.76
N VAL J 88 -3.88 43.33 48.09
CA VAL J 88 -4.92 43.59 47.12
C VAL J 88 -4.35 44.33 45.93
N ASN J 89 -4.81 43.95 44.73
CA ASN J 89 -4.46 44.48 43.41
C ASN J 89 -3.14 43.95 42.87
N GLU J 90 -2.33 43.26 43.66
CA GLU J 90 -0.99 42.88 43.23
C GLU J 90 -0.93 41.41 42.84
N TYR J 91 0.07 41.09 42.02
CA TYR J 91 0.46 39.71 41.80
C TYR J 91 1.61 39.37 42.74
N SER J 92 1.69 38.11 43.14
CA SER J 92 2.77 37.67 44.01
C SER J 92 4.10 37.72 43.28
N PHE J 93 5.17 38.00 44.04
CA PHE J 93 6.52 37.82 43.54
C PHE J 93 7.40 37.33 44.68
N VAL J 94 8.56 36.78 44.31
CA VAL J 94 9.55 36.36 45.28
C VAL J 94 10.92 36.51 44.63
N ARG J 95 11.90 36.95 45.43
CA ARG J 95 13.27 37.14 44.98
C ARG J 95 14.23 36.37 45.86
N LEU J 96 15.21 35.73 45.23
CA LEU J 96 16.27 35.03 45.93
C LEU J 96 17.62 35.65 45.58
N LYS J 97 18.42 35.95 46.60
CA LYS J 97 19.79 36.42 46.42
C LYS J 97 20.74 35.46 47.11
N PRO J 98 21.61 34.76 46.37
CA PRO J 98 22.45 33.74 47.00
C PRO J 98 23.51 34.34 47.90
N LEU J 99 23.80 33.64 49.00
CA LEU J 99 24.83 34.05 49.96
C LEU J 99 25.89 32.97 50.07
N PHE J 100 27.15 33.37 50.22
CA PHE J 100 28.25 32.43 50.38
C PHE J 100 29.26 32.98 51.37
N LYS J 101 29.85 32.07 52.16
CA LYS J 101 30.85 32.46 53.14
C LYS J 101 32.05 33.15 52.48
N THR J 102 32.45 32.69 51.30
CA THR J 102 33.59 33.29 50.62
C THR J 102 33.24 34.55 49.84
N GLY J 103 31.98 35.00 49.88
CA GLY J 103 31.58 36.19 49.16
C GLY J 103 30.17 36.11 48.65
N ASP J 104 29.33 37.07 49.02
CA ASP J 104 27.92 37.06 48.65
C ASP J 104 27.73 37.47 47.20
N SER J 105 26.63 37.00 46.62
CA SER J 105 26.23 37.37 45.27
C SER J 105 25.35 38.61 45.30
N THR J 106 25.19 39.23 44.13
CA THR J 106 24.25 40.33 43.97
C THR J 106 23.18 40.01 42.94
N GLU J 107 23.06 38.76 42.52
CA GLU J 107 21.95 38.34 41.69
C GLU J 107 20.65 38.38 42.48
N GLU J 108 19.55 38.73 41.79
CA GLU J 108 18.23 38.80 42.39
C GLU J 108 17.26 38.01 41.51
N PHE J 109 17.38 36.68 41.55
CA PHE J 109 16.50 35.81 40.78
C PHE J 109 15.07 35.99 41.25
N GLU J 110 14.17 36.31 40.31
CA GLU J 110 12.82 36.73 40.64
C GLU J 110 11.80 35.98 39.81
N GLY J 111 10.75 35.51 40.45
CA GLY J 111 9.59 34.97 39.77
C GLY J 111 8.36 35.77 40.16
N ARG J 112 7.45 35.95 39.20
CA ARG J 112 6.19 36.62 39.45
C ARG J 112 5.06 35.71 39.00
N ALA J 113 3.89 35.92 39.60
CA ALA J 113 2.70 35.19 39.23
C ALA J 113 1.98 35.91 38.10
N SER J 114 1.29 35.13 37.27
CA SER J 114 0.46 35.69 36.21
C SER J 114 -1.03 35.55 36.50
N ASN J 115 -1.38 34.93 37.63
CA ASN J 115 -2.74 34.88 38.14
C ASN J 115 -2.67 35.32 39.59
N ILE J 116 -3.55 36.24 39.99
CA ILE J 116 -3.45 36.78 41.35
C ILE J 116 -3.64 35.69 42.39
N ASN J 117 -4.28 34.59 42.02
CA ASN J 117 -4.60 33.51 42.94
C ASN J 117 -3.53 32.44 43.01
N THR J 118 -2.47 32.53 42.20
CA THR J 118 -1.47 31.47 42.15
C THR J 118 -0.15 31.93 42.78
N ARG J 119 0.67 30.94 43.12
CA ARG J 119 1.95 31.20 43.76
C ARG J 119 2.96 31.69 42.75
N ALA J 120 3.84 32.59 43.20
CA ALA J 120 5.04 32.93 42.47
C ALA J 120 6.16 32.00 42.92
N SER J 121 7.04 31.64 42.00
CA SER J 121 8.12 30.73 42.34
C SER J 121 9.36 31.05 41.52
N VAL J 122 10.51 30.69 42.09
CA VAL J 122 11.80 30.84 41.42
C VAL J 122 12.78 29.96 42.18
N GLY J 123 13.93 29.71 41.56
CA GLY J 123 14.97 28.96 42.24
C GLY J 123 16.31 29.22 41.58
N TYR J 124 17.36 28.73 42.22
CA TYR J 124 18.69 28.82 41.63
C TYR J 124 19.50 27.59 42.02
N ARG J 125 20.52 27.31 41.22
CA ARG J 125 21.37 26.15 41.40
C ARG J 125 22.76 26.59 41.81
N ILE J 126 23.31 25.95 42.84
CA ILE J 126 24.67 26.24 43.30
C ILE J 126 25.65 25.38 42.52
N PRO J 127 26.68 25.96 41.92
CA PRO J 127 27.61 25.17 41.11
C PRO J 127 28.55 24.34 41.98
N THR J 128 29.11 23.31 41.35
CA THR J 128 29.99 22.36 42.05
C THR J 128 31.11 23.08 42.79
N ASN J 129 31.75 24.04 42.13
CA ASN J 129 32.89 24.72 42.74
C ASN J 129 32.51 25.49 43.99
N LEU J 130 31.22 25.73 44.24
CA LEU J 130 30.77 26.44 45.43
C LEU J 130 30.03 25.54 46.41
N ARG J 131 30.05 24.22 46.20
CA ARG J 131 29.35 23.30 47.08
C ARG J 131 30.27 22.84 48.21
N GLN J 132 30.52 23.75 49.13
CA GLN J 132 31.21 23.40 50.37
C GLN J 132 30.18 23.29 51.50
N ASN J 133 30.66 22.87 52.67
CA ASN J 133 29.77 22.66 53.80
C ASN J 133 29.37 24.00 54.42
N THR J 134 28.18 24.01 55.02
CA THR J 134 27.71 25.12 55.81
C THR J 134 27.18 24.60 57.14
N VAL J 135 27.25 25.45 58.16
CA VAL J 135 26.81 25.07 59.50
C VAL J 135 25.67 25.99 59.93
N ALA J 136 25.11 25.73 61.11
CA ALA J 136 23.88 26.39 61.53
C ALA J 136 24.00 27.91 61.55
N ALA J 137 25.20 28.43 61.79
CA ALA J 137 25.36 29.88 61.88
C ALA J 137 25.45 30.56 60.52
N ASP J 138 25.66 29.82 59.44
CA ASP J 138 25.73 30.39 58.11
C ASP J 138 24.32 30.69 57.58
N ASN J 139 24.27 31.41 56.46
CA ASN J 139 23.02 31.76 55.81
C ASN J 139 22.98 31.19 54.40
N VAL J 140 21.78 30.80 53.97
CA VAL J 140 21.61 30.24 52.64
C VAL J 140 21.44 31.35 51.61
N CYS J 141 20.49 32.26 51.85
CA CYS J 141 20.12 33.26 50.86
C CYS J 141 19.24 34.32 51.52
N GLU J 142 19.01 35.40 50.79
CA GLU J 142 18.06 36.42 51.17
C GLU J 142 16.78 36.26 50.37
N VAL J 143 15.64 36.38 51.05
CA VAL J 143 14.32 36.30 50.42
C VAL J 143 13.67 37.67 50.48
N ARG J 144 13.08 38.10 49.36
CA ARG J 144 12.20 39.26 49.31
C ARG J 144 10.90 38.85 48.65
N SER J 145 9.80 39.39 49.12
CA SER J 145 8.48 39.05 48.61
C SER J 145 7.49 40.09 49.08
N ASN J 146 6.39 40.22 48.34
CA ASN J 146 5.26 41.01 48.79
C ASN J 146 4.24 40.18 49.57
N CYS J 147 4.50 38.88 49.76
CA CYS J 147 3.67 38.00 50.56
C CYS J 147 4.35 37.75 51.90
N ARG J 148 3.54 37.58 52.95
CA ARG J 148 4.08 37.54 54.30
C ARG J 148 4.72 36.21 54.68
N GLN J 149 4.63 35.19 53.84
CA GLN J 149 5.33 33.94 54.07
C GLN J 149 5.85 33.39 52.76
N VAL J 150 7.02 32.77 52.80
CA VAL J 150 7.62 32.10 51.66
C VAL J 150 7.93 30.66 52.03
N ALA J 151 7.59 29.73 51.14
CA ALA J 151 7.90 28.33 51.32
C ALA J 151 9.15 27.97 50.52
N LEU J 152 10.12 27.35 51.19
CA LEU J 152 11.36 26.94 50.55
C LEU J 152 11.47 25.43 50.53
N VAL J 153 11.99 24.89 49.43
CA VAL J 153 12.41 23.50 49.34
C VAL J 153 13.87 23.51 48.93
N ILE J 154 14.74 23.04 49.82
CA ILE J 154 16.18 23.05 49.60
C ILE J 154 16.64 21.63 49.37
N SER J 155 17.33 21.40 48.25
CA SER J 155 17.96 20.12 47.96
C SER J 155 19.39 20.16 48.49
N CYS J 156 19.75 19.19 49.34
CA CYS J 156 21.02 19.28 50.04
C CYS J 156 21.51 17.90 50.45
N CYS J 157 22.81 17.84 50.76
CA CYS J 157 23.48 16.63 51.21
C CYS J 157 23.89 16.80 52.67
N PHE J 158 23.20 16.10 53.56
CA PHE J 158 23.56 16.12 54.97
C PHE J 158 24.73 15.20 55.22
N ASN J 159 25.75 15.70 55.91
CA ASN J 159 26.91 14.88 56.23
C ASN J 159 27.51 15.27 57.57
N ASN K 16 32.01 22.78 33.04
CA ASN K 16 30.74 22.94 33.76
C ASN K 16 30.56 24.39 34.19
N SER K 17 29.37 24.72 34.70
CA SER K 17 29.08 26.07 35.16
C SER K 17 29.92 26.41 36.39
N ASN K 18 30.29 27.68 36.50
CA ASN K 18 31.06 28.18 37.62
C ASN K 18 30.32 29.20 38.46
N VAL K 19 29.06 29.51 38.11
CA VAL K 19 28.27 30.52 38.81
C VAL K 19 26.88 29.96 39.07
N VAL K 20 26.15 30.65 39.95
CA VAL K 20 24.77 30.27 40.24
C VAL K 20 23.90 30.59 39.04
N THR K 21 22.97 29.70 38.73
CA THR K 21 22.08 29.86 37.58
C THR K 21 20.65 29.68 38.02
N MET K 22 19.74 30.30 37.27
CA MET K 22 18.33 30.26 37.61
C MET K 22 17.74 28.89 37.34
N ILE K 23 16.87 28.45 38.24
CA ILE K 23 15.96 27.33 38.01
C ILE K 23 14.58 27.89 37.70
N ARG K 24 13.94 27.37 36.67
CA ARG K 24 12.58 27.80 36.35
C ARG K 24 11.60 26.86 37.03
N ALA K 25 11.42 27.10 38.33
CA ALA K 25 10.54 26.30 39.15
C ALA K 25 9.08 26.53 38.77
N GLY K 26 8.25 25.53 39.05
CA GLY K 26 6.85 25.61 38.69
C GLY K 26 5.91 25.57 39.87
N SER K 27 4.96 24.65 39.86
CA SER K 27 4.03 24.52 40.96
C SER K 27 4.72 23.94 42.19
N TYR K 28 4.09 24.12 43.33
CA TYR K 28 4.64 23.56 44.56
C TYR K 28 4.58 22.05 44.52
N PRO K 29 5.67 21.34 44.76
CA PRO K 29 5.70 19.89 44.57
C PRO K 29 5.09 19.15 45.76
N LYS K 30 4.91 17.85 45.57
CA LYS K 30 4.63 16.97 46.69
C LYS K 30 5.87 16.85 47.55
N VAL K 31 5.70 17.00 48.86
CA VAL K 31 6.82 17.02 49.78
C VAL K 31 6.55 16.06 50.93
N ASN K 32 7.63 15.70 51.62
CA ASN K 32 7.57 14.83 52.79
C ASN K 32 8.77 15.14 53.69
N PRO K 33 8.56 15.76 54.85
CA PRO K 33 9.70 16.13 55.70
C PRO K 33 10.32 14.96 56.45
N THR K 34 9.70 13.78 56.44
CA THR K 34 10.15 12.64 57.25
C THR K 34 10.13 11.38 56.40
N PRO K 35 11.08 11.23 55.49
CA PRO K 35 11.04 10.12 54.54
C PRO K 35 11.50 8.82 55.18
N THR K 36 11.39 7.75 54.39
CA THR K 36 11.92 6.45 54.76
C THR K 36 13.43 6.41 54.51
N TRP K 37 14.07 5.38 55.06
CA TRP K 37 15.53 5.27 54.97
C TRP K 37 15.91 3.80 54.99
N VAL K 38 16.56 3.34 53.92
CA VAL K 38 17.11 2.00 53.86
C VAL K 38 18.50 2.01 54.49
N ARG K 39 18.75 1.07 55.40
CA ARG K 39 19.94 1.17 56.25
C ARG K 39 20.53 -0.21 56.53
N ALA K 40 21.82 -0.20 56.86
CA ALA K 40 22.54 -1.35 57.40
C ALA K 40 23.09 -0.93 58.76
N ILE K 41 22.45 -1.38 59.83
CA ILE K 41 22.72 -0.90 61.18
C ILE K 41 23.72 -1.85 61.84
N PRO K 42 24.86 -1.35 62.32
CA PRO K 42 25.81 -2.22 63.04
C PRO K 42 25.74 -2.02 64.55
N PHE K 43 25.58 -3.10 65.30
CA PHE K 43 25.60 -3.00 66.76
C PHE K 43 25.92 -4.37 67.35
N GLU K 44 26.33 -4.36 68.61
CA GLU K 44 26.80 -5.55 69.30
C GLU K 44 25.89 -5.87 70.48
N VAL K 45 25.77 -7.16 70.79
CA VAL K 45 25.03 -7.62 71.96
C VAL K 45 25.93 -8.55 72.76
N SER K 46 25.69 -8.64 74.06
CA SER K 46 26.43 -9.50 74.94
C SER K 46 25.68 -10.82 75.13
N VAL K 47 26.43 -11.92 75.05
CA VAL K 47 25.85 -13.26 75.12
C VAL K 47 26.52 -14.02 76.26
N GLN K 48 25.74 -14.86 76.94
CA GLN K 48 26.25 -15.78 77.92
C GLN K 48 26.26 -17.19 77.34
N SER K 49 27.26 -17.98 77.72
CA SER K 49 27.36 -19.33 77.22
C SER K 49 26.16 -20.16 77.65
N GLY K 50 25.66 -20.98 76.72
CA GLY K 50 24.55 -21.86 76.99
C GLY K 50 23.18 -21.20 77.02
N ILE K 51 23.11 -19.87 76.94
CA ILE K 51 21.85 -19.13 77.05
C ILE K 51 21.64 -18.35 75.76
N ALA K 52 20.46 -18.53 75.16
CA ALA K 52 20.08 -17.73 74.01
C ALA K 52 19.77 -16.30 74.44
N PHE K 53 20.13 -15.34 73.61
CA PHE K 53 19.81 -13.94 73.83
C PHE K 53 18.81 -13.48 72.78
N LYS K 54 17.73 -12.86 73.22
CA LYS K 54 16.71 -12.33 72.32
C LYS K 54 17.07 -10.90 71.94
N VAL K 55 17.35 -10.68 70.66
CA VAL K 55 17.76 -9.35 70.20
C VAL K 55 16.53 -8.46 70.07
N PRO K 56 16.46 -7.35 70.81
CA PRO K 56 15.29 -6.47 70.73
C PRO K 56 15.38 -5.52 69.54
N VAL K 57 14.23 -5.34 68.88
CA VAL K 57 14.13 -4.43 67.74
C VAL K 57 14.51 -3.01 68.14
N GLY K 58 14.21 -2.62 69.39
CA GLY K 58 14.49 -1.27 69.85
C GLY K 58 15.94 -0.88 69.77
N SER K 59 16.86 -1.85 69.65
CA SER K 59 18.27 -1.53 69.47
C SER K 59 18.48 -0.70 68.20
N LEU K 60 17.60 -0.83 67.22
CA LEU K 60 17.77 -0.16 65.95
C LEU K 60 17.37 1.32 65.99
N PHE K 61 16.65 1.76 67.02
CA PHE K 61 16.24 3.16 67.15
C PHE K 61 17.16 3.85 68.15
N SER K 62 18.05 4.69 67.65
CA SER K 62 19.05 5.34 68.49
C SER K 62 19.61 6.55 67.76
N ALA K 63 19.92 7.60 68.52
CA ALA K 63 20.58 8.76 67.93
C ALA K 63 21.96 8.42 67.40
N ASN K 64 22.55 7.30 67.86
CA ASN K 64 23.82 6.82 67.34
C ASN K 64 23.72 6.33 65.91
N PHE K 65 22.51 6.07 65.41
CA PHE K 65 22.30 5.63 64.03
C PHE K 65 21.51 6.65 63.24
N ARG K 66 21.22 7.82 63.83
CA ARG K 66 20.37 8.84 63.23
C ARG K 66 18.94 8.34 63.02
N THR K 67 18.49 7.38 63.83
CA THR K 67 17.18 6.77 63.63
C THR K 67 16.25 6.93 64.81
N ASP K 68 16.56 7.81 65.77
CA ASP K 68 15.73 7.95 66.96
C ASP K 68 14.36 8.55 66.66
N SER K 69 14.13 9.05 65.45
CA SER K 69 12.83 9.61 65.08
C SER K 69 11.92 8.59 64.41
N PHE K 70 12.35 7.35 64.28
CA PHE K 70 11.49 6.29 63.75
C PHE K 70 10.93 5.47 64.90
N THR K 71 9.72 4.96 64.69
CA THR K 71 9.08 4.06 65.64
C THR K 71 8.84 2.68 65.08
N SER K 72 9.09 2.47 63.78
CA SER K 72 8.88 1.18 63.14
C SER K 72 10.01 0.92 62.17
N VAL K 73 10.15 -0.34 61.77
CA VAL K 73 11.22 -0.75 60.88
C VAL K 73 10.83 -2.09 60.25
N THR K 74 11.11 -2.23 58.96
CA THR K 74 10.90 -3.47 58.23
C THR K 74 12.26 -4.12 58.04
N VAL K 75 12.49 -5.23 58.73
CA VAL K 75 13.77 -5.92 58.71
C VAL K 75 13.82 -6.84 57.50
N MET K 76 14.91 -6.74 56.72
CA MET K 76 15.06 -7.55 55.51
C MET K 76 16.02 -8.72 55.69
N SER K 77 17.20 -8.49 56.27
CA SER K 77 18.14 -9.57 56.47
C SER K 77 19.00 -9.27 57.69
N VAL K 78 19.52 -10.34 58.29
CA VAL K 78 20.26 -10.30 59.55
C VAL K 78 21.54 -11.10 59.39
N ARG K 79 22.68 -10.48 59.68
CA ARG K 79 23.97 -11.15 59.67
CA ARG K 79 23.97 -11.16 59.67
C ARG K 79 24.65 -10.96 61.01
N ALA K 80 25.45 -11.95 61.41
CA ALA K 80 26.06 -11.93 62.73
C ALA K 80 27.49 -12.47 62.68
N TRP K 81 28.39 -11.76 63.33
CA TRP K 81 29.77 -12.20 63.52
C TRP K 81 30.08 -12.27 65.01
N THR K 82 30.88 -13.25 65.40
CA THR K 82 31.40 -13.25 66.76
C THR K 82 32.36 -12.08 66.93
N GLN K 83 32.34 -11.45 68.10
CA GLN K 83 33.02 -10.18 68.32
C GLN K 83 34.18 -10.28 69.31
N LEU K 84 34.28 -11.35 70.09
CA LEU K 84 35.43 -11.60 70.95
C LEU K 84 35.98 -12.98 70.67
N THR K 85 37.12 -13.30 71.27
CA THR K 85 37.74 -14.59 71.04
C THR K 85 36.96 -15.71 71.73
N PRO K 86 37.02 -16.92 71.21
CA PRO K 86 36.28 -18.04 71.82
C PRO K 86 37.01 -18.57 73.04
N PRO K 87 36.41 -19.49 73.79
CA PRO K 87 37.15 -20.16 74.85
C PRO K 87 38.36 -20.89 74.29
N VAL K 88 39.35 -21.11 75.17
CA VAL K 88 40.55 -21.83 74.77
C VAL K 88 40.15 -23.21 74.23
N ASN K 89 40.91 -23.68 73.25
CA ASN K 89 40.77 -24.95 72.54
C ASN K 89 39.63 -24.94 71.52
N GLU K 90 38.76 -23.95 71.50
CA GLU K 90 37.56 -24.00 70.68
C GLU K 90 37.65 -23.04 69.50
N TYR K 91 36.90 -23.37 68.45
CA TYR K 91 36.64 -22.45 67.35
C TYR K 91 35.33 -21.70 67.63
N SER K 92 35.28 -20.46 67.18
CA SER K 92 34.07 -19.66 67.37
C SER K 92 32.90 -20.27 66.60
N PHE K 93 31.70 -20.06 67.12
CA PHE K 93 30.48 -20.35 66.39
C PHE K 93 29.39 -19.37 66.81
N VAL K 94 28.45 -19.14 65.90
CA VAL K 94 27.29 -18.28 66.18
C VAL K 94 26.06 -18.90 65.53
N ARG K 95 24.94 -18.87 66.23
CA ARG K 95 23.67 -19.42 65.75
C ARG K 95 22.60 -18.34 65.77
N LEU K 96 21.76 -18.35 64.74
CA LEU K 96 20.65 -17.41 64.64
C LEU K 96 19.34 -18.19 64.51
N LYS K 97 18.37 -17.84 65.35
CA LYS K 97 17.01 -18.37 65.24
C LYS K 97 16.04 -17.24 64.95
N PRO K 98 15.41 -17.20 63.78
CA PRO K 98 14.49 -16.10 63.47
C PRO K 98 13.26 -16.13 64.35
N LEU K 99 12.79 -14.94 64.75
CA LEU K 99 11.58 -14.76 65.52
C LEU K 99 10.61 -13.88 64.75
N PHE K 100 9.31 -14.16 64.91
CA PHE K 100 8.28 -13.40 64.22
C PHE K 100 7.05 -13.28 65.11
N LYS K 101 6.38 -12.14 65.02
CA LYS K 101 5.18 -11.91 65.82
C LYS K 101 4.07 -12.92 65.50
N THR K 102 3.94 -13.30 64.23
CA THR K 102 2.92 -14.26 63.84
C THR K 102 3.35 -15.70 64.02
N GLY K 103 4.54 -15.96 64.56
CA GLY K 103 4.98 -17.32 64.82
C GLY K 103 6.47 -17.48 64.69
N ASP K 104 7.11 -18.01 65.73
CA ASP K 104 8.56 -18.12 65.74
C ASP K 104 9.05 -19.31 64.92
N SER K 105 10.20 -19.13 64.28
CA SER K 105 10.88 -20.22 63.57
C SER K 105 11.61 -21.13 64.55
N THR K 106 12.00 -22.29 64.05
CA THR K 106 12.86 -23.19 64.81
C THR K 106 14.10 -23.57 64.00
N GLU K 107 14.40 -22.82 62.94
CA GLU K 107 15.69 -22.95 62.29
C GLU K 107 16.78 -22.45 63.21
N GLU K 108 17.98 -23.00 63.05
CA GLU K 108 19.14 -22.58 63.83
C GLU K 108 20.32 -22.47 62.85
N PHE K 109 20.26 -21.44 61.99
CA PHE K 109 21.36 -21.19 61.07
C PHE K 109 22.64 -20.94 61.84
N GLU K 110 23.67 -21.73 61.53
CA GLU K 110 24.90 -21.72 62.31
C GLU K 110 26.11 -21.60 61.41
N GLY K 111 27.03 -20.72 61.81
CA GLY K 111 28.33 -20.62 61.16
C GLY K 111 29.42 -20.88 62.18
N ARG K 112 30.52 -21.48 61.70
CA ARG K 112 31.67 -21.77 62.55
C ARG K 112 32.93 -21.27 61.86
N ALA K 113 33.93 -20.95 62.68
CA ALA K 113 35.23 -20.59 62.16
C ALA K 113 36.04 -21.85 61.90
N SER K 114 36.91 -21.77 60.89
CA SER K 114 37.86 -22.84 60.62
C SER K 114 39.27 -22.46 61.03
N ASN K 115 39.45 -21.25 61.57
CA ASN K 115 40.69 -20.81 62.20
C ASN K 115 40.31 -20.20 63.54
N ILE K 116 40.97 -20.63 64.62
CA ILE K 116 40.55 -20.21 65.96
C ILE K 116 40.65 -18.70 66.11
N ASN K 117 41.52 -18.04 65.34
CA ASN K 117 41.74 -16.62 65.48
C ASN K 117 40.77 -15.78 64.64
N THR K 118 39.87 -16.40 63.88
CA THR K 118 38.97 -15.66 63.01
C THR K 118 37.53 -15.77 63.48
N ARG K 119 36.72 -14.81 63.04
CA ARG K 119 35.32 -14.76 63.44
C ARG K 119 34.53 -15.86 62.76
N ALA K 120 33.47 -16.31 63.43
CA ALA K 120 32.41 -17.08 62.80
C ALA K 120 31.31 -16.14 62.34
N SER K 121 30.64 -16.51 61.25
CA SER K 121 29.61 -15.66 60.70
C SER K 121 28.48 -16.51 60.12
N VAL K 122 27.28 -15.95 60.14
CA VAL K 122 26.12 -16.55 59.49
C VAL K 122 25.06 -15.46 59.38
N GLY K 123 24.11 -15.66 58.48
CA GLY K 123 23.02 -14.72 58.34
C GLY K 123 21.82 -15.41 57.73
N TYR K 124 20.69 -14.69 57.73
CA TYR K 124 19.50 -15.19 57.08
C TYR K 124 18.73 -14.03 56.46
N ARG K 125 17.93 -14.36 55.45
CA ARG K 125 17.09 -13.41 54.75
C ARG K 125 15.63 -13.65 55.11
N ILE K 126 14.88 -12.57 55.26
CA ILE K 126 13.46 -12.64 55.56
C ILE K 126 12.68 -12.51 54.25
N PRO K 127 11.79 -13.44 53.94
CA PRO K 127 11.06 -13.37 52.67
C PRO K 127 10.04 -12.23 52.65
N THR K 128 9.63 -11.87 51.44
CA THR K 128 8.73 -10.73 51.25
C THR K 128 7.44 -10.91 52.04
N ASN K 129 6.88 -12.11 52.06
CA ASN K 129 5.62 -12.37 52.75
C ASN K 129 5.73 -12.18 54.26
N LEU K 130 6.94 -12.08 54.82
CA LEU K 130 7.11 -11.90 56.26
C LEU K 130 7.66 -10.53 56.63
N ARG K 131 7.84 -9.63 55.66
CA ARG K 131 8.42 -8.31 55.92
C ARG K 131 7.33 -7.33 56.27
N GLN K 132 6.82 -7.44 57.49
CA GLN K 132 5.95 -6.43 58.05
C GLN K 132 6.77 -5.53 58.98
N ASN K 133 6.11 -4.54 59.56
CA ASN K 133 6.79 -3.66 60.49
C ASN K 133 6.92 -4.33 61.85
N THR K 134 7.99 -3.98 62.54
CA THR K 134 8.16 -4.31 63.95
C THR K 134 8.42 -3.02 64.71
N VAL K 135 8.27 -3.09 66.04
CA VAL K 135 8.44 -1.94 66.90
C VAL K 135 9.37 -2.31 68.04
N ALA K 136 9.73 -1.30 68.84
CA ALA K 136 10.80 -1.46 69.84
C ALA K 136 10.57 -2.66 70.75
N ALA K 137 9.31 -2.98 71.05
CA ALA K 137 9.03 -4.07 71.96
C ALA K 137 9.22 -5.44 71.31
N ASP K 138 9.25 -5.53 69.98
CA ASP K 138 9.39 -6.80 69.29
C ASP K 138 10.83 -7.31 69.34
N ASN K 139 11.00 -8.56 68.92
CA ASN K 139 12.31 -9.23 68.87
C ASN K 139 12.62 -9.67 67.45
N VAL K 140 13.90 -9.57 67.08
CA VAL K 140 14.33 -9.97 65.74
C VAL K 140 14.62 -11.47 65.73
N CYS K 141 15.51 -11.91 66.59
CA CYS K 141 16.07 -13.26 66.50
C CYS K 141 16.70 -13.63 67.84
N GLU K 142 17.01 -14.91 67.98
CA GLU K 142 17.78 -15.43 69.11
C GLU K 142 19.20 -15.70 68.68
N VAL K 143 20.16 -15.31 69.51
CA VAL K 143 21.57 -15.49 69.24
C VAL K 143 22.14 -16.46 70.28
N ARG K 144 22.92 -17.43 69.81
CA ARG K 144 23.72 -18.30 70.67
C ARG K 144 25.15 -18.30 70.15
N SER K 145 26.09 -18.40 71.07
CA SER K 145 27.51 -18.34 70.71
C SER K 145 28.34 -18.75 71.90
N ASN K 146 29.52 -19.30 71.63
CA ASN K 146 30.51 -19.52 72.67
C ASN K 146 31.43 -18.31 72.86
N CYS K 147 31.19 -17.23 72.14
CA CYS K 147 31.89 -15.97 72.36
C CYS K 147 30.97 -15.02 73.13
N ARG K 148 31.58 -14.20 73.99
CA ARG K 148 30.80 -13.36 74.90
C ARG K 148 30.15 -12.16 74.22
N GLN K 149 30.56 -11.81 73.01
CA GLN K 149 29.93 -10.75 72.26
C GLN K 149 29.69 -11.18 70.82
N VAL K 150 28.59 -10.70 70.25
CA VAL K 150 28.25 -10.97 68.86
C VAL K 150 27.95 -9.64 68.19
N ALA K 151 28.54 -9.42 67.01
CA ALA K 151 28.33 -8.22 66.23
C ALA K 151 27.26 -8.48 65.18
N LEU K 152 26.28 -7.58 65.09
CA LEU K 152 25.16 -7.73 64.17
C LEU K 152 25.16 -6.60 63.15
N VAL K 153 24.83 -6.94 61.91
CA VAL K 153 24.49 -5.95 60.90
C VAL K 153 23.14 -6.34 60.33
N ILE K 154 22.15 -5.48 60.53
CA ILE K 154 20.78 -5.74 60.08
C ILE K 154 20.46 -4.80 58.94
N SER K 155 20.08 -5.37 57.79
CA SER K 155 19.56 -4.59 56.68
C SER K 155 18.07 -4.39 56.89
N CYS K 156 17.62 -3.14 56.84
CA CYS K 156 16.24 -2.85 57.21
C CYS K 156 15.80 -1.56 56.54
N CYS K 157 14.49 -1.35 56.55
CA CYS K 157 13.87 -0.14 56.00
C CYS K 157 13.15 0.57 57.13
N PHE K 158 13.73 1.67 57.61
CA PHE K 158 13.03 2.50 58.58
C PHE K 158 11.88 3.23 57.90
N ASN K 159 10.75 3.30 58.60
CA ASN K 159 9.60 4.05 58.09
C ASN K 159 8.72 4.48 59.26
N ASN L 16 70.36 1.88 20.19
CA ASN L 16 70.20 3.28 20.57
C ASN L 16 71.52 4.03 20.48
N SER L 17 71.47 5.36 20.70
CA SER L 17 72.66 6.18 20.64
C SER L 17 73.55 5.93 21.86
N ASN L 18 74.86 5.89 21.63
CA ASN L 18 75.83 5.68 22.69
C ASN L 18 76.62 6.92 23.04
N VAL L 19 76.33 8.07 22.42
CA VAL L 19 77.12 9.27 22.64
C VAL L 19 76.21 10.47 22.88
N VAL L 20 76.81 11.50 23.46
CA VAL L 20 76.12 12.79 23.61
C VAL L 20 75.76 13.33 22.23
N THR L 21 74.54 13.85 22.11
CA THR L 21 74.08 14.41 20.85
C THR L 21 73.49 15.78 21.09
N MET L 22 73.46 16.58 20.01
CA MET L 22 73.04 17.96 20.09
C MET L 22 71.52 18.09 20.20
N ILE L 23 71.07 19.06 20.98
CA ILE L 23 69.68 19.50 21.00
C ILE L 23 69.63 20.87 20.35
N ARG L 24 68.72 21.04 19.39
CA ARG L 24 68.53 22.34 18.74
C ARG L 24 67.43 23.09 19.53
N ALA L 25 67.84 23.64 20.67
CA ALA L 25 66.92 24.34 21.54
C ALA L 25 66.55 25.70 20.96
N GLY L 26 65.38 26.19 21.34
CA GLY L 26 64.87 27.43 20.81
C GLY L 26 64.78 28.54 21.83
N SER L 27 63.61 29.16 21.94
CA SER L 27 63.42 30.25 22.89
C SER L 27 63.48 29.71 24.31
N TYR L 28 63.68 30.63 25.25
CA TYR L 28 63.70 30.23 26.66
C TYR L 28 62.30 29.80 27.07
N PRO L 29 62.14 28.63 27.68
CA PRO L 29 60.80 28.12 27.97
C PRO L 29 60.21 28.77 29.23
N LYS L 30 58.94 28.50 29.45
CA LYS L 30 58.36 28.76 30.75
C LYS L 30 58.96 27.79 31.75
N VAL L 31 59.27 28.28 32.95
CA VAL L 31 59.92 27.48 33.97
C VAL L 31 59.21 27.68 35.30
N ASN L 32 59.45 26.74 36.20
CA ASN L 32 58.94 26.83 37.57
C ASN L 32 59.86 26.07 38.49
N PRO L 33 60.62 26.75 39.35
CA PRO L 33 61.57 26.04 40.22
C PRO L 33 60.91 25.31 41.37
N THR L 34 59.65 25.58 41.68
CA THR L 34 58.96 25.03 42.84
C THR L 34 57.61 24.45 42.42
N PRO L 35 57.61 23.28 41.79
CA PRO L 35 56.36 22.71 41.26
C PRO L 35 55.53 22.03 42.33
N THR L 36 54.37 21.53 41.91
CA THR L 36 53.46 20.75 42.75
C THR L 36 53.89 19.28 42.74
N TRP L 37 53.33 18.51 43.66
CA TRP L 37 53.73 17.12 43.83
C TRP L 37 52.54 16.30 44.33
N VAL L 38 52.14 15.32 43.54
CA VAL L 38 51.11 14.36 43.96
C VAL L 38 51.79 13.24 44.73
N ARG L 39 51.36 13.01 45.96
CA ARG L 39 52.07 12.15 46.88
C ARG L 39 51.11 11.25 47.62
N ALA L 40 51.67 10.18 48.19
CA ALA L 40 51.00 9.35 49.18
C ALA L 40 51.90 9.28 50.40
N ILE L 41 51.50 9.94 51.47
CA ILE L 41 52.36 10.15 52.64
C ILE L 41 52.01 9.11 53.69
N PRO L 42 52.97 8.31 54.16
CA PRO L 42 52.70 7.42 55.29
C PRO L 42 53.22 7.98 56.59
N PHE L 43 52.42 7.92 57.65
CA PHE L 43 52.87 8.30 58.98
C PHE L 43 51.91 7.68 59.99
N GLU L 44 52.35 7.63 61.25
CA GLU L 44 51.57 7.01 62.31
C GLU L 44 51.25 8.02 63.40
N VAL L 45 50.19 7.73 64.15
CA VAL L 45 49.76 8.57 65.26
C VAL L 45 49.47 7.69 66.47
N SER L 46 49.66 8.25 67.65
CA SER L 46 49.32 7.56 68.89
C SER L 46 47.88 7.85 69.28
N VAL L 47 47.18 6.82 69.74
CA VAL L 47 45.75 6.88 70.03
C VAL L 47 45.51 6.35 71.42
N GLN L 48 44.65 7.03 72.18
CA GLN L 48 44.19 6.55 73.47
C GLN L 48 42.81 5.90 73.33
N SER L 49 42.56 4.90 74.17
CA SER L 49 41.28 4.20 74.12
C SER L 49 40.12 5.16 74.39
N GLY L 50 39.03 4.96 73.65
CA GLY L 50 37.83 5.74 73.86
C GLY L 50 37.98 7.24 73.71
N ILE L 51 39.07 7.69 73.09
CA ILE L 51 39.32 9.10 72.87
C ILE L 51 39.65 9.30 71.40
N ALA L 52 39.04 10.31 70.79
CA ALA L 52 39.34 10.65 69.40
C ALA L 52 40.61 11.48 69.33
N PHE L 53 41.41 11.23 68.30
CA PHE L 53 42.62 11.99 68.03
C PHE L 53 42.43 12.76 66.73
N LYS L 54 42.55 14.08 66.81
CA LYS L 54 42.46 14.93 65.62
C LYS L 54 43.80 14.95 64.92
N VAL L 55 43.82 14.54 63.65
CA VAL L 55 45.06 14.42 62.88
C VAL L 55 45.43 15.77 62.29
N PRO L 56 46.54 16.37 62.71
CA PRO L 56 46.92 17.67 62.17
C PRO L 56 47.52 17.56 60.77
N VAL L 57 47.13 18.51 59.91
CA VAL L 57 47.67 18.55 58.55
C VAL L 57 49.17 18.77 58.57
N GLY L 58 49.67 19.52 59.56
CA GLY L 58 51.08 19.82 59.68
C GLY L 58 51.98 18.60 59.68
N SER L 59 51.42 17.44 60.04
CA SER L 59 52.17 16.20 59.97
C SER L 59 52.64 15.89 58.55
N LEU L 60 51.98 16.45 57.54
CA LEU L 60 52.36 16.17 56.16
C LEU L 60 53.53 17.00 55.67
N PHE L 61 53.91 18.06 56.38
CA PHE L 61 55.05 18.91 56.00
C PHE L 61 56.25 18.51 56.86
N SER L 62 57.18 17.78 56.25
CA SER L 62 58.36 17.32 56.97
C SER L 62 59.47 17.00 55.99
N ALA L 63 60.70 17.18 56.45
CA ALA L 63 61.85 16.76 55.65
C ALA L 63 61.92 15.25 55.50
N ASN L 64 61.20 14.50 56.34
CA ASN L 64 61.13 13.06 56.18
C ASN L 64 60.31 12.63 54.97
N PHE L 65 59.54 13.56 54.38
CA PHE L 65 58.76 13.28 53.18
C PHE L 65 59.20 14.13 51.99
N ARG L 66 60.30 14.87 52.12
CA ARG L 66 60.73 15.85 51.12
C ARG L 66 59.68 16.93 50.89
N THR L 67 58.88 17.25 51.91
CA THR L 67 57.77 18.18 51.74
C THR L 67 57.89 19.44 52.60
N ASP L 68 59.01 19.63 53.29
CA ASP L 68 59.13 20.76 54.21
C ASP L 68 59.09 22.12 53.52
N SER L 69 59.22 22.18 52.19
CA SER L 69 59.17 23.45 51.49
C SER L 69 57.76 23.88 51.13
N PHE L 70 56.76 23.00 51.27
CA PHE L 70 55.38 23.37 51.03
C PHE L 70 54.75 23.92 52.30
N THR L 71 53.72 24.77 52.12
CA THR L 71 52.94 25.28 53.23
C THR L 71 51.45 25.01 53.11
N SER L 72 50.99 24.50 51.97
CA SER L 72 49.59 24.13 51.77
C SER L 72 49.54 22.76 51.10
N VAL L 73 48.36 22.16 51.13
CA VAL L 73 48.17 20.84 50.53
C VAL L 73 46.69 20.60 50.33
N THR L 74 46.35 19.93 49.23
CA THR L 74 45.00 19.51 48.93
C THR L 74 44.91 18.00 49.14
N VAL L 75 44.10 17.58 50.10
CA VAL L 75 44.00 16.18 50.48
C VAL L 75 42.88 15.53 49.67
N MET L 76 43.19 14.40 49.05
CA MET L 76 42.24 13.70 48.19
C MET L 76 41.59 12.51 48.86
N SER L 77 42.36 11.65 49.51
CA SER L 77 41.80 10.48 50.18
C SER L 77 42.64 10.13 51.39
N VAL L 78 41.99 9.44 52.34
CA VAL L 78 42.61 9.09 53.61
C VAL L 78 42.34 7.61 53.87
N ARG L 79 43.40 6.84 54.12
CA ARG L 79 43.30 5.44 54.49
CA ARG L 79 43.29 5.44 54.49
C ARG L 79 44.05 5.22 55.79
N ALA L 80 43.53 4.32 56.62
CA ALA L 80 44.12 4.07 57.93
C ALA L 80 44.15 2.59 58.24
N TRP L 81 45.24 2.15 58.84
CA TRP L 81 45.39 0.79 59.35
C TRP L 81 45.78 0.87 60.82
N THR L 82 45.32 -0.10 61.60
CA THR L 82 45.84 -0.25 62.95
C THR L 82 47.28 -0.71 62.89
N GLN L 83 48.12 -0.15 63.76
CA GLN L 83 49.56 -0.31 63.67
C GLN L 83 50.15 -1.12 64.81
N LEU L 84 49.39 -1.41 65.86
CA LEU L 84 49.78 -2.31 66.93
C LEU L 84 48.63 -3.30 67.18
N THR L 85 48.90 -4.28 68.03
CA THR L 85 47.90 -5.33 68.27
C THR L 85 46.79 -4.83 69.19
N PRO L 86 45.59 -5.41 69.09
CA PRO L 86 44.46 -4.94 69.90
C PRO L 86 44.54 -5.47 71.32
N PRO L 87 43.64 -5.05 72.21
CA PRO L 87 43.61 -5.64 73.55
C PRO L 87 43.32 -7.13 73.47
N VAL L 88 43.65 -7.83 74.56
CA VAL L 88 43.40 -9.26 74.60
C VAL L 88 41.90 -9.51 74.48
N ASN L 89 41.54 -10.52 73.69
CA ASN L 89 40.20 -11.02 73.41
C ASN L 89 39.48 -10.24 72.30
N GLU L 90 40.03 -9.13 71.81
CA GLU L 90 39.34 -8.29 70.85
C GLU L 90 39.97 -8.40 69.46
N TYR L 91 39.16 -8.11 68.45
CA TYR L 91 39.66 -7.84 67.11
C TYR L 91 39.88 -6.34 66.95
N SER L 92 40.88 -5.98 66.14
CA SER L 92 41.19 -4.58 65.93
C SER L 92 40.07 -3.86 65.18
N PHE L 93 39.90 -2.58 65.49
CA PHE L 93 39.00 -1.73 64.72
C PHE L 93 39.59 -0.33 64.62
N VAL L 94 39.16 0.40 63.60
CA VAL L 94 39.58 1.79 63.41
C VAL L 94 38.43 2.56 62.78
N ARG L 95 38.17 3.76 63.29
CA ARG L 95 37.11 4.63 62.80
C ARG L 95 37.70 5.95 62.31
N LEU L 96 37.16 6.45 61.21
CA LEU L 96 37.57 7.73 60.65
C LEU L 96 36.37 8.66 60.58
N LYS L 97 36.55 9.88 61.09
CA LYS L 97 35.54 10.94 60.98
C LYS L 97 36.15 12.09 60.20
N PRO L 98 35.63 12.44 59.03
CA PRO L 98 36.24 13.52 58.24
C PRO L 98 35.95 14.89 58.84
N LEU L 99 36.96 15.75 58.83
CA LEU L 99 36.87 17.12 59.31
C LEU L 99 37.06 18.09 58.14
N PHE L 100 36.40 19.25 58.23
CA PHE L 100 36.50 20.26 57.18
C PHE L 100 36.38 21.65 57.79
N LYS L 101 37.17 22.59 57.26
CA LYS L 101 37.14 23.96 57.75
C LYS L 101 35.75 24.58 57.61
N THR L 102 35.03 24.24 56.54
CA THR L 102 33.70 24.80 56.34
C THR L 102 32.63 24.08 57.15
N GLY L 103 32.95 22.96 57.78
CA GLY L 103 31.99 22.22 58.57
C GLY L 103 32.34 20.75 58.68
N ASP L 104 32.29 20.20 59.88
CA ASP L 104 32.78 18.85 60.13
C ASP L 104 31.70 17.82 59.83
N SER L 105 32.14 16.66 59.36
CA SER L 105 31.26 15.52 59.14
C SER L 105 30.94 14.83 60.45
N THR L 106 29.87 14.05 60.45
CA THR L 106 29.54 13.16 61.55
C THR L 106 29.57 11.70 61.12
N GLU L 107 30.03 11.41 59.90
CA GLU L 107 30.25 10.04 59.47
C GLU L 107 31.35 9.40 60.32
N GLU L 108 31.21 8.10 60.56
CA GLU L 108 32.17 7.34 61.34
C GLU L 108 32.52 6.06 60.57
N PHE L 109 33.26 6.22 59.48
CA PHE L 109 33.68 5.07 58.69
C PHE L 109 34.53 4.14 59.53
N GLU L 110 34.16 2.86 59.55
CA GLU L 110 34.77 1.92 60.48
C GLU L 110 35.12 0.62 59.79
N GLY L 111 36.34 0.14 60.05
CA GLY L 111 36.75 -1.19 59.62
C GLY L 111 37.14 -2.01 60.83
N ARG L 112 36.83 -3.30 60.79
CA ARG L 112 37.21 -4.24 61.83
C ARG L 112 37.99 -5.38 61.21
N ALA L 113 38.93 -5.92 61.99
CA ALA L 113 39.61 -7.13 61.58
C ALA L 113 38.70 -8.34 61.81
N SER L 114 38.89 -9.36 60.98
CA SER L 114 38.19 -10.62 61.16
C SER L 114 39.13 -11.72 61.64
N ASN L 115 40.40 -11.38 61.89
CA ASN L 115 41.39 -12.26 62.50
C ASN L 115 42.15 -11.43 63.52
N ILE L 116 42.21 -11.93 64.76
CA ILE L 116 42.78 -11.12 65.84
C ILE L 116 44.21 -10.69 65.54
N ASN L 117 44.90 -11.41 64.67
CA ASN L 117 46.30 -11.13 64.36
C ASN L 117 46.48 -10.17 63.20
N THR L 118 45.41 -9.64 62.63
CA THR L 118 45.53 -8.83 61.42
C THR L 118 45.01 -7.43 61.64
N ARG L 119 45.48 -6.51 60.80
CA ARG L 119 45.11 -5.10 60.90
C ARG L 119 43.65 -4.90 60.50
N ALA L 120 43.03 -3.90 61.11
CA ALA L 120 41.78 -3.34 60.61
C ALA L 120 42.10 -2.16 59.70
N SER L 121 41.21 -1.88 58.76
CA SER L 121 41.49 -0.80 57.83
C SER L 121 40.19 -0.22 57.29
N VAL L 122 40.22 1.09 57.04
CA VAL L 122 39.10 1.79 56.44
C VAL L 122 39.66 3.05 55.80
N GLY L 123 38.89 3.63 54.89
CA GLY L 123 39.31 4.87 54.26
C GLY L 123 38.10 5.63 53.76
N TYR L 124 38.34 6.87 53.37
CA TYR L 124 37.29 7.67 52.74
C TYR L 124 37.89 8.58 51.69
N ARG L 125 37.10 8.86 50.67
CA ARG L 125 37.49 9.75 49.59
C ARG L 125 36.85 11.12 49.79
N ILE L 126 37.62 12.17 49.52
CA ILE L 126 37.10 13.53 49.61
C ILE L 126 36.55 13.94 48.24
N PRO L 127 35.31 14.42 48.14
CA PRO L 127 34.79 14.82 46.84
C PRO L 127 35.48 16.08 46.33
N THR L 128 35.31 16.33 45.03
CA THR L 128 36.00 17.44 44.40
C THR L 128 35.61 18.78 45.01
N ASN L 129 34.31 18.96 45.28
CA ASN L 129 33.81 20.23 45.81
C ASN L 129 34.37 20.56 47.19
N LEU L 130 35.01 19.61 47.87
CA LEU L 130 35.59 19.86 49.18
C LEU L 130 37.11 19.83 49.17
N ARG L 131 37.75 19.74 47.99
CA ARG L 131 39.20 19.66 47.88
C ARG L 131 39.79 21.07 47.74
N GLN L 132 39.75 21.81 48.84
CA GLN L 132 40.45 23.08 48.91
C GLN L 132 41.77 22.87 49.63
N ASN L 133 42.52 23.95 49.78
CA ASN L 133 43.81 23.85 50.45
C ASN L 133 43.62 23.76 51.95
N THR L 134 44.57 23.10 52.61
CA THR L 134 44.69 23.12 54.06
C THR L 134 46.11 23.49 54.42
N VAL L 135 46.27 24.01 55.64
CA VAL L 135 47.57 24.44 56.13
C VAL L 135 47.83 23.77 57.47
N ALA L 136 49.07 23.89 57.95
CA ALA L 136 49.53 23.11 59.09
C ALA L 136 48.60 23.20 60.29
N ALA L 137 47.95 24.35 60.48
CA ALA L 137 47.08 24.52 61.64
C ALA L 137 45.77 23.76 61.53
N ASP L 138 45.41 23.27 60.34
CA ASP L 138 44.15 22.56 60.15
C ASP L 138 44.28 21.10 60.55
N ASN L 139 43.15 20.41 60.55
CA ASN L 139 43.09 18.99 60.88
C ASN L 139 42.43 18.23 59.75
N VAL L 140 42.88 16.99 59.54
CA VAL L 140 42.31 16.14 58.50
C VAL L 140 41.07 15.42 58.99
N CYS L 141 41.20 14.66 60.08
CA CYS L 141 40.14 13.76 60.51
C CYS L 141 40.33 13.40 61.97
N GLU L 142 39.32 12.75 62.53
CA GLU L 142 39.39 12.17 63.87
C GLU L 142 39.61 10.68 63.76
N VAL L 143 40.55 10.15 64.53
CA VAL L 143 40.85 8.72 64.55
C VAL L 143 40.40 8.15 65.88
N ARG L 144 39.70 7.02 65.84
CA ARG L 144 39.40 6.21 67.01
C ARG L 144 39.84 4.78 66.74
N SER L 145 40.31 4.10 67.79
CA SER L 145 40.80 2.75 67.66
C SER L 145 40.88 2.13 69.04
N ASN L 146 40.91 0.79 69.07
CA ASN L 146 41.28 0.07 70.28
C ASN L 146 42.74 -0.35 70.26
N CYS L 147 43.49 0.07 69.25
CA CYS L 147 44.93 -0.12 69.18
C CYS L 147 45.61 1.22 69.48
N ARG L 148 46.79 1.15 70.11
CA ARG L 148 47.43 2.36 70.60
C ARG L 148 48.16 3.14 69.52
N GLN L 149 48.25 2.62 68.30
CA GLN L 149 48.80 3.37 67.18
C GLN L 149 48.02 3.04 65.92
N VAL L 150 47.89 4.05 65.05
CA VAL L 150 47.23 3.91 63.76
C VAL L 150 48.17 4.40 62.68
N ALA L 151 48.22 3.67 61.57
CA ALA L 151 49.07 4.02 60.43
C ALA L 151 48.19 4.61 59.34
N LEU L 152 48.46 5.85 58.98
CA LEU L 152 47.72 6.55 57.92
C LEU L 152 48.55 6.59 56.64
N VAL L 153 47.86 6.47 55.51
CA VAL L 153 48.42 6.82 54.21
C VAL L 153 47.48 7.84 53.57
N ILE L 154 47.99 9.03 53.33
CA ILE L 154 47.18 10.14 52.83
C ILE L 154 47.62 10.46 51.41
N SER L 155 46.66 10.45 50.49
CA SER L 155 46.89 10.85 49.11
C SER L 155 46.57 12.33 48.98
N CYS L 156 47.53 13.11 48.49
CA CYS L 156 47.37 14.55 48.50
C CYS L 156 48.25 15.19 47.44
N CYS L 157 47.91 16.44 47.10
CA CYS L 157 48.65 17.25 46.14
C CYS L 157 49.27 18.40 46.91
N PHE L 158 50.59 18.39 47.06
CA PHE L 158 51.30 19.52 47.64
C PHE L 158 51.42 20.65 46.63
N ASN L 159 51.21 21.88 47.10
CA ASN L 159 51.30 23.04 46.24
C ASN L 159 51.58 24.28 47.07
N ASN M 16 62.65 -42.65 19.87
CA ASN M 16 63.96 -42.02 20.00
C ASN M 16 65.09 -43.05 19.91
N SER M 17 66.32 -42.56 19.82
CA SER M 17 67.47 -43.45 19.69
C SER M 17 67.80 -44.11 21.03
N ASN M 18 68.23 -45.37 20.97
CA ASN M 18 68.59 -46.13 22.15
C ASN M 18 70.08 -46.40 22.26
N VAL M 19 70.88 -46.01 21.27
CA VAL M 19 72.31 -46.26 21.29
C VAL M 19 73.06 -44.96 21.02
N VAL M 20 74.35 -44.98 21.33
CA VAL M 20 75.22 -43.87 20.94
C VAL M 20 75.28 -43.78 19.43
N THR M 21 75.22 -42.55 18.91
CA THR M 21 75.32 -42.30 17.49
C THR M 21 76.41 -41.28 17.23
N MET M 22 76.84 -41.19 15.98
CA MET M 22 77.94 -40.32 15.61
C MET M 22 77.49 -38.88 15.42
N ILE M 23 78.35 -37.95 15.82
CA ILE M 23 78.21 -36.52 15.51
C ILE M 23 79.27 -36.19 14.48
N ARG M 24 78.89 -35.51 13.40
CA ARG M 24 79.83 -35.14 12.35
C ARG M 24 80.37 -33.73 12.62
N ALA M 25 81.17 -33.66 13.68
CA ALA M 25 81.76 -32.40 14.11
C ALA M 25 82.67 -31.82 13.02
N GLY M 26 82.90 -30.50 13.11
CA GLY M 26 83.69 -29.82 12.14
C GLY M 26 84.88 -29.10 12.74
N SER M 27 84.98 -27.79 12.49
CA SER M 27 86.10 -27.02 12.99
C SER M 27 86.00 -26.85 14.50
N TYR M 28 87.15 -26.62 15.13
CA TYR M 28 87.14 -26.37 16.56
C TYR M 28 86.37 -25.08 16.84
N PRO M 29 85.38 -25.10 17.72
CA PRO M 29 84.52 -23.93 17.90
C PRO M 29 85.13 -22.91 18.84
N LYS M 30 84.47 -21.76 18.94
CA LYS M 30 84.81 -20.81 19.99
C LYS M 30 84.38 -21.36 21.34
N VAL M 31 85.27 -21.27 22.32
CA VAL M 31 85.01 -21.86 23.63
C VAL M 31 85.24 -20.81 24.71
N ASN M 32 84.71 -21.11 25.91
CA ASN M 32 84.88 -20.28 27.09
C ASN M 32 84.75 -21.17 28.33
N PRO M 33 85.86 -21.41 29.04
CA PRO M 33 85.80 -22.29 30.22
C PRO M 33 85.16 -21.63 31.44
N THR M 34 85.00 -20.31 31.44
CA THR M 34 84.52 -19.57 32.60
C THR M 34 83.40 -18.63 32.19
N PRO M 35 82.22 -19.17 31.91
CA PRO M 35 81.12 -18.35 31.41
C PRO M 35 80.47 -17.51 32.51
N THR M 36 79.53 -16.67 32.08
CA THR M 36 78.70 -15.88 32.99
C THR M 36 77.56 -16.76 33.53
N TRP M 37 76.84 -16.21 34.50
CA TRP M 37 75.79 -16.98 35.16
C TRP M 37 74.76 -16.01 35.74
N VAL M 38 73.51 -16.15 35.33
CA VAL M 38 72.40 -15.40 35.91
C VAL M 38 71.83 -16.21 37.06
N ARG M 39 71.62 -15.56 38.20
CA ARG M 39 71.36 -16.30 39.42
C ARG M 39 70.40 -15.51 40.31
N ALA M 40 69.74 -16.22 41.21
CA ALA M 40 69.02 -15.64 42.34
C ALA M 40 69.67 -16.20 43.60
N ILE M 41 70.36 -15.34 44.34
CA ILE M 41 71.18 -15.73 45.48
C ILE M 41 70.38 -15.49 46.76
N PRO M 42 70.13 -16.51 47.59
CA PRO M 42 69.51 -16.26 48.89
C PRO M 42 70.53 -16.23 50.02
N PHE M 43 70.43 -15.24 50.90
CA PHE M 43 71.25 -15.21 52.11
C PHE M 43 70.58 -14.29 53.12
N GLU M 44 71.02 -14.41 54.36
CA GLU M 44 70.45 -13.66 55.47
C GLU M 44 71.47 -12.69 56.05
N VAL M 45 70.96 -11.63 56.69
CA VAL M 45 71.81 -10.66 57.38
C VAL M 45 71.20 -10.40 58.75
N SER M 46 72.06 -10.07 59.70
CA SER M 46 71.62 -9.72 61.04
C SER M 46 71.46 -8.21 61.17
N VAL M 47 70.40 -7.80 61.86
CA VAL M 47 69.96 -6.40 61.88
C VAL M 47 69.67 -6.01 63.32
N GLN M 48 70.22 -4.87 63.75
CA GLN M 48 69.95 -4.32 65.07
C GLN M 48 68.84 -3.30 64.99
N SER M 49 68.10 -3.15 66.08
CA SER M 49 66.96 -2.22 66.09
C SER M 49 67.44 -0.79 65.90
N GLY M 50 66.76 -0.07 65.01
CA GLY M 50 67.04 1.33 64.79
C GLY M 50 68.37 1.65 64.14
N ILE M 51 69.08 0.66 63.63
CA ILE M 51 70.37 0.87 62.99
C ILE M 51 70.33 0.25 61.60
N ALA M 52 70.73 1.01 60.60
CA ALA M 52 70.80 0.49 59.24
C ALA M 52 71.99 -0.45 59.09
N PHE M 53 71.79 -1.53 58.33
CA PHE M 53 72.85 -2.46 58.00
C PHE M 53 73.13 -2.36 56.51
N LYS M 54 74.39 -2.11 56.17
CA LYS M 54 74.83 -2.06 54.78
C LYS M 54 75.20 -3.47 54.31
N VAL M 55 74.57 -3.92 53.24
CA VAL M 55 74.76 -5.27 52.73
C VAL M 55 75.98 -5.27 51.82
N PRO M 56 77.04 -6.00 52.15
CA PRO M 56 78.22 -6.04 51.27
C PRO M 56 78.01 -6.97 50.09
N VAL M 57 78.51 -6.55 48.94
CA VAL M 57 78.43 -7.36 47.73
C VAL M 57 79.18 -8.68 47.91
N GLY M 58 80.22 -8.68 48.76
CA GLY M 58 81.01 -9.89 48.96
C GLY M 58 80.20 -11.08 49.41
N SER M 59 79.03 -10.87 50.02
CA SER M 59 78.17 -11.97 50.42
C SER M 59 77.74 -12.83 49.23
N LEU M 60 77.81 -12.29 48.02
CA LEU M 60 77.38 -13.03 46.85
C LEU M 60 78.43 -14.00 46.34
N PHE M 61 79.70 -13.83 46.72
CA PHE M 61 80.78 -14.72 46.31
C PHE M 61 81.04 -15.71 47.43
N SER M 62 80.72 -16.98 47.18
CA SER M 62 80.88 -18.01 48.20
C SER M 62 80.74 -19.38 47.54
N ALA M 63 81.48 -20.34 48.08
CA ALA M 63 81.33 -21.72 47.64
C ALA M 63 79.95 -22.26 47.92
N ASN M 64 79.22 -21.68 48.88
CA ASN M 64 77.86 -22.09 49.16
C ASN M 64 76.88 -21.74 48.04
N PHE M 65 77.28 -20.86 47.13
CA PHE M 65 76.47 -20.51 45.97
C PHE M 65 77.14 -20.92 44.66
N ARG M 66 78.22 -21.69 44.74
CA ARG M 66 79.05 -22.02 43.58
C ARG M 66 79.56 -20.77 42.86
N THR M 67 79.75 -19.67 43.60
CA THR M 67 80.14 -18.41 42.97
C THR M 67 81.51 -17.91 43.42
N ASP M 68 82.31 -18.73 44.10
CA ASP M 68 83.57 -18.25 44.64
C ASP M 68 84.62 -17.97 43.57
N SER M 69 84.40 -18.37 42.32
CA SER M 69 85.36 -18.11 41.26
C SER M 69 85.10 -16.77 40.55
N PHE M 70 84.04 -16.05 40.91
CA PHE M 70 83.78 -14.73 40.36
C PHE M 70 84.36 -13.66 41.26
N THR M 71 84.70 -12.52 40.67
CA THR M 71 85.12 -11.35 41.40
C THR M 71 84.24 -10.13 41.15
N SER M 72 83.36 -10.19 40.16
CA SER M 72 82.44 -9.10 39.86
C SER M 72 81.04 -9.65 39.66
N VAL M 73 80.05 -8.78 39.81
CA VAL M 73 78.66 -9.16 39.65
C VAL M 73 77.85 -7.92 39.27
N THR M 74 76.81 -8.13 38.47
CA THR M 74 75.89 -7.07 38.07
C THR M 74 74.55 -7.34 38.72
N VAL M 75 74.22 -6.56 39.75
CA VAL M 75 72.96 -6.72 40.47
C VAL M 75 71.84 -6.15 39.61
N MET M 76 70.75 -6.90 39.47
CA MET M 76 69.58 -6.47 38.71
C MET M 76 68.39 -6.11 39.59
N SER M 77 68.08 -6.91 40.61
CA SER M 77 66.98 -6.59 41.51
C SER M 77 67.27 -7.18 42.88
N VAL M 78 66.64 -6.59 43.89
CA VAL M 78 66.85 -6.96 45.28
C VAL M 78 65.48 -7.10 45.95
N ARG M 79 65.28 -8.21 46.66
CA ARG M 79 64.07 -8.44 47.43
CA ARG M 79 64.07 -8.42 47.42
C ARG M 79 64.44 -8.88 48.83
N ALA M 80 63.72 -8.38 49.82
CA ALA M 80 64.02 -8.66 51.21
C ALA M 80 62.77 -9.09 51.97
N TRP M 81 62.92 -10.12 52.78
CA TRP M 81 61.87 -10.59 53.69
C TRP M 81 62.42 -10.56 55.11
N THR M 82 61.54 -10.27 56.07
CA THR M 82 61.92 -10.46 57.45
C THR M 82 62.01 -11.95 57.73
N GLN M 83 62.98 -12.33 58.57
CA GLN M 83 63.36 -13.72 58.77
C GLN M 83 63.09 -14.22 60.20
N LEU M 84 62.79 -13.33 61.14
CA LEU M 84 62.40 -13.70 62.49
C LEU M 84 61.16 -12.92 62.87
N THR M 85 60.57 -13.28 64.01
CA THR M 85 59.35 -12.63 64.46
C THR M 85 59.65 -11.19 64.92
N PRO M 86 58.66 -10.30 64.85
CA PRO M 86 58.87 -8.92 65.30
C PRO M 86 58.77 -8.83 66.81
N PRO M 87 59.02 -7.66 67.38
CA PRO M 87 58.79 -7.50 68.83
C PRO M 87 57.31 -7.65 69.16
N VAL M 88 57.05 -7.87 70.46
CA VAL M 88 55.69 -8.02 70.92
C VAL M 88 54.89 -6.77 70.58
N ASN M 89 53.64 -6.96 70.16
CA ASN M 89 52.63 -5.96 69.81
C ASN M 89 52.87 -5.34 68.43
N GLU M 90 53.99 -5.61 67.77
CA GLU M 90 54.32 -4.96 66.52
C GLU M 90 54.07 -5.85 65.32
N TYR M 91 53.93 -5.21 64.16
CA TYR M 91 53.97 -5.90 62.88
C TYR M 91 55.35 -5.72 62.26
N SER M 92 55.79 -6.74 61.54
CA SER M 92 57.10 -6.67 60.90
C SER M 92 57.11 -5.58 59.83
N PHE M 93 58.25 -4.91 59.70
CA PHE M 93 58.52 -4.07 58.55
C PHE M 93 59.96 -4.28 58.11
N VAL M 94 60.22 -3.92 56.85
CA VAL M 94 61.57 -3.93 56.31
C VAL M 94 61.69 -2.78 55.33
N ARG M 95 62.80 -2.06 55.38
CA ARG M 95 63.08 -0.95 54.50
C ARG M 95 64.37 -1.20 53.73
N LEU M 96 64.40 -0.76 52.47
CA LEU M 96 65.58 -0.88 51.63
C LEU M 96 65.94 0.48 51.05
N LYS M 97 67.19 0.89 51.25
CA LYS M 97 67.72 2.09 50.62
C LYS M 97 68.81 1.69 49.63
N PRO M 98 68.66 1.96 48.35
CA PRO M 98 69.66 1.51 47.38
C PRO M 98 70.94 2.33 47.47
N LEU M 99 72.07 1.63 47.33
CA LEU M 99 73.39 2.25 47.33
C LEU M 99 74.04 2.09 45.96
N PHE M 100 74.81 3.09 45.54
CA PHE M 100 75.48 3.06 44.25
C PHE M 100 76.83 3.76 44.37
N LYS M 101 77.84 3.20 43.70
CA LYS M 101 79.18 3.76 43.77
C LYS M 101 79.22 5.20 43.25
N THR M 102 78.42 5.51 42.24
CA THR M 102 78.42 6.84 41.66
C THR M 102 77.50 7.81 42.38
N GLY M 103 76.78 7.35 43.40
CA GLY M 103 75.90 8.23 44.16
C GLY M 103 74.77 7.49 44.85
N ASP M 104 74.70 7.57 46.17
CA ASP M 104 73.71 6.81 46.93
C ASP M 104 72.32 7.41 46.77
N SER M 105 71.31 6.55 46.92
CA SER M 105 69.92 6.96 46.89
C SER M 105 69.44 7.35 48.28
N THR M 106 68.28 7.99 48.34
CA THR M 106 67.63 8.29 49.60
C THR M 106 66.18 7.81 49.62
N GLU M 107 65.78 6.98 48.66
CA GLU M 107 64.51 6.27 48.75
C GLU M 107 64.56 5.27 49.89
N GLU M 108 63.40 5.04 50.52
CA GLU M 108 63.27 4.04 51.58
C GLU M 108 62.04 3.18 51.28
N PHE M 109 62.14 2.31 50.28
CA PHE M 109 61.06 1.39 49.98
C PHE M 109 60.78 0.51 51.18
N GLU M 110 59.50 0.40 51.55
CA GLU M 110 59.13 -0.23 52.80
C GLU M 110 57.94 -1.15 52.61
N GLY M 111 58.00 -2.32 53.22
CA GLY M 111 56.86 -3.21 53.32
C GLY M 111 56.58 -3.53 54.77
N ARG M 112 55.30 -3.61 55.12
CA ARG M 112 54.88 -4.01 56.45
C ARG M 112 53.94 -5.19 56.34
N ALA M 113 53.95 -6.05 57.36
CA ALA M 113 53.00 -7.16 57.36
C ALA M 113 51.64 -6.68 57.85
N SER M 114 50.60 -7.37 57.40
CA SER M 114 49.24 -7.08 57.84
C SER M 114 48.74 -8.12 58.83
N ASN M 115 49.57 -9.10 59.19
CA ASN M 115 49.28 -10.15 60.15
C ASN M 115 50.56 -10.38 60.94
N ILE M 116 50.48 -10.31 62.27
CA ILE M 116 51.70 -10.30 63.08
C ILE M 116 52.54 -11.56 62.88
N ASN M 117 51.93 -12.65 62.43
CA ASN M 117 52.64 -13.92 62.25
C ASN M 117 53.26 -14.05 60.87
N THR M 118 53.25 -13.00 60.07
CA THR M 118 53.61 -13.07 58.66
C THR M 118 54.81 -12.18 58.37
N ARG M 119 55.67 -12.63 57.47
CA ARG M 119 56.82 -11.83 57.05
C ARG M 119 56.37 -10.56 56.36
N ALA M 120 57.20 -9.53 56.47
CA ALA M 120 57.08 -8.34 55.66
C ALA M 120 58.09 -8.41 54.52
N SER M 121 57.76 -7.82 53.39
CA SER M 121 58.64 -7.92 52.23
C SER M 121 58.55 -6.66 51.39
N VAL M 122 59.64 -6.40 50.68
CA VAL M 122 59.69 -5.33 49.69
C VAL M 122 60.89 -5.61 48.80
N GLY M 123 60.95 -4.93 47.65
CA GLY M 123 62.11 -5.04 46.79
C GLY M 123 62.19 -3.82 45.89
N TYR M 124 63.32 -3.70 45.21
CA TYR M 124 63.48 -2.67 44.21
C TYR M 124 64.26 -3.22 43.03
N ARG M 125 64.05 -2.60 41.87
CA ARG M 125 64.72 -2.95 40.63
C ARG M 125 65.73 -1.87 40.28
N ILE M 126 66.87 -2.29 39.78
CA ILE M 126 67.94 -1.37 39.37
C ILE M 126 67.82 -1.11 37.87
N PRO M 127 67.76 0.13 37.43
CA PRO M 127 67.56 0.40 35.99
C PRO M 127 68.81 0.09 35.18
N THR M 128 68.60 -0.10 33.88
CA THR M 128 69.68 -0.50 32.98
C THR M 128 70.88 0.43 33.10
N ASN M 129 70.64 1.74 33.13
CA ASN M 129 71.72 2.71 33.18
C ASN M 129 72.55 2.63 34.45
N LEU M 130 72.12 1.83 35.44
CA LEU M 130 72.86 1.69 36.69
C LEU M 130 73.38 0.27 36.92
N ARG M 131 73.27 -0.61 35.92
CA ARG M 131 73.73 -1.99 36.07
C ARG M 131 75.19 -2.10 35.63
N GLN M 132 76.05 -1.46 36.40
CA GLN M 132 77.48 -1.66 36.23
C GLN M 132 77.96 -2.76 37.18
N ASN M 133 79.22 -3.14 37.02
CA ASN M 133 79.77 -4.20 37.87
C ASN M 133 80.02 -3.68 39.28
N THR M 134 79.90 -4.57 40.24
CA THR M 134 80.29 -4.31 41.62
C THR M 134 81.25 -5.39 42.07
N VAL M 135 82.12 -5.03 43.01
CA VAL M 135 83.12 -5.94 43.54
C VAL M 135 82.87 -6.12 45.04
N ALA M 136 83.63 -7.03 45.64
CA ALA M 136 83.32 -7.49 47.00
C ALA M 136 83.33 -6.35 48.01
N ALA M 137 84.13 -5.31 47.77
CA ALA M 137 84.20 -4.20 48.73
C ALA M 137 83.02 -3.24 48.64
N ASP M 138 82.21 -3.33 47.58
CA ASP M 138 81.05 -2.47 47.41
C ASP M 138 79.87 -2.95 48.26
N ASN M 139 78.88 -2.08 48.41
CA ASN M 139 77.65 -2.40 49.11
C ASN M 139 76.47 -2.31 48.14
N VAL M 140 75.44 -3.12 48.40
CA VAL M 140 74.23 -3.11 47.58
C VAL M 140 73.22 -2.10 48.09
N CYS M 141 72.88 -2.15 49.38
CA CYS M 141 71.76 -1.38 49.90
C CYS M 141 71.84 -1.36 51.43
N GLU M 142 71.04 -0.48 52.03
CA GLU M 142 70.85 -0.43 53.46
C GLU M 142 69.56 -1.14 53.84
N VAL M 143 69.62 -1.93 54.91
CA VAL M 143 68.47 -2.67 55.42
C VAL M 143 68.12 -2.12 56.80
N ARG M 144 66.83 -1.83 57.01
CA ARG M 144 66.30 -1.50 58.32
C ARG M 144 65.10 -2.36 58.60
N SER M 145 64.96 -2.79 59.85
CA SER M 145 63.85 -3.65 60.23
C SER M 145 63.72 -3.65 61.74
N ASN M 146 62.51 -3.96 62.21
CA ASN M 146 62.27 -4.25 63.61
C ASN M 146 62.48 -5.72 63.94
N CYS M 147 62.86 -6.53 62.95
CA CYS M 147 63.19 -7.93 63.16
C CYS M 147 64.70 -8.11 63.12
N ARG M 148 65.18 -9.06 63.93
CA ARG M 148 66.62 -9.24 64.11
C ARG M 148 67.31 -9.87 62.92
N GLN M 149 66.57 -10.40 61.94
CA GLN M 149 67.17 -10.97 60.74
C GLN M 149 66.30 -10.61 59.54
N VAL M 150 66.97 -10.43 58.41
CA VAL M 150 66.32 -10.18 57.13
C VAL M 150 66.85 -11.19 56.12
N ALA M 151 65.95 -11.79 55.36
CA ALA M 151 66.31 -12.74 54.31
C ALA M 151 66.29 -12.00 52.97
N LEU M 152 67.42 -12.04 52.26
CA LEU M 152 67.55 -11.36 50.99
C LEU M 152 67.63 -12.37 49.85
N VAL M 153 67.04 -12.00 48.72
CA VAL M 153 67.18 -12.74 47.47
C VAL M 153 67.55 -11.72 46.40
N ILE M 154 68.74 -11.85 45.84
CA ILE M 154 69.28 -10.88 44.88
C ILE M 154 69.40 -11.56 43.52
N SER M 155 68.75 -10.97 42.51
CA SER M 155 68.92 -11.40 41.13
C SER M 155 70.10 -10.66 40.53
N CYS M 156 71.03 -11.39 39.93
CA CYS M 156 72.27 -10.76 39.49
C CYS M 156 72.93 -11.59 38.41
N CYS M 157 73.91 -10.99 37.75
CA CYS M 157 74.64 -11.57 36.63
C CYS M 157 76.11 -11.67 37.01
N PHE M 158 76.54 -12.86 37.43
CA PHE M 158 77.95 -13.07 37.71
C PHE M 158 78.74 -13.08 36.41
N ASN M 159 79.82 -12.29 36.37
CA ASN M 159 80.67 -12.25 35.20
C ASN M 159 82.11 -12.07 35.63
N ASN N 16 19.68 -49.67 32.95
CA ASN N 16 20.76 -50.65 33.02
C ASN N 16 20.22 -52.01 33.48
N SER N 17 21.06 -53.04 33.37
CA SER N 17 20.64 -54.39 33.69
C SER N 17 20.53 -54.60 35.20
N ASN N 18 19.58 -55.44 35.59
CA ASN N 18 19.35 -55.75 37.00
C ASN N 18 19.68 -57.20 37.34
N VAL N 19 20.06 -58.01 36.37
CA VAL N 19 20.35 -59.43 36.60
C VAL N 19 21.72 -59.77 36.03
N VAL N 20 22.22 -60.94 36.44
CA VAL N 20 23.45 -61.47 35.86
C VAL N 20 23.24 -61.73 34.38
N THR N 21 24.27 -61.48 33.59
CA THR N 21 24.23 -61.72 32.15
C THR N 21 25.46 -62.53 31.75
N MET N 22 25.32 -63.22 30.62
CA MET N 22 26.38 -64.09 30.13
C MET N 22 27.46 -63.31 29.41
N ILE N 23 28.72 -63.64 29.70
CA ILE N 23 29.87 -63.17 28.94
C ILE N 23 30.33 -64.31 28.04
N ARG N 24 30.53 -64.01 26.76
CA ARG N 24 30.98 -65.02 25.80
C ARG N 24 32.50 -64.98 25.70
N ALA N 25 33.14 -65.48 26.76
CA ALA N 25 34.59 -65.49 26.86
C ALA N 25 35.19 -66.40 25.79
N GLY N 26 36.48 -66.18 25.52
CA GLY N 26 37.17 -66.95 24.50
C GLY N 26 38.40 -67.68 25.01
N SER N 27 39.54 -67.43 24.36
CA SER N 27 40.77 -68.07 24.77
C SER N 27 41.20 -67.57 26.15
N TYR N 28 41.98 -68.39 26.85
CA TYR N 28 42.52 -67.95 28.12
C TYR N 28 43.45 -66.76 27.89
N PRO N 29 43.26 -65.65 28.61
CA PRO N 29 44.02 -64.43 28.33
C PRO N 29 45.40 -64.48 28.95
N LYS N 30 46.20 -63.48 28.60
CA LYS N 30 47.43 -63.24 29.33
C LYS N 30 47.07 -62.68 30.71
N VAL N 31 47.73 -63.21 31.74
CA VAL N 31 47.45 -62.80 33.12
C VAL N 31 48.75 -62.43 33.80
N ASN N 32 48.62 -61.74 34.92
CA ASN N 32 49.74 -61.37 35.77
C ASN N 32 49.23 -61.24 37.21
N PRO N 33 49.57 -62.18 38.09
CA PRO N 33 49.05 -62.11 39.47
C PRO N 33 49.70 -61.03 40.31
N THR N 34 50.84 -60.49 39.89
CA THR N 34 51.62 -59.54 40.69
C THR N 34 51.95 -58.31 39.86
N PRO N 35 50.98 -57.41 39.65
CA PRO N 35 51.18 -56.27 38.75
C PRO N 35 51.89 -55.11 39.43
N THR N 36 52.20 -54.10 38.62
CA THR N 36 52.77 -52.85 39.08
C THR N 36 51.68 -51.95 39.66
N TRP N 37 52.10 -50.87 40.32
CA TRP N 37 51.18 -50.00 41.05
C TRP N 37 51.78 -48.61 41.15
N VAL N 38 51.10 -47.61 40.59
CA VAL N 38 51.49 -46.21 40.73
C VAL N 38 50.88 -45.67 42.01
N ARG N 39 51.71 -45.04 42.84
CA ARG N 39 51.30 -44.72 44.20
C ARG N 39 51.85 -43.36 44.63
N ALA N 40 51.18 -42.77 45.62
CA ALA N 40 51.67 -41.61 46.36
C ALA N 40 51.73 -42.01 47.83
N ILE N 41 52.94 -42.24 48.33
CA ILE N 41 53.15 -42.85 49.64
C ILE N 41 53.41 -41.75 50.66
N PRO N 42 52.60 -41.62 51.71
CA PRO N 42 52.86 -40.61 52.74
C PRO N 42 53.51 -41.20 53.98
N PHE N 43 54.62 -40.61 54.43
CA PHE N 43 55.24 -41.04 55.69
C PHE N 43 56.05 -39.89 56.25
N GLU N 44 56.42 -40.04 57.52
CA GLU N 44 57.13 -39.00 58.25
C GLU N 44 58.48 -39.53 58.73
N VAL N 45 59.42 -38.60 58.91
CA VAL N 45 60.74 -38.91 59.45
C VAL N 45 61.09 -37.88 60.51
N SER N 46 61.94 -38.27 61.44
CA SER N 46 62.44 -37.37 62.49
C SER N 46 63.81 -36.86 62.09
N VAL N 47 64.00 -35.55 62.20
CA VAL N 47 65.29 -34.94 61.86
C VAL N 47 65.80 -34.16 63.07
N GLN N 48 67.11 -34.05 63.16
CA GLN N 48 67.79 -33.28 64.20
C GLN N 48 68.27 -31.96 63.61
N SER N 49 68.37 -30.94 64.47
CA SER N 49 68.82 -29.63 64.03
C SER N 49 70.26 -29.70 63.54
N GLY N 50 70.51 -29.07 62.39
CA GLY N 50 71.85 -28.98 61.83
C GLY N 50 72.40 -30.27 61.26
N ILE N 51 71.63 -31.35 61.27
CA ILE N 51 72.09 -32.65 60.79
C ILE N 51 71.17 -33.12 59.67
N ALA N 52 71.76 -33.52 58.56
CA ALA N 52 70.97 -34.05 57.46
C ALA N 52 70.55 -35.49 57.76
N PHE N 53 69.35 -35.84 57.30
CA PHE N 53 68.80 -37.18 57.45
C PHE N 53 68.62 -37.81 56.08
N LYS N 54 69.20 -38.99 55.89
CA LYS N 54 69.06 -39.73 54.64
C LYS N 54 67.79 -40.57 54.69
N VAL N 55 66.86 -40.32 53.78
CA VAL N 55 65.60 -41.04 53.72
C VAL N 55 65.82 -42.37 53.00
N PRO N 56 65.65 -43.50 53.68
CA PRO N 56 65.85 -44.80 53.02
C PRO N 56 64.65 -45.20 52.17
N VAL N 57 64.95 -45.81 51.01
CA VAL N 57 63.91 -46.33 50.13
C VAL N 57 63.09 -47.39 50.83
N GLY N 58 63.71 -48.13 51.75
CA GLY N 58 63.01 -49.20 52.46
C GLY N 58 61.76 -48.73 53.19
N SER N 59 61.65 -47.43 53.47
CA SER N 59 60.46 -46.91 54.13
C SER N 59 59.22 -47.04 53.26
N LEU N 60 59.38 -47.21 51.95
CA LEU N 60 58.25 -47.31 51.04
C LEU N 60 57.67 -48.73 50.98
N PHE N 61 58.37 -49.72 51.54
CA PHE N 61 57.91 -51.11 51.55
C PHE N 61 57.37 -51.42 52.94
N SER N 62 56.04 -51.47 53.06
CA SER N 62 55.44 -51.73 54.35
C SER N 62 54.01 -52.21 54.15
N ALA N 63 53.58 -53.13 55.01
CA ALA N 63 52.19 -53.56 54.99
C ALA N 63 51.24 -52.39 55.20
N ASN N 64 51.71 -51.34 55.89
CA ASN N 64 50.91 -50.15 56.11
C ASN N 64 50.53 -49.44 54.82
N PHE N 65 51.26 -49.70 53.73
CA PHE N 65 50.96 -49.10 52.43
C PHE N 65 50.49 -50.12 51.41
N ARG N 66 50.24 -51.37 51.83
CA ARG N 66 49.93 -52.48 50.93
C ARG N 66 51.05 -52.76 49.95
N THR N 67 52.30 -52.46 50.31
CA THR N 67 53.41 -52.60 49.37
C THR N 67 54.50 -53.53 49.86
N ASP N 68 54.26 -54.30 50.92
CA ASP N 68 55.32 -55.17 51.44
C ASP N 68 55.70 -56.29 50.48
N SER N 69 54.89 -56.56 49.45
CA SER N 69 55.23 -57.61 48.50
C SER N 69 56.21 -57.14 47.43
N PHE N 70 56.47 -55.85 47.30
CA PHE N 70 57.44 -55.35 46.34
C PHE N 70 58.83 -55.29 46.96
N THR N 71 59.85 -55.39 46.11
CA THR N 71 61.24 -55.22 46.52
C THR N 71 61.96 -54.12 45.76
N SER N 72 61.34 -53.53 44.74
CA SER N 72 61.93 -52.47 43.96
C SER N 72 60.89 -51.41 43.69
N VAL N 73 61.35 -50.19 43.41
CA VAL N 73 60.45 -49.08 43.11
C VAL N 73 61.20 -48.06 42.28
N THR N 74 60.47 -47.38 41.40
CA THR N 74 61.00 -46.27 40.61
C THR N 74 60.39 -44.99 41.15
N VAL N 75 61.21 -44.16 41.79
CA VAL N 75 60.74 -42.91 42.36
C VAL N 75 60.64 -41.87 41.26
N MET N 76 59.53 -41.13 41.23
CA MET N 76 59.29 -40.12 40.22
C MET N 76 59.39 -38.70 40.73
N SER N 77 58.87 -38.41 41.92
CA SER N 77 58.97 -37.08 42.49
C SER N 77 58.83 -37.16 44.01
N VAL N 78 59.45 -36.20 44.69
CA VAL N 78 59.48 -36.13 46.14
C VAL N 78 58.93 -34.77 46.55
N ARG N 79 57.99 -34.76 47.48
CA ARG N 79 57.49 -33.52 48.09
C ARG N 79 57.59 -33.63 49.60
N ALA N 80 57.91 -32.53 50.26
CA ALA N 80 58.19 -32.54 51.68
C ALA N 80 57.54 -31.34 52.35
N TRP N 81 56.94 -31.58 53.52
CA TRP N 81 56.37 -30.54 54.37
C TRP N 81 56.93 -30.69 55.76
N THR N 82 57.15 -29.57 56.44
CA THR N 82 57.45 -29.64 57.87
C THR N 82 56.22 -30.16 58.60
N GLN N 83 56.45 -30.95 59.64
CA GLN N 83 55.40 -31.70 60.30
C GLN N 83 55.12 -31.23 61.72
N LEU N 84 56.10 -30.64 62.40
CA LEU N 84 55.91 -30.02 63.70
C LEU N 84 56.28 -28.55 63.61
N THR N 85 55.96 -27.80 64.66
CA THR N 85 56.15 -26.36 64.65
C THR N 85 57.64 -26.01 64.72
N PRO N 86 58.03 -24.87 64.16
CA PRO N 86 59.43 -24.46 64.21
C PRO N 86 59.81 -23.97 65.59
N PRO N 87 61.10 -23.75 65.86
CA PRO N 87 61.49 -23.14 67.13
C PRO N 87 60.92 -21.75 67.29
N VAL N 88 60.89 -21.30 68.54
CA VAL N 88 60.36 -19.96 68.84
C VAL N 88 61.13 -18.91 68.04
N ASN N 89 60.41 -17.92 67.51
CA ASN N 89 60.88 -16.76 66.76
C ASN N 89 61.22 -17.06 65.31
N GLU N 90 61.14 -18.31 64.86
CA GLU N 90 61.58 -18.67 63.52
C GLU N 90 60.41 -19.10 62.64
N TYR N 91 60.68 -19.10 61.33
CA TYR N 91 59.78 -19.68 60.35
C TYR N 91 60.25 -21.07 59.97
N SER N 92 59.31 -21.95 59.64
CA SER N 92 59.67 -23.29 59.22
C SER N 92 60.48 -23.24 57.92
N PHE N 93 61.40 -24.18 57.78
CA PHE N 93 62.04 -24.41 56.51
C PHE N 93 62.35 -25.90 56.34
N VAL N 94 62.41 -26.33 55.08
CA VAL N 94 62.81 -27.69 54.74
C VAL N 94 63.66 -27.63 53.48
N ARG N 95 64.66 -28.51 53.41
CA ARG N 95 65.54 -28.61 52.27
C ARG N 95 65.59 -30.06 51.80
N LEU N 96 65.70 -30.25 50.49
CA LEU N 96 65.86 -31.57 49.91
C LEU N 96 67.10 -31.59 49.03
N LYS N 97 67.90 -32.64 49.20
CA LYS N 97 69.06 -32.88 48.34
C LYS N 97 68.90 -34.24 47.68
N PRO N 98 68.71 -34.31 46.37
CA PRO N 98 68.50 -35.61 45.72
C PRO N 98 69.74 -36.49 45.81
N LEU N 99 69.51 -37.78 46.03
CA LEU N 99 70.57 -38.79 46.03
C LEU N 99 70.31 -39.80 44.92
N PHE N 100 71.40 -40.33 44.35
CA PHE N 100 71.31 -41.30 43.27
C PHE N 100 72.51 -42.24 43.34
N LYS N 101 72.26 -43.52 43.03
CA LYS N 101 73.31 -44.53 43.12
C LYS N 101 74.46 -44.25 42.16
N THR N 102 74.17 -43.70 40.98
CA THR N 102 75.23 -43.39 40.01
C THR N 102 75.86 -42.03 40.25
N GLY N 103 75.50 -41.33 41.32
CA GLY N 103 76.11 -40.05 41.60
C GLY N 103 75.16 -39.11 42.31
N ASP N 104 75.56 -38.62 43.49
CA ASP N 104 74.70 -37.78 44.30
C ASP N 104 74.67 -36.35 43.78
N SER N 105 73.56 -35.67 44.02
CA SER N 105 73.39 -34.27 43.66
C SER N 105 73.90 -33.38 44.79
N THR N 106 74.08 -32.10 44.47
CA THR N 106 74.42 -31.09 45.45
C THR N 106 73.40 -29.96 45.46
N GLU N 107 72.27 -30.12 44.78
CA GLU N 107 71.19 -29.15 44.90
C GLU N 107 70.62 -29.19 46.31
N GLU N 108 70.11 -28.05 46.75
CA GLU N 108 69.46 -27.92 48.04
C GLU N 108 68.14 -27.14 47.83
N PHE N 109 67.18 -27.81 47.19
CA PHE N 109 65.85 -27.23 47.03
C PHE N 109 65.27 -26.90 48.40
N GLU N 110 64.93 -25.63 48.61
CA GLU N 110 64.51 -25.17 49.92
C GLU N 110 63.20 -24.40 49.85
N GLY N 111 62.31 -24.70 50.80
CA GLY N 111 61.10 -23.93 50.99
C GLY N 111 61.05 -23.37 52.39
N ARG N 112 60.41 -22.21 52.53
CA ARG N 112 60.25 -21.55 53.82
C ARG N 112 58.82 -21.10 53.99
N ALA N 113 58.35 -21.12 55.23
CA ALA N 113 57.04 -20.58 55.55
C ALA N 113 57.09 -19.06 55.59
N SER N 114 55.99 -18.43 55.20
CA SER N 114 55.82 -16.99 55.35
C SER N 114 54.90 -16.62 56.51
N ASN N 115 54.41 -17.63 57.24
CA ASN N 115 53.61 -17.46 58.43
C ASN N 115 54.11 -18.50 59.44
N ILE N 116 54.50 -18.04 60.63
CA ILE N 116 55.13 -18.94 61.60
C ILE N 116 54.26 -20.15 61.92
N ASN N 117 52.94 -20.03 61.73
CA ASN N 117 52.01 -21.08 62.09
C ASN N 117 51.78 -22.07 60.97
N THR N 118 52.45 -21.91 59.83
CA THR N 118 52.17 -22.72 58.66
C THR N 118 53.37 -23.58 58.28
N ARG N 119 53.10 -24.68 57.57
CA ARG N 119 54.15 -25.56 57.11
C ARG N 119 54.98 -24.89 56.03
N ALA N 120 56.24 -25.31 55.94
CA ALA N 120 57.08 -25.04 54.79
C ALA N 120 57.11 -26.27 53.90
N SER N 121 57.25 -26.06 52.59
CA SER N 121 57.14 -27.17 51.65
C SER N 121 58.05 -26.94 50.46
N VAL N 122 58.47 -28.05 49.86
CA VAL N 122 59.32 -28.01 48.67
C VAL N 122 59.30 -29.41 48.07
N GLY N 123 59.65 -29.50 46.79
CA GLY N 123 59.75 -30.80 46.15
C GLY N 123 60.64 -30.72 44.93
N TYR N 124 61.03 -31.90 44.45
CA TYR N 124 61.77 -31.98 43.20
C TYR N 124 61.26 -33.16 42.38
N ARG N 125 61.40 -33.03 41.07
CA ARG N 125 61.02 -34.07 40.12
C ARG N 125 62.29 -34.74 39.60
N ILE N 126 62.24 -36.07 39.48
CA ILE N 126 63.36 -36.83 38.93
C ILE N 126 63.15 -37.00 37.44
N PRO N 127 64.13 -36.67 36.60
CA PRO N 127 63.93 -36.78 35.15
C PRO N 127 63.96 -38.22 34.68
N THR N 128 63.43 -38.42 33.48
CA THR N 128 63.26 -39.77 32.93
C THR N 128 64.56 -40.54 32.92
N ASN N 129 65.65 -39.92 32.48
CA ASN N 129 66.94 -40.58 32.37
C ASN N 129 67.48 -41.08 33.70
N LEU N 130 66.88 -40.66 34.82
CA LEU N 130 67.33 -41.09 36.14
C LEU N 130 66.31 -41.95 36.87
N ARG N 131 65.26 -42.41 36.17
CA ARG N 131 64.22 -43.21 36.79
C ARG N 131 64.53 -44.70 36.62
N GLN N 132 65.57 -45.14 37.33
CA GLN N 132 65.84 -46.56 37.45
C GLN N 132 65.26 -47.07 38.76
N ASN N 133 65.44 -48.36 39.02
CA ASN N 133 64.90 -48.94 40.23
C ASN N 133 65.80 -48.66 41.43
N THR N 134 65.17 -48.57 42.59
CA THR N 134 65.87 -48.57 43.86
C THR N 134 65.32 -49.70 44.72
N VAL N 135 66.10 -50.09 45.72
CA VAL N 135 65.72 -51.15 46.64
C VAL N 135 65.88 -50.62 48.06
N ALA N 136 65.49 -51.46 49.04
CA ALA N 136 65.41 -51.02 50.42
C ALA N 136 66.72 -50.41 50.92
N ALA N 137 67.85 -50.95 50.48
CA ALA N 137 69.14 -50.49 50.98
C ALA N 137 69.54 -49.11 50.44
N ASP N 138 68.88 -48.61 49.39
CA ASP N 138 69.22 -47.34 48.80
C ASP N 138 68.58 -46.18 49.57
N ASN N 139 68.94 -44.96 49.19
CA ASN N 139 68.43 -43.74 49.77
C ASN N 139 67.77 -42.88 48.70
N VAL N 140 66.75 -42.13 49.10
CA VAL N 140 66.07 -41.21 48.19
C VAL N 140 66.73 -39.84 48.19
N CYS N 141 66.86 -39.24 49.36
CA CYS N 141 67.29 -37.85 49.46
C CYS N 141 67.77 -37.56 50.88
N GLU N 142 68.37 -36.40 51.05
CA GLU N 142 68.71 -35.86 52.36
C GLU N 142 67.72 -34.78 52.72
N VAL N 143 67.29 -34.78 53.98
CA VAL N 143 66.35 -33.78 54.49
C VAL N 143 67.04 -32.98 55.58
N ARG N 144 66.94 -31.66 55.49
CA ARG N 144 67.27 -30.76 56.57
C ARG N 144 66.05 -29.92 56.90
N SER N 145 65.93 -29.52 58.16
CA SER N 145 64.81 -28.71 58.61
C SER N 145 65.12 -28.22 60.00
N ASN N 146 64.52 -27.09 60.37
CA ASN N 146 64.56 -26.64 61.75
C ASN N 146 63.38 -27.16 62.55
N CYS N 147 62.46 -27.89 61.93
CA CYS N 147 61.41 -28.60 62.64
C CYS N 147 61.87 -30.03 62.90
N ARG N 148 61.35 -30.62 63.98
CA ARG N 148 61.81 -31.93 64.40
C ARG N 148 61.20 -33.08 63.62
N GLN N 149 60.18 -32.83 62.80
CA GLN N 149 59.62 -33.86 61.94
C GLN N 149 59.32 -33.27 60.57
N VAL N 150 59.49 -34.10 59.55
CA VAL N 150 59.18 -33.74 58.17
C VAL N 150 58.24 -34.79 57.61
N ALA N 151 57.19 -34.34 56.92
CA ALA N 151 56.26 -35.23 56.25
C ALA N 151 56.59 -35.29 54.76
N LEU N 152 56.71 -36.51 54.23
CA LEU N 152 57.00 -36.71 52.82
C LEU N 152 55.82 -37.37 52.13
N VAL N 153 55.63 -37.00 50.87
CA VAL N 153 54.73 -37.71 49.96
C VAL N 153 55.53 -37.98 48.70
N ILE N 154 55.76 -39.26 48.40
CA ILE N 154 56.61 -39.67 47.29
C ILE N 154 55.74 -40.34 46.23
N SER N 155 55.83 -39.82 45.00
CA SER N 155 55.18 -40.45 43.85
C SER N 155 56.15 -41.44 43.24
N CYS N 156 55.71 -42.70 43.11
CA CYS N 156 56.61 -43.76 42.69
C CYS N 156 55.82 -44.85 41.99
N CYS N 157 56.54 -45.71 41.28
CA CYS N 157 55.97 -46.85 40.57
C CYS N 157 56.55 -48.11 41.19
N PHE N 158 55.73 -48.84 41.95
CA PHE N 158 56.18 -50.10 42.52
C PHE N 158 56.17 -51.18 41.44
N ASN N 159 57.25 -51.96 41.38
CA ASN N 159 57.36 -53.01 40.38
C ASN N 159 58.19 -54.17 40.91
N ASN O 16 0.79 -9.33 40.92
CA ASN O 16 0.28 -10.59 41.44
C ASN O 16 -1.05 -10.38 42.15
N SER O 17 -1.74 -11.48 42.45
CA SER O 17 -3.04 -11.39 43.09
C SER O 17 -2.91 -10.98 44.55
N ASN O 18 -3.90 -10.23 45.04
CA ASN O 18 -3.90 -9.72 46.40
C ASN O 18 -4.93 -10.39 47.29
N VAL O 19 -5.76 -11.28 46.74
CA VAL O 19 -6.83 -11.91 47.49
C VAL O 19 -6.76 -13.42 47.30
N VAL O 20 -7.51 -14.13 48.15
CA VAL O 20 -7.70 -15.56 47.97
C VAL O 20 -8.44 -15.81 46.66
N THR O 21 -8.04 -16.86 45.95
CA THR O 21 -8.71 -17.25 44.72
C THR O 21 -8.97 -18.75 44.73
N MET O 22 -9.92 -19.17 43.90
CA MET O 22 -10.37 -20.54 43.88
C MET O 22 -9.39 -21.45 43.15
N ILE O 23 -9.19 -22.64 43.69
CA ILE O 23 -8.55 -23.75 42.99
C ILE O 23 -9.64 -24.71 42.55
N ARG O 24 -9.59 -25.13 41.28
CA ARG O 24 -10.58 -26.07 40.76
C ARG O 24 -10.00 -27.48 40.87
N ALA O 25 -9.99 -27.98 42.09
CA ALA O 25 -9.42 -29.28 42.40
C ALA O 25 -10.21 -30.41 41.73
N GLY O 26 -9.51 -31.51 41.47
CA GLY O 26 -10.12 -32.65 40.82
C GLY O 26 -10.38 -33.80 41.76
N SER O 27 -10.04 -35.02 41.33
CA SER O 27 -10.20 -36.17 42.19
C SER O 27 -9.15 -36.17 43.30
N TYR O 28 -9.40 -36.97 44.33
CA TYR O 28 -8.49 -37.02 45.47
C TYR O 28 -7.16 -37.60 45.02
N PRO O 29 -6.04 -36.95 45.35
CA PRO O 29 -4.74 -37.36 44.81
C PRO O 29 -4.10 -38.46 45.63
N LYS O 30 -3.03 -39.03 45.08
CA LYS O 30 -2.15 -39.87 45.87
C LYS O 30 -1.48 -39.02 46.94
N VAL O 31 -1.41 -39.54 48.16
CA VAL O 31 -0.86 -38.80 49.28
C VAL O 31 0.15 -39.67 50.02
N ASN O 32 0.94 -39.01 50.86
CA ASN O 32 1.90 -39.68 51.73
C ASN O 32 2.19 -38.80 52.93
N PRO O 33 1.71 -39.19 54.13
CA PRO O 33 1.90 -38.34 55.31
C PRO O 33 3.32 -38.37 55.87
N THR O 34 4.15 -39.33 55.46
CA THR O 34 5.48 -39.51 56.03
C THR O 34 6.47 -39.67 54.89
N PRO O 35 6.86 -38.58 54.24
CA PRO O 35 7.74 -38.68 53.08
C PRO O 35 9.21 -38.80 53.46
N THR O 36 10.04 -38.95 52.43
CA THR O 36 11.48 -39.01 52.57
C THR O 36 12.05 -37.60 52.68
N TRP O 37 13.34 -37.51 53.03
CA TRP O 37 13.98 -36.23 53.27
C TRP O 37 15.48 -36.36 52.99
N VAL O 38 15.97 -35.59 52.03
CA VAL O 38 17.39 -35.46 51.77
C VAL O 38 17.97 -34.41 52.70
N ARG O 39 19.04 -34.74 53.41
CA ARG O 39 19.49 -33.89 54.51
C ARG O 39 21.01 -33.87 54.59
N ALA O 40 21.52 -32.83 55.26
CA ALA O 40 22.92 -32.71 55.65
C ALA O 40 22.94 -32.56 57.16
N ILE O 41 23.30 -33.62 57.87
CA ILE O 41 23.18 -33.67 59.33
C ILE O 41 24.52 -33.29 59.94
N PRO O 42 24.58 -32.26 60.79
CA PRO O 42 25.85 -31.93 61.46
C PRO O 42 25.87 -32.40 62.90
N PHE O 43 26.90 -33.14 63.31
CA PHE O 43 27.05 -33.50 64.71
C PHE O 43 28.52 -33.73 65.03
N GLU O 44 28.80 -33.90 66.32
CA GLU O 44 30.15 -34.00 66.84
C GLU O 44 30.30 -35.31 67.62
N VAL O 45 31.50 -35.88 67.53
CA VAL O 45 31.85 -37.07 68.30
C VAL O 45 33.12 -36.79 69.08
N SER O 46 33.25 -37.42 70.24
CA SER O 46 34.43 -37.32 71.08
C SER O 46 35.36 -38.49 70.76
N VAL O 47 36.64 -38.20 70.56
CA VAL O 47 37.61 -39.23 70.21
C VAL O 47 38.81 -39.11 71.13
N GLN O 48 39.38 -40.26 71.47
CA GLN O 48 40.60 -40.35 72.26
C GLN O 48 41.79 -40.56 71.33
N SER O 49 42.96 -40.16 71.79
CA SER O 49 44.17 -40.31 71.00
C SER O 49 44.52 -41.78 70.80
N GLY O 50 44.91 -42.14 69.58
CA GLY O 50 45.35 -43.48 69.27
C GLY O 50 44.25 -44.53 69.21
N ILE O 51 42.99 -44.15 69.43
CA ILE O 51 41.88 -45.08 69.43
C ILE O 51 40.91 -44.68 68.33
N ALA O 52 40.49 -45.64 67.52
CA ALA O 52 39.47 -45.38 66.53
C ALA O 52 38.10 -45.31 67.20
N PHE O 53 37.28 -44.37 66.75
CA PHE O 53 35.91 -44.24 67.22
C PHE O 53 34.96 -44.64 66.11
N LYS O 54 34.08 -45.60 66.39
CA LYS O 54 33.08 -46.04 65.44
C LYS O 54 31.85 -45.14 65.57
N VAL O 55 31.49 -44.47 64.48
CA VAL O 55 30.34 -43.55 64.49
C VAL O 55 29.07 -44.36 64.26
N PRO O 56 28.14 -44.37 65.21
CA PRO O 56 26.90 -45.13 65.02
C PRO O 56 25.89 -44.37 64.17
N VAL O 57 25.18 -45.13 63.33
CA VAL O 57 24.10 -44.56 62.52
C VAL O 57 23.04 -43.93 63.42
N GLY O 58 22.82 -44.49 64.61
CA GLY O 58 21.82 -43.98 65.52
C GLY O 58 21.97 -42.51 65.87
N SER O 59 23.17 -41.96 65.67
CA SER O 59 23.37 -40.53 65.90
C SER O 59 22.50 -39.69 64.98
N LEU O 60 22.18 -40.19 63.80
CA LEU O 60 21.43 -39.43 62.81
C LEU O 60 19.95 -39.33 63.13
N PHE O 61 19.43 -40.17 64.04
CA PHE O 61 18.03 -40.16 64.41
C PHE O 61 17.88 -39.40 65.71
N SER O 62 17.35 -38.18 65.65
CA SER O 62 17.23 -37.35 66.83
C SER O 62 16.21 -36.25 66.59
N ALA O 63 15.49 -35.87 67.66
CA ALA O 63 14.60 -34.73 67.57
C ALA O 63 15.37 -33.46 67.23
N ASN O 64 16.64 -33.36 67.65
CA ASN O 64 17.47 -32.20 67.35
C ASN O 64 17.64 -31.96 65.85
N PHE O 65 17.36 -32.95 65.02
CA PHE O 65 17.44 -32.82 63.57
C PHE O 65 16.10 -32.96 62.90
N ARG O 66 15.01 -33.07 63.67
CA ARG O 66 13.67 -33.36 63.16
C ARG O 66 13.62 -34.74 62.50
N THR O 67 14.44 -35.68 62.94
CA THR O 67 14.56 -36.98 62.27
C THR O 67 14.19 -38.16 63.16
N ASP O 68 13.62 -37.92 64.35
CA ASP O 68 13.36 -39.02 65.27
C ASP O 68 12.31 -40.00 64.75
N SER O 69 11.51 -39.60 63.77
CA SER O 69 10.47 -40.49 63.25
C SER O 69 10.96 -41.42 62.15
N PHE O 70 12.22 -41.32 61.75
CA PHE O 70 12.80 -42.25 60.80
C PHE O 70 13.48 -43.38 61.56
N THR O 71 13.55 -44.55 60.93
CA THR O 71 14.31 -45.68 61.46
C THR O 71 15.37 -46.20 60.49
N SER O 72 15.42 -45.67 59.27
CA SER O 72 16.46 -46.05 58.31
C SER O 72 16.94 -44.80 57.59
N VAL O 73 18.13 -44.90 57.02
CA VAL O 73 18.72 -43.82 56.26
C VAL O 73 19.70 -44.41 55.26
N THR O 74 19.81 -43.78 54.09
CA THR O 74 20.81 -44.12 53.09
C THR O 74 21.89 -43.05 53.14
N VAL O 75 23.10 -43.43 53.54
CA VAL O 75 24.20 -42.49 53.64
C VAL O 75 24.83 -42.33 52.26
N MET O 76 25.07 -41.07 51.86
CA MET O 76 25.62 -40.76 50.55
C MET O 76 27.06 -40.28 50.60
N SER O 77 27.40 -39.38 51.52
CA SER O 77 28.79 -38.96 51.68
C SER O 77 29.02 -38.52 53.12
N VAL O 78 30.28 -38.58 53.55
CA VAL O 78 30.68 -38.26 54.91
C VAL O 78 31.86 -37.31 54.86
N ARG O 79 31.72 -36.16 55.50
CA ARG O 79 32.79 -35.18 55.63
CA ARG O 79 32.79 -35.18 55.63
C ARG O 79 33.06 -34.94 57.10
N ALA O 80 34.33 -34.72 57.44
CA ALA O 80 34.74 -34.56 58.82
C ALA O 80 35.70 -33.40 58.97
N TRP O 81 35.61 -32.73 60.12
CA TRP O 81 36.51 -31.65 60.48
C TRP O 81 36.95 -31.86 61.92
N THR O 82 38.18 -31.47 62.23
CA THR O 82 38.59 -31.40 63.62
C THR O 82 37.89 -30.23 64.29
N GLN O 83 37.47 -30.43 65.54
CA GLN O 83 36.58 -29.52 66.24
C GLN O 83 37.22 -28.85 67.44
N LEU O 84 38.37 -29.31 67.90
CA LEU O 84 39.15 -28.66 68.94
C LEU O 84 40.60 -28.55 68.45
N THR O 85 41.40 -27.77 69.18
CA THR O 85 42.78 -27.54 68.78
C THR O 85 43.62 -28.81 68.97
N PRO O 86 44.69 -28.96 68.20
CA PRO O 86 45.52 -30.17 68.31
C PRO O 86 46.47 -30.07 69.49
N PRO O 87 47.19 -31.15 69.82
CA PRO O 87 48.21 -31.05 70.88
C PRO O 87 49.27 -30.03 70.51
N VAL O 88 49.97 -29.54 71.53
CA VAL O 88 51.02 -28.55 71.34
C VAL O 88 52.02 -29.08 70.32
N ASN O 89 52.50 -28.19 69.46
CA ASN O 89 53.52 -28.40 68.44
C ASN O 89 53.01 -29.16 67.21
N GLU O 90 51.73 -29.52 67.14
CA GLU O 90 51.23 -30.39 66.08
C GLU O 90 50.22 -29.67 65.19
N TYR O 91 50.12 -30.15 63.96
CA TYR O 91 49.03 -29.78 63.06
C TYR O 91 47.89 -30.80 63.20
N SER O 92 46.67 -30.30 63.06
CA SER O 92 45.50 -31.18 63.18
C SER O 92 45.48 -32.20 62.05
N PHE O 93 44.95 -33.38 62.33
CA PHE O 93 44.69 -34.38 61.30
C PHE O 93 43.46 -35.19 61.67
N VAL O 94 42.85 -35.80 60.66
CA VAL O 94 41.69 -36.64 60.85
C VAL O 94 41.69 -37.71 59.76
N ARG O 95 41.34 -38.95 60.13
CA ARG O 95 41.25 -40.05 59.20
C ARG O 95 39.83 -40.62 59.20
N LEU O 96 39.41 -41.12 58.05
CA LEU O 96 38.10 -41.76 57.91
C LEU O 96 38.29 -43.13 57.29
N LYS O 97 37.77 -44.16 57.95
CA LYS O 97 37.74 -45.51 57.40
C LYS O 97 36.29 -45.92 57.21
N PRO O 98 35.84 -46.11 55.97
CA PRO O 98 34.43 -46.48 55.75
C PRO O 98 34.12 -47.88 56.28
N LEU O 99 32.92 -48.02 56.84
CA LEU O 99 32.40 -49.29 57.31
C LEU O 99 31.14 -49.66 56.54
N PHE O 100 30.95 -50.96 56.33
CA PHE O 100 29.78 -51.46 55.62
C PHE O 100 29.36 -52.81 56.19
N LYS O 101 28.05 -53.03 56.25
CA LYS O 101 27.53 -54.30 56.74
C LYS O 101 28.00 -55.48 55.90
N THR O 102 28.06 -55.31 54.57
CA THR O 102 28.52 -56.39 53.71
C THR O 102 30.04 -56.55 53.70
N GLY O 103 30.79 -55.69 54.38
CA GLY O 103 32.22 -55.79 54.39
C GLY O 103 32.93 -54.47 54.58
N ASP O 104 33.75 -54.38 55.64
CA ASP O 104 34.41 -53.14 55.97
C ASP O 104 35.56 -52.85 55.02
N SER O 105 35.84 -51.56 54.85
CA SER O 105 36.97 -51.12 54.07
C SER O 105 38.22 -51.01 54.93
N THR O 106 39.36 -50.90 54.27
CA THR O 106 40.64 -50.62 54.94
C THR O 106 41.28 -49.33 54.42
N GLU O 107 40.55 -48.54 53.63
CA GLU O 107 41.02 -47.21 53.28
C GLU O 107 41.07 -46.33 54.51
N GLU O 108 42.03 -45.41 54.53
CA GLU O 108 42.17 -44.44 55.61
C GLU O 108 42.34 -43.06 55.00
N PHE O 109 41.25 -42.51 54.46
CA PHE O 109 41.27 -41.16 53.92
C PHE O 109 41.64 -40.17 55.01
N GLU O 110 42.68 -39.37 54.75
CA GLU O 110 43.23 -38.50 55.78
C GLU O 110 43.43 -37.10 55.24
N GLY O 111 43.10 -36.11 56.06
CA GLY O 111 43.41 -34.72 55.78
C GLY O 111 44.23 -34.14 56.91
N ARG O 112 45.09 -33.19 56.57
CA ARG O 112 45.98 -32.57 57.54
C ARG O 112 45.95 -31.05 57.39
N ALA O 113 46.00 -30.36 58.52
CA ALA O 113 46.08 -28.92 58.50
C ALA O 113 47.47 -28.47 58.08
N SER O 114 47.53 -27.31 57.42
CA SER O 114 48.80 -26.68 57.06
C SER O 114 49.06 -25.43 57.88
N ASN O 115 48.15 -25.06 58.76
CA ASN O 115 48.31 -23.97 59.72
C ASN O 115 47.79 -24.49 61.05
N ILE O 116 48.63 -24.43 62.10
CA ILE O 116 48.29 -25.07 63.37
C ILE O 116 46.99 -24.55 63.95
N ASN O 117 46.50 -23.40 63.49
CA ASN O 117 45.28 -22.79 64.01
C ASN O 117 44.05 -23.16 63.20
N THR O 118 44.16 -24.08 62.25
CA THR O 118 43.12 -24.36 61.28
C THR O 118 42.65 -25.81 61.40
N ARG O 119 41.38 -26.04 61.12
CA ARG O 119 40.83 -27.39 61.12
C ARG O 119 41.44 -28.23 60.00
N ALA O 120 41.62 -29.52 60.29
CA ALA O 120 41.89 -30.50 59.26
C ALA O 120 40.57 -31.10 58.80
N SER O 121 40.52 -31.51 57.53
CA SER O 121 39.26 -32.01 56.99
C SER O 121 39.53 -33.06 55.92
N VAL O 122 38.56 -33.95 55.75
CA VAL O 122 38.60 -34.98 54.73
C VAL O 122 37.19 -35.53 54.59
N GLY O 123 36.92 -36.21 53.48
CA GLY O 123 35.60 -36.80 53.28
C GLY O 123 35.66 -37.87 52.23
N TYR O 124 34.60 -38.69 52.19
CA TYR O 124 34.50 -39.71 51.17
C TYR O 124 33.06 -39.86 50.70
N ARG O 125 32.91 -40.29 49.46
CA ARG O 125 31.63 -40.52 48.82
C ARG O 125 31.37 -42.02 48.69
N ILE O 126 30.14 -42.44 48.90
CA ILE O 126 29.76 -43.84 48.84
C ILE O 126 29.15 -44.11 47.46
N PRO O 127 29.61 -45.13 46.75
CA PRO O 127 29.09 -45.38 45.40
C PRO O 127 27.68 -45.96 45.41
N THR O 128 26.99 -45.78 44.28
CA THR O 128 25.60 -46.18 44.15
C THR O 128 25.38 -47.63 44.60
N ASN O 129 26.24 -48.54 44.13
CA ASN O 129 26.11 -49.95 44.46
C ASN O 129 26.20 -50.24 45.95
N LEU O 130 26.67 -49.29 46.76
CA LEU O 130 26.81 -49.49 48.20
C LEU O 130 25.84 -48.64 49.01
N ARG O 131 24.91 -47.93 48.38
CA ARG O 131 23.96 -47.09 49.09
C ARG O 131 22.70 -47.90 49.39
N GLN O 132 22.81 -48.78 50.39
CA GLN O 132 21.65 -49.45 50.94
C GLN O 132 21.26 -48.77 52.25
N ASN O 133 20.24 -49.30 52.90
CA ASN O 133 19.81 -48.67 54.14
C ASN O 133 20.69 -49.12 55.30
N THR O 134 20.65 -48.33 56.36
CA THR O 134 21.32 -48.64 57.62
C THR O 134 20.40 -48.25 58.76
N VAL O 135 20.42 -49.04 59.83
CA VAL O 135 19.61 -48.77 61.00
C VAL O 135 20.50 -48.34 62.15
N ALA O 136 19.86 -47.95 63.26
CA ALA O 136 20.56 -47.28 64.36
C ALA O 136 21.75 -48.06 64.88
N ALA O 137 21.68 -49.39 64.85
CA ALA O 137 22.78 -50.20 65.39
C ALA O 137 23.96 -50.31 64.43
N ASP O 138 23.80 -49.92 63.18
CA ASP O 138 24.90 -49.95 62.23
C ASP O 138 25.88 -48.81 62.51
N ASN O 139 27.05 -48.90 61.88
CA ASN O 139 28.07 -47.87 61.97
C ASN O 139 28.36 -47.31 60.58
N VAL O 140 28.77 -46.06 60.54
CA VAL O 140 29.09 -45.40 59.27
C VAL O 140 30.56 -45.53 58.93
N CYS O 141 31.43 -45.32 59.91
CA CYS O 141 32.87 -45.24 59.66
C CYS O 141 33.60 -45.17 60.99
N GLU O 142 34.90 -45.40 60.94
CA GLU O 142 35.80 -45.13 62.06
C GLU O 142 36.44 -43.77 61.88
N VAL O 143 36.64 -43.08 63.00
CA VAL O 143 37.30 -41.78 63.02
C VAL O 143 38.55 -41.87 63.88
N ARG O 144 39.63 -41.27 63.40
CA ARG O 144 40.86 -41.10 64.18
C ARG O 144 41.32 -39.66 64.05
N SER O 145 41.89 -39.14 65.14
CA SER O 145 42.37 -37.76 65.14
C SER O 145 43.32 -37.57 66.30
N ASN O 146 44.11 -36.49 66.21
CA ASN O 146 44.87 -36.02 67.36
C ASN O 146 44.12 -34.91 68.10
N CYS O 147 42.96 -34.50 67.61
CA CYS O 147 42.09 -33.57 68.32
C CYS O 147 40.99 -34.35 69.04
N ARG O 148 40.57 -33.83 70.18
CA ARG O 148 39.69 -34.59 71.07
C ARG O 148 38.23 -34.58 70.62
N GLN O 149 37.87 -33.74 69.66
CA GLN O 149 36.54 -33.79 69.07
C GLN O 149 36.66 -33.64 67.56
N VAL O 150 35.72 -34.25 66.85
CA VAL O 150 35.66 -34.20 65.40
C VAL O 150 34.23 -33.87 64.99
N ALA O 151 34.08 -32.86 64.15
CA ALA O 151 32.77 -32.48 63.65
C ALA O 151 32.49 -33.20 62.34
N LEU O 152 31.34 -33.85 62.26
CA LEU O 152 30.94 -34.59 61.07
C LEU O 152 29.73 -33.92 60.44
N VAL O 153 29.69 -33.96 59.10
CA VAL O 153 28.53 -33.53 58.34
C VAL O 153 28.24 -34.64 57.33
N ILE O 154 27.06 -35.24 57.44
CA ILE O 154 26.72 -36.44 56.69
C ILE O 154 25.56 -36.12 55.76
N SER O 155 25.78 -36.26 54.46
CA SER O 155 24.71 -36.14 53.46
C SER O 155 24.03 -37.48 53.31
N CYS O 156 22.71 -37.50 53.50
CA CYS O 156 22.00 -38.78 53.59
C CYS O 156 20.54 -38.59 53.22
N CYS O 157 19.88 -39.72 52.96
CA CYS O 157 18.48 -39.75 52.56
C CYS O 157 17.69 -40.54 53.61
N PHE O 158 16.90 -39.82 54.41
CA PHE O 158 16.03 -40.48 55.36
C PHE O 158 14.81 -41.05 54.64
N ASN O 159 14.46 -42.29 54.99
CA ASN O 159 13.31 -42.95 54.39
C ASN O 159 12.68 -43.92 55.37
N ASN IB 16 30.81 13.91 -56.43
CA ASN IB 16 29.63 13.67 -57.24
C ASN IB 16 30.00 13.62 -58.73
N SER IB 17 29.03 13.27 -59.57
CA SER IB 17 29.28 13.10 -60.99
C SER IB 17 29.51 14.44 -61.67
N ASN IB 18 30.42 14.45 -62.64
CA ASN IB 18 30.76 15.65 -63.39
C ASN IB 18 30.34 15.60 -64.86
N VAL IB 19 29.86 14.45 -65.35
CA VAL IB 19 29.51 14.29 -66.75
C VAL IB 19 28.10 13.73 -66.85
N VAL IB 20 27.54 13.82 -68.05
CA VAL IB 20 26.26 13.17 -68.32
C VAL IB 20 26.42 11.67 -68.16
N THR IB 21 25.39 11.02 -67.61
CA THR IB 21 25.36 9.57 -67.46
C THR IB 21 24.05 9.02 -68.02
N MET IB 22 24.07 7.73 -68.30
CA MET IB 22 22.93 7.07 -68.93
C MET IB 22 21.87 6.69 -67.90
N ILE IB 23 20.60 6.90 -68.26
CA ILE IB 23 19.45 6.38 -67.53
C ILE IB 23 18.90 5.19 -68.30
N ARG IB 24 18.65 4.08 -67.59
CA ARG IB 24 18.14 2.87 -68.23
C ARG IB 24 16.61 2.86 -68.12
N ALA IB 25 16.00 3.75 -68.90
CA ALA IB 25 14.55 3.92 -68.88
C ALA IB 25 13.84 2.65 -69.34
N GLY IB 26 12.60 2.50 -68.87
CA GLY IB 26 11.81 1.34 -69.23
C GLY IB 26 10.58 1.68 -70.06
N SER IB 27 9.41 1.26 -69.61
CA SER IB 27 8.17 1.53 -70.34
C SER IB 27 7.82 3.00 -70.30
N TYR IB 28 6.99 3.42 -71.24
CA TYR IB 28 6.53 4.80 -71.24
C TYR IB 28 5.65 5.03 -70.02
N PRO IB 29 5.98 6.01 -69.17
CA PRO IB 29 5.27 6.16 -67.90
C PRO IB 29 3.91 6.81 -68.10
N LYS IB 30 3.16 6.88 -67.01
CA LYS IB 30 1.98 7.73 -66.98
C LYS IB 30 2.41 9.20 -66.94
N VAL IB 31 1.77 10.03 -67.74
CA VAL IB 31 2.13 11.43 -67.85
C VAL IB 31 0.89 12.29 -67.62
N ASN IB 32 1.13 13.57 -67.39
CA ASN IB 32 0.07 14.56 -67.24
C ASN IB 32 0.63 15.94 -67.56
N PRO IB 33 0.29 16.50 -68.73
CA PRO IB 33 0.87 17.80 -69.10
C PRO IB 33 0.35 18.97 -68.29
N THR IB 34 -0.78 18.81 -67.60
CA THR IB 34 -1.43 19.94 -66.90
C THR IB 34 -1.75 19.54 -65.47
N PRO IB 35 -0.74 19.49 -64.60
CA PRO IB 35 -0.95 19.02 -63.23
C PRO IB 35 -1.60 20.08 -62.34
N THR IB 36 -1.93 19.65 -61.12
CA THR IB 36 -2.43 20.55 -60.09
C THR IB 36 -1.28 21.36 -59.50
N TRP IB 37 -1.61 22.31 -58.63
CA TRP IB 37 -0.60 23.21 -58.08
C TRP IB 37 -1.11 23.78 -56.77
N VAL IB 38 -0.36 23.57 -55.69
CA VAL IB 38 -0.67 24.15 -54.39
C VAL IB 38 0.04 25.50 -54.29
N ARG IB 39 -0.73 26.55 -53.97
CA ARG IB 39 -0.22 27.91 -54.10
C ARG IB 39 -0.69 28.78 -52.95
N ALA IB 40 0.12 29.81 -52.65
CA ALA IB 40 -0.27 30.93 -51.80
C ALA IB 40 -0.29 32.17 -52.67
N ILE IB 41 -1.47 32.68 -52.95
CA ILE IB 41 -1.68 33.75 -53.94
C ILE IB 41 -1.84 35.06 -53.19
N PRO IB 42 -0.98 36.06 -53.43
CA PRO IB 42 -1.20 37.38 -52.83
C PRO IB 42 -1.86 38.36 -53.78
N PHE IB 43 -2.85 39.11 -53.30
CA PHE IB 43 -3.46 40.18 -54.08
C PHE IB 43 -4.21 41.11 -53.14
N GLU IB 44 -4.54 42.29 -53.66
CA GLU IB 44 -5.16 43.35 -52.86
C GLU IB 44 -6.51 43.72 -53.45
N VAL IB 45 -7.45 44.11 -52.57
CA VAL IB 45 -8.75 44.58 -52.99
C VAL IB 45 -8.99 45.96 -52.38
N SER IB 46 -9.79 46.76 -53.08
CA SER IB 46 -10.17 48.08 -52.60
C SER IB 46 -11.47 47.99 -51.82
N VAL IB 47 -11.54 48.69 -50.70
CA VAL IB 47 -12.66 48.62 -49.78
C VAL IB 47 -13.16 50.02 -49.50
N GLN IB 48 -14.48 50.20 -49.50
CA GLN IB 48 -15.10 51.45 -49.09
C GLN IB 48 -15.52 51.34 -47.62
N SER IB 49 -15.51 52.48 -46.94
CA SER IB 49 -15.91 52.51 -45.54
C SER IB 49 -17.38 52.12 -45.40
N GLY IB 50 -17.67 51.27 -44.41
CA GLY IB 50 -19.02 50.87 -44.11
C GLY IB 50 -19.66 49.93 -45.10
N ILE IB 51 -18.94 49.48 -46.13
CA ILE IB 51 -19.50 48.61 -47.16
C ILE IB 51 -18.64 47.36 -47.25
N ALA IB 52 -19.29 46.21 -47.22
CA ALA IB 52 -18.59 44.94 -47.39
C ALA IB 52 -18.29 44.70 -48.88
N PHE IB 53 -17.14 44.09 -49.14
CA PHE IB 53 -16.70 43.78 -50.49
C PHE IB 53 -16.63 42.27 -50.66
N LYS IB 54 -17.36 41.75 -51.64
CA LYS IB 54 -17.32 40.31 -51.96
C LYS IB 54 -16.10 40.04 -52.85
N VAL IB 55 -15.22 39.16 -52.40
CA VAL IB 55 -13.98 38.86 -53.09
C VAL IB 55 -14.26 37.76 -54.10
N PRO IB 56 -14.11 38.01 -55.40
CA PRO IB 56 -14.42 36.99 -56.41
C PRO IB 56 -13.29 35.98 -56.57
N VAL IB 57 -13.69 34.71 -56.73
CA VAL IB 57 -12.73 33.64 -56.97
C VAL IB 57 -11.92 33.91 -58.24
N GLY IB 58 -12.53 34.57 -59.23
CA GLY IB 58 -11.84 34.86 -60.48
C GLY IB 58 -10.57 35.67 -60.32
N SER IB 59 -10.39 36.34 -59.18
CA SER IB 59 -9.15 37.09 -58.95
C SER IB 59 -7.93 36.17 -58.93
N LEU IB 60 -8.12 34.89 -58.66
CA LEU IB 60 -7.01 33.96 -58.51
C LEU IB 60 -6.50 33.40 -59.84
N PHE IB 61 -7.26 33.56 -60.93
CA PHE IB 61 -6.87 33.06 -62.25
C PHE IB 61 -6.29 34.23 -63.03
N SER IB 62 -4.96 34.28 -63.14
CA SER IB 62 -4.31 35.38 -63.82
C SER IB 62 -2.91 34.95 -64.24
N ALA IB 63 -2.43 35.55 -65.33
CA ALA IB 63 -1.05 35.31 -65.75
C ALA IB 63 -0.06 35.89 -64.75
N ASN IB 64 -0.46 36.92 -63.99
CA ASN IB 64 0.38 37.47 -62.93
C ASN IB 64 0.70 36.46 -61.84
N PHE IB 65 -0.01 35.32 -61.81
CA PHE IB 65 0.24 34.27 -60.84
C PHE IB 65 0.65 32.96 -61.52
N ARG IB 66 0.82 32.96 -62.85
CA ARG IB 66 1.03 31.76 -63.64
C ARG IB 66 -0.15 30.78 -63.52
N THR IB 67 -1.37 31.29 -63.36
CA THR IB 67 -2.52 30.43 -63.10
C THR IB 67 -3.66 30.67 -64.09
N ASP IB 68 -3.41 31.35 -65.21
CA ASP IB 68 -4.48 31.64 -66.16
C ASP IB 68 -4.94 30.42 -66.93
N SER IB 69 -4.28 29.27 -66.78
CA SER IB 69 -4.67 28.05 -67.46
C SER IB 69 -5.62 27.20 -66.64
N PHE IB 70 -5.88 27.58 -65.39
CA PHE IB 70 -6.85 26.88 -64.56
C PHE IB 70 -8.22 27.55 -64.66
N THR IB 71 -9.26 26.74 -64.48
CA THR IB 71 -10.62 27.24 -64.41
C THR IB 71 -11.29 26.90 -63.09
N SER IB 72 -10.62 26.16 -62.21
CA SER IB 72 -11.18 25.78 -60.91
C SER IB 72 -10.08 25.85 -59.87
N VAL IB 73 -10.50 26.03 -58.61
CA VAL IB 73 -9.57 26.07 -57.49
C VAL IB 73 -10.31 25.61 -56.25
N THR IB 74 -9.57 24.97 -55.34
CA THR IB 74 -10.08 24.58 -54.03
C THR IB 74 -9.39 25.43 -52.99
N VAL IB 75 -10.14 26.32 -52.34
CA VAL IB 75 -9.58 27.24 -51.36
C VAL IB 75 -9.44 26.52 -50.03
N MET IB 76 -8.28 26.65 -49.39
CA MET IB 76 -8.02 26.01 -48.10
C MET IB 76 -8.09 27.01 -46.95
N SER IB 77 -7.42 28.15 -47.06
CA SER IB 77 -7.46 29.14 -45.99
C SER IB 77 -7.34 30.53 -46.58
N VAL IB 78 -7.91 31.50 -45.86
CA VAL IB 78 -7.90 32.90 -46.25
C VAL IB 78 -7.26 33.71 -45.14
N ARG IB 79 -6.37 34.63 -45.49
CA ARG IB 79 -5.75 35.54 -44.54
C ARG IB 79 -5.73 36.95 -45.11
N ALA IB 80 -6.07 37.93 -44.26
CA ALA IB 80 -6.22 39.31 -44.71
C ALA IB 80 -5.42 40.25 -43.82
N TRP IB 81 -4.80 41.25 -44.45
CA TRP IB 81 -4.07 42.32 -43.78
C TRP IB 81 -4.58 43.66 -44.30
N THR IB 82 -4.60 44.67 -43.44
CA THR IB 82 -4.84 46.01 -43.93
C THR IB 82 -3.64 46.48 -44.73
N GLN IB 83 -3.90 47.15 -45.86
CA GLN IB 83 -2.85 47.49 -46.81
C GLN IB 83 -2.53 48.98 -46.84
N LEU IB 84 -3.40 49.83 -46.31
CA LEU IB 84 -3.13 51.26 -46.17
C LEU IB 84 -3.42 51.69 -44.73
N THR IB 85 -3.05 52.92 -44.42
CA THR IB 85 -3.19 53.43 -43.05
C THR IB 85 -4.65 53.66 -42.70
N PRO IB 86 -5.00 53.59 -41.42
CA PRO IB 86 -6.38 53.82 -41.01
C PRO IB 86 -6.68 55.30 -40.98
N PRO IB 87 -7.94 55.69 -40.78
CA PRO IB 87 -8.25 57.11 -40.59
C PRO IB 87 -7.56 57.67 -39.36
N VAL IB 88 -7.49 59.00 -39.31
CA VAL IB 88 -6.89 59.67 -38.17
C VAL IB 88 -7.61 59.27 -36.90
N ASN IB 89 -6.85 59.06 -35.83
CA ASN IB 89 -7.26 58.68 -34.47
C ASN IB 89 -7.64 57.21 -34.33
N GLU IB 90 -7.76 56.44 -35.42
CA GLU IB 90 -8.26 55.08 -35.33
C GLU IB 90 -7.12 54.06 -35.41
N TYR IB 91 -7.40 52.86 -34.90
CA TYR IB 91 -6.56 51.70 -35.15
C TYR IB 91 -7.16 50.90 -36.30
N SER IB 92 -6.29 50.23 -37.05
CA SER IB 92 -6.75 49.43 -38.18
C SER IB 92 -7.55 48.22 -37.71
N PHE IB 93 -8.55 47.83 -38.51
CA PHE IB 93 -9.23 46.58 -38.29
C PHE IB 93 -9.63 46.00 -39.64
N VAL IB 94 -9.85 44.69 -39.66
CA VAL IB 94 -10.34 44.00 -40.85
C VAL IB 94 -11.24 42.86 -40.39
N ARG IB 95 -12.32 42.63 -41.15
CA ARG IB 95 -13.28 41.56 -40.87
C ARG IB 95 -13.43 40.68 -42.09
N LEU IB 96 -13.50 39.37 -41.87
CA LEU IB 96 -13.74 38.39 -42.92
C LEU IB 96 -15.00 37.60 -42.60
N LYS IB 97 -15.92 37.55 -43.56
CA LYS IB 97 -17.10 36.70 -43.47
C LYS IB 97 -17.01 35.64 -44.57
N PRO IB 98 -16.87 34.36 -44.24
CA PRO IB 98 -16.74 33.34 -45.30
C PRO IB 98 -18.03 33.17 -46.07
N LEU IB 99 -17.89 32.87 -47.36
CA LEU IB 99 -19.02 32.61 -48.24
C LEU IB 99 -18.88 31.21 -48.84
N PHE IB 100 -20.02 30.58 -49.13
CA PHE IB 100 -20.05 29.25 -49.73
C PHE IB 100 -21.26 29.13 -50.65
N LYS IB 101 -21.07 28.41 -51.76
CA LYS IB 101 -22.17 28.19 -52.71
C LYS IB 101 -23.33 27.46 -52.04
N THR IB 102 -23.04 26.51 -51.15
CA THR IB 102 -24.10 25.76 -50.48
C THR IB 102 -24.73 26.52 -49.32
N GLY IB 103 -24.23 27.71 -48.98
CA GLY IB 103 -24.79 28.48 -47.89
C GLY IB 103 -23.77 29.36 -47.20
N ASP IB 104 -24.09 30.65 -47.08
CA ASP IB 104 -23.14 31.62 -46.52
C ASP IB 104 -23.09 31.53 -45.01
N SER IB 105 -21.93 31.83 -44.45
CA SER IB 105 -21.75 31.94 -43.02
C SER IB 105 -22.11 33.32 -42.53
N THR IB 106 -22.30 33.44 -41.21
CA THR IB 106 -22.51 34.74 -40.58
C THR IB 106 -21.41 35.05 -39.57
N GLU IB 107 -20.33 34.28 -39.56
CA GLU IB 107 -19.16 34.62 -38.76
C GLU IB 107 -18.54 35.92 -39.28
N GLU IB 108 -17.99 36.70 -38.35
CA GLU IB 108 -17.29 37.93 -38.67
C GLU IB 108 -15.94 37.92 -37.96
N PHE IB 109 -15.04 37.06 -38.43
CA PHE IB 109 -13.69 36.99 -37.88
C PHE IB 109 -13.00 38.33 -38.04
N GLU IB 110 -12.52 38.89 -36.93
CA GLU IB 110 -12.03 40.26 -36.93
C GLU IB 110 -10.67 40.34 -36.25
N GLY IB 111 -9.79 41.13 -36.83
CA GLY IB 111 -8.52 41.48 -36.18
C GLY IB 111 -8.37 42.97 -36.11
N ARG IB 112 -7.80 43.45 -35.01
CA ARG IB 112 -7.54 44.86 -34.82
C ARG IB 112 -6.08 45.07 -34.48
N ALA IB 113 -5.56 46.21 -34.92
CA ALA IB 113 -4.19 46.59 -34.60
C ALA IB 113 -4.13 47.16 -33.19
N SER IB 114 -2.97 47.01 -32.56
CA SER IB 114 -2.72 47.61 -31.26
C SER IB 114 -1.69 48.73 -31.33
N ASN IB 115 -1.15 49.00 -32.52
CA ASN IB 115 -0.33 50.17 -32.80
C ASN IB 115 -0.94 50.84 -34.03
N ILE IB 116 -1.18 52.16 -33.95
CA ILE IB 116 -1.86 52.82 -35.06
C ILE IB 116 -1.06 52.69 -36.35
N ASN IB 117 0.25 52.50 -36.26
CA ASN IB 117 1.13 52.40 -37.41
C ASN IB 117 1.26 50.98 -37.94
N THR IB 118 0.45 50.05 -37.44
CA THR IB 118 0.62 48.64 -37.72
C THR IB 118 -0.60 48.07 -38.45
N ARG IB 119 -0.36 47.07 -39.29
CA ARG IB 119 -1.45 46.37 -39.96
C ARG IB 119 -2.29 45.59 -38.95
N ALA IB 120 -3.59 45.56 -39.20
CA ALA IB 120 -4.46 44.58 -38.58
C ALA IB 120 -4.51 43.35 -39.48
N SER IB 121 -4.73 42.18 -38.88
CA SER IB 121 -4.74 40.95 -39.65
C SER IB 121 -5.64 39.92 -38.99
N VAL IB 122 -6.25 39.08 -39.83
CA VAL IB 122 -7.08 37.98 -39.38
C VAL IB 122 -7.15 36.96 -40.51
N GLY IB 123 -7.60 35.76 -40.19
CA GLY IB 123 -7.78 34.74 -41.20
C GLY IB 123 -8.71 33.66 -40.71
N TYR IB 124 -9.09 32.77 -41.63
CA TYR IB 124 -9.92 31.64 -41.27
C TYR IB 124 -9.56 30.44 -42.14
N ARG IB 125 -9.82 29.26 -41.60
CA ARG IB 125 -9.54 27.99 -42.26
C ARG IB 125 -10.86 27.35 -42.71
N ILE IB 126 -10.86 26.83 -43.93
CA ILE IB 126 -12.03 26.14 -44.45
C ILE IB 126 -11.89 24.65 -44.14
N PRO IB 127 -12.90 24.02 -43.52
CA PRO IB 127 -12.78 22.60 -43.17
C PRO IB 127 -12.84 21.72 -44.41
N THR IB 128 -12.49 20.44 -44.20
CA THR IB 128 -12.40 19.49 -45.31
C THR IB 128 -13.75 19.33 -46.01
N ASN IB 129 -14.82 19.18 -45.23
CA ASN IB 129 -16.15 18.95 -45.80
C ASN IB 129 -16.65 20.14 -46.61
N LEU IB 130 -15.97 21.29 -46.57
CA LEU IB 130 -16.37 22.45 -47.36
C LEU IB 130 -15.36 22.77 -48.45
N ARG IB 131 -14.38 21.91 -48.68
CA ARG IB 131 -13.34 22.17 -49.69
C ARG IB 131 -13.74 21.54 -51.03
N GLN IB 132 -14.75 22.14 -51.64
CA GLN IB 132 -15.12 21.80 -53.01
C GLN IB 132 -14.53 22.84 -53.97
N ASN IB 133 -14.75 22.63 -55.25
CA ASN IB 133 -14.20 23.51 -56.26
C ASN IB 133 -15.02 24.78 -56.36
N THR IB 134 -14.35 25.86 -56.72
CA THR IB 134 -15.00 27.11 -57.05
C THR IB 134 -14.50 27.58 -58.41
N VAL IB 135 -15.32 28.38 -59.07
CA VAL IB 135 -15.01 28.92 -60.39
C VAL IB 135 -15.03 30.43 -60.30
N ALA IB 136 -14.64 31.09 -61.41
CA ALA IB 136 -14.43 32.53 -61.39
C ALA IB 136 -15.67 33.29 -60.90
N ALA IB 137 -16.86 32.81 -61.23
CA ALA IB 137 -18.08 33.51 -60.87
C ALA IB 137 -18.45 33.34 -59.40
N ASP IB 138 -17.76 32.48 -58.65
CA ASP IB 138 -18.03 32.33 -57.23
C ASP IB 138 -17.29 33.40 -56.42
N ASN IB 139 -17.65 33.50 -55.14
CA ASN IB 139 -17.04 34.43 -54.20
C ASN IB 139 -16.40 33.67 -53.05
N VAL IB 140 -15.31 34.23 -52.54
CA VAL IB 140 -14.62 33.61 -51.40
C VAL IB 140 -15.17 34.12 -50.08
N CYS IB 141 -15.22 35.44 -49.90
CA CYS IB 141 -15.56 36.00 -48.59
C CYS IB 141 -15.93 37.46 -48.75
N GLU IB 142 -16.43 38.04 -47.65
CA GLU IB 142 -16.68 39.48 -47.56
C GLU IB 142 -15.61 40.11 -46.69
N VAL IB 143 -15.09 41.24 -47.14
CA VAL IB 143 -14.10 42.01 -46.39
C VAL IB 143 -14.75 43.30 -45.92
N ARG IB 144 -14.50 43.65 -44.66
CA ARG IB 144 -14.81 44.97 -44.13
C ARG IB 144 -13.55 45.51 -43.47
N SER IB 145 -13.35 46.82 -43.57
CA SER IB 145 -12.17 47.44 -43.01
C SER IB 145 -12.38 48.94 -42.97
N ASN IB 146 -11.71 49.60 -42.03
CA ASN IB 146 -11.64 51.06 -42.05
C ASN IB 146 -10.48 51.56 -42.90
N CYS IB 147 -9.69 50.66 -43.48
CA CYS IB 147 -8.64 51.02 -44.43
C CYS IB 147 -9.13 50.77 -45.86
N ARG IB 148 -8.66 51.61 -46.77
CA ARG IB 148 -9.21 51.60 -48.13
C ARG IB 148 -8.68 50.47 -49.00
N GLN IB 149 -7.70 49.71 -48.53
CA GLN IB 149 -7.22 48.53 -49.24
C GLN IB 149 -6.93 47.43 -48.24
N VAL IB 150 -7.21 46.19 -48.65
CA VAL IB 150 -6.90 45.01 -47.86
C VAL IB 150 -6.04 44.07 -48.71
N ALA IB 151 -4.98 43.54 -48.10
CA ALA IB 151 -4.10 42.58 -48.75
C ALA IB 151 -4.51 41.17 -48.35
N LEU IB 152 -4.79 40.33 -49.33
CA LEU IB 152 -5.22 38.96 -49.10
C LEU IB 152 -4.11 37.99 -49.53
N VAL IB 153 -3.99 36.90 -48.77
CA VAL IB 153 -3.16 35.76 -49.16
C VAL IB 153 -4.01 34.52 -48.98
N ILE IB 154 -4.29 33.83 -50.07
CA ILE IB 154 -5.17 32.66 -50.07
C ILE IB 154 -4.35 31.42 -50.36
N SER IB 155 -4.45 30.43 -49.48
CA SER IB 155 -3.84 29.13 -49.71
C SER IB 155 -4.87 28.24 -50.40
N CYS IB 156 -4.50 27.70 -51.57
CA CYS IB 156 -5.47 27.02 -52.41
C CYS IB 156 -4.78 26.00 -53.30
N CYS IB 157 -5.59 25.09 -53.85
CA CYS IB 157 -5.14 24.04 -54.74
C CYS IB 157 -5.78 24.28 -56.10
N PHE IB 158 -4.97 24.67 -57.08
CA PHE IB 158 -5.47 24.82 -58.44
C PHE IB 158 -5.56 23.46 -59.12
N ASN IB 159 -6.68 23.19 -59.76
CA ASN IB 159 -6.85 21.94 -60.48
C ASN IB 159 -7.71 22.12 -61.72
N ASN JB 16 52.31 33.25 -21.25
CA ASN JB 16 52.61 33.41 -22.67
C ASN JB 16 53.98 34.06 -22.87
N SER JB 17 54.52 33.94 -24.08
CA SER JB 17 55.84 34.47 -24.37
C SER JB 17 55.79 36.00 -24.48
N ASN JB 18 56.85 36.65 -24.00
CA ASN JB 18 56.92 38.10 -24.00
C ASN JB 18 58.00 38.64 -24.94
N VAL JB 19 58.74 37.77 -25.61
CA VAL JB 19 59.83 38.20 -26.48
C VAL JB 19 59.73 37.47 -27.81
N VAL JB 20 60.40 38.01 -28.82
CA VAL JB 20 60.49 37.35 -30.11
C VAL JB 20 61.16 35.99 -29.94
N THR JB 21 60.72 35.03 -30.74
CA THR JB 21 61.32 33.71 -30.75
C THR JB 21 61.49 33.23 -32.18
N MET JB 22 62.34 32.23 -32.35
CA MET JB 22 62.70 31.75 -33.68
C MET JB 22 61.63 30.82 -34.24
N ILE JB 23 61.32 30.99 -35.53
CA ILE JB 23 60.59 30.01 -36.31
C ILE JB 23 61.61 29.23 -37.13
N ARG JB 24 61.49 27.91 -37.12
CA ARG JB 24 62.40 27.07 -37.90
C ARG JB 24 61.75 26.80 -39.26
N ALA JB 25 61.80 27.83 -40.11
CA ALA JB 25 61.23 27.74 -41.44
C ALA JB 25 61.95 26.68 -42.26
N GLY JB 26 61.22 26.13 -43.23
CA GLY JB 26 61.78 25.11 -44.09
C GLY JB 26 61.88 25.55 -45.53
N SER JB 27 61.34 24.73 -46.44
CA SER JB 27 61.35 25.08 -47.85
C SER JB 27 60.50 26.33 -48.08
N TYR JB 28 60.73 26.97 -49.22
CA TYR JB 28 59.88 28.09 -49.60
C TYR JB 28 58.48 27.57 -49.92
N PRO JB 29 57.44 28.17 -49.35
CA PRO JB 29 56.09 27.61 -49.53
C PRO JB 29 55.46 28.01 -50.86
N LYS JB 30 54.29 27.44 -51.11
CA LYS JB 30 53.44 27.97 -52.16
C LYS JB 30 52.83 29.29 -51.68
N VAL JB 31 52.78 30.27 -52.58
CA VAL JB 31 52.31 31.60 -52.21
C VAL JB 31 51.30 32.10 -53.24
N ASN JB 32 50.53 33.10 -52.84
CA ASN JB 32 49.60 33.78 -53.74
C ASN JB 32 49.43 35.22 -53.30
N PRO JB 33 49.95 36.18 -54.07
CA PRO JB 33 49.86 37.59 -53.65
C PRO JB 33 48.47 38.18 -53.80
N THR JB 34 47.58 37.58 -54.58
CA THR JB 34 46.26 38.11 -54.86
C THR JB 34 45.20 37.05 -54.60
N PRO JB 35 44.88 36.80 -53.34
CA PRO JB 35 43.96 35.72 -53.00
C PRO JB 35 42.50 36.12 -53.23
N THR JB 36 41.61 35.15 -53.00
CA THR JB 36 40.17 35.36 -53.04
C THR JB 36 39.69 35.97 -51.73
N TRP JB 37 38.41 36.35 -51.71
CA TRP JB 37 37.86 37.05 -50.55
C TRP JB 37 36.35 36.86 -50.51
N VAL JB 38 35.85 36.25 -49.44
CA VAL JB 38 34.42 36.11 -49.19
C VAL JB 38 33.94 37.35 -48.46
N ARG JB 39 32.88 37.97 -48.96
CA ARG JB 39 32.51 39.31 -48.51
C ARG JB 39 30.99 39.48 -48.48
N ALA JB 40 30.57 40.41 -47.64
CA ALA JB 40 29.20 40.95 -47.63
C ALA JB 40 29.31 42.43 -47.97
N ILE JB 41 28.84 42.81 -49.15
CA ILE JB 41 29.02 44.16 -49.68
C ILE JB 41 27.75 44.94 -49.46
N PRO JB 42 27.79 46.09 -48.77
CA PRO JB 42 26.59 46.92 -48.63
C PRO JB 42 26.64 48.16 -49.53
N PHE JB 43 25.56 48.39 -50.28
CA PHE JB 43 25.46 49.59 -51.09
C PHE JB 43 23.99 49.84 -51.39
N GLU JB 44 23.69 51.07 -51.80
CA GLU JB 44 22.33 51.50 -52.07
C GLU JB 44 22.16 51.82 -53.55
N VAL JB 45 20.91 51.74 -54.01
CA VAL JB 45 20.54 52.10 -55.38
C VAL JB 45 19.33 53.01 -55.33
N SER JB 46 19.21 53.87 -56.34
CA SER JB 46 18.03 54.72 -56.49
C SER JB 46 16.98 54.03 -57.33
N VAL JB 47 15.72 54.14 -56.93
CA VAL JB 47 14.62 53.41 -57.55
C VAL JB 47 13.48 54.39 -57.85
N GLN JB 48 12.90 54.25 -59.04
CA GLN JB 48 11.73 55.02 -59.43
C GLN JB 48 10.47 54.19 -59.25
N SER JB 49 9.37 54.88 -58.96
CA SER JB 49 8.08 54.22 -58.81
C SER JB 49 7.62 53.61 -60.12
N GLY JB 50 7.21 52.35 -60.08
CA GLY JB 50 6.66 51.67 -61.23
C GLY JB 50 7.67 51.15 -62.23
N ILE JB 51 8.95 51.29 -61.96
CA ILE JB 51 10.01 50.92 -62.90
C ILE JB 51 11.00 50.00 -62.21
N ALA JB 52 11.41 48.94 -62.90
CA ALA JB 52 12.45 48.06 -62.38
C ALA JB 52 13.82 48.67 -62.61
N PHE JB 53 14.68 48.54 -61.61
CA PHE JB 53 16.08 48.93 -61.72
C PHE JB 53 16.94 47.67 -61.79
N LYS JB 54 17.76 47.58 -62.84
CA LYS JB 54 18.70 46.48 -62.97
C LYS JB 54 19.98 46.82 -62.22
N VAL JB 55 20.32 46.03 -61.21
CA VAL JB 55 21.50 46.27 -60.40
C VAL JB 55 22.73 45.74 -61.14
N PRO JB 56 23.69 46.60 -61.51
CA PRO JB 56 24.87 46.11 -62.22
C PRO JB 56 25.90 45.51 -61.27
N VAL JB 57 26.54 44.43 -61.75
CA VAL JB 57 27.56 43.76 -60.95
C VAL JB 57 28.73 44.69 -60.66
N GLY JB 58 29.04 45.60 -61.60
CA GLY JB 58 30.13 46.54 -61.44
C GLY JB 58 30.10 47.34 -60.16
N SER JB 59 28.93 47.46 -59.55
CA SER JB 59 28.81 48.18 -58.29
C SER JB 59 29.61 47.53 -57.18
N LEU JB 60 29.95 46.24 -57.31
CA LEU JB 60 30.68 45.53 -56.28
C LEU JB 60 32.18 45.75 -56.35
N PHE JB 61 32.70 46.28 -57.46
CA PHE JB 61 34.13 46.53 -57.62
C PHE JB 61 34.38 48.01 -57.35
N SER JB 62 34.86 48.32 -56.15
CA SER JB 62 35.12 49.70 -55.77
C SER JB 62 36.21 49.75 -54.72
N ALA JB 63 36.97 50.85 -54.73
CA ALA JB 63 37.92 51.10 -53.65
C ALA JB 63 37.21 51.24 -52.31
N ASN JB 64 35.95 51.67 -52.32
CA ASN JB 64 35.16 51.81 -51.10
C ASN JB 64 34.89 50.47 -50.43
N PHE JB 65 35.12 49.36 -51.12
CA PHE JB 65 34.95 48.03 -50.56
C PHE JB 65 36.26 47.27 -50.50
N ARG JB 66 37.38 47.91 -50.84
CA ARG JB 66 38.69 47.27 -50.99
C ARG JB 66 38.68 46.21 -52.09
N THR JB 67 37.84 46.37 -53.11
CA THR JB 67 37.67 45.31 -54.11
C THR JB 67 38.02 45.73 -55.53
N ASP JB 68 38.61 46.91 -55.72
CA ASP JB 68 38.86 47.40 -57.08
C ASP JB 68 39.89 46.57 -57.84
N SER JB 69 40.60 45.65 -57.19
CA SER JB 69 41.56 44.82 -57.89
C SER JB 69 40.96 43.52 -58.41
N PHE JB 70 39.68 43.26 -58.13
CA PHE JB 70 38.99 42.12 -58.70
C PHE JB 70 38.27 42.53 -59.98
N THR JB 71 38.24 41.61 -60.95
CA THR JB 71 37.43 41.79 -62.15
C THR JB 71 36.25 40.84 -62.23
N SER JB 72 36.20 39.82 -61.36
CA SER JB 72 35.11 38.85 -61.38
C SER JB 72 34.64 38.63 -59.95
N VAL JB 73 33.39 38.16 -59.84
CA VAL JB 73 32.79 37.86 -58.55
C VAL JB 73 31.78 36.74 -58.74
N THR JB 74 31.60 35.93 -57.70
CA THR JB 74 30.60 34.87 -57.67
C THR JB 74 29.57 35.23 -56.61
N VAL JB 75 28.37 35.59 -57.06
CA VAL JB 75 27.32 36.02 -56.14
C VAL JB 75 26.65 34.79 -55.54
N MET JB 76 26.51 34.78 -54.22
CA MET JB 76 25.91 33.66 -53.49
C MET JB 76 24.48 33.95 -53.05
N SER JB 77 24.23 35.12 -52.44
CA SER JB 77 22.89 35.48 -52.02
C SER JB 77 22.74 36.99 -52.03
N VAL JB 78 21.50 37.44 -52.24
CA VAL JB 78 21.15 38.85 -52.31
C VAL JB 78 20.06 39.14 -51.29
N ARG JB 79 20.25 40.18 -50.49
CA ARG JB 79 19.24 40.65 -49.55
C ARG JB 79 19.03 42.14 -49.74
N ALA JB 80 17.78 42.59 -49.64
CA ALA JB 80 17.44 43.98 -49.94
C ALA JB 80 16.54 44.55 -48.86
N TRP JB 81 16.80 45.80 -48.49
CA TRP JB 81 15.96 46.55 -47.57
C TRP JB 81 15.57 47.87 -48.24
N THR JB 82 14.39 48.37 -47.89
CA THR JB 82 14.04 49.73 -48.26
C THR JB 82 14.88 50.69 -47.41
N GLN JB 83 15.31 51.80 -48.03
CA GLN JB 83 16.26 52.71 -47.42
C GLN JB 83 15.67 54.08 -47.10
N LEU JB 84 14.53 54.43 -47.68
CA LEU JB 84 13.82 55.66 -47.35
C LEU JB 84 12.38 55.31 -47.02
N THR JB 85 11.65 56.31 -46.53
CA THR JB 85 10.25 56.11 -46.15
C THR JB 85 9.37 55.88 -47.38
N PRO JB 86 8.25 55.19 -47.23
CA PRO JB 86 7.34 54.99 -48.35
C PRO JB 86 6.47 56.20 -48.58
N PRO JB 87 5.63 56.20 -49.63
CA PRO JB 87 4.66 57.28 -49.80
C PRO JB 87 3.65 57.29 -48.67
N VAL JB 88 3.03 58.46 -48.48
CA VAL JB 88 2.02 58.62 -47.43
C VAL JB 88 0.91 57.60 -47.64
N ASN JB 89 0.42 57.04 -46.52
CA ASN JB 89 -0.64 56.05 -46.41
C ASN JB 89 -0.18 54.63 -46.70
N GLU JB 90 1.04 54.43 -47.22
CA GLU JB 90 1.48 53.12 -47.67
C GLU JB 90 2.51 52.50 -46.72
N TYR JB 91 2.55 51.17 -46.73
CA TYR JB 91 3.64 50.41 -46.14
C TYR JB 91 4.71 50.14 -47.20
N SER JB 92 5.97 50.09 -46.76
CA SER JB 92 7.06 49.83 -47.68
C SER JB 92 6.96 48.41 -48.26
N PHE JB 93 7.37 48.27 -49.52
CA PHE JB 93 7.57 46.96 -50.10
C PHE JB 93 8.83 46.98 -50.99
N VAL JB 94 9.38 45.80 -51.23
CA VAL JB 94 10.54 45.65 -52.11
C VAL JB 94 10.45 44.30 -52.80
N ARG JB 95 10.79 44.27 -54.09
CA ARG JB 95 10.75 43.07 -54.91
C ARG JB 95 12.10 42.84 -55.56
N LEU JB 96 12.53 41.58 -55.60
CA LEU JB 96 13.76 41.18 -56.27
C LEU JB 96 13.45 40.15 -57.33
N LYS JB 97 13.96 40.36 -58.54
CA LYS JB 97 13.87 39.38 -59.63
C LYS JB 97 15.28 38.95 -60.00
N PRO JB 98 15.66 37.70 -59.76
CA PRO JB 98 17.01 37.25 -60.12
C PRO JB 98 17.22 37.31 -61.64
N LEU JB 99 18.43 37.69 -62.04
CA LEU JB 99 18.84 37.72 -63.43
C LEU JB 99 20.05 36.82 -63.62
N PHE JB 100 20.14 36.15 -64.77
CA PHE JB 100 21.25 35.24 -65.06
C PHE JB 100 21.66 35.34 -66.52
N LYS JB 101 22.96 35.20 -66.76
CA LYS JB 101 23.47 35.25 -68.13
C LYS JB 101 22.94 34.09 -68.97
N THR JB 102 22.71 32.93 -68.37
CA THR JB 102 22.17 31.78 -69.09
C THR JB 102 20.65 31.83 -69.21
N GLY JB 103 19.99 32.81 -68.60
CA GLY JB 103 18.55 32.91 -68.65
C GLY JB 103 17.93 33.56 -67.44
N ASP JB 104 17.11 34.58 -67.64
CA ASP JB 104 16.55 35.34 -66.54
C ASP JB 104 15.41 34.58 -65.86
N SER JB 105 15.22 34.86 -64.58
CA SER JB 105 14.10 34.35 -63.82
C SER JB 105 12.88 35.26 -63.97
N THR JB 106 11.73 34.74 -63.57
CA THR JB 106 10.50 35.53 -63.52
C THR JB 106 9.88 35.50 -62.13
N GLU JB 107 10.59 35.01 -61.13
CA GLU JB 107 10.15 35.13 -59.75
C GLU JB 107 10.22 36.58 -59.31
N GLU JB 108 9.35 36.95 -58.38
CA GLU JB 108 9.30 38.29 -57.82
C GLU JB 108 9.22 38.18 -56.30
N PHE JB 109 10.33 37.78 -55.68
CA PHE JB 109 10.40 37.69 -54.23
C PHE JB 109 10.09 39.04 -53.60
N GLU JB 110 9.03 39.10 -52.80
CA GLU JB 110 8.52 40.36 -52.28
C GLU JB 110 8.43 40.33 -50.77
N GLY JB 111 8.81 41.44 -50.15
CA GLY JB 111 8.59 41.62 -48.71
C GLY JB 111 7.93 42.95 -48.45
N ARG JB 112 7.10 42.98 -47.40
CA ARG JB 112 6.34 44.16 -47.06
C ARG JB 112 6.47 44.45 -45.57
N ALA JB 113 6.55 45.73 -45.24
CA ALA JB 113 6.51 46.14 -43.84
C ALA JB 113 5.10 45.99 -43.29
N SER JB 114 5.02 45.68 -42.00
CA SER JB 114 3.76 45.66 -41.27
C SER JB 114 3.62 46.86 -40.35
N ASN JB 115 4.64 47.73 -40.31
CA ASN JB 115 4.62 49.01 -39.61
C ASN JB 115 5.13 50.04 -40.60
N ILE JB 116 4.37 51.13 -40.80
CA ILE JB 116 4.72 52.08 -41.85
C ILE JB 116 6.11 52.67 -41.62
N ASN JB 117 6.56 52.73 -40.37
CA ASN JB 117 7.84 53.32 -40.03
C ASN JB 117 9.01 52.35 -40.14
N THR JB 118 8.78 51.17 -40.72
CA THR JB 118 9.73 50.07 -40.67
C THR JB 118 10.14 49.64 -42.08
N ARG JB 119 11.42 49.29 -42.25
CA ARG JB 119 11.91 48.80 -43.52
C ARG JB 119 11.17 47.52 -43.92
N ALA JB 120 10.99 47.36 -45.23
CA ALA JB 120 10.64 46.07 -45.81
C ALA JB 120 11.90 45.38 -46.31
N SER JB 121 11.90 44.07 -46.29
CA SER JB 121 13.10 43.33 -46.66
C SER JB 121 12.72 42.00 -47.28
N VAL JB 122 13.64 41.48 -48.11
CA VAL JB 122 13.47 40.19 -48.76
C VAL JB 122 14.85 39.79 -49.29
N GLY JB 123 15.00 38.51 -49.63
CA GLY JB 123 16.25 38.05 -50.19
C GLY JB 123 16.08 36.72 -50.88
N TYR JB 124 17.07 36.38 -51.71
CA TYR JB 124 17.09 35.08 -52.37
C TYR JB 124 18.49 34.51 -52.39
N ARG JB 125 18.56 33.18 -52.37
CA ARG JB 125 19.80 32.43 -52.43
C ARG JB 125 19.98 31.84 -53.82
N ILE JB 126 21.21 31.88 -54.32
CA ILE JB 126 21.55 31.36 -55.64
C ILE JB 126 22.05 29.93 -55.47
N PRO JB 127 21.48 28.95 -56.14
CA PRO JB 127 21.91 27.57 -55.95
C PRO JB 127 23.27 27.33 -56.60
N THR JB 128 23.92 26.25 -56.16
CA THR JB 128 25.30 25.99 -56.55
C THR JB 128 25.45 25.88 -58.06
N ASN JB 129 24.50 25.22 -58.73
CA ASN JB 129 24.56 25.05 -60.18
C ASN JB 129 24.51 26.37 -60.94
N LEU JB 130 24.20 27.48 -60.28
CA LEU JB 130 24.15 28.78 -60.95
C LEU JB 130 25.21 29.75 -60.42
N ARG JB 131 26.11 29.30 -59.54
CA ARG JB 131 27.14 30.17 -58.98
C ARG JB 131 28.37 30.18 -59.88
N GLN JB 132 28.22 30.80 -61.04
CA GLN JB 132 29.34 31.08 -61.91
C GLN JB 132 29.81 32.51 -61.71
N ASN JB 133 30.92 32.85 -62.36
CA ASN JB 133 31.43 34.20 -62.25
C ASN JB 133 30.55 35.18 -63.02
N THR JB 134 30.60 36.44 -62.59
CA THR JB 134 30.00 37.55 -63.32
C THR JB 134 31.00 38.70 -63.35
N VAL JB 135 30.93 39.51 -64.41
CA VAL JB 135 31.84 40.63 -64.57
C VAL JB 135 31.06 41.94 -64.48
N ALA JB 136 31.77 43.06 -64.57
CA ALA JB 136 31.17 44.37 -64.33
C ALA JB 136 29.97 44.64 -65.22
N ALA JB 137 29.99 44.14 -66.47
CA ALA JB 137 28.90 44.42 -67.40
C ALA JB 137 27.64 43.62 -67.11
N ASP JB 138 27.70 42.59 -66.27
CA ASP JB 138 26.54 41.79 -65.96
C ASP JB 138 25.62 42.49 -64.95
N ASN JB 139 24.46 41.89 -64.71
CA ASN JB 139 23.49 42.38 -63.75
C ASN JB 139 23.16 41.28 -62.76
N VAL JB 140 22.80 41.67 -61.55
CA VAL JB 140 22.46 40.72 -60.50
C VAL JB 140 20.96 40.45 -60.45
N CYS JB 141 20.15 41.50 -60.46
CA CYS JB 141 18.72 41.35 -60.24
C CYS JB 141 18.01 42.65 -60.61
N GLU JB 142 16.69 42.57 -60.69
CA GLU JB 142 15.83 43.73 -60.83
C GLU JB 142 15.21 44.07 -59.47
N VAL JB 143 15.17 45.36 -59.16
CA VAL JB 143 14.59 45.85 -57.92
C VAL JB 143 13.34 46.67 -58.25
N ARG JB 144 12.28 46.48 -57.47
CA ARG JB 144 11.10 47.31 -57.51
C ARG JB 144 10.71 47.68 -56.10
N SER JB 145 10.29 48.93 -55.92
CA SER JB 145 9.93 49.40 -54.58
C SER JB 145 9.12 50.68 -54.70
N ASN JB 146 8.21 50.88 -53.76
CA ASN JB 146 7.56 52.17 -53.61
C ASN JB 146 8.42 53.17 -52.85
N CYS JB 147 9.63 52.77 -52.45
CA CYS JB 147 10.58 53.66 -51.82
C CYS JB 147 11.65 54.05 -52.83
N ARG JB 148 12.19 55.26 -52.67
CA ARG JB 148 13.08 55.81 -53.68
C ARG JB 148 14.51 55.29 -53.59
N GLN JB 149 14.88 54.64 -52.48
CA GLN JB 149 16.19 54.02 -52.37
C GLN JB 149 16.06 52.65 -51.73
N VAL JB 150 16.84 51.70 -52.24
CA VAL JB 150 16.89 50.33 -51.71
C VAL JB 150 18.32 50.03 -51.31
N ALA JB 151 18.49 49.47 -50.13
CA ALA JB 151 19.80 49.07 -49.64
C ALA JB 151 19.97 47.58 -49.87
N LEU JB 152 21.05 47.21 -50.56
CA LEU JB 152 21.37 45.82 -50.83
C LEU JB 152 22.57 45.38 -49.99
N VAL JB 153 22.55 44.12 -49.57
CA VAL JB 153 23.72 43.45 -49.01
C VAL JB 153 23.89 42.15 -49.77
N ILE JB 154 25.04 42.00 -50.41
CA ILE JB 154 25.29 40.87 -51.31
C ILE JB 154 26.45 40.05 -50.75
N SER JB 155 26.17 38.79 -50.41
CA SER JB 155 27.23 37.85 -50.05
C SER JB 155 27.83 37.29 -51.31
N CYS JB 156 29.16 37.36 -51.43
CA CYS JB 156 29.80 36.98 -52.68
C CYS JB 156 31.25 36.59 -52.41
N CYS JB 157 31.86 35.97 -53.42
CA CYS JB 157 33.25 35.52 -53.37
C CYS JB 157 34.00 36.23 -54.49
N PHE JB 158 34.82 37.20 -54.13
CA PHE JB 158 35.66 37.86 -55.11
C PHE JB 158 36.82 36.96 -55.48
N ASN JB 159 37.08 36.83 -56.79
CA ASN JB 159 38.18 36.01 -57.27
C ASN JB 159 38.72 36.60 -58.56
N ASN KB 16 22.57 37.69 12.70
CA ASN KB 16 23.81 38.43 12.53
C ASN KB 16 24.06 39.34 13.74
N SER KB 17 25.24 39.95 13.78
CA SER KB 17 25.60 40.81 14.92
C SER KB 17 24.84 42.12 14.87
N ASN KB 18 24.50 42.64 16.04
CA ASN KB 18 23.82 43.93 16.16
C ASN KB 18 24.68 44.99 16.83
N VAL KB 19 25.91 44.67 17.22
CA VAL KB 19 26.79 45.61 17.89
C VAL KB 19 28.15 45.61 17.19
N VAL KB 20 28.94 46.64 17.51
CA VAL KB 20 30.32 46.69 17.04
C VAL KB 20 31.10 45.56 17.69
N THR KB 21 31.99 44.94 16.92
CA THR KB 21 32.85 43.88 17.42
C THR KB 21 34.29 44.15 17.01
N MET KB 22 35.21 43.52 17.73
CA MET KB 22 36.63 43.79 17.56
C MET KB 22 37.19 43.05 16.34
N ILE KB 23 38.06 43.74 15.61
CA ILE KB 23 38.90 43.14 14.57
C ILE KB 23 40.31 43.02 15.13
N ARG KB 24 40.93 41.86 14.94
CA ARG KB 24 42.27 41.62 15.46
C ARG KB 24 43.26 41.91 14.34
N ALA KB 25 43.52 43.19 14.14
CA ALA KB 25 44.42 43.65 13.10
C ALA KB 25 45.84 43.17 13.37
N GLY KB 26 46.61 43.02 12.28
CA GLY KB 26 47.99 42.62 12.39
C GLY KB 26 48.96 43.68 11.92
N SER KB 27 49.86 43.31 11.01
CA SER KB 27 50.82 44.26 10.48
C SER KB 27 50.13 45.29 9.59
N TYR KB 28 50.79 46.42 9.41
CA TYR KB 28 50.25 47.44 8.54
C TYR KB 28 50.24 46.94 7.10
N PRO KB 29 49.12 46.97 6.41
CA PRO KB 29 49.00 46.30 5.11
C PRO KB 29 49.62 47.14 3.99
N LYS KB 30 49.63 46.56 2.79
CA LYS KB 30 49.94 47.32 1.59
C LYS KB 30 48.73 48.16 1.24
N VAL KB 31 48.96 49.45 0.98
CA VAL KB 31 47.87 50.39 0.72
C VAL KB 31 48.15 51.13 -0.58
N ASN KB 32 47.09 51.75 -1.10
CA ASN KB 32 47.14 52.58 -2.30
C ASN KB 32 46.01 53.59 -2.26
N PRO KB 33 46.31 54.87 -2.06
CA PRO KB 33 45.24 55.88 -1.95
C PRO KB 33 44.58 56.21 -3.27
N THR KB 34 45.17 55.87 -4.41
CA THR KB 34 44.67 56.28 -5.72
C THR KB 34 44.62 55.06 -6.64
N PRO KB 35 43.59 54.22 -6.48
CA PRO KB 35 43.54 52.96 -7.24
C PRO KB 35 43.03 53.16 -8.66
N THR KB 36 43.05 52.07 -9.41
CA THR KB 36 42.46 52.00 -10.74
C THR KB 36 40.95 51.89 -10.63
N TRP KB 37 40.27 52.04 -11.76
CA TRP KB 37 38.81 52.04 -11.78
C TRP KB 37 38.33 51.60 -13.15
N VAL KB 38 37.59 50.50 -13.20
CA VAL KB 38 36.96 50.04 -14.44
C VAL KB 38 35.57 50.67 -14.52
N ARG KB 39 35.28 51.30 -15.66
CA ARG KB 39 34.10 52.15 -15.77
C ARG KB 39 33.45 51.99 -17.13
N ALA KB 40 32.19 52.43 -17.21
CA ALA KB 40 31.46 52.60 -18.47
C ALA KB 40 31.00 54.05 -18.51
N ILE KB 41 31.66 54.86 -19.33
CA ILE KB 41 31.50 56.31 -19.31
C ILE KB 41 30.51 56.71 -20.39
N PRO KB 42 29.42 57.41 -20.07
CA PRO KB 42 28.50 57.88 -21.10
C PRO KB 42 28.65 59.37 -21.39
N PHE KB 43 28.84 59.74 -22.66
CA PHE KB 43 28.85 61.15 -23.04
C PHE KB 43 28.37 61.27 -24.47
N GLU KB 44 28.08 62.51 -24.88
CA GLU KB 44 27.54 62.81 -26.19
C GLU KB 44 28.49 63.74 -26.94
N VAL KB 45 28.40 63.70 -28.27
CA VAL KB 45 29.21 64.58 -29.12
C VAL KB 45 28.33 65.09 -30.25
N SER KB 46 28.62 66.31 -30.70
CA SER KB 46 27.91 66.91 -31.82
C SER KB 46 28.60 66.57 -33.14
N VAL KB 47 27.81 66.22 -34.15
CA VAL KB 47 28.31 65.79 -35.44
C VAL KB 47 27.67 66.65 -36.52
N GLN KB 48 28.42 66.90 -37.59
CA GLN KB 48 27.89 67.52 -38.79
C GLN KB 48 27.58 66.45 -39.82
N SER KB 49 26.64 66.76 -40.72
CA SER KB 49 26.31 65.84 -41.80
C SER KB 49 27.51 65.67 -42.73
N GLY KB 50 27.85 64.42 -43.02
CA GLY KB 50 28.91 64.09 -43.95
C GLY KB 50 30.32 64.40 -43.48
N ILE KB 51 30.50 64.80 -42.23
CA ILE KB 51 31.81 65.18 -41.71
C ILE KB 51 32.14 64.29 -40.53
N ALA KB 52 33.25 63.58 -40.60
CA ALA KB 52 33.70 62.78 -39.48
C ALA KB 52 34.11 63.67 -38.32
N PHE KB 53 33.83 63.22 -37.10
CA PHE KB 53 34.22 63.91 -35.88
C PHE KB 53 35.16 63.01 -35.08
N LYS KB 54 36.36 63.51 -34.81
CA LYS KB 54 37.33 62.77 -34.01
C LYS KB 54 36.98 62.91 -32.53
N VAL KB 55 36.71 61.79 -31.87
CA VAL KB 55 36.32 61.80 -30.47
C VAL KB 55 37.57 61.87 -29.60
N PRO KB 56 37.78 62.97 -28.88
CA PRO KB 56 39.00 63.09 -28.08
C PRO KB 56 38.93 62.26 -26.81
N VAL KB 57 40.10 61.75 -26.42
CA VAL KB 57 40.19 60.94 -25.20
C VAL KB 57 39.89 61.78 -23.97
N GLY KB 58 40.26 63.06 -24.00
CA GLY KB 58 40.07 63.95 -22.85
C GLY KB 58 38.63 64.08 -22.39
N SER KB 59 37.66 63.72 -23.24
CA SER KB 59 36.27 63.71 -22.82
C SER KB 59 36.05 62.81 -21.60
N LEU KB 60 36.92 61.80 -21.42
CA LEU KB 60 36.78 60.81 -20.36
C LEU KB 60 37.26 61.30 -19.00
N PHE KB 61 37.96 62.43 -18.94
CA PHE KB 61 38.49 62.97 -17.68
C PHE KB 61 37.64 64.18 -17.30
N SER KB 62 36.77 63.99 -16.32
CA SER KB 62 35.85 65.05 -15.92
C SER KB 62 35.34 64.79 -14.52
N ALA KB 63 35.11 65.88 -13.79
CA ALA KB 63 34.47 65.77 -12.49
C ALA KB 63 33.07 65.21 -12.60
N ASN KB 64 32.43 65.33 -13.77
CA ASN KB 64 31.10 64.76 -13.98
C ASN KB 64 31.12 63.23 -13.93
N PHE KB 65 32.28 62.60 -14.12
CA PHE KB 65 32.41 61.15 -14.08
C PHE KB 65 33.22 60.68 -12.88
N ARG KB 66 33.54 61.57 -11.95
CA ARG KB 66 34.45 61.29 -10.84
C ARG KB 66 35.82 60.82 -11.34
N THR KB 67 36.24 61.27 -12.53
CA THR KB 67 37.49 60.81 -13.14
C THR KB 67 38.52 61.91 -13.36
N ASP KB 68 38.32 63.10 -12.79
CA ASP KB 68 39.24 64.20 -13.08
C ASP KB 68 40.60 64.03 -12.42
N SER KB 69 40.78 63.06 -11.54
CA SER KB 69 42.09 62.83 -10.94
C SER KB 69 42.98 61.92 -11.78
N PHE KB 70 42.46 61.32 -12.85
CA PHE KB 70 43.22 60.46 -13.74
C PHE KB 70 43.78 61.24 -14.91
N THR KB 71 44.97 60.85 -15.36
CA THR KB 71 45.58 61.41 -16.56
C THR KB 71 45.74 60.39 -17.68
N SER KB 72 45.50 59.10 -17.43
CA SER KB 72 45.59 58.07 -18.45
C SER KB 72 44.37 57.18 -18.36
N VAL KB 73 44.12 56.43 -19.44
CA VAL KB 73 43.02 55.47 -19.49
C VAL KB 73 43.33 54.45 -20.57
N THR KB 74 42.86 53.21 -20.36
CA THR KB 74 42.99 52.13 -21.32
C THR KB 74 41.60 51.81 -21.85
N VAL KB 75 41.31 52.20 -23.08
CA VAL KB 75 40.00 51.95 -23.66
C VAL KB 75 39.90 50.47 -24.03
N MET KB 76 38.78 49.84 -23.66
CA MET KB 76 38.55 48.44 -23.99
C MET KB 76 37.55 48.26 -25.12
N SER KB 77 36.39 48.90 -25.04
CA SER KB 77 35.39 48.79 -26.10
C SER KB 77 34.62 50.10 -26.21
N VAL KB 78 34.06 50.34 -27.40
CA VAL KB 78 33.37 51.58 -27.73
C VAL KB 78 32.05 51.22 -28.40
N ARG KB 79 30.95 51.78 -27.87
CA ARG KB 79 29.63 51.61 -28.46
CA ARG KB 79 29.63 51.61 -28.46
C ARG KB 79 29.00 52.98 -28.65
N ALA KB 80 28.28 53.15 -29.76
CA ALA KB 80 27.69 54.44 -30.12
C ALA KB 80 26.23 54.29 -30.50
N TRP KB 81 25.43 55.29 -30.14
CA TRP KB 81 24.03 55.38 -30.53
C TRP KB 81 23.78 56.77 -31.10
N THR KB 82 22.86 56.85 -32.06
CA THR KB 82 22.38 58.16 -32.47
C THR KB 82 21.50 58.74 -31.36
N GLN KB 83 21.63 60.05 -31.15
CA GLN KB 83 21.04 60.72 -30.00
C GLN KB 83 19.87 61.62 -30.35
N LEU KB 84 19.73 62.02 -31.61
CA LEU KB 84 18.61 62.83 -32.09
C LEU KB 84 18.02 62.16 -33.32
N THR KB 85 16.87 62.69 -33.75
CA THR KB 85 16.15 62.09 -34.87
C THR KB 85 16.89 62.35 -36.19
N PRO KB 86 16.74 61.44 -37.15
CA PRO KB 86 17.41 61.62 -38.44
C PRO KB 86 16.68 62.63 -39.29
N PRO KB 87 17.27 63.07 -40.41
CA PRO KB 87 16.54 63.93 -41.34
C PRO KB 87 15.25 63.27 -41.81
N VAL KB 88 14.35 64.10 -42.34
CA VAL KB 88 13.09 63.59 -42.85
C VAL KB 88 13.36 62.54 -43.92
N ASN KB 89 12.54 61.50 -43.94
CA ASN KB 89 12.54 60.38 -44.89
C ASN KB 89 13.66 59.37 -44.64
N GLU KB 90 14.57 59.60 -43.70
CA GLU KB 90 15.72 58.74 -43.53
C GLU KB 90 15.64 57.90 -42.26
N TYR KB 91 16.39 56.80 -42.26
CA TYR KB 91 16.66 56.03 -41.06
C TYR KB 91 18.00 56.45 -40.50
N SER KB 92 18.12 56.42 -39.16
CA SER KB 92 19.37 56.78 -38.52
C SER KB 92 20.48 55.82 -38.96
N PHE KB 93 21.71 56.33 -38.94
CA PHE KB 93 22.87 55.46 -39.05
C PHE KB 93 24.03 56.08 -38.31
N VAL KB 94 25.02 55.26 -38.00
CA VAL KB 94 26.22 55.70 -37.30
C VAL KB 94 27.36 54.78 -37.71
N ARG KB 95 28.55 55.37 -37.88
CA ARG KB 95 29.76 54.64 -38.26
C ARG KB 95 30.88 54.98 -37.30
N LEU KB 96 31.64 53.96 -36.92
CA LEU KB 96 32.81 54.14 -36.05
C LEU KB 96 34.05 53.67 -36.78
N LYS KB 97 35.08 54.51 -36.79
CA LYS KB 97 36.39 54.16 -37.34
C LYS KB 97 37.42 54.22 -36.23
N PRO KB 98 38.02 53.10 -35.83
CA PRO KB 98 38.98 53.13 -34.72
C PRO KB 98 40.24 53.89 -35.08
N LEU KB 99 40.78 54.60 -34.10
CA LEU KB 99 42.03 55.34 -34.23
C LEU KB 99 43.03 54.80 -33.21
N PHE KB 100 44.31 54.77 -33.59
CA PHE KB 100 45.36 54.29 -32.70
C PHE KB 100 46.62 55.09 -32.93
N LYS KB 101 47.35 55.36 -31.84
CA LYS KB 101 48.58 56.14 -31.93
C LYS KB 101 49.60 55.47 -32.84
N THR KB 102 49.67 54.14 -32.82
CA THR KB 102 50.60 53.40 -33.66
C THR KB 102 50.11 53.23 -35.10
N GLY KB 103 48.90 53.65 -35.42
CA GLY KB 103 48.37 53.51 -36.76
C GLY KB 103 46.86 53.43 -36.82
N ASP KB 104 46.23 54.29 -37.62
CA ASP KB 104 44.79 54.36 -37.65
C ASP KB 104 44.18 53.25 -38.52
N SER KB 105 43.00 52.80 -38.11
CA SER KB 105 42.25 51.80 -38.86
C SER KB 105 41.49 52.47 -40.00
N THR KB 106 41.08 51.65 -40.96
CA THR KB 106 40.18 52.12 -42.01
C THR KB 106 38.86 51.34 -42.00
N GLU KB 107 38.62 50.54 -40.98
CA GLU KB 107 37.30 49.95 -40.78
C GLU KB 107 36.25 51.04 -40.58
N GLU KB 108 35.03 50.77 -41.04
CA GLU KB 108 33.90 51.68 -40.87
C GLU KB 108 32.69 50.87 -40.39
N PHE KB 109 32.75 50.43 -39.13
CA PHE KB 109 31.65 49.66 -38.56
C PHE KB 109 30.39 50.50 -38.55
N GLU KB 110 29.33 50.00 -39.17
CA GLU KB 110 28.12 50.80 -39.38
C GLU KB 110 26.90 50.09 -38.83
N GLY KB 111 26.08 50.84 -38.11
CA GLY KB 111 24.75 50.39 -37.71
C GLY KB 111 23.70 51.30 -38.31
N ARG KB 112 22.58 50.71 -38.71
CA ARG KB 112 21.44 51.46 -39.24
C ARG KB 112 20.19 51.04 -38.48
N ALA KB 113 19.25 51.96 -38.38
CA ALA KB 113 17.96 51.65 -37.80
C ALA KB 113 17.04 51.03 -38.85
N SER KB 114 16.10 50.21 -38.39
CA SER KB 114 15.06 49.65 -39.23
C SER KB 114 13.70 50.26 -38.97
N ASN KB 115 13.61 51.14 -37.97
CA ASN KB 115 12.44 51.95 -37.68
C ASN KB 115 12.91 53.39 -37.59
N ILE KB 116 12.22 54.30 -38.30
CA ILE KB 116 12.72 55.68 -38.37
C ILE KB 116 12.71 56.35 -37.00
N ASN KB 117 11.93 55.84 -36.05
CA ASN KB 117 11.82 56.42 -34.73
C ASN KB 117 12.82 55.83 -33.74
N THR KB 118 13.69 54.93 -34.17
CA THR KB 118 14.58 54.18 -33.30
C THR KB 118 16.04 54.55 -33.55
N ARG KB 119 16.84 54.50 -32.48
CA ARG KB 119 18.26 54.79 -32.59
C ARG KB 119 18.98 53.75 -33.43
N ALA KB 120 20.00 54.19 -34.15
CA ALA KB 120 20.98 53.30 -34.74
C ALA KB 120 22.12 53.09 -33.75
N SER KB 121 22.80 51.95 -33.87
CA SER KB 121 23.86 51.65 -32.91
C SER KB 121 24.87 50.69 -33.52
N VAL KB 122 26.11 50.78 -33.06
CA VAL KB 122 27.16 49.85 -33.42
C VAL KB 122 28.28 50.04 -32.41
N GLY KB 123 29.20 49.09 -32.38
CA GLY KB 123 30.34 49.18 -31.48
C GLY KB 123 31.48 48.32 -31.95
N TYR KB 124 32.65 48.53 -31.35
CA TYR KB 124 33.81 47.71 -31.66
C TYR KB 124 34.61 47.46 -30.39
N ARG KB 125 35.32 46.34 -30.38
CA ARG KB 125 36.17 45.93 -29.28
C ARG KB 125 37.63 46.11 -29.65
N ILE KB 126 38.42 46.62 -28.71
CA ILE KB 126 39.86 46.76 -28.91
C ILE KB 126 40.55 45.50 -28.39
N PRO KB 127 41.37 44.84 -29.20
CA PRO KB 127 42.05 43.63 -28.74
C PRO KB 127 43.14 43.91 -27.73
N THR KB 128 43.49 42.87 -26.97
CA THR KB 128 44.47 43.00 -25.89
C THR KB 128 45.75 43.67 -26.35
N ASN KB 129 46.29 43.26 -27.50
CA ASN KB 129 47.55 43.78 -27.99
C ASN KB 129 47.51 45.26 -28.32
N LEU KB 130 46.32 45.87 -28.38
CA LEU KB 130 46.20 47.30 -28.67
C LEU KB 130 45.69 48.10 -27.46
N ARG KB 131 45.62 47.49 -26.28
CA ARG KB 131 45.13 48.17 -25.09
C ARG KB 131 46.30 48.78 -24.32
N GLN KB 132 46.86 49.84 -24.90
CA GLN KB 132 47.82 50.67 -24.21
C GLN KB 132 47.11 51.89 -23.65
N ASN KB 133 47.86 52.71 -22.91
CA ASN KB 133 47.26 53.91 -22.35
C ASN KB 133 47.07 54.97 -23.42
N THR KB 134 46.08 55.82 -23.19
CA THR KB 134 45.86 57.02 -23.98
C THR KB 134 45.69 58.19 -23.03
N VAL KB 135 46.06 59.38 -23.50
CA VAL KB 135 45.96 60.57 -22.67
C VAL KB 135 45.03 61.58 -23.35
N ALA KB 136 44.81 62.71 -22.69
CA ALA KB 136 43.76 63.65 -23.10
C ALA KB 136 43.91 64.10 -24.54
N ALA KB 137 45.14 64.25 -25.04
CA ALA KB 137 45.34 64.74 -26.39
C ALA KB 137 45.12 63.67 -27.46
N ASP KB 138 45.02 62.40 -27.07
CA ASP KB 138 44.77 61.34 -28.04
C ASP KB 138 43.31 61.35 -28.48
N ASN KB 139 43.04 60.58 -29.53
CA ASN KB 139 41.69 60.37 -30.05
C ASN KB 139 41.33 58.90 -29.96
N VAL KB 140 40.05 58.62 -29.75
CA VAL KB 140 39.56 57.25 -29.70
C VAL KB 140 39.17 56.74 -31.07
N CYS KB 141 38.30 57.47 -31.76
CA CYS KB 141 37.69 57.00 -32.98
C CYS KB 141 37.11 58.18 -33.74
N GLU KB 142 36.72 57.92 -34.98
CA GLU KB 142 35.95 58.88 -35.78
C GLU KB 142 34.50 58.45 -35.79
N VAL KB 143 33.60 59.43 -35.71
CA VAL KB 143 32.16 59.21 -35.75
C VAL KB 143 31.62 59.85 -37.00
N ARG KB 144 30.76 59.12 -37.72
CA ARG KB 144 29.95 59.67 -38.79
C ARG KB 144 28.50 59.27 -38.53
N SER KB 145 27.58 60.16 -38.84
CA SER KB 145 26.15 59.88 -38.65
C SER KB 145 25.36 60.94 -39.40
N ASN KB 146 24.13 60.57 -39.77
CA ASN KB 146 23.20 61.56 -40.33
C ASN KB 146 22.37 62.26 -39.25
N CYS KB 147 22.58 61.93 -37.98
CA CYS KB 147 21.99 62.65 -36.86
C CYS KB 147 23.03 63.61 -36.27
N ARG KB 148 22.53 64.68 -35.66
CA ARG KB 148 23.43 65.75 -35.24
C ARG KB 148 24.08 65.48 -33.89
N GLN KB 149 23.60 64.51 -33.12
CA GLN KB 149 24.25 64.09 -31.89
C GLN KB 149 24.39 62.57 -31.87
N VAL KB 150 25.50 62.11 -31.32
CA VAL KB 150 25.73 60.69 -31.10
C VAL KB 150 26.06 60.49 -29.62
N ALA KB 151 25.44 59.48 -29.01
CA ALA KB 151 25.74 59.09 -27.64
C ALA KB 151 26.76 57.95 -27.66
N LEU KB 152 27.79 58.08 -26.85
CA LEU KB 152 28.82 57.05 -26.73
C LEU KB 152 28.82 56.51 -25.30
N VAL KB 153 29.04 55.21 -25.19
CA VAL KB 153 29.32 54.55 -23.92
C VAL KB 153 30.62 53.81 -24.10
N ILE KB 154 31.67 54.23 -23.40
CA ILE KB 154 33.00 53.66 -23.54
C ILE KB 154 33.33 52.88 -22.28
N SER KB 155 33.71 51.62 -22.44
CA SER KB 155 34.24 50.81 -21.36
C SER KB 155 35.76 50.97 -21.33
N CYS KB 156 36.30 51.27 -20.16
CA CYS KB 156 37.71 51.60 -20.08
C CYS KB 156 38.19 51.37 -18.64
N CYS KB 157 39.50 51.37 -18.49
CA CYS KB 157 40.15 51.19 -17.18
C CYS KB 157 40.95 52.44 -16.89
N PHE KB 158 40.51 53.22 -15.91
CA PHE KB 158 41.27 54.39 -15.51
C PHE KB 158 42.43 53.95 -14.63
N ASN KB 159 43.59 54.53 -14.88
CA ASN KB 159 44.79 54.20 -14.12
C ASN KB 159 45.74 55.40 -14.11
N ASN LB 16 -17.45 21.10 -1.21
CA ASN LB 16 -17.22 21.94 -0.04
C ASN LB 16 -18.53 22.24 0.67
N SER LB 17 -18.45 22.93 1.80
CA SER LB 17 -19.62 23.22 2.60
C SER LB 17 -20.49 24.28 1.93
N ASN LB 18 -21.81 24.11 2.03
CA ASN LB 18 -22.76 25.08 1.50
C ASN LB 18 -23.51 25.84 2.58
N VAL LB 19 -23.20 25.59 3.85
CA VAL LB 19 -23.88 26.26 4.96
C VAL LB 19 -22.85 26.79 5.94
N VAL LB 20 -23.31 27.70 6.81
CA VAL LB 20 -22.48 28.17 7.90
C VAL LB 20 -22.18 27.01 8.85
N THR LB 21 -20.96 27.00 9.38
CA THR LB 21 -20.54 25.97 10.33
C THR LB 21 -19.83 26.63 11.50
N MET LB 22 -19.82 25.91 12.63
CA MET LB 22 -19.29 26.44 13.86
C MET LB 22 -17.76 26.44 13.86
N ILE LB 23 -17.17 27.47 14.48
CA ILE LB 23 -15.76 27.49 14.84
C ILE LB 23 -15.66 27.36 16.35
N ARG LB 24 -14.83 26.42 16.81
CA ARG LB 24 -14.62 26.24 18.25
C ARG LB 24 -13.46 27.14 18.67
N ALA LB 25 -13.80 28.40 18.90
CA ALA LB 25 -12.81 29.42 19.24
C ALA LB 25 -12.32 29.23 20.67
N GLY LB 26 -11.13 29.79 20.94
CA GLY LB 26 -10.51 29.64 22.24
C GLY LB 26 -10.35 30.95 22.99
N SER LB 27 -9.15 31.19 23.50
CA SER LB 27 -8.87 32.43 24.21
C SER LB 27 -8.98 33.62 23.25
N TYR LB 28 -9.11 34.81 23.83
CA TYR LB 28 -9.11 36.00 23.00
C TYR LB 28 -7.71 36.22 22.43
N PRO LB 29 -7.57 36.38 21.11
CA PRO LB 29 -6.24 36.41 20.50
C PRO LB 29 -5.56 37.76 20.66
N LYS LB 30 -4.31 37.81 20.22
CA LYS LB 30 -3.65 39.10 20.04
C LYS LB 30 -4.24 39.80 18.84
N VAL LB 31 -4.46 41.11 18.95
CA VAL LB 31 -5.10 41.88 17.89
C VAL LB 31 -4.28 43.14 17.59
N ASN LB 32 -4.55 43.71 16.43
CA ASN LB 32 -3.95 44.96 16.01
C ASN LB 32 -4.91 45.65 15.04
N PRO LB 33 -5.58 46.72 15.46
CA PRO LB 33 -6.54 47.38 14.56
C PRO LB 33 -5.88 48.20 13.45
N THR LB 34 -4.59 48.53 13.55
CA THR LB 34 -3.92 49.38 12.58
C THR LB 34 -2.63 48.72 12.13
N PRO LB 35 -2.71 47.72 11.25
CA PRO LB 35 -1.52 46.97 10.84
C PRO LB 35 -0.69 47.72 9.81
N THR LB 36 0.42 47.09 9.43
CA THR LB 36 1.30 47.56 8.37
C THR LB 36 0.78 47.10 7.01
N TRP LB 37 1.36 47.65 5.94
CA TRP LB 37 0.86 47.41 4.60
C TRP LB 37 1.98 47.59 3.59
N VAL LB 38 2.35 46.51 2.90
CA VAL LB 38 3.34 46.57 1.84
C VAL LB 38 2.65 46.97 0.54
N ARG LB 39 3.14 48.02 -0.11
CA ARG LB 39 2.39 48.67 -1.17
C ARG LB 39 3.30 49.06 -2.33
N ALA LB 40 2.68 49.22 -3.50
CA ALA LB 40 3.30 49.82 -4.68
C ALA LB 40 2.48 51.05 -5.05
N ILE LB 41 3.01 52.23 -4.78
CA ILE LB 41 2.26 53.49 -4.87
C ILE LB 41 2.59 54.16 -6.20
N PRO LB 42 1.61 54.43 -7.07
CA PRO LB 42 1.89 55.18 -8.29
C PRO LB 42 1.40 56.62 -8.24
N PHE LB 43 2.29 57.57 -8.49
CA PHE LB 43 1.90 58.98 -8.58
C PHE LB 43 2.83 59.67 -9.57
N GLU LB 44 2.41 60.84 -10.02
CA GLU LB 44 3.16 61.62 -10.99
C GLU LB 44 3.67 62.90 -10.35
N VAL LB 45 4.70 63.48 -10.96
CA VAL LB 45 5.25 64.76 -10.55
C VAL LB 45 5.56 65.58 -11.79
N SER LB 46 5.49 66.91 -11.64
CA SER LB 46 5.83 67.82 -12.72
C SER LB 46 7.30 68.22 -12.62
N VAL LB 47 7.97 68.25 -13.77
CA VAL LB 47 9.41 68.51 -13.86
C VAL LB 47 9.63 69.66 -14.83
N GLN LB 48 10.57 70.53 -14.50
CA GLN LB 48 10.99 71.60 -15.39
C GLN LB 48 12.29 71.21 -16.10
N SER LB 49 12.47 71.77 -17.30
CA SER LB 49 13.68 71.50 -18.06
C SER LB 49 14.89 72.07 -17.32
N GLY LB 50 15.89 71.21 -17.09
CA GLY LB 50 17.14 71.62 -16.49
C GLY LB 50 17.12 71.77 -14.99
N ILE LB 51 16.01 71.48 -14.33
CA ILE LB 51 15.87 71.69 -12.89
C ILE LB 51 15.49 70.36 -12.24
N ALA LB 52 16.20 69.98 -11.19
CA ALA LB 52 15.85 68.78 -10.45
C ALA LB 52 14.65 69.04 -9.55
N PHE LB 53 13.77 68.05 -9.45
CA PHE LB 53 12.62 68.12 -8.55
C PHE LB 53 12.80 67.13 -7.43
N LYS LB 54 12.78 67.62 -6.19
CA LYS LB 54 12.83 66.76 -5.01
C LYS LB 54 11.44 66.20 -4.74
N VAL LB 55 11.34 64.88 -4.71
CA VAL LB 55 10.05 64.21 -4.52
C VAL LB 55 9.80 64.08 -3.02
N PRO LB 56 8.73 64.67 -2.50
CA PRO LB 56 8.46 64.57 -1.06
C PRO LB 56 7.84 63.24 -0.68
N VAL LB 57 8.23 62.73 0.49
CA VAL LB 57 7.66 61.51 1.03
C VAL LB 57 6.18 61.66 1.30
N GLY LB 58 5.75 62.89 1.66
CA GLY LB 58 4.36 63.16 1.94
C GLY LB 58 3.41 62.81 0.79
N SER LB 59 3.95 62.71 -0.43
CA SER LB 59 3.14 62.30 -1.56
C SER LB 59 2.52 60.93 -1.35
N LEU LB 60 3.15 60.09 -0.54
CA LEU LB 60 2.68 58.72 -0.36
C LEU LB 60 1.53 58.60 0.63
N PHE LB 61 1.27 59.62 1.43
CA PHE LB 61 0.16 59.62 2.40
C PHE LB 61 -1.02 60.37 1.79
N SER LB 62 -2.08 59.63 1.46
CA SER LB 62 -3.23 60.22 0.79
C SER LB 62 -4.39 59.24 0.88
N ALA LB 63 -5.61 59.80 0.96
CA ALA LB 63 -6.80 58.97 0.85
C ALA LB 63 -6.88 58.29 -0.51
N ASN LB 64 -6.24 58.86 -1.52
CA ASN LB 64 -6.25 58.26 -2.86
C ASN LB 64 -5.55 56.92 -2.90
N PHE LB 65 -4.70 56.63 -1.91
CA PHE LB 65 -3.98 55.37 -1.82
C PHE LB 65 -4.42 54.52 -0.64
N ARG LB 66 -5.45 54.95 0.10
CA ARG LB 66 -5.90 54.33 1.34
C ARG LB 66 -4.83 54.40 2.43
N THR LB 67 -3.96 55.41 2.37
CA THR LB 67 -2.80 55.48 3.27
C THR LB 67 -2.78 56.71 4.16
N ASP LB 68 -3.87 57.47 4.22
CA ASP LB 68 -3.85 58.73 4.97
C ASP LB 68 -3.81 58.52 6.48
N SER LB 69 -3.98 57.30 6.97
CA SER LB 69 -3.88 57.04 8.40
C SER LB 69 -2.46 56.73 8.85
N PHE LB 70 -1.51 56.68 7.92
CA PHE LB 70 -0.11 56.45 8.23
C PHE LB 70 0.65 57.77 8.32
N THR LB 71 1.67 57.79 9.17
CA THR LB 71 2.56 58.94 9.29
C THR LB 71 4.01 58.62 8.98
N SER LB 72 4.37 57.34 8.87
CA SER LB 72 5.73 56.92 8.54
C SER LB 72 5.67 55.86 7.45
N VAL LB 73 6.78 55.70 6.74
CA VAL LB 73 6.88 54.68 5.70
C VAL LB 73 8.35 54.35 5.49
N THR LB 74 8.61 53.08 5.17
CA THR LB 74 9.94 52.59 4.82
C THR LB 74 9.96 52.32 3.32
N VAL LB 75 10.76 53.09 2.59
CA VAL LB 75 10.83 52.95 1.14
C VAL LB 75 11.83 51.85 0.81
N MET LB 76 11.45 50.95 -0.10
CA MET LB 76 12.31 49.86 -0.53
C MET LB 76 12.91 50.09 -1.92
N SER LB 77 12.11 50.52 -2.89
CA SER LB 77 12.64 50.75 -4.22
C SER LB 77 11.82 51.82 -4.94
N VAL LB 78 12.51 52.57 -5.79
CA VAL LB 78 11.91 53.64 -6.59
C VAL LB 78 12.09 53.30 -8.06
N ARG LB 79 11.04 53.47 -8.85
CA ARG LB 79 11.09 53.32 -10.30
C ARG LB 79 10.37 54.50 -10.94
N ALA LB 80 10.91 54.97 -12.06
CA ALA LB 80 10.40 56.17 -12.70
C ALA LB 80 10.30 55.99 -14.21
N TRP LB 81 9.19 56.46 -14.77
CA TRP LB 81 8.97 56.51 -16.20
C TRP LB 81 8.69 57.95 -16.61
N THR LB 82 9.08 58.32 -17.82
CA THR LB 82 8.61 59.58 -18.38
C THR LB 82 7.12 59.45 -18.70
N GLN LB 83 6.36 60.50 -18.42
CA GLN LB 83 4.91 60.45 -18.50
C GLN LB 83 4.34 61.28 -19.65
N LEU LB 84 5.11 62.19 -20.23
CA LEU LB 84 4.68 62.94 -21.41
C LEU LB 84 5.76 62.83 -22.48
N THR LB 85 5.42 63.26 -23.68
CA THR LB 85 6.33 63.12 -24.81
C THR LB 85 7.53 64.05 -24.65
N PRO LB 86 8.69 63.67 -25.21
CA PRO LB 86 9.88 64.51 -25.09
C PRO LB 86 9.81 65.67 -26.07
N PRO LB 87 10.76 66.60 -26.01
CA PRO LB 87 10.79 67.66 -27.02
C PRO LB 87 11.06 67.11 -28.41
N VAL LB 88 10.69 67.91 -29.41
CA VAL LB 88 10.94 67.55 -30.80
C VAL LB 88 12.42 67.25 -30.99
N ASN LB 89 12.70 66.16 -31.72
CA ASN LB 89 14.01 65.65 -32.11
C ASN LB 89 14.68 64.81 -31.01
N GLU LB 90 14.15 64.78 -29.79
CA GLU LB 90 14.86 64.13 -28.69
C GLU LB 90 14.22 62.80 -28.32
N TYR LB 91 15.05 61.95 -27.73
CA TYR LB 91 14.56 60.76 -27.04
C TYR LB 91 14.34 61.09 -25.57
N SER LB 92 13.34 60.45 -24.97
CA SER LB 92 13.04 60.67 -23.57
C SER LB 92 14.19 60.17 -22.69
N PHE LB 93 14.38 60.82 -21.55
CA PHE LB 93 15.29 60.31 -20.54
C PHE LB 93 14.78 60.72 -19.16
N VAL LB 94 15.24 59.97 -18.15
CA VAL LB 94 14.97 60.29 -16.75
C VAL LB 94 16.19 59.91 -15.92
N ARG LB 95 16.47 60.72 -14.90
CA ARG LB 95 17.55 60.46 -13.95
C ARG LB 95 17.01 60.48 -12.53
N LEU LB 96 17.56 59.62 -11.68
CA LEU LB 96 17.18 59.54 -10.27
C LEU LB 96 18.41 59.69 -9.40
N LYS LB 97 18.37 60.62 -8.45
CA LYS LB 97 19.41 60.76 -7.45
C LYS LB 97 18.84 60.44 -6.07
N PRO LB 98 19.31 59.40 -5.41
CA PRO LB 98 18.73 59.03 -4.10
C PRO LB 98 19.11 60.04 -3.02
N LEU LB 99 18.13 60.34 -2.17
CA LEU LB 99 18.32 61.23 -1.03
C LEU LB 99 18.13 60.45 0.27
N PHE LB 100 18.94 60.77 1.28
CA PHE LB 100 18.83 60.11 2.58
C PHE LB 100 19.05 61.13 3.68
N LYS LB 101 18.31 60.96 4.78
CA LYS LB 101 18.40 61.87 5.92
C LYS LB 101 19.79 61.85 6.55
N THR LB 102 20.48 60.71 6.51
CA THR LB 102 21.82 60.63 7.06
C THR LB 102 22.90 61.05 6.08
N GLY LB 103 22.56 61.30 4.82
CA GLY LB 103 23.52 61.76 3.83
C GLY LB 103 23.12 61.44 2.41
N ASP LB 104 23.12 62.44 1.54
CA ASP LB 104 22.60 62.28 0.19
C ASP LB 104 23.60 61.57 -0.72
N SER LB 105 23.06 60.83 -1.68
CA SER LB 105 23.88 60.21 -2.72
C SER LB 105 24.21 61.21 -3.81
N THR LB 106 25.18 60.84 -4.65
CA THR LB 106 25.47 61.58 -5.87
C THR LB 106 25.35 60.69 -7.10
N GLU LB 107 24.78 59.50 -6.96
CA GLU LB 107 24.49 58.68 -8.12
C GLU LB 107 23.39 59.31 -8.95
N GLU LB 108 23.48 59.15 -10.26
CA GLU LB 108 22.53 59.69 -11.20
C GLU LB 108 22.10 58.58 -12.16
N PHE LB 109 21.41 57.57 -11.63
CA PHE LB 109 20.89 56.50 -12.46
C PHE LB 109 20.01 57.07 -13.56
N GLU LB 110 20.31 56.69 -14.80
CA GLU LB 110 19.67 57.31 -15.95
C GLU LB 110 19.16 56.24 -16.90
N GLY LB 111 17.93 56.43 -17.38
CA GLY LB 111 17.38 55.63 -18.45
C GLY LB 111 17.07 56.51 -19.65
N ARG LB 112 17.24 55.96 -20.84
CA ARG LB 112 16.90 56.66 -22.07
C ARG LB 112 16.03 55.78 -22.94
N ALA LB 113 15.14 56.41 -23.68
CA ALA LB 113 14.34 55.70 -24.66
C ALA LB 113 15.19 55.45 -25.91
N SER LB 114 14.89 54.34 -26.60
CA SER LB 114 15.50 54.04 -27.88
C SER LB 114 14.53 54.21 -29.03
N ASN LB 115 13.31 54.66 -28.74
CA ASN LB 115 12.28 54.96 -29.72
C ASN LB 115 11.59 56.22 -29.25
N ILE LB 116 11.58 57.28 -30.07
CA ILE LB 116 11.12 58.58 -29.59
C ILE LB 116 9.69 58.53 -29.07
N ASN LB 117 8.92 57.52 -29.47
CA ASN LB 117 7.54 57.40 -29.04
C ASN LB 117 7.40 56.58 -27.76
N THR LB 118 8.50 56.26 -27.09
CA THR LB 118 8.52 55.32 -25.99
C THR LB 118 9.02 55.99 -24.72
N ARG LB 119 8.46 55.56 -23.58
CA ARG LB 119 8.91 56.05 -22.28
C ARG LB 119 10.35 55.65 -22.01
N ALA LB 120 11.06 56.51 -21.30
CA ALA LB 120 12.32 56.13 -20.68
C ALA LB 120 12.04 55.71 -19.24
N SER LB 121 12.80 54.73 -18.75
CA SER LB 121 12.58 54.21 -17.41
C SER LB 121 13.90 53.91 -16.72
N VAL LB 122 13.86 53.99 -15.39
CA VAL LB 122 14.99 53.65 -14.54
C VAL LB 122 14.48 53.50 -13.12
N GLY LB 123 15.19 52.72 -12.31
CA GLY LB 123 14.86 52.60 -10.91
C GLY LB 123 16.10 52.32 -10.09
N TYR LB 124 15.94 52.36 -8.77
CA TYR LB 124 17.02 51.94 -7.89
C TYR LB 124 16.42 51.29 -6.64
N ARG LB 125 17.20 50.40 -6.05
CA ARG LB 125 16.82 49.69 -4.85
C ARG LB 125 17.58 50.24 -3.65
N ILE LB 126 16.88 50.39 -2.52
CA ILE LB 126 17.51 50.87 -1.29
C ILE LB 126 17.97 49.68 -0.46
N PRO LB 127 19.22 49.64 -0.04
CA PRO LB 127 19.71 48.48 0.72
C PRO LB 127 19.15 48.45 2.14
N THR LB 128 19.11 47.23 2.70
CA THR LB 128 18.52 47.02 4.02
C THR LB 128 19.09 47.97 5.07
N ASN LB 129 20.40 48.24 5.00
CA ASN LB 129 21.02 49.11 6.00
C ASN LB 129 20.56 50.56 5.91
N LEU LB 130 19.83 50.94 4.85
CA LEU LB 130 19.32 52.30 4.72
C LEU LB 130 17.80 52.37 4.74
N ARG LB 131 17.12 51.28 5.07
CA ARG LB 131 15.65 51.26 5.13
C ARG LB 131 15.18 51.63 6.52
N GLN LB 132 15.33 52.90 6.85
CA GLN LB 132 14.71 53.43 8.06
C GLN LB 132 13.42 54.14 7.66
N ASN LB 133 12.70 54.64 8.66
CA ASN LB 133 11.44 55.31 8.40
C ASN LB 133 11.69 56.71 7.85
N THR LB 134 10.77 57.17 7.01
CA THR LB 134 10.71 58.55 6.58
C THR LB 134 9.31 59.08 6.84
N VAL LB 135 9.21 60.40 7.01
CA VAL LB 135 7.94 61.04 7.30
C VAL LB 135 7.68 62.07 6.21
N ALA LB 136 6.53 62.75 6.30
CA ALA LB 136 6.06 63.59 5.21
C ALA LB 136 7.05 64.70 4.85
N ALA LB 137 7.82 65.17 5.83
CA ALA LB 137 8.74 66.28 5.59
C ALA LB 137 10.03 65.85 4.90
N ASP LB 138 10.28 64.55 4.75
CA ASP LB 138 11.50 64.07 4.10
C ASP LB 138 11.32 64.04 2.58
N ASN LB 139 12.43 63.78 1.89
CA ASN LB 139 12.44 63.64 0.44
C ASN LB 139 12.96 62.25 0.06
N VAL LB 140 12.40 61.69 -1.01
CA VAL LB 140 12.84 60.39 -1.50
C VAL LB 140 14.05 60.52 -2.42
N CYS LB 141 13.93 61.36 -3.45
CA CYS LB 141 14.95 61.44 -4.48
C CYS LB 141 14.75 62.71 -5.28
N GLU LB 142 15.72 62.99 -6.15
CA GLU LB 142 15.59 64.06 -7.14
C GLU LB 142 15.33 63.44 -8.51
N VAL LB 143 14.46 64.09 -9.28
CA VAL LB 143 14.11 63.64 -10.62
C VAL LB 143 14.57 64.69 -11.62
N ARG LB 144 15.18 64.24 -12.70
CA ARG LB 144 15.49 65.08 -13.86
C ARG LB 144 14.99 64.40 -15.12
N SER LB 145 14.48 65.20 -16.05
CA SER LB 145 13.97 64.65 -17.30
C SER LB 145 13.81 65.78 -18.30
N ASN LB 146 13.81 65.42 -19.58
CA ASN LB 146 13.42 66.34 -20.63
C ASN LB 146 11.92 66.26 -20.92
N CYS LB 147 11.19 65.44 -20.19
CA CYS LB 147 9.73 65.39 -20.27
C CYS LB 147 9.14 66.13 -19.08
N ARG LB 148 7.96 66.73 -19.31
CA ARG LB 148 7.42 67.64 -18.31
C ARG LB 148 6.74 66.92 -17.15
N GLN LB 149 6.41 65.65 -17.30
CA GLN LB 149 5.92 64.84 -16.20
C GLN LB 149 6.71 63.54 -16.10
N VAL LB 150 6.84 63.05 -14.88
CA VAL LB 150 7.47 61.76 -14.62
C VAL LB 150 6.53 60.97 -13.71
N ALA LB 151 6.25 59.73 -14.09
CA ALA LB 151 5.43 58.83 -13.29
C ALA LB 151 6.32 57.94 -12.46
N LEU LB 152 6.06 57.89 -11.15
CA LEU LB 152 6.83 57.07 -10.24
C LEU LB 152 5.98 55.92 -9.71
N VAL LB 153 6.63 54.80 -9.44
CA VAL LB 153 6.04 53.70 -8.70
C VAL LB 153 7.01 53.33 -7.59
N ILE LB 154 6.57 53.48 -6.34
CA ILE LB 154 7.43 53.33 -5.18
C ILE LB 154 6.95 52.14 -4.37
N SER LB 155 7.84 51.17 -4.15
CA SER LB 155 7.55 50.02 -3.31
C SER LB 155 7.99 50.35 -1.89
N CYS LB 156 7.05 50.26 -0.95
CA CYS LB 156 7.32 50.75 0.40
C CYS LB 156 6.48 49.96 1.40
N CYS LB 157 6.86 50.06 2.67
CA CYS LB 157 6.14 49.45 3.77
C CYS LB 157 5.59 50.56 4.65
N PHE LB 158 4.26 50.70 4.67
CA PHE LB 158 3.64 51.68 5.55
C PHE LB 158 3.52 51.10 6.95
N ASN LB 159 3.90 51.90 7.94
CA ASN LB 159 3.81 51.48 9.34
C ASN LB 159 3.53 52.67 10.24
N ASN MB 16 -12.32 6.41 -43.95
CA ASN MB 16 -13.58 6.67 -43.27
C ASN MB 16 -14.77 6.38 -44.19
N SER MB 17 -15.97 6.44 -43.63
CA SER MB 17 -17.18 6.08 -44.38
C SER MB 17 -17.55 7.16 -45.37
N ASN MB 18 -18.05 6.73 -46.54
CA ASN MB 18 -18.43 7.65 -47.60
C ASN MB 18 -19.92 7.71 -47.84
N VAL MB 19 -20.73 6.93 -47.12
CA VAL MB 19 -22.17 6.94 -47.30
C VAL MB 19 -22.87 7.09 -45.95
N VAL MB 20 -24.17 7.38 -46.02
CA VAL MB 20 -24.99 7.43 -44.82
C VAL MB 20 -25.03 6.05 -44.19
N THR MB 21 -25.06 6.01 -42.86
CA THR MB 21 -25.16 4.77 -42.12
C THR MB 21 -26.19 4.93 -41.02
N MET MB 22 -26.70 3.79 -40.56
CA MET MB 22 -27.77 3.77 -39.57
C MET MB 22 -27.22 4.05 -38.17
N ILE MB 23 -27.98 4.84 -37.40
CA ILE MB 23 -27.78 4.98 -35.96
C ILE MB 23 -28.83 4.15 -35.27
N ARG MB 24 -28.42 3.37 -34.26
CA ARG MB 24 -29.36 2.54 -33.51
C ARG MB 24 -29.77 3.33 -32.26
N ALA MB 25 -30.67 4.29 -32.47
CA ALA MB 25 -31.18 5.11 -31.39
C ALA MB 25 -32.04 4.29 -30.44
N GLY MB 26 -32.24 4.83 -29.24
CA GLY MB 26 -33.04 4.15 -28.24
C GLY MB 26 -34.17 5.00 -27.71
N SER MB 27 -34.22 5.18 -26.39
CA SER MB 27 -35.24 6.00 -25.78
C SER MB 27 -35.07 7.46 -26.18
N TYR MB 28 -36.15 8.22 -26.07
CA TYR MB 28 -36.07 9.64 -26.35
C TYR MB 28 -35.22 10.32 -25.28
N PRO MB 29 -34.20 11.07 -25.67
CA PRO MB 29 -33.25 11.60 -24.69
C PRO MB 29 -33.81 12.82 -23.95
N LYS MB 30 -33.09 13.23 -22.91
CA LYS MB 30 -33.28 14.56 -22.35
C LYS MB 30 -32.85 15.61 -23.37
N VAL MB 31 -33.66 16.63 -23.56
CA VAL MB 31 -33.40 17.65 -24.55
C VAL MB 31 -33.50 19.02 -23.88
N ASN MB 32 -33.13 20.05 -24.64
CA ASN MB 32 -33.17 21.44 -24.18
C ASN MB 32 -33.04 22.36 -25.40
N PRO MB 33 -34.13 23.01 -25.80
CA PRO MB 33 -34.06 23.88 -27.00
C PRO MB 33 -33.29 25.18 -26.77
N THR MB 34 -32.96 25.54 -25.53
CA THR MB 34 -32.40 26.85 -25.22
C THR MB 34 -31.25 26.71 -24.23
N PRO MB 35 -30.11 26.21 -24.70
CA PRO MB 35 -28.99 25.95 -23.78
C PRO MB 35 -28.24 27.23 -23.42
N THR MB 36 -27.31 27.07 -22.48
CA THR MB 36 -26.40 28.14 -22.08
C THR MB 36 -25.30 28.30 -23.12
N TRP MB 37 -24.47 29.34 -22.95
CA TRP MB 37 -23.46 29.66 -23.94
C TRP MB 37 -22.35 30.46 -23.29
N VAL MB 38 -21.14 29.91 -23.26
CA VAL MB 38 -19.96 30.62 -22.78
C VAL MB 38 -19.38 31.42 -23.93
N ARG MB 39 -19.21 32.72 -23.74
CA ARG MB 39 -18.91 33.62 -24.84
C ARG MB 39 -17.86 34.65 -24.43
N ALA MB 40 -17.22 35.23 -25.44
CA ALA MB 40 -16.35 36.39 -25.30
C ALA MB 40 -16.92 37.49 -26.18
N ILE MB 41 -17.48 38.53 -25.56
CA ILE MB 41 -18.27 39.55 -26.26
C ILE MB 41 -17.38 40.76 -26.50
N PRO MB 42 -17.17 41.19 -27.74
CA PRO MB 42 -16.47 42.46 -27.99
C PRO MB 42 -17.42 43.60 -28.29
N PHE MB 43 -17.30 44.71 -27.56
CA PHE MB 43 -18.05 45.91 -27.89
C PHE MB 43 -17.30 47.13 -27.36
N GLU MB 44 -17.73 48.31 -27.81
CA GLU MB 44 -17.07 49.56 -27.46
C GLU MB 44 -18.02 50.52 -26.78
N VAL MB 45 -17.47 51.36 -25.92
CA VAL MB 45 -18.21 52.41 -25.23
C VAL MB 45 -17.48 53.74 -25.44
N SER MB 46 -18.24 54.83 -25.44
CA SER MB 46 -17.69 56.18 -25.58
C SER MB 46 -17.53 56.80 -24.21
N VAL MB 47 -16.40 57.49 -24.02
CA VAL MB 47 -16.02 58.03 -22.71
C VAL MB 47 -15.73 59.51 -22.85
N GLN MB 48 -16.01 60.26 -21.78
CA GLN MB 48 -15.54 61.63 -21.64
C GLN MB 48 -14.29 61.65 -20.77
N SER MB 49 -13.42 62.61 -21.05
CA SER MB 49 -12.21 62.79 -20.25
C SER MB 49 -12.57 63.11 -18.80
N GLY MB 50 -11.93 62.41 -17.87
CA GLY MB 50 -12.10 62.68 -16.46
C GLY MB 50 -13.46 62.34 -15.89
N ILE MB 51 -14.30 61.63 -16.65
CA ILE MB 51 -15.64 61.27 -16.19
C ILE MB 51 -15.81 59.77 -16.36
N ALA MB 52 -16.16 59.09 -15.27
CA ALA MB 52 -16.40 57.65 -15.32
C ALA MB 52 -17.63 57.34 -16.15
N PHE MB 53 -17.61 56.17 -16.78
CA PHE MB 53 -18.74 55.66 -17.55
C PHE MB 53 -19.14 54.30 -17.00
N LYS MB 54 -20.40 54.18 -16.59
CA LYS MB 54 -20.92 52.91 -16.11
C LYS MB 54 -21.34 52.06 -17.29
N VAL MB 55 -20.71 50.89 -17.43
CA VAL MB 55 -20.99 49.99 -18.54
C VAL MB 55 -22.24 49.18 -18.22
N PRO MB 56 -23.31 49.31 -19.00
CA PRO MB 56 -24.53 48.57 -18.71
C PRO MB 56 -24.48 47.13 -19.21
N VAL MB 57 -24.96 46.22 -18.37
CA VAL MB 57 -24.97 44.79 -18.73
C VAL MB 57 -25.76 44.57 -20.01
N GLY MB 58 -26.85 45.32 -20.18
CA GLY MB 58 -27.71 45.20 -21.35
C GLY MB 58 -26.98 45.28 -22.68
N SER MB 59 -25.77 45.83 -22.66
CA SER MB 59 -24.95 45.86 -23.87
C SER MB 59 -24.62 44.46 -24.36
N LEU MB 60 -24.66 43.46 -23.47
CA LEU MB 60 -24.30 42.10 -23.83
C LEU MB 60 -25.44 41.33 -24.48
N PHE MB 61 -26.65 41.88 -24.49
CA PHE MB 61 -27.80 41.23 -25.11
C PHE MB 61 -28.12 41.96 -26.42
N SER MB 62 -27.78 41.32 -27.53
CA SER MB 62 -27.95 41.97 -28.82
C SER MB 62 -27.99 40.89 -29.90
N ALA MB 63 -28.76 41.17 -30.96
CA ALA MB 63 -28.76 40.29 -32.12
C ALA MB 63 -27.38 40.24 -32.76
N ASN MB 64 -26.62 41.33 -32.66
CA ASN MB 64 -25.26 41.39 -33.21
C ASN MB 64 -24.31 40.38 -32.58
N PHE MB 65 -24.68 39.80 -31.43
CA PHE MB 65 -23.87 38.80 -30.77
C PHE MB 65 -24.54 37.43 -30.72
N ARG MB 66 -25.71 37.30 -31.35
CA ARG MB 66 -26.55 36.09 -31.27
C ARG MB 66 -27.05 35.84 -29.85
N THR MB 67 -27.23 36.90 -29.06
CA THR MB 67 -27.55 36.74 -27.64
C THR MB 67 -28.84 37.44 -27.23
N ASP MB 68 -29.67 37.88 -28.17
CA ASP MB 68 -30.88 38.61 -27.81
C ASP MB 68 -31.95 37.74 -27.17
N SER MB 69 -31.81 36.42 -27.20
CA SER MB 69 -32.78 35.54 -26.55
C SER MB 69 -32.47 35.27 -25.09
N PHE MB 70 -31.33 35.75 -24.59
CA PHE MB 70 -31.00 35.64 -23.17
C PHE MB 70 -31.48 36.87 -22.43
N THR MB 71 -31.80 36.69 -21.15
CA THR MB 71 -32.16 37.79 -20.26
C THR MB 71 -31.23 37.93 -19.07
N SER MB 72 -30.37 36.94 -18.82
CA SER MB 72 -29.40 37.01 -17.74
C SER MB 72 -28.04 36.57 -18.26
N VAL MB 73 -26.99 36.90 -17.51
CA VAL MB 73 -25.64 36.53 -17.88
C VAL MB 73 -24.79 36.56 -16.62
N THR MB 74 -23.81 35.66 -16.55
CA THR MB 74 -22.85 35.62 -15.45
C THR MB 74 -21.49 36.05 -16.00
N VAL MB 75 -21.00 37.18 -15.53
CA VAL MB 75 -19.74 37.75 -16.02
C VAL MB 75 -18.58 37.10 -15.27
N MET MB 76 -17.59 36.63 -16.01
CA MET MB 76 -16.41 35.99 -15.42
C MET MB 76 -15.18 36.88 -15.41
N SER MB 77 -14.92 37.61 -16.50
CA SER MB 77 -13.77 38.50 -16.53
C SER MB 77 -14.06 39.65 -17.49
N VAL MB 78 -13.40 40.78 -17.25
CA VAL MB 78 -13.57 41.99 -18.03
C VAL MB 78 -12.18 42.49 -18.43
N ARG MB 79 -11.94 42.61 -19.73
CA ARG MB 79 -10.71 43.20 -20.26
C ARG MB 79 -11.06 44.40 -21.13
N ALA MB 80 -10.25 45.44 -21.06
CA ALA MB 80 -10.54 46.69 -21.76
C ALA MB 80 -9.29 47.23 -22.44
N TRP MB 81 -9.47 47.81 -23.63
CA TRP MB 81 -8.41 48.46 -24.37
C TRP MB 81 -8.89 49.85 -24.78
N THR MB 82 -7.95 50.79 -24.86
CA THR MB 82 -8.26 52.07 -25.46
C THR MB 82 -8.41 51.89 -26.97
N GLN MB 83 -9.44 52.52 -27.54
CA GLN MB 83 -9.85 52.26 -28.91
C GLN MB 83 -9.54 53.41 -29.87
N LEU MB 84 -9.32 54.62 -29.37
CA LEU MB 84 -8.84 55.74 -30.16
C LEU MB 84 -7.55 56.25 -29.54
N THR MB 85 -6.88 57.14 -30.28
CA THR MB 85 -5.60 57.68 -29.83
C THR MB 85 -5.80 58.67 -28.67
N PRO MB 86 -4.78 58.86 -27.84
CA PRO MB 86 -4.91 59.76 -26.68
C PRO MB 86 -4.72 61.20 -27.10
N PRO MB 87 -4.94 62.15 -26.18
CA PRO MB 87 -4.62 63.55 -26.49
C PRO MB 87 -3.15 63.70 -26.83
N VAL MB 88 -2.83 64.82 -27.48
CA VAL MB 88 -1.45 65.10 -27.84
C VAL MB 88 -0.59 65.14 -26.58
N ASN MB 89 0.64 64.65 -26.69
CA ASN MB 89 1.69 64.57 -25.67
C ASN MB 89 1.48 63.43 -24.68
N GLU MB 90 0.31 62.78 -24.65
CA GLU MB 90 0.01 61.82 -23.59
C GLU MB 90 0.09 60.39 -24.09
N TYR MB 91 0.30 59.48 -23.14
CA TYR MB 91 0.14 58.06 -23.37
C TYR MB 91 -1.25 57.65 -22.95
N SER MB 92 -1.84 56.71 -23.69
CA SER MB 92 -3.16 56.21 -23.35
C SER MB 92 -3.15 55.57 -21.97
N PHE MB 93 -4.29 55.65 -21.29
CA PHE MB 93 -4.49 54.89 -20.07
C PHE MB 93 -5.96 54.51 -19.96
N VAL MB 94 -6.24 53.46 -19.20
CA VAL MB 94 -7.60 53.00 -18.97
C VAL MB 94 -7.69 52.45 -17.57
N ARG MB 95 -8.78 52.77 -16.87
CA ARG MB 95 -9.05 52.27 -15.53
C ARG MB 95 -10.40 51.56 -15.51
N LEU MB 96 -10.47 50.48 -14.75
CA LEU MB 96 -11.70 49.75 -14.51
C LEU MB 96 -12.00 49.72 -13.03
N LYS MB 97 -13.25 50.00 -12.67
CA LYS MB 97 -13.71 49.86 -11.29
C LYS MB 97 -14.84 48.83 -11.26
N PRO MB 98 -14.62 47.65 -10.68
CA PRO MB 98 -15.68 46.64 -10.66
C PRO MB 98 -16.88 47.12 -9.86
N LEU MB 99 -18.07 46.80 -10.37
CA LEU MB 99 -19.34 47.12 -9.71
C LEU MB 99 -20.11 45.84 -9.46
N PHE MB 100 -20.83 45.79 -8.33
CA PHE MB 100 -21.62 44.61 -7.97
C PHE MB 100 -22.90 45.03 -7.28
N LYS MB 101 -23.98 44.27 -7.53
CA LYS MB 101 -25.27 44.57 -6.92
C LYS MB 101 -25.22 44.55 -5.41
N THR MB 102 -24.44 43.63 -4.82
CA THR MB 102 -24.35 43.55 -3.36
C THR MB 102 -23.36 44.54 -2.77
N GLY MB 103 -22.70 45.35 -3.58
CA GLY MB 103 -21.71 46.28 -3.06
C GLY MB 103 -20.59 46.59 -4.03
N ASP MB 104 -20.48 47.87 -4.42
CA ASP MB 104 -19.48 48.29 -5.38
C ASP MB 104 -18.07 48.27 -4.79
N SER MB 105 -17.09 48.00 -5.65
CA SER MB 105 -15.68 48.01 -5.28
C SER MB 105 -15.12 49.42 -5.40
N THR MB 106 -13.95 49.62 -4.80
CA THR MB 106 -13.20 50.86 -4.95
C THR MB 106 -11.82 50.65 -5.56
N GLU MB 107 -11.55 49.46 -6.08
CA GLU MB 107 -10.32 49.23 -6.84
C GLU MB 107 -10.37 50.00 -8.15
N GLU MB 108 -9.20 50.43 -8.60
CA GLU MB 108 -9.06 51.16 -9.86
C GLU MB 108 -7.90 50.53 -10.64
N PHE MB 109 -8.10 49.27 -11.07
CA PHE MB 109 -7.13 48.59 -11.91
C PHE MB 109 -6.83 49.46 -13.14
N GLU MB 110 -5.55 49.70 -13.39
CA GLU MB 110 -5.14 50.66 -14.40
C GLU MB 110 -4.06 50.08 -15.29
N GLY MB 111 -4.17 50.36 -16.58
CA GLY MB 111 -3.11 50.07 -17.52
C GLY MB 111 -2.72 51.34 -18.26
N ARG MB 112 -1.44 51.45 -18.58
CA ARG MB 112 -0.92 52.58 -19.35
C ARG MB 112 -0.06 52.06 -20.49
N ALA MB 113 -0.06 52.80 -21.59
CA ALA MB 113 0.80 52.47 -22.70
C ALA MB 113 2.19 53.05 -22.48
N SER MB 114 3.21 52.35 -22.99
CA SER MB 114 4.57 52.83 -22.94
C SER MB 114 5.05 53.34 -24.30
N ASN MB 115 4.15 53.38 -25.28
CA ASN MB 115 4.41 53.90 -26.61
C ASN MB 115 3.16 54.67 -27.02
N ILE MB 116 3.32 55.94 -27.42
CA ILE MB 116 2.14 56.79 -27.63
C ILE MB 116 1.23 56.24 -28.71
N ASN MB 117 1.76 55.44 -29.62
CA ASN MB 117 0.97 54.89 -30.73
C ASN MB 117 0.31 53.56 -30.38
N THR MB 118 0.34 53.15 -29.11
CA THR MB 118 -0.09 51.83 -28.71
C THR MB 118 -1.25 51.92 -27.72
N ARG MB 119 -2.17 50.95 -27.81
CA ARG MB 119 -3.28 50.86 -26.88
C ARG MB 119 -2.78 50.61 -25.47
N ALA MB 120 -3.51 51.15 -24.49
CA ALA MB 120 -3.39 50.72 -23.11
C ALA MB 120 -4.44 49.66 -22.82
N SER MB 121 -4.14 48.77 -21.88
CA SER MB 121 -5.04 47.66 -21.59
C SER MB 121 -4.96 47.27 -20.13
N VAL MB 122 -6.06 46.73 -19.62
CA VAL MB 122 -6.12 46.20 -18.27
C VAL MB 122 -7.36 45.33 -18.18
N GLY MB 123 -7.42 44.49 -17.14
CA GLY MB 123 -8.58 43.65 -16.93
C GLY MB 123 -8.64 43.22 -15.48
N TYR MB 124 -9.77 42.60 -15.14
CA TYR MB 124 -9.89 42.00 -13.82
C TYR MB 124 -10.76 40.75 -13.91
N ARG MB 125 -10.50 39.82 -12.99
CA ARG MB 125 -11.26 38.59 -12.88
C ARG MB 125 -12.25 38.70 -11.72
N ILE MB 126 -13.45 38.17 -11.94
CA ILE MB 126 -14.47 38.15 -10.89
C ILE MB 126 -14.37 36.80 -10.17
N PRO MB 127 -14.24 36.78 -8.85
CA PRO MB 127 -14.08 35.50 -8.14
C PRO MB 127 -15.38 34.72 -8.14
N THR MB 128 -15.26 33.42 -7.81
CA THR MB 128 -16.40 32.52 -7.87
C THR MB 128 -17.54 32.98 -6.98
N ASN MB 129 -17.23 33.42 -5.76
CA ASN MB 129 -18.28 33.79 -4.82
C ASN MB 129 -19.07 35.01 -5.27
N LEU MB 130 -18.63 35.74 -6.28
CA LEU MB 130 -19.35 36.90 -6.78
C LEU MB 130 -19.96 36.69 -8.17
N ARG MB 131 -19.97 35.45 -8.66
CA ARG MB 131 -20.49 35.17 -10.00
C ARG MB 131 -21.96 34.78 -9.90
N GLN MB 132 -22.80 35.78 -9.67
CA GLN MB 132 -24.24 35.59 -9.76
C GLN MB 132 -24.72 36.17 -11.09
N ASN MB 133 -26.02 36.06 -11.33
CA ASN MB 133 -26.56 36.58 -12.57
C ASN MB 133 -26.68 38.09 -12.52
N THR MB 134 -26.56 38.71 -13.68
CA THR MB 134 -26.88 40.12 -13.86
C THR MB 134 -27.87 40.23 -15.01
N VAL MB 135 -28.65 41.31 -14.99
CA VAL MB 135 -29.67 41.56 -16.00
C VAL MB 135 -29.41 42.93 -16.61
N ALA MB 136 -30.18 43.25 -17.65
CA ALA MB 136 -29.89 44.40 -18.49
C ALA MB 136 -29.79 45.69 -17.69
N ALA MB 137 -30.56 45.82 -16.61
CA ALA MB 137 -30.55 47.05 -15.83
C ALA MB 137 -29.29 47.22 -14.99
N ASP MB 138 -28.54 46.15 -14.75
CA ASP MB 138 -27.34 46.22 -13.91
C ASP MB 138 -26.18 46.84 -14.68
N ASN MB 139 -25.09 47.11 -13.97
CA ASN MB 139 -23.85 47.60 -14.55
C ASN MB 139 -22.71 46.63 -14.24
N VAL MB 140 -21.73 46.57 -15.12
CA VAL MB 140 -20.57 45.71 -14.91
C VAL MB 140 -19.47 46.44 -14.16
N CYS MB 141 -19.12 47.65 -14.61
CA CYS MB 141 -17.94 48.34 -14.11
C CYS MB 141 -17.99 49.80 -14.54
N GLU MB 142 -17.10 50.60 -13.94
CA GLU MB 142 -16.84 51.96 -14.37
C GLU MB 142 -15.55 52.00 -15.17
N VAL MB 143 -15.57 52.72 -16.28
CA VAL MB 143 -14.40 52.90 -17.14
C VAL MB 143 -13.99 54.36 -17.09
N ARG MB 144 -12.68 54.59 -16.91
CA ARG MB 144 -12.10 55.92 -17.04
C ARG MB 144 -10.92 55.84 -18.00
N SER MB 145 -10.78 56.85 -18.85
CA SER MB 145 -9.71 56.85 -19.84
C SER MB 145 -9.47 58.27 -20.31
N ASN MB 146 -8.29 58.49 -20.89
CA ASN MB 146 -8.01 59.73 -21.59
C ASN MB 146 -8.24 59.61 -23.10
N CYS MB 147 -8.70 58.45 -23.56
CA CYS MB 147 -9.14 58.28 -24.93
C CYS MB 147 -10.66 58.29 -24.98
N ARG MB 148 -11.20 58.70 -26.13
CA ARG MB 148 -12.63 58.92 -26.23
C ARG MB 148 -13.42 57.63 -26.48
N GLN MB 149 -12.76 56.52 -26.78
CA GLN MB 149 -13.43 55.23 -26.88
C GLN MB 149 -12.59 54.17 -26.18
N VAL MB 150 -13.27 53.17 -25.65
CA VAL MB 150 -12.65 52.04 -24.99
C VAL MB 150 -13.30 50.78 -25.53
N ALA MB 151 -12.48 49.81 -25.94
CA ALA MB 151 -12.97 48.53 -26.45
C ALA MB 151 -12.95 47.51 -25.32
N LEU MB 152 -14.10 46.91 -25.04
CA LEU MB 152 -14.23 45.91 -23.99
C LEU MB 152 -14.39 44.53 -24.61
N VAL MB 153 -13.80 43.53 -23.96
CA VAL MB 153 -14.07 42.13 -24.22
C VAL MB 153 -14.44 41.49 -22.89
N ILE MB 154 -15.66 40.97 -22.80
CA ILE MB 154 -16.18 40.40 -21.56
C ILE MB 154 -16.37 38.91 -21.76
N SER MB 155 -15.75 38.12 -20.90
CA SER MB 155 -15.94 36.67 -20.89
C SER MB 155 -17.07 36.35 -19.92
N CYS MB 156 -18.11 35.67 -20.40
CA CYS MB 156 -19.31 35.50 -19.61
C CYS MB 156 -20.05 34.24 -20.07
N CYS MB 157 -20.97 33.79 -19.21
CA CYS MB 157 -21.81 32.64 -19.47
C CYS MB 157 -23.25 33.12 -19.58
N PHE MB 158 -23.82 33.04 -20.78
CA PHE MB 158 -25.22 33.39 -20.97
C PHE MB 158 -26.09 32.24 -20.53
N ASN MB 159 -27.10 32.53 -19.72
CA ASN MB 159 -28.00 31.50 -19.24
C ASN MB 159 -29.41 32.04 -19.10
N ASN NB 16 -9.68 29.21 -2.58
CA ASN NB 16 -9.69 30.04 -3.78
C ASN NB 16 -9.84 31.52 -3.42
N SER NB 17 -9.77 32.39 -4.43
CA SER NB 17 -9.80 33.82 -4.19
C SER NB 17 -11.23 34.30 -3.93
N ASN NB 18 -11.35 35.29 -3.04
CA ASN NB 18 -12.65 35.84 -2.67
C ASN NB 18 -12.87 37.26 -3.18
N VAL NB 19 -11.88 37.86 -3.85
CA VAL NB 19 -11.97 39.25 -4.29
C VAL NB 19 -11.59 39.33 -5.75
N VAL NB 20 -11.92 40.49 -6.35
CA VAL NB 20 -11.49 40.77 -7.71
C VAL NB 20 -9.97 40.82 -7.77
N THR NB 21 -9.41 40.30 -8.85
CA THR NB 21 -7.98 40.29 -9.07
C THR NB 21 -7.69 40.84 -10.46
N MET NB 22 -6.52 41.43 -10.62
CA MET NB 22 -6.16 42.07 -11.87
C MET NB 22 -5.67 41.06 -12.90
N ILE NB 23 -6.04 41.29 -14.16
CA ILE NB 23 -5.50 40.55 -15.29
C ILE NB 23 -4.54 41.47 -16.03
N ARG NB 24 -3.36 40.95 -16.36
CA ARG NB 24 -2.36 41.73 -17.10
C ARG NB 24 -2.54 41.44 -18.59
N ALA NB 25 -3.61 42.03 -19.14
CA ALA NB 25 -3.95 41.82 -20.54
C ALA NB 25 -2.92 42.47 -21.46
N GLY NB 26 -2.84 41.96 -22.69
CA GLY NB 26 -1.85 42.42 -23.64
C GLY NB 26 -2.42 43.09 -24.86
N SER NB 27 -2.05 42.59 -26.04
CA SER NB 27 -2.57 43.14 -27.28
C SER NB 27 -4.06 42.86 -27.40
N TYR NB 28 -4.73 43.65 -28.22
CA TYR NB 28 -6.13 43.37 -28.52
C TYR NB 28 -6.21 42.03 -29.25
N PRO NB 29 -7.04 41.10 -28.81
CA PRO NB 29 -7.08 39.77 -29.42
C PRO NB 29 -7.87 39.76 -30.73
N LYS NB 30 -7.77 38.63 -31.42
CA LYS NB 30 -8.71 38.34 -32.50
C LYS NB 30 -10.07 38.06 -31.89
N VAL NB 31 -11.11 38.68 -32.42
CA VAL NB 31 -12.46 38.54 -31.87
C VAL NB 31 -13.41 38.08 -32.98
N ASN NB 32 -14.56 37.58 -32.56
CA ASN NB 32 -15.64 37.21 -33.46
C ASN NB 32 -16.96 37.35 -32.72
N PRO NB 33 -17.77 38.35 -33.05
CA PRO NB 33 -19.02 38.54 -32.32
C PRO NB 33 -20.10 37.51 -32.65
N THR NB 34 -19.97 36.80 -33.78
CA THR NB 34 -21.02 35.90 -34.27
C THR NB 34 -20.44 34.53 -34.54
N PRO NB 35 -20.21 33.74 -33.49
CA PRO NB 35 -19.52 32.45 -33.66
C PRO NB 35 -20.46 31.34 -34.10
N THR NB 36 -19.85 30.19 -34.40
CA THR NB 36 -20.57 28.96 -34.71
C THR NB 36 -21.06 28.30 -33.42
N TRP NB 37 -21.92 27.29 -33.58
CA TRP NB 37 -22.57 26.66 -32.44
C TRP NB 37 -22.95 25.24 -32.81
N VAL NB 38 -22.37 24.27 -32.11
CA VAL NB 38 -22.75 22.87 -32.25
C VAL NB 38 -23.95 22.60 -31.35
N ARG NB 39 -25.00 22.00 -31.92
CA ARG NB 39 -26.29 21.95 -31.25
C ARG NB 39 -27.00 20.63 -31.53
N ALA NB 40 -27.97 20.32 -30.66
CA ALA NB 40 -28.92 19.24 -30.85
C ALA NB 40 -30.32 19.84 -30.75
N ILE NB 41 -31.00 19.95 -31.88
CA ILE NB 41 -32.24 20.69 -31.99
C ILE NB 41 -33.41 19.72 -31.90
N PRO NB 42 -34.34 19.90 -30.96
CA PRO NB 42 -35.52 19.03 -30.90
C PRO NB 42 -36.77 19.71 -31.42
N PHE NB 43 -37.47 19.07 -32.36
CA PHE NB 43 -38.73 19.61 -32.85
C PHE NB 43 -39.57 18.48 -33.41
N GLU NB 44 -40.85 18.77 -33.60
CA GLU NB 44 -41.82 17.77 -34.04
C GLU NB 44 -42.41 18.18 -35.38
N VAL NB 45 -42.83 17.18 -36.15
CA VAL NB 45 -43.52 17.39 -37.42
C VAL NB 45 -44.75 16.49 -37.45
N SER NB 46 -45.78 16.94 -38.15
CA SER NB 46 -46.98 16.14 -38.35
C SER NB 46 -46.86 15.35 -39.64
N VAL NB 47 -47.30 14.11 -39.62
CA VAL NB 47 -47.26 13.25 -40.80
C VAL NB 47 -48.61 12.59 -41.00
N GLN NB 48 -48.96 12.40 -42.27
CA GLN NB 48 -50.14 11.65 -42.67
C GLN NB 48 -49.74 10.24 -43.05
N SER NB 49 -50.71 9.31 -42.94
CA SER NB 49 -50.43 7.92 -43.27
C SER NB 49 -50.23 7.75 -44.76
N GLY NB 50 -49.28 6.89 -45.13
CA GLY NB 50 -49.02 6.58 -46.53
C GLY NB 50 -48.45 7.72 -47.34
N ILE NB 51 -48.04 8.79 -46.67
CA ILE NB 51 -47.53 9.99 -47.34
C ILE NB 51 -46.24 10.42 -46.66
N ALA NB 52 -45.18 10.56 -47.44
CA ALA NB 52 -43.89 10.98 -46.90
C ALA NB 52 -43.86 12.49 -46.70
N PHE NB 53 -43.24 12.92 -45.62
CA PHE NB 53 -43.13 14.33 -45.27
C PHE NB 53 -41.67 14.77 -45.38
N LYS NB 54 -41.42 15.82 -46.17
CA LYS NB 54 -40.07 16.36 -46.34
C LYS NB 54 -39.81 17.38 -45.23
N VAL NB 55 -38.78 17.11 -44.42
CA VAL NB 55 -38.42 17.97 -43.31
C VAL NB 55 -37.59 19.15 -43.83
N PRO NB 56 -38.09 20.37 -43.76
CA PRO NB 56 -37.31 21.51 -44.27
C PRO NB 56 -36.23 21.96 -43.29
N VAL NB 57 -35.09 22.37 -43.85
CA VAL NB 57 -33.97 22.82 -43.03
C VAL NB 57 -34.32 24.08 -42.26
N GLY NB 58 -35.23 24.91 -42.82
CA GLY NB 58 -35.63 26.13 -42.14
C GLY NB 58 -36.21 25.92 -40.76
N SER NB 59 -36.70 24.72 -40.46
CA SER NB 59 -37.25 24.44 -39.15
C SER NB 59 -36.20 24.59 -38.05
N LEU NB 60 -34.93 24.51 -38.38
CA LEU NB 60 -33.86 24.63 -37.40
C LEU NB 60 -33.51 26.08 -37.06
N PHE NB 61 -34.05 27.05 -37.80
CA PHE NB 61 -33.77 28.47 -37.56
C PHE NB 61 -34.97 29.08 -36.86
N SER NB 62 -34.87 29.28 -35.56
CA SER NB 62 -36.00 29.80 -34.80
C SER NB 62 -35.49 30.47 -33.53
N ALA NB 63 -36.16 31.56 -33.14
CA ALA NB 63 -35.89 32.18 -31.85
C ALA NB 63 -36.08 31.19 -30.71
N ASN NB 64 -36.96 30.20 -30.90
CA ASN NB 64 -37.19 29.17 -29.89
C ASN NB 64 -35.95 28.32 -29.65
N PHE NB 65 -34.97 28.35 -30.54
CA PHE NB 65 -33.74 27.58 -30.40
C PHE NB 65 -32.52 28.47 -30.23
N ARG NB 66 -32.72 29.79 -30.14
CA ARG NB 66 -31.64 30.79 -30.16
C ARG NB 66 -30.82 30.72 -31.45
N THR NB 67 -31.43 30.32 -32.57
CA THR NB 67 -30.69 30.14 -33.81
C THR NB 67 -31.25 30.98 -34.96
N ASP NB 68 -32.10 31.98 -34.67
CA ASP NB 68 -32.69 32.76 -35.75
C ASP NB 68 -31.68 33.67 -36.44
N SER NB 69 -30.50 33.89 -35.87
CA SER NB 69 -29.49 34.72 -36.50
C SER NB 69 -28.60 33.96 -37.48
N PHE NB 70 -28.76 32.65 -37.59
CA PHE NB 70 -28.03 31.86 -38.57
C PHE NB 70 -28.86 31.70 -39.84
N THR NB 71 -28.17 31.64 -40.98
CA THR NB 71 -28.81 31.37 -42.25
C THR NB 71 -28.34 30.06 -42.89
N SER NB 72 -27.31 29.43 -42.35
CA SER NB 72 -26.82 28.15 -42.86
C SER NB 72 -26.59 27.22 -41.68
N VAL NB 73 -26.45 25.93 -41.99
CA VAL NB 73 -26.21 24.92 -40.97
C VAL NB 73 -25.62 23.69 -41.65
N THR NB 74 -24.83 22.93 -40.91
CA THR NB 74 -24.26 21.67 -41.39
C THR NB 74 -24.83 20.55 -40.53
N VAL NB 75 -25.72 19.75 -41.11
CA VAL NB 75 -26.35 18.64 -40.39
C VAL NB 75 -25.34 17.50 -40.29
N MET NB 76 -25.23 16.91 -39.10
CA MET NB 76 -24.32 15.79 -38.87
C MET NB 76 -25.05 14.46 -38.70
N SER NB 77 -26.10 14.42 -37.88
CA SER NB 77 -26.87 13.19 -37.73
C SER NB 77 -28.32 13.55 -37.44
N VAL NB 78 -29.20 12.61 -37.77
CA VAL NB 78 -30.64 12.77 -37.63
C VAL NB 78 -31.18 11.58 -36.86
N ARG NB 79 -31.93 11.83 -35.80
CA ARG NB 79 -32.59 10.78 -35.05
C ARG NB 79 -34.07 11.12 -34.92
N ALA NB 80 -34.91 10.10 -34.95
CA ALA NB 80 -36.35 10.31 -35.01
C ALA NB 80 -37.06 9.31 -34.11
N TRP NB 81 -38.05 9.81 -33.36
CA TRP NB 81 -38.91 9.00 -32.53
C TRP NB 81 -40.36 9.28 -32.91
N THR NB 82 -41.19 8.25 -32.83
CA THR NB 82 -42.62 8.48 -32.90
C THR NB 82 -43.07 9.26 -31.66
N GLN NB 83 -44.04 10.16 -31.87
CA GLN NB 83 -44.42 11.13 -30.85
C GLN NB 83 -45.85 10.97 -30.38
N LEU NB 84 -46.72 10.31 -31.14
CA LEU NB 84 -48.07 9.98 -30.72
C LEU NB 84 -48.28 8.47 -30.85
N THR NB 85 -49.33 7.96 -30.24
CA THR NB 85 -49.57 6.53 -30.23
C THR NB 85 -49.90 6.02 -31.64
N PRO NB 86 -49.60 4.76 -31.92
CA PRO NB 86 -49.91 4.20 -33.24
C PRO NB 86 -51.39 3.88 -33.35
N PRO NB 87 -51.87 3.51 -34.54
CA PRO NB 87 -53.26 3.04 -34.65
C PRO NB 87 -53.47 1.78 -33.84
N VAL NB 88 -54.73 1.57 -33.44
CA VAL NB 88 -55.11 0.38 -32.69
C VAL NB 88 -54.63 -0.87 -33.42
N ASN NB 89 -54.09 -1.82 -32.66
CA ASN NB 89 -53.62 -3.15 -33.06
C ASN NB 89 -52.21 -3.13 -33.65
N GLU NB 90 -51.61 -1.97 -33.91
CA GLU NB 90 -50.33 -1.89 -34.57
C GLU NB 90 -49.22 -1.46 -33.61
N TYR NB 91 -48.00 -1.78 -33.99
CA TYR NB 91 -46.81 -1.25 -33.34
C TYR NB 91 -46.35 -0.01 -34.11
N SER NB 92 -45.71 0.91 -33.40
CA SER NB 92 -45.23 2.12 -34.04
C SER NB 92 -44.07 1.81 -34.98
N PHE NB 93 -43.99 2.55 -36.08
CA PHE NB 93 -42.81 2.50 -36.94
C PHE NB 93 -42.51 3.90 -37.46
N VAL NB 94 -41.24 4.12 -37.79
CA VAL NB 94 -40.78 5.36 -38.40
C VAL NB 94 -39.68 5.02 -39.39
N ARG NB 95 -39.67 5.74 -40.51
CA ARG NB 95 -38.65 5.56 -41.55
C ARG NB 95 -38.02 6.89 -41.89
N LEU NB 96 -36.75 6.86 -42.27
CA LEU NB 96 -36.04 8.05 -42.69
C LEU NB 96 -35.36 7.79 -44.03
N LYS NB 97 -35.58 8.70 -44.97
CA LYS NB 97 -34.89 8.68 -46.27
C LYS NB 97 -34.03 9.94 -46.36
N PRO NB 98 -32.72 9.83 -46.38
CA PRO NB 98 -31.87 11.03 -46.40
C PRO NB 98 -31.98 11.75 -47.74
N LEU NB 99 -32.01 13.07 -47.69
CA LEU NB 99 -32.06 13.92 -48.87
C LEU NB 99 -30.79 14.77 -48.94
N PHE NB 100 -30.30 15.00 -50.16
CA PHE NB 100 -29.09 15.80 -50.37
C PHE NB 100 -29.21 16.59 -51.66
N LYS NB 101 -28.72 17.83 -51.64
CA LYS NB 101 -28.82 18.71 -52.80
C LYS NB 101 -28.11 18.16 -54.03
N THR NB 102 -27.04 17.40 -53.85
CA THR NB 102 -26.31 16.83 -54.97
C THR NB 102 -26.88 15.50 -55.44
N GLY NB 103 -27.89 14.97 -54.73
CA GLY NB 103 -28.47 13.70 -55.10
C GLY NB 103 -29.14 13.01 -53.93
N ASP NB 104 -30.43 12.71 -54.07
CA ASP NB 104 -31.20 12.10 -52.98
C ASP NB 104 -30.84 10.63 -52.82
N SER NB 105 -30.94 10.15 -51.59
CA SER NB 105 -30.75 8.74 -51.30
C SER NB 105 -32.05 7.99 -51.49
N THR NB 106 -31.93 6.65 -51.49
CA THR NB 106 -33.11 5.78 -51.52
C THR NB 106 -33.10 4.79 -50.38
N GLU NB 107 -32.17 4.91 -49.43
CA GLU NB 107 -32.22 4.14 -48.21
C GLU NB 107 -33.47 4.51 -47.42
N GLU NB 108 -34.02 3.54 -46.71
CA GLU NB 108 -35.22 3.73 -45.88
C GLU NB 108 -34.94 3.13 -44.50
N PHE NB 109 -34.07 3.79 -43.74
CA PHE NB 109 -33.77 3.35 -42.39
C PHE NB 109 -35.05 3.31 -41.57
N GLU NB 110 -35.33 2.16 -40.95
CA GLU NB 110 -36.61 1.94 -40.28
C GLU NB 110 -36.43 1.34 -38.90
N GLY NB 111 -37.14 1.90 -37.93
CA GLY NB 111 -37.24 1.32 -36.61
C GLY NB 111 -38.69 1.02 -36.28
N ARG NB 112 -38.90 -0.03 -35.49
CA ARG NB 112 -40.23 -0.43 -35.06
C ARG NB 112 -40.22 -0.68 -33.56
N ALA NB 113 -41.35 -0.43 -32.92
CA ALA NB 113 -41.49 -0.74 -31.50
C ALA NB 113 -41.76 -2.22 -31.32
N SER NB 114 -41.34 -2.74 -30.17
CA SER NB 114 -41.67 -4.11 -29.76
C SER NB 114 -42.69 -4.15 -28.66
N ASN NB 115 -43.16 -2.99 -28.20
CA ASN NB 115 -44.22 -2.86 -27.21
C ASN NB 115 -45.15 -1.77 -27.73
N ILE NB 116 -46.45 -2.09 -27.88
CA ILE NB 116 -47.36 -1.15 -28.53
C ILE NB 116 -47.34 0.22 -27.84
N ASN NB 117 -47.03 0.26 -26.56
CA ASN NB 117 -47.04 1.48 -25.77
C ASN NB 117 -45.73 2.25 -25.86
N THR NB 118 -44.81 1.85 -26.72
CA THR NB 118 -43.44 2.37 -26.73
C THR NB 118 -43.15 3.05 -28.06
N ARG NB 119 -42.31 4.09 -28.00
CA ARG NB 119 -41.87 4.78 -29.20
C ARG NB 119 -41.03 3.86 -30.09
N ALA NB 120 -41.18 4.06 -31.40
CA ALA NB 120 -40.23 3.52 -32.36
C ALA NB 120 -39.19 4.60 -32.68
N SER NB 121 -37.96 4.16 -32.95
CA SER NB 121 -36.89 5.10 -33.17
C SER NB 121 -35.92 4.58 -34.22
N VAL NB 122 -35.27 5.51 -34.90
CA VAL NB 122 -34.22 5.20 -35.88
C VAL NB 122 -33.44 6.47 -36.12
N GLY NB 123 -32.21 6.32 -36.61
CA GLY NB 123 -31.40 7.47 -36.94
C GLY NB 123 -30.36 7.11 -37.98
N TYR NB 124 -29.83 8.14 -38.63
CA TYR NB 124 -28.74 7.95 -39.58
C TYR NB 124 -27.70 9.05 -39.43
N ARG NB 125 -26.46 8.70 -39.68
CA ARG NB 125 -25.34 9.62 -39.62
C ARG NB 125 -24.95 10.04 -41.04
N ILE NB 126 -24.59 11.29 -41.20
CA ILE NB 126 -24.16 11.83 -42.49
C ILE NB 126 -22.64 11.80 -42.53
N PRO NB 127 -22.02 11.20 -43.56
CA PRO NB 127 -20.56 11.12 -43.60
C PRO NB 127 -19.92 12.46 -43.93
N THR NB 128 -18.62 12.55 -43.62
CA THR NB 128 -17.89 13.81 -43.74
C THR NB 128 -18.01 14.40 -45.13
N ASN NB 129 -17.81 13.58 -46.17
CA ASN NB 129 -17.83 14.06 -47.54
C ASN NB 129 -19.18 14.66 -47.94
N LEU NB 130 -20.23 14.44 -47.17
CA LEU NB 130 -21.55 14.98 -47.50
C LEU NB 130 -22.00 16.08 -46.54
N ARG NB 131 -21.08 16.62 -45.73
CA ARG NB 131 -21.44 17.65 -44.75
C ARG NB 131 -21.11 19.04 -45.27
N GLN NB 132 -21.91 19.48 -46.23
CA GLN NB 132 -21.86 20.86 -46.67
C GLN NB 132 -22.97 21.65 -45.97
N ASN NB 133 -23.02 22.95 -46.25
CA ASN NB 133 -24.08 23.76 -45.67
C ASN NB 133 -25.41 23.51 -46.38
N THR NB 134 -26.49 23.66 -45.62
CA THR NB 134 -27.83 23.78 -46.18
C THR NB 134 -28.45 25.08 -45.69
N VAL NB 135 -29.51 25.49 -46.37
CA VAL NB 135 -30.21 26.73 -46.04
C VAL NB 135 -31.70 26.40 -45.89
N ALA NB 136 -32.49 27.43 -45.55
CA ALA NB 136 -33.88 27.23 -45.17
C ALA NB 136 -34.67 26.50 -46.25
N ALA NB 137 -34.39 26.79 -47.51
CA ALA NB 137 -35.18 26.22 -48.60
C ALA NB 137 -34.86 24.76 -48.88
N ASP NB 138 -33.82 24.20 -48.27
CA ASP NB 138 -33.44 22.81 -48.47
C ASP NB 138 -34.23 21.90 -47.52
N ASN NB 139 -34.19 20.60 -47.82
CA ASN NB 139 -34.82 19.57 -47.00
C ASN NB 139 -33.74 18.64 -46.44
N VAL NB 140 -34.00 18.13 -45.24
CA VAL NB 140 -33.09 17.18 -44.60
C VAL NB 140 -33.40 15.75 -45.03
N CYS NB 141 -34.66 15.33 -44.89
CA CYS NB 141 -35.01 13.93 -45.04
C CYS NB 141 -36.52 13.80 -45.24
N GLU NB 142 -36.92 12.59 -45.64
CA GLU NB 142 -38.32 12.21 -45.70
C GLU NB 142 -38.66 11.34 -44.50
N VAL NB 143 -39.80 11.60 -43.88
CA VAL NB 143 -40.27 10.85 -42.73
C VAL NB 143 -41.53 10.10 -43.13
N ARG NB 144 -41.59 8.82 -42.81
CA ARG NB 144 -42.82 8.02 -42.86
C ARG NB 144 -43.05 7.40 -41.51
N SER NB 145 -44.32 7.22 -41.16
CA SER NB 145 -44.70 6.67 -39.86
C SER NB 145 -46.17 6.35 -39.88
N ASN NB 146 -46.57 5.40 -39.04
CA ASN NB 146 -47.99 5.15 -38.82
C ASN NB 146 -48.55 5.98 -37.67
N CYS NB 147 -47.70 6.74 -36.98
CA CYS NB 147 -48.14 7.68 -35.97
C CYS NB 147 -48.26 9.06 -36.60
N ARG NB 148 -49.18 9.86 -36.08
CA ARG NB 148 -49.48 11.15 -36.73
C ARG NB 148 -48.47 12.23 -36.40
N GLN NB 149 -47.50 11.96 -35.54
CA GLN NB 149 -46.49 12.96 -35.21
C GLN NB 149 -45.16 12.25 -34.93
N VAL NB 150 -44.08 12.85 -35.41
CA VAL NB 150 -42.73 12.31 -35.24
C VAL NB 150 -41.86 13.37 -34.60
N ALA NB 151 -41.06 12.97 -33.62
CA ALA NB 151 -40.14 13.87 -32.92
C ALA NB 151 -38.74 13.67 -33.47
N LEU NB 152 -38.10 14.76 -33.86
CA LEU NB 152 -36.75 14.74 -34.41
C LEU NB 152 -35.78 15.41 -33.45
N VAL NB 153 -34.58 14.85 -33.37
CA VAL NB 153 -33.45 15.51 -32.72
C VAL NB 153 -32.30 15.47 -33.72
N ILE NB 154 -31.91 16.63 -34.22
CA ILE NB 154 -30.89 16.75 -35.26
C ILE NB 154 -29.63 17.35 -34.65
N SER NB 155 -28.50 16.69 -34.87
CA SER NB 155 -27.21 17.19 -34.45
C SER NB 155 -26.57 17.95 -35.61
N CYS NB 156 -26.28 19.23 -35.39
CA CYS NB 156 -25.83 20.08 -36.48
C CYS NB 156 -24.87 21.14 -35.94
N CYS NB 157 -24.14 21.76 -36.86
CA CYS NB 157 -23.24 22.87 -36.56
C CYS NB 157 -23.80 24.11 -37.26
N PHE NB 158 -24.39 25.01 -36.49
CA PHE NB 158 -24.84 26.28 -37.05
C PHE NB 158 -23.63 27.15 -37.36
N ASN NB 159 -23.64 27.78 -38.52
CA ASN NB 159 -22.55 28.67 -38.90
C ASN NB 159 -23.01 29.78 -39.84
N ASN OB 16 -19.78 -6.57 23.11
CA ASN OB 16 -19.84 -5.18 23.53
C ASN OB 16 -20.35 -5.09 24.97
N SER OB 17 -20.36 -3.88 25.52
CA SER OB 17 -20.82 -3.69 26.89
C SER OB 17 -22.33 -3.86 27.01
N ASN OB 18 -22.75 -4.39 28.15
CA ASN OB 18 -24.16 -4.61 28.42
C ASN OB 18 -24.74 -3.67 29.47
N VAL OB 19 -23.91 -2.86 30.13
CA VAL OB 19 -24.37 -1.97 31.18
C VAL OB 19 -23.93 -0.55 30.90
N VAL OB 20 -24.56 0.39 31.61
CA VAL OB 20 -24.17 1.79 31.53
C VAL OB 20 -22.74 1.97 32.04
N THR OB 21 -21.98 2.82 31.35
CA THR OB 21 -20.60 3.11 31.75
C THR OB 21 -20.37 4.60 31.78
N MET OB 22 -19.38 5.00 32.58
CA MET OB 22 -19.11 6.41 32.81
C MET OB 22 -18.41 7.05 31.62
N ILE OB 23 -18.83 8.27 31.28
CA ILE OB 23 -18.08 9.15 30.39
C ILE OB 23 -17.34 10.16 31.25
N ARG OB 24 -16.06 10.38 30.95
CA ARG OB 24 -15.29 11.39 31.67
C ARG OB 24 -15.35 12.71 30.89
N ALA OB 25 -16.53 13.32 30.96
CA ALA OB 25 -16.78 14.58 30.29
C ALA OB 25 -15.86 15.68 30.81
N GLY OB 26 -15.59 16.66 29.96
CA GLY OB 26 -14.68 17.73 30.32
C GLY OB 26 -15.36 19.08 30.43
N SER OB 27 -14.81 20.09 29.78
CA SER OB 27 -15.43 21.41 29.81
C SER OB 27 -16.73 21.41 29.02
N TYR OB 28 -17.58 22.38 29.31
CA TYR OB 28 -18.84 22.48 28.58
C TYR OB 28 -18.55 22.81 27.12
N PRO OB 29 -19.09 22.04 26.17
CA PRO OB 29 -18.70 22.21 24.77
C PRO OB 29 -19.45 23.34 24.10
N LYS OB 30 -19.05 23.65 22.87
CA LYS OB 30 -19.85 24.51 22.02
C LYS OB 30 -21.12 23.77 21.62
N VAL OB 31 -22.25 24.48 21.64
CA VAL OB 31 -23.55 23.88 21.39
C VAL OB 31 -24.32 24.70 20.37
N ASN OB 32 -25.36 24.10 19.83
CA ASN OB 32 -26.27 24.75 18.91
C ASN OB 32 -27.62 24.03 18.96
N PRO OB 33 -28.65 24.66 19.51
CA PRO OB 33 -29.95 23.98 19.63
C PRO OB 33 -30.73 23.92 18.33
N THR OB 34 -30.37 24.69 17.32
CA THR OB 34 -31.12 24.77 16.06
C THR OB 34 -30.15 24.63 14.90
N PRO OB 35 -29.72 23.41 14.60
CA PRO OB 35 -28.70 23.18 13.57
C PRO OB 35 -29.29 23.18 12.16
N THR OB 36 -28.40 23.03 11.18
CA THR OB 36 -28.76 22.94 9.78
C THR OB 36 -29.16 21.50 9.42
N TRP OB 37 -29.76 21.35 8.24
CA TRP OB 37 -30.28 20.04 7.84
C TRP OB 37 -30.23 19.91 6.33
N VAL OB 38 -29.46 18.93 5.85
CA VAL OB 38 -29.43 18.58 4.43
C VAL OB 38 -30.58 17.60 4.16
N ARG OB 39 -31.42 17.92 3.19
CA ARG OB 39 -32.65 17.16 3.01
C ARG OB 39 -32.97 16.96 1.53
N ALA OB 40 -33.83 15.98 1.28
CA ALA OB 40 -34.45 15.76 -0.03
C ALA OB 40 -35.96 15.82 0.20
N ILE OB 41 -36.58 16.94 -0.19
CA ILE OB 41 -37.97 17.22 0.14
C ILE OB 41 -38.85 16.76 -1.01
N PRO OB 42 -39.82 15.87 -0.79
CA PRO OB 42 -40.75 15.50 -1.86
C PRO OB 42 -42.09 16.19 -1.73
N PHE OB 43 -42.59 16.77 -2.81
CA PHE OB 43 -43.92 17.34 -2.80
C PHE OB 43 -44.41 17.47 -4.24
N GLU OB 44 -45.69 17.82 -4.38
CA GLU OB 44 -46.35 17.83 -5.68
C GLU OB 44 -47.03 19.17 -5.91
N VAL OB 45 -47.10 19.55 -7.18
CA VAL OB 45 -47.75 20.79 -7.60
C VAL OB 45 -48.76 20.45 -8.68
N SER OB 46 -49.80 21.27 -8.78
CA SER OB 46 -50.80 21.14 -9.83
C SER OB 46 -50.45 22.04 -10.99
N VAL OB 47 -50.57 21.50 -12.20
CA VAL OB 47 -50.19 22.21 -13.42
C VAL OB 47 -51.38 22.22 -14.36
N GLN OB 48 -51.56 23.33 -15.06
CA GLN OB 48 -52.55 23.43 -16.13
C GLN OB 48 -51.84 23.36 -17.48
N SER OB 49 -52.57 22.87 -18.49
CA SER OB 49 -51.99 22.70 -19.81
C SER OB 49 -51.65 24.05 -20.44
N GLY OB 50 -50.47 24.15 -21.04
CA GLY OB 50 -50.03 25.34 -21.72
C GLY OB 50 -49.68 26.51 -20.83
N ILE OB 51 -49.72 26.34 -19.51
CA ILE OB 51 -49.44 27.40 -18.56
C ILE OB 51 -48.26 26.97 -17.70
N ALA OB 52 -47.28 27.85 -17.53
CA ALA OB 52 -46.18 27.59 -16.63
C ALA OB 52 -46.62 27.83 -15.19
N PHE OB 53 -46.13 27.00 -14.27
CA PHE OB 53 -46.39 27.16 -12.85
C PHE OB 53 -45.10 27.49 -12.13
N LYS OB 54 -45.12 28.60 -11.38
CA LYS OB 54 -43.97 28.97 -10.57
C LYS OB 54 -44.02 28.24 -9.23
N VAL OB 55 -42.99 27.46 -8.94
CA VAL OB 55 -42.91 26.72 -7.69
C VAL OB 55 -42.38 27.63 -6.60
N PRO OB 56 -43.15 27.87 -5.54
CA PRO OB 56 -42.66 28.74 -4.45
C PRO OB 56 -41.77 28.01 -3.47
N VAL OB 57 -40.74 28.71 -3.00
CA VAL OB 57 -39.84 28.18 -1.98
C VAL OB 57 -40.61 27.84 -0.71
N GLY OB 58 -41.66 28.61 -0.40
CA GLY OB 58 -42.44 28.36 0.80
C GLY OB 58 -43.00 26.96 0.91
N SER OB 59 -43.10 26.23 -0.22
CA SER OB 59 -43.54 24.85 -0.17
C SER OB 59 -42.59 23.98 0.65
N LEU OB 60 -41.33 24.38 0.77
CA LEU OB 60 -40.35 23.58 1.48
C LEU OB 60 -40.44 23.73 2.99
N PHE OB 61 -41.10 24.77 3.49
CA PHE OB 61 -41.23 24.99 4.94
C PHE OB 61 -42.59 24.48 5.36
N SER OB 62 -42.61 23.33 6.02
CA SER OB 62 -43.87 22.72 6.45
C SER OB 62 -43.59 21.72 7.56
N ALA OB 63 -44.54 21.60 8.48
CA ALA OB 63 -44.45 20.57 9.51
C ALA OB 63 -44.53 19.16 8.92
N ASN OB 64 -45.09 19.02 7.73
CA ASN OB 64 -45.09 17.73 7.04
C ASN OB 64 -43.68 17.24 6.74
N PHE OB 65 -42.70 18.13 6.77
CA PHE OB 65 -41.30 17.79 6.49
C PHE OB 65 -40.40 18.00 7.69
N ARG OB 66 -40.96 18.35 8.85
CA ARG OB 66 -40.21 18.75 10.04
C ARG OB 66 -39.38 20.00 9.80
N THR OB 67 -39.82 20.87 8.88
CA THR OB 67 -39.01 22.00 8.45
C THR OB 67 -39.64 23.35 8.79
N ASP OB 68 -40.75 23.37 9.53
CA ASP OB 68 -41.47 24.62 9.75
C ASP OB 68 -40.69 25.62 10.58
N SER OB 69 -39.64 25.20 11.28
CA SER OB 69 -38.85 26.11 12.10
C SER OB 69 -37.74 26.78 11.31
N PHE OB 70 -37.58 26.46 10.04
CA PHE OB 70 -36.63 27.18 9.19
C PHE OB 70 -37.33 28.31 8.46
N THR OB 71 -36.57 29.35 8.14
CA THR OB 71 -37.06 30.45 7.32
C THR OB 71 -36.22 30.68 6.08
N SER OB 72 -35.11 29.97 5.92
CA SER OB 72 -34.28 30.06 4.73
C SER OB 72 -33.84 28.67 4.31
N VAL OB 73 -33.38 28.56 3.06
CA VAL OB 73 -32.90 27.29 2.52
C VAL OB 73 -32.03 27.59 1.31
N THR OB 74 -30.99 26.78 1.13
CA THR OB 74 -30.14 26.83 -0.05
C THR OB 74 -30.47 25.63 -0.93
N VAL OB 75 -31.02 25.88 -2.11
CA VAL OB 75 -31.41 24.80 -3.02
C VAL OB 75 -30.20 24.35 -3.79
N MET OB 76 -30.02 23.03 -3.91
CA MET OB 76 -28.87 22.44 -4.58
C MET OB 76 -29.22 21.83 -5.93
N SER OB 77 -30.30 21.06 -6.01
CA SER OB 77 -30.73 20.46 -7.27
C SER OB 77 -32.23 20.22 -7.24
N VAL OB 78 -32.84 20.21 -8.42
CA VAL OB 78 -34.28 20.03 -8.57
C VAL OB 78 -34.54 18.92 -9.57
N ARG OB 79 -35.31 17.92 -9.15
CA ARG OB 79 -35.73 16.84 -10.03
C ARG OB 79 -37.25 16.78 -10.06
N ALA OB 80 -37.81 16.46 -11.22
CA ALA OB 80 -39.26 16.48 -11.40
C ALA OB 80 -39.72 15.25 -12.15
N TRP OB 81 -40.90 14.75 -11.77
CA TRP OB 81 -41.55 13.65 -12.46
C TRP OB 81 -43.00 14.02 -12.72
N THR OB 82 -43.53 13.52 -13.83
CA THR OB 82 -44.98 13.58 -14.02
C THR OB 82 -45.65 12.65 -13.03
N GLN OB 83 -46.80 13.08 -12.50
CA GLN OB 83 -47.45 12.41 -11.38
C GLN OB 83 -48.82 11.82 -11.73
N LEU OB 84 -49.41 12.23 -12.84
CA LEU OB 84 -50.64 11.62 -13.35
C LEU OB 84 -50.42 11.24 -14.81
N THR OB 85 -51.41 10.55 -15.38
CA THR OB 85 -51.29 10.08 -16.75
C THR OB 85 -51.36 11.25 -17.73
N PRO OB 86 -50.77 11.10 -18.91
CA PRO OB 86 -50.85 12.17 -19.91
C PRO OB 86 -52.18 12.15 -20.63
N PRO OB 87 -52.48 13.15 -21.46
CA PRO OB 87 -53.69 13.07 -22.28
C PRO OB 87 -53.63 11.87 -23.21
N VAL OB 88 -54.81 11.47 -23.70
CA VAL OB 88 -54.88 10.33 -24.61
C VAL OB 88 -54.03 10.59 -25.83
N ASN OB 89 -53.35 9.54 -26.30
CA ASN OB 89 -52.49 9.48 -27.48
C ASN OB 89 -51.12 10.10 -27.27
N GLU OB 90 -50.80 10.61 -26.08
CA GLU OB 90 -49.56 11.35 -25.86
C GLU OB 90 -48.66 10.63 -24.87
N TYR OB 91 -47.36 10.88 -25.01
CA TYR OB 91 -46.39 10.52 -23.99
C TYR OB 91 -46.22 11.70 -23.04
N SER OB 92 -45.91 11.40 -21.78
CA SER OB 92 -45.72 12.46 -20.80
C SER OB 92 -44.49 13.30 -21.12
N PHE OB 93 -44.53 14.56 -20.71
CA PHE OB 93 -43.34 15.39 -20.75
C PHE OB 93 -43.39 16.39 -19.59
N VAL OB 94 -42.21 16.86 -19.19
CA VAL OB 94 -42.09 17.89 -18.18
C VAL OB 94 -40.89 18.76 -18.51
N ARG OB 95 -41.04 20.07 -18.34
CA ARG OB 95 -39.96 21.03 -18.54
C ARG OB 95 -39.68 21.80 -17.26
N LEU OB 96 -38.43 22.19 -17.07
CA LEU OB 96 -38.00 22.94 -15.90
C LEU OB 96 -37.20 24.15 -16.34
N LYS OB 97 -37.62 25.33 -15.91
CA LYS OB 97 -36.89 26.57 -16.16
C LYS OB 97 -36.39 27.13 -14.84
N PRO OB 98 -35.08 27.14 -14.59
CA PRO OB 98 -34.59 27.68 -13.31
C PRO OB 98 -34.88 29.16 -13.16
N LEU OB 99 -35.22 29.56 -11.93
CA LEU OB 99 -35.43 30.95 -11.58
C LEU OB 99 -34.43 31.36 -10.50
N PHE OB 100 -34.02 32.63 -10.53
CA PHE OB 100 -33.09 33.16 -9.55
C PHE OB 100 -33.40 34.62 -9.29
N LYS OB 101 -33.20 35.05 -8.03
CA LYS OB 101 -33.46 36.43 -7.66
C LYS OB 101 -32.56 37.41 -8.40
N THR OB 102 -31.32 37.02 -8.70
CA THR OB 102 -30.41 37.90 -9.43
C THR OB 102 -30.60 37.83 -10.93
N GLY OB 103 -31.48 36.97 -11.43
CA GLY OB 103 -31.72 36.88 -12.86
C GLY OB 103 -32.23 35.53 -13.31
N ASP OB 104 -33.39 35.51 -13.95
CA ASP OB 104 -34.01 34.25 -14.36
C ASP OB 104 -33.31 33.64 -15.57
N SER OB 105 -33.27 32.31 -15.59
CA SER OB 105 -32.74 31.60 -16.74
C SER OB 105 -33.80 31.47 -17.82
N THR OB 106 -33.35 31.13 -19.03
CA THR OB 106 -34.25 30.81 -20.13
C THR OB 106 -34.01 29.40 -20.66
N GLU OB 107 -33.32 28.56 -19.90
CA GLU OB 107 -33.23 27.15 -20.23
C GLU OB 107 -34.57 26.46 -20.00
N GLU OB 108 -34.82 25.41 -20.78
CA GLU OB 108 -36.03 24.61 -20.66
C GLU OB 108 -35.63 23.14 -20.70
N PHE OB 109 -35.01 22.67 -19.62
CA PHE OB 109 -34.65 21.26 -19.51
C PHE OB 109 -35.90 20.40 -19.60
N GLU OB 110 -35.91 19.50 -20.57
CA GLU OB 110 -37.11 18.72 -20.86
C GLU OB 110 -36.79 17.23 -20.83
N GLY OB 111 -37.72 16.46 -20.30
CA GLY OB 111 -37.67 15.01 -20.40
C GLY OB 111 -39.01 14.50 -20.89
N ARG OB 112 -38.96 13.45 -21.70
CA ARG OB 112 -40.17 12.84 -22.24
C ARG OB 112 -40.17 11.36 -21.94
N ALA OB 113 -41.37 10.82 -21.73
CA ALA OB 113 -41.53 9.38 -21.61
C ALA OB 113 -41.42 8.73 -22.98
N SER OB 114 -40.93 7.49 -23.00
CA SER OB 114 -40.92 6.67 -24.21
C SER OB 114 -41.93 5.55 -24.16
N ASN OB 115 -42.67 5.42 -23.05
CA ASN OB 115 -43.78 4.50 -22.87
C ASN OB 115 -44.93 5.29 -22.29
N ILE OB 116 -46.10 5.24 -22.93
CA ILE OB 116 -47.22 6.10 -22.52
C ILE OB 116 -47.60 5.88 -21.07
N ASN OB 117 -47.28 4.73 -20.50
CA ASN OB 117 -47.66 4.40 -19.13
C ASN OB 117 -46.58 4.77 -18.12
N THR OB 118 -45.53 5.47 -18.53
CA THR OB 118 -44.38 5.74 -17.70
C THR OB 118 -44.23 7.23 -17.44
N ARG OB 119 -43.71 7.57 -16.26
CA ARG OB 119 -43.42 8.96 -15.94
C ARG OB 119 -42.33 9.52 -16.84
N ALA OB 120 -42.43 10.82 -17.12
CA ALA OB 120 -41.32 11.58 -17.67
C ALA OB 120 -40.59 12.28 -16.54
N SER OB 121 -39.29 12.47 -16.71
CA SER OB 121 -38.49 13.05 -15.64
C SER OB 121 -37.37 13.90 -16.22
N VAL OB 122 -36.93 14.85 -15.42
CA VAL OB 122 -35.82 15.73 -15.77
C VAL OB 122 -35.38 16.45 -14.51
N GLY OB 123 -34.13 16.92 -14.48
CA GLY OB 123 -33.65 17.67 -13.35
C GLY OB 123 -32.54 18.62 -13.77
N TYR OB 124 -32.24 19.55 -12.86
CA TYR OB 124 -31.08 20.43 -13.05
C TYR OB 124 -30.37 20.64 -11.73
N ARG OB 125 -29.08 20.93 -11.83
CA ARG OB 125 -28.21 21.21 -10.69
C ARG OB 125 -27.84 22.68 -10.67
N ILE OB 126 -27.84 23.27 -9.49
CA ILE OB 126 -27.49 24.69 -9.32
C ILE OB 126 -26.00 24.78 -9.00
N PRO OB 127 -25.23 25.61 -9.70
CA PRO OB 127 -23.80 25.71 -9.41
C PRO OB 127 -23.51 26.49 -8.14
N THR OB 128 -22.32 26.26 -7.60
CA THR OB 128 -21.94 26.82 -6.30
C THR OB 128 -22.11 28.33 -6.26
N ASN OB 129 -21.71 29.02 -7.34
CA ASN OB 129 -21.81 30.47 -7.38
C ASN OB 129 -23.25 30.97 -7.29
N LEU OB 130 -24.24 30.10 -7.44
CA LEU OB 130 -25.64 30.50 -7.38
C LEU OB 130 -26.39 29.94 -6.18
N ARG OB 131 -25.70 29.22 -5.28
CA ARG OB 131 -26.34 28.62 -4.11
C ARG OB 131 -26.36 29.63 -2.96
N GLN OB 132 -27.21 30.63 -3.11
CA GLN OB 132 -27.48 31.55 -2.01
C GLN OB 132 -28.82 31.18 -1.38
N ASN OB 133 -29.16 31.87 -0.29
CA ASN OB 133 -30.38 31.52 0.40
C ASN OB 133 -31.59 32.03 -0.36
N THR OB 134 -32.72 31.36 -0.13
CA THR OB 134 -34.01 31.82 -0.60
C THR OB 134 -35.01 31.72 0.55
N VAL OB 135 -36.01 32.60 0.52
CA VAL OB 135 -37.05 32.63 1.53
C VAL OB 135 -38.39 32.29 0.87
N ALA OB 136 -39.41 32.16 1.73
CA ALA OB 136 -40.70 31.61 1.29
C ALA OB 136 -41.26 32.34 0.08
N ALA OB 137 -41.06 33.65 -0.01
CA ALA OB 137 -41.65 34.42 -1.10
C ALA OB 137 -40.93 34.22 -2.43
N ASP OB 138 -39.77 33.57 -2.44
CA ASP OB 138 -39.05 33.34 -3.68
C ASP OB 138 -39.63 32.15 -4.43
N ASN OB 139 -39.24 32.03 -5.70
CA ASN OB 139 -39.61 30.90 -6.54
C ASN OB 139 -38.37 30.10 -6.92
N VAL OB 140 -38.55 28.78 -7.03
CA VAL OB 140 -37.45 27.90 -7.42
C VAL OB 140 -37.34 27.81 -8.95
N CYS OB 141 -38.46 27.56 -9.62
CA CYS OB 141 -38.43 27.27 -11.04
C CYS OB 141 -39.85 27.31 -11.59
N GLU OB 142 -39.96 27.35 -12.92
CA GLU OB 142 -41.21 27.17 -13.63
C GLU OB 142 -41.34 25.73 -14.08
N VAL OB 143 -42.54 25.18 -13.97
CA VAL OB 143 -42.85 23.82 -14.40
C VAL OB 143 -43.87 23.88 -15.53
N ARG OB 144 -43.64 23.09 -16.57
CA ARG OB 144 -44.61 22.87 -17.63
C ARG OB 144 -44.76 21.37 -17.85
N SER OB 145 -45.98 20.95 -18.17
CA SER OB 145 -46.25 19.55 -18.41
C SER OB 145 -47.57 19.41 -19.15
N ASN OB 146 -47.75 18.26 -19.79
CA ASN OB 146 -49.06 17.88 -20.28
C ASN OB 146 -49.80 17.02 -19.28
N CYS OB 147 -49.23 16.77 -18.11
CA CYS OB 147 -49.90 16.08 -17.02
C CYS OB 147 -50.30 17.10 -15.95
N ARG OB 148 -51.41 16.82 -15.27
CA ARG OB 148 -52.01 17.82 -14.39
C ARG OB 148 -51.36 17.88 -13.02
N GLN OB 149 -50.43 16.97 -12.70
CA GLN OB 149 -49.64 17.07 -11.48
C GLN OB 149 -48.21 16.69 -11.80
N VAL OB 150 -47.28 17.33 -11.10
CA VAL OB 150 -45.86 17.05 -11.22
C VAL OB 150 -45.30 16.83 -9.83
N ALA OB 151 -44.55 15.74 -9.67
CA ALA OB 151 -43.91 15.42 -8.40
C ALA OB 151 -42.48 15.95 -8.41
N LEU OB 152 -42.17 16.83 -7.49
CA LEU OB 152 -40.83 17.40 -7.35
C LEU OB 152 -40.11 16.75 -6.18
N VAL OB 153 -38.82 16.54 -6.34
CA VAL OB 153 -37.92 16.19 -5.24
C VAL OB 153 -36.76 17.17 -5.28
N ILE OB 154 -36.60 17.93 -4.20
CA ILE OB 154 -35.64 19.02 -4.15
C ILE OB 154 -34.60 18.70 -3.10
N SER OB 155 -33.32 18.73 -3.49
CA SER OB 155 -32.21 18.56 -2.57
C SER OB 155 -31.77 19.95 -2.11
N CYS OB 156 -31.72 20.15 -0.80
CA CYS OB 156 -31.49 21.49 -0.29
C CYS OB 156 -30.92 21.41 1.12
N CYS OB 157 -30.38 22.54 1.57
CA CYS OB 157 -29.81 22.68 2.90
C CYS OB 157 -30.61 23.73 3.66
N PHE OB 158 -31.37 23.28 4.65
CA PHE OB 158 -32.06 24.22 5.52
C PHE OB 158 -31.07 24.83 6.51
N ASN OB 159 -31.19 26.13 6.73
CA ASN OB 159 -30.34 26.82 7.67
C ASN OB 159 -31.11 27.99 8.31
N ASN PB 16 -20.95 -43.34 -3.52
CA ASN PB 16 -21.56 -43.19 -2.20
C ASN PB 16 -22.16 -44.52 -1.73
N SER PB 17 -22.61 -44.55 -0.48
CA SER PB 17 -23.19 -45.76 0.08
C SER PB 17 -24.57 -46.02 -0.51
N ASN PB 18 -24.90 -47.31 -0.64
CA ASN PB 18 -26.19 -47.74 -1.16
C ASN PB 18 -27.01 -48.51 -0.13
N VAL PB 19 -26.48 -48.72 1.07
CA VAL PB 19 -27.15 -49.51 2.09
C VAL PB 19 -27.13 -48.75 3.42
N VAL PB 20 -27.97 -49.20 4.34
CA VAL PB 20 -28.00 -48.61 5.67
C VAL PB 20 -26.72 -48.98 6.41
N THR PB 21 -26.16 -48.00 7.12
CA THR PB 21 -24.91 -48.20 7.84
C THR PB 21 -25.09 -47.78 9.30
N MET PB 22 -24.30 -48.42 10.16
CA MET PB 22 -24.39 -48.15 11.59
C MET PB 22 -23.84 -46.78 11.92
N ILE PB 23 -24.47 -46.10 12.88
CA ILE PB 23 -23.93 -44.91 13.52
C ILE PB 23 -23.50 -45.30 14.92
N ARG PB 24 -22.30 -44.90 15.32
CA ARG PB 24 -21.82 -45.17 16.66
C ARG PB 24 -22.23 -44.01 17.54
N ALA PB 25 -23.42 -44.13 18.13
CA ALA PB 25 -24.01 -43.08 18.95
C ALA PB 25 -23.41 -43.09 20.35
N GLY PB 26 -23.46 -41.93 21.01
CA GLY PB 26 -22.92 -41.80 22.34
C GLY PB 26 -23.96 -41.44 23.37
N SER PB 27 -23.64 -40.47 24.22
CA SER PB 27 -24.56 -40.03 25.26
C SER PB 27 -25.79 -39.40 24.64
N TYR PB 28 -26.84 -39.33 25.43
CA TYR PB 28 -28.06 -38.68 24.97
C TYR PB 28 -27.80 -37.19 24.78
N PRO PB 29 -28.09 -36.63 23.61
CA PRO PB 29 -27.71 -35.24 23.34
C PRO PB 29 -28.67 -34.25 24.00
N LYS PB 30 -28.28 -32.99 23.97
CA LYS PB 30 -29.22 -31.92 24.28
C LYS PB 30 -30.27 -31.87 23.18
N VAL PB 31 -31.53 -31.72 23.57
CA VAL PB 31 -32.64 -31.73 22.63
C VAL PB 31 -33.54 -30.53 22.89
N ASN PB 32 -34.39 -30.25 21.90
CA ASN PB 32 -35.41 -29.23 21.98
C ASN PB 32 -36.48 -29.55 20.95
N PRO PB 33 -37.69 -29.93 21.38
CA PRO PB 33 -38.74 -30.30 20.42
C PRO PB 33 -39.43 -29.13 19.77
N THR PB 34 -39.22 -27.91 20.26
CA THR PB 34 -39.95 -26.73 19.78
C THR PB 34 -38.95 -25.62 19.44
N PRO PB 35 -38.20 -25.77 18.36
CA PRO PB 35 -37.11 -24.83 18.06
C PRO PB 35 -37.63 -23.52 17.48
N THR PB 36 -36.69 -22.59 17.31
CA THR PB 36 -36.97 -21.33 16.63
C THR PB 36 -36.97 -21.53 15.12
N TRP PB 37 -37.44 -20.51 14.41
CA TRP PB 37 -37.60 -20.61 12.96
C TRP PB 37 -37.48 -19.22 12.37
N VAL PB 38 -36.48 -19.00 11.52
CA VAL PB 38 -36.33 -17.75 10.77
C VAL PB 38 -37.12 -17.87 9.48
N ARG PB 39 -37.98 -16.88 9.22
CA ARG PB 39 -38.99 -17.03 8.18
C ARG PB 39 -39.18 -15.73 7.42
N ALA PB 40 -39.76 -15.85 6.23
CA ALA PB 40 -40.25 -14.74 5.41
C ALA PB 40 -41.72 -14.99 5.15
N ILE PB 41 -42.59 -14.29 5.87
CA ILE PB 41 -44.03 -14.55 5.86
C ILE PB 41 -44.68 -13.65 4.81
N PRO PB 42 -45.40 -14.20 3.83
CA PRO PB 42 -46.16 -13.35 2.91
C PRO PB 42 -47.64 -13.31 3.25
N PHE PB 43 -48.21 -12.12 3.32
CA PHE PB 43 -49.65 -12.00 3.54
C PHE PB 43 -50.11 -10.62 3.09
N GLU PB 44 -51.41 -10.52 2.83
CA GLU PB 44 -52.02 -9.31 2.31
C GLU PB 44 -52.93 -8.68 3.35
N VAL PB 45 -53.12 -7.37 3.24
CA VAL PB 45 -54.08 -6.64 4.06
C VAL PB 45 -54.88 -5.73 3.15
N SER PB 46 -56.10 -5.41 3.59
CA SER PB 46 -56.99 -4.51 2.87
C SER PB 46 -56.93 -3.13 3.52
N VAL PB 47 -56.78 -2.10 2.69
CA VAL PB 47 -56.68 -0.72 3.18
C VAL PB 47 -57.70 0.14 2.46
N GLN PB 48 -58.13 1.21 3.12
CA GLN PB 48 -59.04 2.19 2.56
C GLN PB 48 -58.27 3.43 2.16
N SER PB 49 -58.78 4.13 1.16
CA SER PB 49 -58.13 5.36 0.71
C SER PB 49 -58.13 6.41 1.82
N GLY PB 50 -56.99 7.06 2.00
CA GLY PB 50 -56.85 8.11 2.98
C GLY PB 50 -56.86 7.69 4.42
N ILE PB 51 -56.85 6.39 4.70
CA ILE PB 51 -56.92 5.87 6.06
C ILE PB 51 -55.74 4.94 6.30
N ALA PB 52 -55.03 5.16 7.39
CA ALA PB 52 -53.93 4.27 7.75
C ALA PB 52 -54.47 2.99 8.36
N PHE PB 53 -53.83 1.87 8.03
CA PHE PB 53 -54.18 0.57 8.57
C PHE PB 53 -53.04 0.05 9.44
N LYS PB 54 -53.36 -0.29 10.69
CA LYS PB 54 -52.38 -0.84 11.61
C LYS PB 54 -52.29 -2.36 11.39
N VAL PB 55 -51.10 -2.84 11.01
CA VAL PB 55 -50.90 -4.26 10.75
C VAL PB 55 -50.70 -5.00 12.07
N PRO PB 56 -51.57 -5.96 12.41
CA PRO PB 56 -51.43 -6.67 13.68
C PRO PB 56 -50.38 -7.78 13.59
N VAL PB 57 -49.53 -7.84 14.61
CA VAL PB 57 -48.51 -8.89 14.71
C VAL PB 57 -49.16 -10.27 14.63
N GLY PB 58 -50.38 -10.40 15.14
CA GLY PB 58 -51.08 -11.67 15.18
C GLY PB 58 -51.35 -12.28 13.81
N SER PB 59 -51.22 -11.50 12.74
CA SER PB 59 -51.37 -12.07 11.41
C SER PB 59 -50.31 -13.12 11.12
N LEU PB 60 -49.14 -13.00 11.76
CA LEU PB 60 -48.02 -13.89 11.49
C LEU PB 60 -48.19 -15.28 12.12
N PHE PB 61 -49.15 -15.46 13.03
CA PHE PB 61 -49.38 -16.74 13.70
C PHE PB 61 -50.58 -17.41 13.06
N SER PB 62 -50.32 -18.36 12.16
CA SER PB 62 -51.41 -19.05 11.46
C SER PB 62 -50.91 -20.40 11.01
N ALA PB 63 -51.84 -21.37 10.95
CA ALA PB 63 -51.50 -22.68 10.39
C ALA PB 63 -51.16 -22.59 8.91
N ASN PB 64 -51.58 -21.52 8.24
CA ASN PB 64 -51.21 -21.30 6.84
C ASN PB 64 -49.73 -21.01 6.66
N PHE PB 65 -49.01 -20.70 7.73
CA PHE PB 65 -47.58 -20.45 7.69
C PHE PB 65 -46.80 -21.45 8.53
N ARG PB 66 -47.47 -22.47 9.07
CA ARG PB 66 -46.89 -23.44 9.99
C ARG PB 66 -46.41 -22.78 11.29
N THR PB 67 -47.03 -21.67 11.68
CA THR PB 67 -46.54 -20.88 12.80
C THR PB 67 -47.54 -20.74 13.95
N ASP PB 68 -48.65 -21.48 13.93
CA ASP PB 68 -49.68 -21.30 14.95
C ASP PB 68 -49.26 -21.78 16.33
N SER PB 69 -48.13 -22.48 16.46
CA SER PB 69 -47.65 -22.92 17.76
C SER PB 69 -46.71 -21.92 18.42
N PHE PB 70 -46.42 -20.79 17.77
CA PHE PB 70 -45.63 -19.72 18.36
C PHE PB 70 -46.56 -18.66 18.94
N THR PB 71 -46.13 -18.05 20.04
CA THR PB 71 -46.85 -16.92 20.62
C THR PB 71 -46.07 -15.62 20.57
N SER PB 72 -44.79 -15.65 20.18
CA SER PB 72 -43.98 -14.46 20.05
C SER PB 72 -43.21 -14.49 18.74
N VAL PB 73 -42.69 -13.33 18.35
CA VAL PB 73 -41.93 -13.21 17.12
C VAL PB 73 -41.06 -11.96 17.22
N THR PB 74 -39.84 -12.05 16.69
CA THR PB 74 -38.93 -10.92 16.60
C THR PB 74 -38.87 -10.50 15.13
N VAL PB 75 -39.41 -9.33 14.83
CA VAL PB 75 -39.47 -8.82 13.46
C VAL PB 75 -38.16 -8.14 13.11
N MET PB 76 -37.60 -8.52 11.95
CA MET PB 76 -36.34 -7.95 11.50
C MET PB 76 -36.51 -6.88 10.42
N SER PB 77 -37.30 -7.15 9.39
CA SER PB 77 -37.55 -6.15 8.36
C SER PB 77 -38.94 -6.36 7.76
N VAL PB 78 -39.47 -5.28 7.19
CA VAL PB 78 -40.81 -5.25 6.61
C VAL PB 78 -40.70 -4.70 5.20
N ARG PB 79 -41.27 -5.42 4.23
CA ARG PB 79 -41.37 -4.94 2.85
C ARG PB 79 -42.83 -5.01 2.41
N ALA PB 80 -43.22 -4.11 1.51
CA ALA PB 80 -44.61 -3.95 1.13
C ALA PB 80 -44.72 -3.63 -0.36
N TRP PB 81 -45.69 -4.28 -1.00
CA TRP PB 81 -46.05 -4.01 -2.39
C TRP PB 81 -47.54 -3.71 -2.47
N THR PB 82 -47.93 -2.92 -3.46
CA THR PB 82 -49.34 -2.76 -3.76
C THR PB 82 -49.82 -3.99 -4.52
N GLN PB 83 -51.00 -4.48 -4.14
CA GLN PB 83 -51.51 -5.76 -4.61
C GLN PB 83 -52.62 -5.65 -5.64
N LEU PB 84 -53.24 -4.48 -5.79
CA LEU PB 84 -54.23 -4.24 -6.83
C LEU PB 84 -53.86 -2.96 -7.57
N THR PB 85 -54.54 -2.75 -8.71
CA THR PB 85 -54.23 -1.61 -9.55
C THR PB 85 -54.66 -0.30 -8.88
N PRO PB 86 -53.96 0.80 -9.15
CA PRO PB 86 -54.30 2.08 -8.53
C PRO PB 86 -55.54 2.68 -9.18
N PRO PB 87 -56.08 3.78 -8.64
CA PRO PB 87 -57.19 4.45 -9.31
C PRO PB 87 -56.78 4.95 -10.69
N VAL PB 88 -57.78 5.25 -11.51
CA VAL PB 88 -57.53 5.77 -12.84
C VAL PB 88 -56.70 7.04 -12.74
N ASN PB 89 -55.75 7.20 -13.65
CA ASN PB 89 -54.85 8.33 -13.84
C ASN PB 89 -53.69 8.37 -12.86
N GLU PB 90 -53.66 7.53 -11.84
CA GLU PB 90 -52.63 7.62 -10.81
C GLU PB 90 -51.63 6.49 -10.92
N TYR PB 91 -50.46 6.72 -10.33
CA TYR PB 91 -49.48 5.67 -10.10
C TYR PB 91 -49.66 5.13 -8.68
N SER PB 92 -49.42 3.84 -8.50
CA SER PB 92 -49.50 3.26 -7.17
C SER PB 92 -48.50 3.91 -6.23
N PHE PB 93 -48.85 3.97 -4.96
CA PHE PB 93 -47.88 4.28 -3.92
C PHE PB 93 -48.23 3.49 -2.67
N VAL PB 94 -47.23 3.29 -1.83
CA VAL PB 94 -47.41 2.65 -0.53
C VAL PB 94 -46.49 3.35 0.46
N ARG PB 95 -46.97 3.55 1.69
CA ARG PB 95 -46.20 4.18 2.75
C ARG PB 95 -46.19 3.28 3.97
N LEU PB 96 -45.03 3.20 4.62
CA LEU PB 96 -44.87 2.41 5.84
C LEU PB 96 -44.42 3.33 6.97
N LYS PB 97 -45.09 3.23 8.11
CA LYS PB 97 -44.69 3.92 9.33
C LYS PB 97 -44.44 2.90 10.44
N PRO PB 98 -43.21 2.73 10.90
CA PRO PB 98 -42.94 1.70 11.91
C PRO PB 98 -43.56 2.04 13.25
N LEU PB 99 -44.06 1.00 13.93
CA LEU PB 99 -44.64 1.11 15.26
C LEU PB 99 -43.82 0.29 16.24
N PHE PB 100 -43.77 0.75 17.49
CA PHE PB 100 -43.01 0.06 18.52
C PHE PB 100 -43.69 0.24 19.87
N LYS PB 101 -43.68 -0.84 20.67
CA LYS PB 101 -44.28 -0.79 22.00
C LYS PB 101 -43.64 0.30 22.86
N THR PB 102 -42.32 0.47 22.78
CA THR PB 102 -41.63 1.48 23.55
C THR PB 102 -41.75 2.88 22.95
N GLY PB 103 -42.37 3.03 21.78
CA GLY PB 103 -42.53 4.35 21.19
C GLY PB 103 -42.61 4.33 19.68
N ASP PB 104 -43.64 4.95 19.12
CA ASP PB 104 -43.88 4.87 17.68
C ASP PB 104 -42.97 5.84 16.92
N SER PB 105 -42.59 5.42 15.72
CA SER PB 105 -41.88 6.29 14.81
C SER PB 105 -42.84 7.23 14.10
N THR PB 106 -42.27 8.26 13.48
CA THR PB 106 -43.04 9.15 12.61
C THR PB 106 -42.48 9.18 11.20
N GLU PB 107 -41.57 8.27 10.87
CA GLU PB 107 -41.13 8.11 9.48
C GLU PB 107 -42.27 7.62 8.62
N GLU PB 108 -42.24 8.02 7.35
CA GLU PB 108 -43.21 7.57 6.37
C GLU PB 108 -42.45 7.16 5.11
N PHE PB 109 -41.73 6.05 5.20
CA PHE PB 109 -41.03 5.50 4.05
C PHE PB 109 -42.03 5.21 2.93
N GLU PB 110 -41.78 5.77 1.76
CA GLU PB 110 -42.74 5.74 0.67
C GLU PB 110 -42.08 5.29 -0.62
N GLY PB 111 -42.75 4.43 -1.35
CA GLY PB 111 -42.34 4.06 -2.70
C GLY PB 111 -43.50 4.27 -3.66
N ARG PB 112 -43.18 4.72 -4.87
CA ARG PB 112 -44.16 4.96 -5.91
C ARG PB 112 -43.77 4.20 -7.17
N ALA PB 113 -44.78 3.82 -7.94
CA ALA PB 113 -44.51 3.23 -9.24
C ALA PB 113 -44.20 4.31 -10.26
N SER PB 114 -43.34 3.98 -11.20
CA SER PB 114 -43.06 4.85 -12.34
C SER PB 114 -43.72 4.38 -13.62
N ASN PB 115 -44.46 3.27 -13.55
CA ASN PB 115 -45.32 2.78 -14.62
C ASN PB 115 -46.67 2.47 -13.98
N ILE PB 116 -47.76 2.95 -14.59
CA ILE PB 116 -49.07 2.82 -13.95
C ILE PB 116 -49.45 1.36 -13.76
N ASN PB 117 -48.95 0.48 -14.63
CA ASN PB 117 -49.28 -0.94 -14.57
C ASN PB 117 -48.41 -1.72 -13.60
N THR PB 118 -47.56 -1.04 -12.84
CA THR PB 118 -46.51 -1.69 -12.06
C THR PB 118 -46.73 -1.43 -10.57
N ARG PB 119 -46.35 -2.41 -9.76
CA ARG PB 119 -46.48 -2.29 -8.31
C ARG PB 119 -45.56 -1.21 -7.78
N ALA PB 120 -45.98 -0.57 -6.69
CA ALA PB 120 -45.11 0.26 -5.87
C ALA PB 120 -44.61 -0.55 -4.69
N SER PB 121 -43.41 -0.25 -4.23
CA SER PB 121 -42.82 -1.02 -3.15
C SER PB 121 -41.91 -0.15 -2.30
N VAL PB 122 -41.82 -0.52 -1.02
CA VAL PB 122 -40.92 0.13 -0.08
C VAL PB 122 -40.76 -0.82 1.09
N GLY PB 123 -39.69 -0.64 1.85
CA GLY PB 123 -39.47 -1.45 3.02
C GLY PB 123 -38.64 -0.70 4.03
N TYR PB 124 -38.55 -1.27 5.23
CA TYR PB 124 -37.65 -0.73 6.25
C TYR PB 124 -37.07 -1.87 7.08
N ARG PB 125 -35.88 -1.63 7.60
CA ARG PB 125 -35.19 -2.55 8.49
C ARG PB 125 -35.30 -2.06 9.93
N ILE PB 126 -35.46 -2.98 10.86
CA ILE PB 126 -35.51 -2.67 12.28
C ILE PB 126 -34.13 -2.88 12.87
N PRO PB 127 -33.56 -1.90 13.57
CA PRO PB 127 -32.21 -2.07 14.13
C PRO PB 127 -32.19 -3.05 15.30
N THR PB 128 -30.99 -3.56 15.57
CA THR PB 128 -30.79 -4.56 16.62
C THR PB 128 -31.37 -4.10 17.96
N ASN PB 129 -31.13 -2.84 18.32
CA ASN PB 129 -31.56 -2.34 19.62
C ASN PB 129 -33.07 -2.28 19.78
N LEU PB 130 -33.83 -2.46 18.70
CA LEU PB 130 -35.28 -2.45 18.76
C LEU PB 130 -35.91 -3.81 18.50
N ARG PB 131 -35.10 -4.84 18.25
CA ARG PB 131 -35.62 -6.18 17.95
C ARG PB 131 -35.89 -6.94 19.25
N GLN PB 132 -36.98 -6.56 19.91
CA GLN PB 132 -37.51 -7.36 21.00
C GLN PB 132 -38.70 -8.17 20.49
N ASN PB 133 -39.24 -9.01 21.35
CA ASN PB 133 -40.37 -9.83 20.96
C ASN PB 133 -41.63 -8.98 20.88
N THR PB 134 -42.54 -9.40 20.01
CA THR PB 134 -43.89 -8.87 19.94
C THR PB 134 -44.86 -10.02 19.99
N VAL PB 135 -46.07 -9.75 20.48
CA VAL PB 135 -47.10 -10.78 20.59
C VAL PB 135 -48.30 -10.38 19.72
N ALA PB 136 -49.32 -11.23 19.70
CA ALA PB 136 -50.41 -11.08 18.73
C ALA PB 136 -51.07 -9.71 18.83
N ALA PB 137 -51.19 -9.17 20.05
CA ALA PB 137 -51.91 -7.92 20.25
C ALA PB 137 -51.08 -6.69 19.90
N ASP PB 138 -49.81 -6.86 19.52
CA ASP PB 138 -48.99 -5.73 19.10
C ASP PB 138 -49.19 -5.44 17.61
N ASN PB 139 -48.69 -4.29 17.18
CA ASN PB 139 -48.77 -3.85 15.79
C ASN PB 139 -47.37 -3.67 15.22
N VAL PB 140 -47.19 -4.07 13.97
CA VAL PB 140 -45.91 -3.87 13.30
C VAL PB 140 -45.77 -2.45 12.80
N CYS PB 141 -46.74 -1.99 12.01
CA CYS PB 141 -46.58 -0.76 11.25
C CYS PB 141 -47.93 -0.27 10.77
N GLU PB 142 -47.96 0.99 10.32
CA GLU PB 142 -49.11 1.55 9.63
C GLU PB 142 -48.86 1.57 8.14
N VAL PB 143 -49.86 1.16 7.37
CA VAL PB 143 -49.79 1.13 5.92
C VAL PB 143 -50.74 2.18 5.36
N ARG PB 144 -50.26 2.94 4.38
CA ARG PB 144 -51.10 3.82 3.58
C ARG PB 144 -50.81 3.55 2.11
N SER PB 145 -51.84 3.70 1.29
CA SER PB 145 -51.74 3.37 -0.13
C SER PB 145 -53.00 3.86 -0.82
N ASN PB 146 -52.88 4.15 -2.12
CA ASN PB 146 -54.06 4.42 -2.93
C ASN PB 146 -54.57 3.16 -3.62
N CYS PB 147 -53.99 2.00 -3.34
CA CYS PB 147 -54.49 0.72 -3.79
C CYS PB 147 -55.22 0.02 -2.65
N ARG PB 148 -56.29 -0.70 -3.00
CA ARG PB 148 -57.16 -1.26 -1.97
C ARG PB 148 -56.54 -2.46 -1.25
N GLN PB 149 -55.46 -3.03 -1.78
CA GLN PB 149 -54.80 -4.14 -1.11
C GLN PB 149 -53.30 -3.95 -1.16
N VAL PB 150 -52.63 -4.34 -0.08
CA VAL PB 150 -51.17 -4.26 0.02
C VAL PB 150 -50.64 -5.63 0.40
N ALA PB 151 -49.62 -6.09 -0.32
CA ALA PB 151 -48.95 -7.34 -0.02
C ALA PB 151 -47.74 -7.09 0.85
N LEU PB 152 -47.58 -7.89 1.90
CA LEU PB 152 -46.48 -7.74 2.85
C LEU PB 152 -45.63 -9.00 2.85
N VAL PB 153 -44.32 -8.82 2.94
CA VAL PB 153 -43.40 -9.90 3.24
C VAL PB 153 -42.56 -9.45 4.43
N ILE PB 154 -42.71 -10.13 5.55
CA ILE PB 154 -42.06 -9.76 6.80
C ILE PB 154 -41.00 -10.79 7.13
N SER PB 155 -39.77 -10.33 7.39
CA SER PB 155 -38.68 -11.20 7.80
C SER PB 155 -38.60 -11.18 9.32
N CYS PB 156 -38.66 -12.36 9.93
CA CYS PB 156 -38.87 -12.43 11.36
C CYS PB 156 -38.33 -13.73 11.90
N CYS PB 157 -38.08 -13.75 13.20
CA CYS PB 157 -37.62 -14.94 13.92
C CYS PB 157 -38.73 -15.35 14.87
N PHE PB 158 -39.44 -16.42 14.54
CA PHE PB 158 -40.39 -16.99 15.48
C PHE PB 158 -39.63 -17.69 16.60
N ASN PB 159 -40.12 -17.50 17.83
CA ASN PB 159 -39.52 -18.14 18.99
C ASN PB 159 -40.55 -18.29 20.10
N ASN QB 16 -11.95 -30.01 -46.17
CA ASN QB 16 -12.52 -31.25 -45.69
C ASN QB 16 -12.81 -32.19 -46.85
N SER QB 17 -13.26 -33.41 -46.54
CA SER QB 17 -13.56 -34.39 -47.57
C SER QB 17 -14.81 -34.00 -48.34
N ASN QB 18 -14.80 -34.24 -49.65
CA ASN QB 18 -15.93 -33.93 -50.51
C ASN QB 18 -16.58 -35.17 -51.09
N VAL QB 19 -16.07 -36.37 -50.81
CA VAL QB 19 -16.61 -37.60 -51.36
C VAL QB 19 -16.84 -38.60 -50.24
N VAL QB 20 -17.55 -39.68 -50.58
CA VAL QB 20 -17.75 -40.77 -49.65
C VAL QB 20 -16.42 -41.46 -49.38
N THR QB 21 -16.21 -41.86 -48.13
CA THR QB 21 -14.98 -42.51 -47.73
C THR QB 21 -15.30 -43.74 -46.89
N MET QB 22 -14.33 -44.65 -46.83
CA MET QB 22 -14.56 -45.95 -46.23
C MET QB 22 -14.36 -45.92 -44.72
N ILE QB 23 -15.29 -46.56 -44.01
CA ILE QB 23 -15.16 -46.85 -42.58
C ILE QB 23 -14.69 -48.29 -42.42
N ARG QB 24 -13.61 -48.49 -41.68
CA ARG QB 24 -13.12 -49.84 -41.39
C ARG QB 24 -13.82 -50.35 -40.15
N ALA QB 25 -15.05 -50.80 -40.34
CA ALA QB 25 -15.88 -51.25 -39.23
C ALA QB 25 -15.38 -52.58 -38.69
N GLY QB 26 -15.65 -52.80 -37.40
CA GLY QB 26 -15.19 -54.01 -36.73
C GLY QB 26 -16.30 -54.95 -36.35
N SER QB 27 -16.35 -55.34 -35.08
CA SER QB 27 -17.38 -56.27 -34.64
C SER QB 27 -18.74 -55.58 -34.60
N TYR QB 28 -19.78 -56.39 -34.44
CA TYR QB 28 -21.11 -55.81 -34.35
C TYR QB 28 -21.27 -55.14 -32.98
N PRO QB 29 -21.63 -53.86 -32.94
CA PRO QB 29 -21.64 -53.13 -31.67
C PRO QB 29 -22.84 -53.48 -30.82
N LYS QB 30 -22.77 -53.09 -29.55
CA LYS QB 30 -23.96 -53.05 -28.72
C LYS QB 30 -24.92 -52.02 -29.29
N VAL QB 31 -26.20 -52.37 -29.36
CA VAL QB 31 -27.20 -51.51 -29.99
C VAL QB 31 -28.41 -51.41 -29.08
N ASN QB 32 -29.24 -50.43 -29.37
CA ASN QB 32 -30.49 -50.20 -28.65
C ASN QB 32 -31.43 -49.41 -29.55
N PRO QB 33 -32.49 -50.04 -30.06
CA PRO QB 33 -33.40 -49.34 -30.98
C PRO QB 33 -34.33 -48.35 -30.30
N THR QB 34 -34.46 -48.40 -28.97
CA THR QB 34 -35.43 -47.58 -28.24
C THR QB 34 -34.75 -46.89 -27.06
N PRO QB 35 -33.96 -45.84 -27.33
CA PRO QB 35 -33.17 -45.21 -26.27
C PRO QB 35 -34.00 -44.26 -25.41
N THR QB 36 -33.34 -43.73 -24.38
CA THR QB 36 -33.90 -42.71 -23.50
C THR QB 36 -33.77 -41.33 -24.15
N TRP QB 37 -34.46 -40.35 -23.58
CA TRP QB 37 -34.48 -39.01 -24.17
C TRP QB 37 -34.68 -37.98 -23.08
N VAL QB 38 -33.73 -37.06 -22.94
CA VAL QB 38 -33.87 -35.92 -22.03
C VAL QB 38 -34.58 -34.80 -22.77
N ARG QB 39 -35.66 -34.29 -22.19
CA ARG QB 39 -36.55 -33.37 -22.89
C ARG QB 39 -37.03 -32.27 -21.97
N ALA QB 40 -37.49 -31.18 -22.57
CA ALA QB 40 -38.25 -30.12 -21.90
C ALA QB 40 -39.58 -30.01 -22.63
N ILE QB 41 -40.64 -30.48 -21.99
CA ILE QB 41 -41.96 -30.61 -22.62
C ILE QB 41 -42.78 -29.38 -22.28
N PRO QB 42 -43.29 -28.64 -23.27
CA PRO QB 42 -44.23 -27.55 -22.97
C PRO QB 42 -45.68 -27.94 -23.26
N PHE QB 43 -46.58 -27.68 -22.32
CA PHE QB 43 -48.00 -27.87 -22.54
C PHE QB 43 -48.75 -26.96 -21.57
N GLU QB 44 -50.05 -26.79 -21.82
CA GLU QB 44 -50.88 -25.91 -21.03
C GLU QB 44 -52.00 -26.70 -20.36
N VAL QB 45 -52.48 -26.17 -19.23
CA VAL QB 45 -53.61 -26.75 -18.50
C VAL QB 45 -54.61 -25.66 -18.18
N SER QB 46 -55.88 -26.03 -18.13
CA SER QB 46 -56.94 -25.11 -17.75
C SER QB 46 -57.17 -25.16 -16.24
N VAL QB 47 -57.37 -23.99 -15.64
CA VAL QB 47 -57.48 -23.84 -14.20
C VAL QB 47 -58.77 -23.09 -13.88
N GLN QB 48 -59.35 -23.40 -12.73
CA GLN QB 48 -60.52 -22.70 -12.22
C GLN QB 48 -60.14 -21.85 -11.01
N SER QB 49 -60.88 -20.77 -10.81
CA SER QB 49 -60.64 -19.91 -9.67
C SER QB 49 -60.81 -20.67 -8.37
N GLY QB 50 -59.84 -20.51 -7.46
CA GLY QB 50 -59.92 -21.08 -6.13
C GLY QB 50 -59.89 -22.60 -6.07
N ILE QB 51 -59.59 -23.28 -7.17
CA ILE QB 51 -59.58 -24.73 -7.22
C ILE QB 51 -58.21 -25.19 -7.71
N ALA QB 52 -57.65 -26.19 -7.04
CA ALA QB 52 -56.38 -26.76 -7.47
C ALA QB 52 -56.60 -27.78 -8.58
N PHE QB 53 -55.69 -27.78 -9.55
CA PHE QB 53 -55.72 -28.72 -10.66
C PHE QB 53 -54.53 -29.66 -10.55
N LYS QB 54 -54.80 -30.97 -10.53
CA LYS QB 54 -53.74 -31.96 -10.49
C LYS QB 54 -53.28 -32.26 -11.91
N VAL QB 55 -51.98 -32.11 -12.15
CA VAL QB 55 -51.41 -32.26 -13.48
C VAL QB 55 -51.07 -33.74 -13.68
N PRO QB 56 -51.74 -34.44 -14.59
CA PRO QB 56 -51.41 -35.85 -14.81
C PRO QB 56 -50.12 -36.02 -15.58
N VAL QB 57 -49.32 -37.00 -15.15
CA VAL QB 57 -48.07 -37.31 -15.85
C VAL QB 57 -48.36 -37.71 -17.29
N GLY QB 58 -49.49 -38.38 -17.52
CA GLY QB 58 -49.87 -38.85 -18.84
C GLY QB 58 -49.87 -37.78 -19.91
N SER QB 59 -49.97 -36.51 -19.49
CA SER QB 59 -49.88 -35.40 -20.44
C SER QB 59 -48.55 -35.37 -21.17
N LEU QB 60 -47.51 -35.97 -20.60
CA LEU QB 60 -46.19 -35.93 -21.21
C LEU QB 60 -46.00 -36.98 -22.30
N PHE QB 61 -46.89 -37.97 -22.40
CA PHE QB 61 -46.82 -38.99 -23.44
C PHE QB 61 -47.80 -38.62 -24.55
N SER QB 62 -47.27 -38.15 -25.68
CA SER QB 62 -48.13 -37.75 -26.78
C SER QB 62 -47.33 -37.75 -28.07
N ALA QB 63 -48.03 -38.03 -29.18
CA ALA QB 63 -47.41 -37.92 -30.50
C ALA QB 63 -47.02 -36.49 -30.82
N ASN QB 64 -47.63 -35.51 -30.15
CA ASN QB 64 -47.26 -34.11 -30.35
C ASN QB 64 -45.87 -33.79 -29.79
N PHE QB 65 -45.30 -34.66 -28.97
CA PHE QB 65 -43.98 -34.46 -28.39
C PHE QB 65 -42.98 -35.52 -28.84
N ARG QB 66 -43.36 -36.38 -29.79
CA ARG QB 66 -42.57 -37.54 -30.19
C ARG QB 66 -42.33 -38.50 -29.03
N THR QB 67 -43.25 -38.54 -28.06
CA THR QB 67 -43.02 -39.32 -26.85
C THR QB 67 -44.04 -40.42 -26.63
N ASP QB 68 -44.93 -40.69 -27.59
CA ASP QB 68 -45.99 -41.65 -27.37
C ASP QB 68 -45.50 -43.09 -27.23
N SER QB 69 -44.23 -43.36 -27.50
CA SER QB 69 -43.71 -44.72 -27.36
C SER QB 69 -43.17 -44.99 -25.96
N PHE QB 70 -43.06 -43.98 -25.11
CA PHE QB 70 -42.63 -44.16 -23.74
C PHE QB 70 -43.83 -44.42 -22.84
N THR QB 71 -43.65 -45.26 -21.83
CA THR QB 71 -44.66 -45.48 -20.81
C THR QB 71 -44.22 -44.99 -19.43
N SER QB 72 -42.97 -44.54 -19.29
CA SER QB 72 -42.46 -44.05 -18.01
C SER QB 72 -41.66 -42.78 -18.24
N VAL QB 73 -41.49 -42.00 -17.17
CA VAL QB 73 -40.70 -40.77 -17.26
C VAL QB 73 -40.23 -40.42 -15.86
N THR QB 74 -39.00 -39.89 -15.78
CA THR QB 74 -38.43 -39.37 -14.56
C THR QB 74 -38.41 -37.85 -14.65
N VAL QB 75 -39.16 -37.19 -13.77
CA VAL QB 75 -39.30 -35.74 -13.81
C VAL QB 75 -38.22 -35.12 -12.94
N MET QB 76 -37.51 -34.14 -13.50
CA MET QB 76 -36.43 -33.46 -12.81
C MET QB 76 -36.85 -32.11 -12.24
N SER QB 77 -37.48 -31.25 -13.05
CA SER QB 77 -37.88 -29.94 -12.57
C SER QB 77 -39.13 -29.49 -13.31
N VAL QB 78 -39.91 -28.64 -12.64
CA VAL QB 78 -41.18 -28.14 -13.13
C VAL QB 78 -41.16 -26.61 -13.08
N ARG QB 79 -41.49 -25.96 -14.20
CA ARG QB 79 -41.64 -24.52 -14.25
C ARG QB 79 -43.02 -24.20 -14.81
N ALA QB 80 -43.63 -23.13 -14.31
CA ALA QB 80 -45.00 -22.78 -14.69
C ALA QB 80 -45.13 -21.27 -14.90
N TRP QB 81 -45.88 -20.92 -15.94
CA TRP QB 81 -46.20 -19.53 -16.25
C TRP QB 81 -47.71 -19.39 -16.39
N THR QB 82 -48.23 -18.24 -15.98
CA THR QB 82 -49.61 -17.93 -16.34
C THR QB 82 -49.68 -17.69 -17.85
N GLN QB 83 -50.77 -18.15 -18.45
CA GLN QB 83 -50.89 -18.23 -19.90
C GLN QB 83 -51.99 -17.32 -20.46
N LEU QB 84 -52.88 -16.81 -19.61
CA LEU QB 84 -53.87 -15.81 -20.00
C LEU QB 84 -53.85 -14.69 -18.98
N THR QB 85 -54.57 -13.61 -19.29
CA THR QB 85 -54.54 -12.43 -18.45
C THR QB 85 -55.30 -12.65 -17.14
N PRO QB 86 -54.93 -11.93 -16.09
CA PRO QB 86 -55.59 -12.13 -14.79
C PRO QB 86 -56.93 -11.41 -14.75
N PRO QB 87 -57.70 -11.58 -13.66
CA PRO QB 87 -58.90 -10.77 -13.48
C PRO QB 87 -58.57 -9.28 -13.49
N VAL QB 88 -59.58 -8.47 -13.77
CA VAL QB 88 -59.41 -7.02 -13.73
C VAL QB 88 -59.00 -6.62 -12.31
N ASN QB 89 -58.04 -5.68 -12.24
CA ASN QB 89 -57.46 -5.08 -11.04
C ASN QB 89 -56.39 -5.94 -10.37
N GLU QB 90 -56.12 -7.14 -10.87
CA GLU QB 90 -55.20 -8.05 -10.20
C GLU QB 90 -53.91 -8.25 -10.99
N TYR QB 91 -52.86 -8.59 -10.27
CA TYR QB 91 -51.63 -9.11 -10.87
C TYR QB 91 -51.70 -10.64 -10.89
N SER QB 92 -51.13 -11.23 -11.94
CA SER QB 92 -51.17 -12.67 -12.08
C SER QB 92 -50.36 -13.35 -10.98
N PHE QB 93 -50.78 -14.55 -10.61
CA PHE QB 93 -49.99 -15.37 -9.69
C PHE QB 93 -50.20 -16.84 -10.04
N VAL QB 94 -49.21 -17.65 -9.70
CA VAL QB 94 -49.29 -19.10 -9.89
C VAL QB 94 -48.60 -19.77 -8.70
N ARG QB 95 -49.23 -20.82 -8.18
CA ARG QB 95 -48.67 -21.63 -7.11
C ARG QB 95 -48.48 -23.06 -7.59
N LEU QB 96 -47.34 -23.65 -7.23
CA LEU QB 96 -47.08 -25.06 -7.47
C LEU QB 96 -46.96 -25.80 -6.15
N LYS QB 97 -47.61 -26.95 -6.06
CA LYS QB 97 -47.49 -27.84 -4.91
C LYS QB 97 -46.98 -29.19 -5.39
N PRO QB 98 -45.79 -29.63 -4.98
CA PRO QB 98 -45.25 -30.88 -5.50
C PRO QB 98 -45.99 -32.10 -4.95
N LEU QB 99 -46.24 -33.07 -5.82
CA LEU QB 99 -46.88 -34.32 -5.47
C LEU QB 99 -45.91 -35.48 -5.65
N PHE QB 100 -46.05 -36.52 -4.83
CA PHE QB 100 -45.17 -37.68 -4.92
C PHE QB 100 -45.91 -38.94 -4.49
N LYS QB 101 -45.64 -40.04 -5.20
CA LYS QB 101 -46.30 -41.30 -4.91
C LYS QB 101 -46.01 -41.78 -3.49
N THR QB 102 -44.79 -41.54 -3.00
CA THR QB 102 -44.45 -41.95 -1.63
C THR QB 102 -44.94 -40.95 -0.59
N GLY QB 103 -45.51 -39.82 -0.99
CA GLY QB 103 -46.01 -38.84 -0.04
C GLY QB 103 -45.98 -37.43 -0.61
N ASP QB 104 -47.08 -36.70 -0.48
CA ASP QB 104 -47.21 -35.39 -1.10
C ASP QB 104 -46.61 -34.31 -0.23
N SER QB 105 -46.14 -33.25 -0.89
CA SER QB 105 -45.63 -32.08 -0.20
C SER QB 105 -46.78 -31.13 0.17
N THR QB 106 -46.50 -30.25 1.12
CA THR QB 106 -47.40 -29.15 1.45
C THR QB 106 -46.76 -27.79 1.14
N GLU QB 107 -45.65 -27.78 0.40
CA GLU QB 107 -45.09 -26.53 -0.09
C GLU QB 107 -46.02 -25.92 -1.13
N GLU QB 108 -46.07 -24.58 -1.14
CA GLU QB 108 -46.83 -23.83 -2.12
C GLU QB 108 -45.92 -22.74 -2.71
N PHE QB 109 -44.96 -23.17 -3.53
CA PHE QB 109 -44.12 -22.21 -4.24
C PHE QB 109 -44.99 -21.30 -5.10
N GLU QB 110 -44.82 -19.99 -4.95
CA GLU QB 110 -45.72 -19.03 -5.56
C GLU QB 110 -44.93 -17.91 -6.23
N GLY QB 111 -45.34 -17.55 -7.44
CA GLY QB 111 -44.80 -16.39 -8.13
C GLY QB 111 -45.92 -15.44 -8.49
N ARG QB 112 -45.60 -14.14 -8.45
CA ARG QB 112 -46.56 -13.09 -8.76
C ARG QB 112 -45.93 -12.10 -9.74
N ALA QB 113 -46.76 -11.55 -10.62
CA ALA QB 113 -46.30 -10.50 -11.51
C ALA QB 113 -46.24 -9.16 -10.78
N SER QB 114 -45.33 -8.31 -11.23
CA SER QB 114 -45.23 -6.95 -10.72
C SER QB 114 -45.70 -5.92 -11.74
N ASN QB 115 -46.18 -6.40 -12.89
CA ASN QB 115 -46.80 -5.57 -13.92
C ASN QB 115 -48.02 -6.34 -14.39
N ILE QB 116 -49.21 -5.71 -14.35
CA ILE QB 116 -50.45 -6.45 -14.63
C ILE QB 116 -50.42 -7.11 -15.99
N ASN QB 117 -49.61 -6.62 -16.92
CA ASN QB 117 -49.58 -7.11 -18.28
C ASN QB 117 -48.59 -8.25 -18.49
N THR QB 118 -47.94 -8.74 -17.44
CA THR QB 118 -46.89 -9.74 -17.62
C THR QB 118 -47.25 -11.03 -16.90
N ARG QB 119 -46.64 -12.12 -17.37
CA ARG QB 119 -46.87 -13.43 -16.78
C ARG QB 119 -46.28 -13.49 -15.38
N ALA QB 120 -46.86 -14.35 -14.55
CA ALA QB 120 -46.24 -14.79 -13.31
C ALA QB 120 -45.57 -16.14 -13.55
N SER QB 121 -44.51 -16.41 -12.80
CA SER QB 121 -43.79 -17.67 -13.02
C SER QB 121 -43.15 -18.14 -11.72
N VAL QB 122 -43.05 -19.46 -11.61
CA VAL QB 122 -42.41 -20.09 -10.46
C VAL QB 122 -42.04 -21.50 -10.89
N GLY QB 123 -41.05 -22.08 -10.21
CA GLY QB 123 -40.65 -23.44 -10.51
C GLY QB 123 -40.12 -24.11 -9.27
N TYR QB 124 -39.93 -25.43 -9.38
CA TYR QB 124 -39.28 -26.17 -8.31
C TYR QB 124 -38.48 -27.32 -8.92
N ARG QB 125 -37.41 -27.69 -8.23
CA ARG QB 125 -36.54 -28.78 -8.61
C ARG QB 125 -36.83 -30.00 -7.74
N ILE QB 126 -36.77 -31.18 -8.33
CA ILE QB 126 -36.97 -32.44 -7.61
C ILE QB 126 -35.60 -32.98 -7.23
N PRO QB 127 -35.34 -33.25 -5.95
CA PRO QB 127 -34.02 -33.77 -5.57
C PRO QB 127 -33.82 -35.19 -6.07
N THR QB 128 -32.54 -35.59 -6.11
CA THR QB 128 -32.20 -36.88 -6.71
C THR QB 128 -32.92 -38.04 -6.01
N ASN QB 129 -32.98 -38.00 -4.68
CA ASN QB 129 -33.59 -39.08 -3.92
C ASN QB 129 -35.08 -39.26 -4.20
N LEU QB 130 -35.72 -38.31 -4.86
CA LEU QB 130 -37.13 -38.43 -5.21
C LEU QB 130 -37.35 -38.60 -6.71
N ARG QB 131 -36.29 -38.67 -7.52
CA ARG QB 131 -36.41 -38.82 -8.97
C ARG QB 131 -36.54 -40.31 -9.32
N GLN QB 132 -37.71 -40.86 -9.03
CA GLN QB 132 -38.04 -42.19 -9.52
C GLN QB 132 -38.96 -42.06 -10.73
N ASN QB 133 -39.36 -43.20 -11.28
CA ASN QB 133 -40.21 -43.15 -12.46
C ASN QB 133 -41.65 -42.84 -12.08
N THR QB 134 -42.39 -42.33 -13.06
CA THR QB 134 -43.82 -42.12 -12.95
C THR QB 134 -44.47 -42.61 -14.23
N VAL QB 135 -45.75 -42.96 -14.13
CA VAL QB 135 -46.51 -43.48 -15.25
C VAL QB 135 -47.74 -42.59 -15.43
N ALA QB 136 -48.46 -42.83 -16.54
CA ALA QB 136 -49.56 -41.95 -16.94
C ALA QB 136 -50.57 -41.73 -15.83
N ALA QB 137 -50.79 -42.74 -14.98
CA ALA QB 137 -51.80 -42.61 -13.93
C ALA QB 137 -51.36 -41.72 -12.78
N ASP QB 138 -50.08 -41.34 -12.72
CA ASP QB 138 -49.58 -40.52 -11.62
C ASP QB 138 -49.80 -39.04 -11.90
N ASN QB 139 -49.49 -38.22 -10.89
CA ASN QB 139 -49.64 -36.78 -10.98
C ASN QB 139 -48.32 -36.11 -10.62
N VAL QB 140 -48.07 -34.95 -11.24
CA VAL QB 140 -46.82 -34.22 -11.00
C VAL QB 140 -46.98 -33.24 -9.86
N CYS QB 141 -48.00 -32.39 -9.91
CA CYS QB 141 -48.13 -31.28 -8.97
C CYS QB 141 -49.55 -30.75 -8.99
N GLU QB 142 -49.85 -29.88 -8.04
CA GLU QB 142 -51.11 -29.14 -8.01
C GLU QB 142 -50.83 -27.71 -8.46
N VAL QB 143 -51.67 -27.20 -9.37
CA VAL QB 143 -51.55 -25.84 -9.87
C VAL QB 143 -52.71 -25.02 -9.32
N ARG QB 144 -52.40 -23.83 -8.80
CA ARG QB 144 -53.40 -22.82 -8.48
C ARG QB 144 -53.00 -21.52 -9.16
N SER QB 145 -54.00 -20.78 -9.65
CA SER QB 145 -53.75 -19.52 -10.34
C SER QB 145 -55.05 -18.74 -10.36
N ASN QB 146 -54.93 -17.42 -10.54
CA ASN QB 146 -56.09 -16.59 -10.83
C ASN QB 146 -56.28 -16.39 -12.33
N CYS QB 147 -55.45 -17.02 -13.15
CA CYS QB 147 -55.60 -17.01 -14.60
C CYS QB 147 -56.15 -18.36 -15.05
N ARG QB 148 -57.03 -18.33 -16.04
CA ARG QB 148 -57.78 -19.53 -16.43
C ARG QB 148 -56.94 -20.55 -17.19
N GLN QB 149 -55.66 -20.28 -17.44
CA GLN QB 149 -54.80 -21.23 -18.14
C GLN QB 149 -53.37 -21.03 -17.67
N VAL QB 150 -52.63 -22.13 -17.54
CA VAL QB 150 -51.26 -22.10 -17.06
C VAL QB 150 -50.38 -22.89 -18.02
N ALA QB 151 -49.23 -22.31 -18.37
CA ALA QB 151 -48.27 -22.93 -19.27
C ALA QB 151 -47.16 -23.57 -18.45
N LEU QB 152 -46.95 -24.87 -18.63
CA LEU QB 152 -45.90 -25.61 -17.93
C LEU QB 152 -44.80 -26.00 -18.91
N VAL QB 153 -43.56 -25.89 -18.46
CA VAL QB 153 -42.42 -26.53 -19.10
C VAL QB 153 -41.83 -27.49 -18.08
N ILE QB 154 -41.73 -28.77 -18.44
CA ILE QB 154 -41.28 -29.80 -17.53
C ILE QB 154 -40.01 -30.42 -18.09
N SER QB 155 -38.96 -30.45 -17.29
CA SER QB 155 -37.72 -31.12 -17.64
C SER QB 155 -37.78 -32.56 -17.15
N CYS QB 156 -37.53 -33.51 -18.03
CA CYS QB 156 -37.71 -34.91 -17.66
C CYS QB 156 -36.89 -35.80 -18.57
N CYS QB 157 -36.62 -37.02 -18.08
CA CYS QB 157 -35.90 -38.04 -18.81
C CYS QB 157 -36.88 -39.16 -19.13
N PHE QB 158 -37.23 -39.29 -20.41
CA PHE QB 158 -38.07 -40.40 -20.84
C PHE QB 158 -37.24 -41.67 -20.92
N ASN QB 159 -37.83 -42.77 -20.46
CA ASN QB 159 -37.13 -44.05 -20.44
C ASN QB 159 -38.14 -45.18 -20.46
N ASN RB 16 -4.82 14.85 -45.53
CA ASN RB 16 -5.19 14.02 -46.67
C ASN RB 16 -5.19 14.85 -47.96
N SER RB 17 -5.29 14.17 -49.10
CA SER RB 17 -5.25 14.84 -50.39
C SER RB 17 -6.54 15.61 -50.63
N ASN RB 18 -6.41 16.82 -51.19
CA ASN RB 18 -7.55 17.66 -51.50
C ASN RB 18 -7.80 17.79 -53.00
N VAL RB 19 -6.97 17.18 -53.83
CA VAL RB 19 -7.11 17.25 -55.28
C VAL RB 19 -7.16 15.84 -55.83
N VAL RB 20 -7.53 15.74 -57.11
CA VAL RB 20 -7.49 14.46 -57.80
C VAL RB 20 -6.05 14.07 -58.04
N THR RB 21 -5.76 12.78 -57.89
CA THR RB 21 -4.42 12.26 -58.12
C THR RB 21 -4.50 11.07 -59.07
N MET RB 22 -3.36 10.76 -59.68
CA MET RB 22 -3.29 9.71 -60.69
C MET RB 22 -3.25 8.33 -60.04
N ILE RB 23 -3.93 7.37 -60.67
CA ILE RB 23 -3.78 5.95 -60.36
C ILE RB 23 -2.99 5.31 -61.49
N ARG RB 24 -1.95 4.57 -61.15
CA ARG RB 24 -1.11 3.91 -62.16
C ARG RB 24 -1.66 2.51 -62.44
N ALA RB 25 -2.83 2.49 -63.05
CA ALA RB 25 -3.50 1.23 -63.37
C ALA RB 25 -2.65 0.36 -64.28
N GLY RB 26 -2.87 -0.94 -64.20
CA GLY RB 26 -2.12 -1.88 -65.01
C GLY RB 26 -2.99 -2.57 -66.04
N SER RB 27 -2.97 -3.91 -66.03
CA SER RB 27 -3.76 -4.67 -66.98
C SER RB 27 -5.23 -4.61 -66.64
N TYR RB 28 -6.07 -4.87 -67.63
CA TYR RB 28 -7.50 -4.92 -67.39
C TYR RB 28 -7.82 -6.06 -66.42
N PRO RB 29 -8.55 -5.80 -65.35
CA PRO RB 29 -8.75 -6.81 -64.30
C PRO RB 29 -9.91 -7.75 -64.62
N LYS RB 30 -10.03 -8.79 -63.78
CA LYS RB 30 -11.24 -9.59 -63.79
C LYS RB 30 -12.40 -8.76 -63.26
N VAL RB 31 -13.55 -8.87 -63.92
CA VAL RB 31 -14.71 -8.06 -63.57
C VAL RB 31 -15.95 -8.95 -63.51
N ASN RB 32 -17.00 -8.42 -62.87
CA ASN RB 32 -18.28 -9.09 -62.80
C ASN RB 32 -19.37 -8.04 -62.61
N PRO RB 33 -20.18 -7.78 -63.65
CA PRO RB 33 -21.20 -6.73 -63.53
C PRO RB 33 -22.36 -7.10 -62.62
N THR RB 34 -22.51 -8.38 -62.27
CA THR RB 34 -23.66 -8.86 -61.52
C THR RB 34 -23.20 -9.69 -60.33
N PRO RB 35 -22.71 -9.04 -59.27
CA PRO RB 35 -22.17 -9.77 -58.12
C PRO RB 35 -23.24 -10.35 -57.22
N THR RB 36 -22.80 -11.11 -56.24
CA THR RB 36 -23.65 -11.63 -55.18
C THR RB 36 -23.89 -10.54 -54.14
N TRP RB 37 -24.73 -10.84 -53.16
CA TRP RB 37 -25.13 -9.84 -52.17
C TRP RB 37 -25.67 -10.55 -50.93
N VAL RB 38 -25.01 -10.36 -49.80
CA VAL RB 38 -25.52 -10.85 -48.52
C VAL RB 38 -26.45 -9.80 -47.95
N ARG RB 39 -27.63 -10.22 -47.51
CA ARG RB 39 -28.70 -9.29 -47.18
C ARG RB 39 -29.49 -9.81 -46.00
N ALA RB 40 -30.15 -8.88 -45.31
CA ALA RB 40 -31.18 -9.18 -44.31
C ALA RB 40 -32.46 -8.51 -44.80
N ILE RB 41 -33.41 -9.32 -45.28
CA ILE RB 41 -34.57 -8.84 -45.99
C ILE RB 41 -35.74 -8.78 -45.01
N PRO RB 42 -36.41 -7.63 -44.85
CA PRO RB 42 -37.62 -7.58 -44.01
C PRO RB 42 -38.89 -7.56 -44.84
N PHE RB 43 -39.88 -8.37 -44.45
CA PHE RB 43 -41.19 -8.32 -45.07
C PHE RB 43 -42.20 -8.98 -44.14
N GLU RB 44 -43.48 -8.75 -44.42
CA GLU RB 44 -44.56 -9.22 -43.57
C GLU RB 44 -45.44 -10.20 -44.34
N VAL RB 45 -46.07 -11.12 -43.61
CA VAL RB 45 -47.02 -12.07 -44.17
C VAL RB 45 -48.28 -12.05 -43.31
N SER RB 46 -49.42 -12.22 -43.96
CA SER RB 46 -50.70 -12.31 -43.25
C SER RB 46 -51.01 -13.77 -42.98
N VAL RB 47 -51.44 -14.05 -41.74
CA VAL RB 47 -51.74 -15.42 -41.34
C VAL RB 47 -53.11 -15.45 -40.69
N GLN RB 48 -53.78 -16.60 -40.82
CA GLN RB 48 -55.11 -16.81 -40.27
C GLN RB 48 -55.02 -17.68 -39.02
N SER RB 49 -56.02 -17.55 -38.16
CA SER RB 49 -56.05 -18.33 -36.93
C SER RB 49 -56.10 -19.82 -37.23
N GLY RB 50 -55.17 -20.56 -36.62
CA GLY RB 50 -55.17 -22.02 -36.69
C GLY RB 50 -54.70 -22.62 -38.00
N ILE RB 51 -54.21 -21.82 -38.94
CA ILE RB 51 -53.81 -22.29 -40.25
C ILE RB 51 -52.38 -21.86 -40.52
N ALA RB 52 -51.53 -22.83 -40.88
CA ALA RB 52 -50.15 -22.51 -41.22
C ALA RB 52 -50.06 -21.80 -42.56
N PHE RB 53 -49.13 -20.85 -42.66
CA PHE RB 53 -48.88 -20.12 -43.90
C PHE RB 53 -47.51 -20.49 -44.42
N LYS RB 54 -47.46 -21.05 -45.63
CA LYS RB 54 -46.19 -21.36 -46.29
C LYS RB 54 -45.61 -20.07 -46.87
N VAL RB 55 -44.40 -19.72 -46.45
CA VAL RB 55 -43.74 -18.49 -46.90
C VAL RB 55 -43.04 -18.80 -48.21
N PRO RB 56 -43.38 -18.14 -49.31
CA PRO RB 56 -42.71 -18.40 -50.58
C PRO RB 56 -41.38 -17.66 -50.70
N VAL RB 57 -40.41 -18.32 -51.33
CA VAL RB 57 -39.11 -17.70 -51.55
C VAL RB 57 -39.25 -16.46 -52.43
N GLY RB 58 -40.14 -16.53 -53.41
CA GLY RB 58 -40.34 -15.44 -54.36
C GLY RB 58 -40.55 -14.08 -53.72
N SER RB 59 -41.03 -14.07 -52.46
CA SER RB 59 -41.17 -12.81 -51.74
C SER RB 59 -39.84 -12.09 -51.57
N LEU RB 60 -38.72 -12.79 -51.70
CA LEU RB 60 -37.42 -12.17 -51.52
C LEU RB 60 -36.94 -11.42 -52.75
N PHE RB 61 -37.49 -11.71 -53.93
CA PHE RB 61 -37.12 -11.04 -55.17
C PHE RB 61 -38.14 -9.94 -55.44
N SER RB 62 -37.71 -8.68 -55.32
CA SER RB 62 -38.61 -7.54 -55.48
C SER RB 62 -37.76 -6.29 -55.63
N ALA RB 63 -38.25 -5.35 -56.45
CA ALA RB 63 -37.58 -4.07 -56.58
C ALA RB 63 -37.58 -3.29 -55.28
N ASN RB 64 -38.48 -3.62 -54.35
CA ASN RB 64 -38.51 -2.98 -53.05
C ASN RB 64 -37.34 -3.38 -52.17
N PHE RB 65 -36.59 -4.41 -52.56
CA PHE RB 65 -35.37 -4.82 -51.87
C PHE RB 65 -34.14 -4.69 -52.76
N ARG RB 66 -34.27 -4.05 -53.92
CA ARG RB 66 -33.21 -3.98 -54.93
C ARG RB 66 -32.77 -5.38 -55.39
N THR RB 67 -33.69 -6.35 -55.35
CA THR RB 67 -33.31 -7.73 -55.61
C THR RB 67 -34.02 -8.34 -56.82
N ASP RB 68 -34.72 -7.54 -57.62
CA ASP RB 68 -35.51 -8.11 -58.71
C ASP RB 68 -34.66 -8.74 -59.80
N SER RB 69 -33.35 -8.47 -59.83
CA SER RB 69 -32.49 -9.05 -60.86
C SER RB 69 -31.96 -10.43 -60.50
N PHE RB 70 -32.21 -10.91 -59.29
CA PHE RB 70 -31.79 -12.24 -58.90
C PHE RB 70 -32.90 -13.25 -59.16
N THR RB 71 -32.50 -14.50 -59.40
CA THR RB 71 -33.44 -15.60 -59.55
C THR RB 71 -33.22 -16.72 -58.55
N SER RB 72 -32.11 -16.73 -57.83
CA SER RB 72 -31.84 -17.72 -56.80
C SER RB 72 -31.34 -17.03 -55.54
N VAL RB 73 -31.43 -17.75 -54.42
CA VAL RB 73 -31.00 -17.21 -53.13
C VAL RB 73 -30.68 -18.39 -52.24
N THR RB 74 -29.69 -18.20 -51.36
CA THR RB 74 -29.34 -19.18 -50.35
C THR RB 74 -29.70 -18.60 -48.99
N VAL RB 75 -30.73 -19.18 -48.36
CA VAL RB 75 -31.18 -18.71 -47.05
C VAL RB 75 -30.25 -19.26 -46.00
N MET RB 76 -29.83 -18.40 -45.06
CA MET RB 76 -28.98 -18.80 -43.95
C MET RB 76 -29.73 -18.88 -42.63
N SER RB 77 -30.51 -17.85 -42.28
CA SER RB 77 -31.31 -17.89 -41.07
C SER RB 77 -32.62 -17.16 -41.28
N VAL RB 78 -33.61 -17.52 -40.46
CA VAL RB 78 -34.95 -16.95 -40.51
C VAL RB 78 -35.31 -16.50 -39.10
N ARG RB 79 -35.82 -15.28 -38.98
CA ARG RB 79 -36.30 -14.76 -37.71
C ARG RB 79 -37.67 -14.14 -37.94
N ALA RB 80 -38.58 -14.35 -36.99
CA ALA RB 80 -39.96 -13.91 -37.13
C ALA RB 80 -40.42 -13.21 -35.85
N TRP RB 81 -41.13 -12.10 -36.04
CA TRP RB 81 -41.80 -11.38 -34.97
C TRP RB 81 -43.27 -11.25 -35.29
N THR RB 82 -44.12 -11.34 -34.28
CA THR RB 82 -45.52 -10.99 -34.48
C THR RB 82 -45.61 -9.50 -34.77
N GLN RB 83 -46.56 -9.15 -35.65
CA GLN RB 83 -46.63 -7.81 -36.22
C GLN RB 83 -47.89 -7.05 -35.82
N LEU RB 84 -48.90 -7.72 -35.28
CA LEU RB 84 -50.10 -7.08 -34.75
C LEU RB 84 -50.38 -7.64 -33.36
N THR RB 85 -51.32 -7.00 -32.66
CA THR RB 85 -51.64 -7.40 -31.30
C THR RB 85 -52.32 -8.76 -31.28
N PRO RB 86 -52.24 -9.49 -30.18
CA PRO RB 86 -52.86 -10.81 -30.10
C PRO RB 86 -54.35 -10.69 -29.81
N PRO RB 87 -55.09 -11.80 -29.83
CA PRO RB 87 -56.49 -11.75 -29.40
C PRO RB 87 -56.61 -11.33 -27.94
N VAL RB 88 -57.81 -10.89 -27.58
CA VAL RB 88 -58.09 -10.50 -26.21
C VAL RB 88 -57.78 -11.64 -25.26
N ASN RB 89 -57.11 -11.32 -24.15
CA ASN RB 89 -56.73 -12.18 -23.03
C ASN RB 89 -55.48 -13.01 -23.34
N GLU RB 90 -54.98 -13.04 -24.57
CA GLU RB 90 -53.89 -13.94 -24.94
C GLU RB 90 -52.55 -13.20 -24.98
N TYR RB 91 -51.48 -13.99 -24.92
CA TYR RB 91 -50.14 -13.50 -25.22
C TYR RB 91 -49.76 -13.94 -26.62
N SER RB 92 -49.02 -13.11 -27.33
CA SER RB 92 -48.61 -13.44 -28.69
C SER RB 92 -47.73 -14.68 -28.71
N PHE RB 93 -47.86 -15.47 -29.76
CA PHE RB 93 -46.91 -16.54 -30.04
C PHE RB 93 -46.69 -16.63 -31.54
N VAL RB 94 -45.54 -17.17 -31.93
CA VAL RB 94 -45.24 -17.45 -33.32
C VAL RB 94 -44.48 -18.77 -33.39
N ARG RB 95 -44.77 -19.57 -34.41
CA ARG RB 95 -44.11 -20.86 -34.63
C ARG RB 95 -43.53 -20.91 -36.03
N LEU RB 96 -42.37 -21.54 -36.16
CA LEU RB 96 -41.68 -21.67 -37.43
C LEU RB 96 -41.33 -23.13 -37.68
N LYS RB 97 -41.79 -23.68 -38.80
CA LYS RB 97 -41.43 -25.03 -39.20
C LYS RB 97 -40.59 -24.97 -40.47
N PRO RB 98 -39.32 -25.36 -40.44
CA PRO RB 98 -38.48 -25.24 -41.64
C PRO RB 98 -38.90 -26.21 -42.73
N LEU RB 99 -38.88 -25.73 -43.97
CA LEU RB 99 -39.15 -26.54 -45.14
C LEU RB 99 -37.91 -26.62 -46.02
N PHE RB 100 -37.75 -27.75 -46.70
CA PHE RB 100 -36.59 -27.99 -47.55
C PHE RB 100 -37.01 -28.83 -48.75
N LYS RB 101 -36.39 -28.53 -49.91
CA LYS RB 101 -36.73 -29.24 -51.13
C LYS RB 101 -36.43 -30.73 -51.02
N THR RB 102 -35.42 -31.12 -50.26
CA THR RB 102 -35.05 -32.52 -50.13
C THR RB 102 -35.80 -33.25 -49.02
N GLY RB 103 -36.61 -32.54 -48.24
CA GLY RB 103 -37.38 -33.16 -47.17
C GLY RB 103 -37.74 -32.20 -46.06
N ASP RB 104 -39.02 -32.10 -45.72
CA ASP RB 104 -39.49 -31.10 -44.77
C ASP RB 104 -39.18 -31.51 -43.33
N SER RB 105 -38.94 -30.51 -42.50
CA SER RB 105 -38.74 -30.71 -41.07
C SER RB 105 -40.09 -30.75 -40.35
N THR RB 106 -40.07 -31.28 -39.13
CA THR RB 106 -41.25 -31.27 -38.26
C THR RB 106 -40.97 -30.58 -36.93
N GLU RB 107 -39.85 -29.88 -36.80
CA GLU RB 107 -39.65 -29.00 -35.66
C GLU RB 107 -40.64 -27.85 -35.71
N GLU RB 108 -41.04 -27.37 -34.53
CA GLU RB 108 -41.91 -26.22 -34.41
C GLU RB 108 -41.31 -25.26 -33.38
N PHE RB 109 -40.24 -24.57 -33.78
CA PHE RB 109 -39.64 -23.55 -32.93
C PHE RB 109 -40.66 -22.47 -32.62
N GLU RB 110 -40.80 -22.13 -31.34
CA GLU RB 110 -41.88 -21.27 -30.90
C GLU RB 110 -41.39 -20.23 -29.90
N GLY RB 111 -41.86 -19.01 -30.07
CA GLY RB 111 -41.66 -17.95 -29.09
C GLY RB 111 -43.00 -17.42 -28.62
N ARG RB 112 -43.07 -17.09 -27.34
CA ARG RB 112 -44.25 -16.46 -26.76
C ARG RB 112 -43.84 -15.20 -26.00
N ALA RB 113 -44.73 -14.21 -25.98
CA ALA RB 113 -44.46 -13.01 -25.22
C ALA RB 113 -44.77 -13.24 -23.74
N SER RB 114 -44.03 -12.54 -22.89
CA SER RB 114 -44.30 -12.55 -21.45
C SER RB 114 -45.06 -11.32 -21.01
N ASN RB 115 -45.38 -10.41 -21.94
CA ASN RB 115 -46.16 -9.21 -21.69
C ASN RB 115 -47.09 -9.02 -22.88
N ILE RB 116 -48.39 -8.88 -22.61
CA ILE RB 116 -49.38 -8.91 -23.69
C ILE RB 116 -49.13 -7.83 -24.73
N ASN RB 117 -48.52 -6.72 -24.33
CA ASN RB 117 -48.29 -5.60 -25.22
C ASN RB 117 -47.02 -5.74 -26.03
N THR RB 118 -46.39 -6.92 -26.01
CA THR RB 118 -45.07 -7.11 -26.58
C THR RB 118 -45.09 -8.17 -27.68
N ARG RB 119 -44.23 -7.99 -28.68
CA ARG RB 119 -44.06 -8.98 -29.73
C ARG RB 119 -43.50 -10.28 -29.18
N ALA RB 120 -43.93 -11.38 -29.77
CA ALA RB 120 -43.26 -12.67 -29.61
C ALA RB 120 -42.31 -12.84 -30.78
N SER RB 121 -41.27 -13.65 -30.57
CA SER RB 121 -40.24 -13.81 -31.59
C SER RB 121 -39.58 -15.16 -31.45
N VAL RB 122 -39.10 -15.68 -32.59
CA VAL RB 122 -38.30 -16.89 -32.63
C VAL RB 122 -37.55 -16.89 -33.95
N GLY RB 123 -36.53 -17.74 -34.05
CA GLY RB 123 -35.80 -17.87 -35.29
C GLY RB 123 -35.10 -19.22 -35.32
N TYR RB 124 -34.61 -19.57 -36.52
CA TYR RB 124 -33.84 -20.79 -36.67
C TYR RB 124 -32.76 -20.59 -37.71
N ARG RB 125 -31.66 -21.32 -37.54
CA ARG RB 125 -30.52 -21.25 -38.43
C ARG RB 125 -30.47 -22.49 -39.32
N ILE RB 126 -30.14 -22.29 -40.59
CA ILE RB 126 -29.99 -23.40 -41.52
C ILE RB 126 -28.53 -23.86 -41.52
N PRO RB 127 -28.26 -25.15 -41.34
CA PRO RB 127 -26.88 -25.62 -41.33
C PRO RB 127 -26.26 -25.64 -42.72
N THR RB 128 -24.92 -25.69 -42.73
CA THR RB 128 -24.18 -25.55 -43.97
C THR RB 128 -24.58 -26.60 -44.99
N ASN RB 129 -24.74 -27.85 -44.55
CA ASN RB 129 -25.08 -28.94 -45.46
C ASN RB 129 -26.44 -28.76 -46.13
N LEU RB 130 -27.23 -27.77 -45.72
CA LEU RB 130 -28.55 -27.56 -46.29
C LEU RB 130 -28.70 -26.20 -46.98
N ARG RB 131 -27.62 -25.43 -47.11
CA ARG RB 131 -27.67 -24.12 -47.73
C ARG RB 131 -27.45 -24.24 -49.24
N GLN RB 132 -28.41 -24.89 -49.89
CA GLN RB 132 -28.43 -24.90 -51.34
C GLN RB 132 -29.30 -23.75 -51.83
N ASN RB 133 -29.38 -23.57 -53.15
CA ASN RB 133 -30.18 -22.49 -53.67
C ASN RB 133 -31.66 -22.83 -53.63
N THR RB 134 -32.49 -21.80 -53.53
CA THR RB 134 -33.92 -21.90 -53.72
C THR RB 134 -34.33 -20.91 -54.79
N VAL RB 135 -35.45 -21.20 -55.44
CA VAL RB 135 -35.98 -20.32 -56.48
C VAL RB 135 -37.36 -19.83 -56.06
N ALA RB 136 -37.97 -18.98 -56.89
CA ALA RB 136 -39.20 -18.29 -56.49
C ALA RB 136 -40.31 -19.25 -56.08
N ALA RB 137 -40.39 -20.41 -56.74
CA ALA RB 137 -41.47 -21.35 -56.47
C ALA RB 137 -41.28 -22.15 -55.18
N ASP RB 138 -40.09 -22.13 -54.59
CA ASP RB 138 -39.85 -22.83 -53.35
C ASP RB 138 -40.48 -22.07 -52.17
N ASN RB 139 -40.55 -22.75 -51.04
CA ASN RB 139 -40.99 -22.16 -49.78
C ASN RB 139 -39.87 -22.23 -48.76
N VAL RB 140 -39.86 -21.29 -47.82
CA VAL RB 140 -38.84 -21.27 -46.78
C VAL RB 140 -39.30 -22.02 -45.54
N CYS RB 141 -40.51 -21.75 -45.06
CA CYS RB 141 -40.96 -22.27 -43.78
C CYS RB 141 -42.47 -22.09 -43.67
N GLU RB 142 -43.03 -22.69 -42.63
CA GLU RB 142 -44.43 -22.49 -42.25
C GLU RB 142 -44.51 -21.60 -41.02
N VAL RB 143 -45.42 -20.63 -41.05
CA VAL RB 143 -45.65 -19.71 -39.95
C VAL RB 143 -47.00 -20.04 -39.32
N ARG RB 144 -47.03 -20.11 -37.99
CA ARG RB 144 -48.26 -20.19 -37.24
C ARG RB 144 -48.22 -19.13 -36.15
N SER RB 145 -49.36 -18.47 -35.93
CA SER RB 145 -49.41 -17.39 -34.97
C SER RB 145 -50.86 -17.17 -34.56
N ASN RB 146 -51.05 -16.57 -33.38
CA ASN RB 146 -52.35 -16.07 -32.99
C ASN RB 146 -52.56 -14.61 -33.37
N CYS RB 147 -51.52 -13.95 -33.89
CA CYS RB 147 -51.64 -12.61 -34.43
C CYS RB 147 -51.84 -12.67 -35.94
N ARG RB 148 -52.57 -11.70 -36.47
CA ARG RB 148 -52.97 -11.73 -37.87
C ARG RB 148 -51.85 -11.37 -38.84
N GLN RB 149 -50.68 -11.00 -38.35
CA GLN RB 149 -49.57 -10.65 -39.23
C GLN RB 149 -48.25 -10.95 -38.53
N VAL RB 150 -47.28 -11.40 -39.32
CA VAL RB 150 -45.97 -11.78 -38.83
C VAL RB 150 -44.91 -11.06 -39.66
N ALA RB 151 -43.95 -10.44 -38.99
CA ALA RB 151 -42.84 -9.76 -39.65
C ALA RB 151 -41.63 -10.68 -39.66
N LEU RB 152 -41.08 -10.93 -40.86
CA LEU RB 152 -39.92 -11.78 -41.00
C LEU RB 152 -38.70 -10.95 -41.42
N VAL RB 153 -37.54 -11.35 -40.90
CA VAL RB 153 -36.25 -10.85 -41.38
C VAL RB 153 -35.41 -12.07 -41.73
N ILE RB 154 -35.02 -12.20 -42.99
CA ILE RB 154 -34.34 -13.38 -43.48
C ILE RB 154 -32.95 -12.99 -43.94
N SER RB 155 -31.93 -13.61 -43.34
CA SER RB 155 -30.54 -13.42 -43.75
C SER RB 155 -30.24 -14.40 -44.87
N CYS RB 156 -29.69 -13.89 -45.97
CA CYS RB 156 -29.54 -14.73 -47.16
C CYS RB 156 -28.49 -14.16 -48.10
N CYS RB 157 -28.04 -15.00 -49.02
CA CYS RB 157 -27.04 -14.65 -50.03
C CYS RB 157 -27.71 -14.74 -51.40
N PHE RB 158 -27.96 -13.57 -52.01
CA PHE RB 158 -28.45 -13.56 -53.38
C PHE RB 158 -27.31 -13.87 -54.34
N ASN RB 159 -27.59 -14.72 -55.31
CA ASN RB 159 -26.59 -15.09 -56.31
C ASN RB 159 -27.27 -15.45 -57.62
N ASN SB 16 -19.31 -29.63 -37.30
CA ASN SB 16 -20.30 -28.57 -37.20
C ASN SB 16 -21.71 -29.16 -37.18
N SER SB 17 -22.71 -28.30 -37.02
CA SER SB 17 -24.09 -28.77 -36.91
C SER SB 17 -24.62 -29.21 -38.27
N ASN SB 18 -25.43 -30.26 -38.26
CA ASN SB 18 -26.04 -30.81 -39.47
C ASN SB 18 -27.54 -30.60 -39.53
N VAL SB 19 -28.14 -29.99 -38.52
CA VAL SB 19 -29.59 -29.81 -38.47
C VAL SB 19 -29.90 -28.35 -38.18
N VAL SB 20 -31.17 -27.98 -38.46
CA VAL SB 20 -31.67 -26.68 -38.09
C VAL SB 20 -31.63 -26.51 -36.57
N THR SB 21 -31.21 -25.33 -36.12
CA THR SB 21 -31.14 -25.04 -34.70
C THR SB 21 -31.83 -23.72 -34.41
N MET SB 22 -32.26 -23.56 -33.15
CA MET SB 22 -33.07 -22.42 -32.74
C MET SB 22 -32.21 -21.18 -32.52
N ILE SB 23 -32.75 -20.03 -32.92
CA ILE SB 23 -32.20 -18.72 -32.57
C ILE SB 23 -33.09 -18.12 -31.51
N ARG SB 24 -32.47 -17.56 -30.46
CA ARG SB 24 -33.22 -16.87 -29.41
C ARG SB 24 -33.23 -15.38 -29.74
N ALA SB 25 -34.07 -15.02 -30.72
CA ALA SB 25 -34.19 -13.64 -31.13
C ALA SB 25 -34.88 -12.81 -30.05
N GLY SB 26 -34.63 -11.50 -30.09
CA GLY SB 26 -35.22 -10.61 -29.13
C GLY SB 26 -36.12 -9.57 -29.75
N SER SB 27 -35.87 -8.30 -29.45
CA SER SB 27 -36.69 -7.23 -29.99
C SER SB 27 -36.51 -7.12 -31.49
N TYR SB 28 -37.51 -6.53 -32.13
CA TYR SB 28 -37.43 -6.32 -33.57
C TYR SB 28 -36.28 -5.37 -33.88
N PRO SB 29 -35.35 -5.74 -34.76
CA PRO SB 29 -34.17 -4.91 -34.99
C PRO SB 29 -34.48 -3.71 -35.87
N LYS SB 30 -33.52 -2.81 -35.93
CA LYS SB 30 -33.55 -1.79 -36.97
C LYS SB 30 -33.34 -2.48 -38.31
N VAL SB 31 -34.06 -2.04 -39.34
CA VAL SB 31 -34.01 -2.67 -40.64
C VAL SB 31 -33.89 -1.62 -41.73
N ASN SB 32 -33.52 -2.07 -42.91
CA ASN SB 32 -33.42 -1.22 -44.09
C ASN SB 32 -33.56 -2.09 -45.33
N PRO SB 33 -34.68 -1.99 -46.04
CA PRO SB 33 -34.89 -2.83 -47.23
C PRO SB 33 -34.12 -2.40 -48.45
N THR SB 34 -33.50 -1.21 -48.43
CA THR SB 34 -32.84 -0.64 -49.60
C THR SB 34 -31.46 -0.10 -49.21
N PRO SB 35 -30.50 -0.98 -48.91
CA PRO SB 35 -29.20 -0.51 -48.44
C PRO SB 35 -28.31 0.07 -49.54
N THR SB 36 -27.14 0.57 -49.13
CA THR SB 36 -26.12 1.05 -50.04
C THR SB 36 -25.33 -0.13 -50.61
N TRP SB 37 -24.52 0.16 -51.62
CA TRP SB 37 -23.75 -0.90 -52.29
C TRP SB 37 -22.46 -0.30 -52.85
N VAL SB 38 -21.33 -0.80 -52.35
CA VAL SB 38 -20.02 -0.45 -52.89
C VAL SB 38 -19.71 -1.37 -54.06
N ARG SB 39 -19.42 -0.79 -55.22
CA ARG SB 39 -19.35 -1.57 -56.44
C ARG SB 39 -18.19 -1.08 -57.31
N ALA SB 40 -17.77 -1.96 -58.22
CA ALA SB 40 -16.90 -1.62 -59.34
C ALA SB 40 -17.67 -1.95 -60.61
N ILE SB 41 -18.06 -0.93 -61.36
CA ILE SB 41 -18.94 -1.10 -62.52
C ILE SB 41 -18.07 -1.09 -63.78
N PRO SB 42 -18.11 -2.15 -64.60
CA PRO SB 42 -17.44 -2.09 -65.90
C PRO SB 42 -18.40 -1.74 -67.03
N PHE SB 43 -18.01 -0.84 -67.92
CA PHE SB 43 -18.80 -0.56 -69.11
C PHE SB 43 -17.89 0.11 -70.13
N GLU SB 44 -18.34 0.11 -71.39
CA GLU SB 44 -17.55 0.63 -72.49
C GLU SB 44 -18.25 1.84 -73.11
N VAL SB 45 -17.45 2.70 -73.73
CA VAL SB 45 -17.95 3.89 -74.41
C VAL SB 45 -17.25 4.01 -75.76
N SER SB 46 -17.97 4.54 -76.73
CA SER SB 46 -17.41 4.79 -78.05
C SER SB 46 -16.79 6.19 -78.11
N VAL SB 47 -15.64 6.28 -78.75
CA VAL SB 47 -14.86 7.52 -78.80
C VAL SB 47 -14.51 7.81 -80.24
N GLN SB 48 -14.64 9.08 -80.64
CA GLN SB 48 -14.19 9.54 -81.96
C GLN SB 48 -12.79 10.13 -81.84
N SER SB 49 -12.03 10.03 -82.93
CA SER SB 49 -10.67 10.56 -82.94
C SER SB 49 -10.70 12.08 -82.79
N GLY SB 50 -9.83 12.59 -81.90
CA GLY SB 50 -9.70 14.02 -81.72
C GLY SB 50 -10.85 14.70 -81.01
N ILE SB 51 -11.86 13.96 -80.56
CA ILE SB 51 -13.04 14.53 -79.93
C ILE SB 51 -13.19 13.92 -78.54
N ALA SB 52 -13.32 14.79 -77.54
CA ALA SB 52 -13.52 14.31 -76.19
C ALA SB 52 -14.96 13.81 -76.02
N PHE SB 53 -15.11 12.70 -75.30
CA PHE SB 53 -16.41 12.14 -74.98
C PHE SB 53 -16.67 12.29 -73.48
N LYS SB 54 -17.78 12.91 -73.14
CA LYS SB 54 -18.18 13.11 -71.75
C LYS SB 54 -18.95 11.88 -71.27
N VAL SB 55 -18.44 11.23 -70.24
CA VAL SB 55 -19.05 10.01 -69.70
C VAL SB 55 -20.20 10.38 -68.76
N PRO SB 56 -21.43 10.01 -69.09
CA PRO SB 56 -22.56 10.34 -68.20
C PRO SB 56 -22.66 9.38 -67.03
N VAL SB 57 -22.92 9.96 -65.85
CA VAL SB 57 -23.12 9.16 -64.65
C VAL SB 57 -24.25 8.15 -64.85
N GLY SB 58 -25.30 8.56 -65.57
CA GLY SB 58 -26.45 7.71 -65.82
C GLY SB 58 -26.12 6.33 -66.35
N SER SB 59 -24.93 6.18 -66.94
CA SER SB 59 -24.48 4.88 -67.43
C SER SB 59 -24.32 3.87 -66.29
N LEU SB 60 -24.21 4.33 -65.05
CA LEU SB 60 -24.03 3.42 -63.93
C LEU SB 60 -25.34 2.86 -63.38
N PHE SB 61 -26.48 3.42 -63.78
CA PHE SB 61 -27.79 2.94 -63.34
C PHE SB 61 -28.39 2.07 -64.44
N SER SB 62 -28.29 0.76 -64.28
CA SER SB 62 -28.82 -0.16 -65.27
C SER SB 62 -29.15 -1.49 -64.62
N ALA SB 63 -30.15 -2.18 -65.17
CA ALA SB 63 -30.46 -3.52 -64.72
C ALA SB 63 -29.32 -4.49 -64.98
N ASN SB 64 -28.42 -4.15 -65.91
CA ASN SB 64 -27.25 -4.98 -66.20
C ASN SB 64 -26.22 -4.97 -65.08
N PHE SB 65 -26.30 -4.02 -64.15
CA PHE SB 65 -25.40 -3.96 -63.01
C PHE SB 65 -26.13 -4.18 -61.69
N ARG SB 66 -27.40 -4.57 -61.74
CA ARG SB 66 -28.28 -4.64 -60.57
C ARG SB 66 -28.41 -3.30 -59.86
N THR SB 67 -28.31 -2.19 -60.60
CA THR SB 67 -28.30 -0.87 -59.98
C THR SB 67 -29.46 0.02 -60.38
N ASP SB 68 -30.45 -0.50 -61.12
CA ASP SB 68 -31.50 0.37 -61.65
C ASP SB 68 -32.38 0.98 -60.58
N SER SB 69 -32.32 0.51 -59.33
CA SER SB 69 -33.13 1.07 -58.27
C SER SB 69 -32.48 2.27 -57.58
N PHE SB 70 -31.23 2.57 -57.88
CA PHE SB 70 -30.58 3.75 -57.34
C PHE SB 70 -30.81 4.94 -58.25
N THR SB 71 -30.79 6.14 -57.66
CA THR SB 71 -30.86 7.39 -58.41
C THR SB 71 -29.69 8.31 -58.13
N SER SB 72 -28.82 7.98 -57.17
CA SER SB 72 -27.63 8.75 -56.88
C SER SB 72 -26.47 7.78 -56.70
N VAL SB 73 -25.25 8.33 -56.75
CA VAL SB 73 -24.05 7.52 -56.60
C VAL SB 73 -22.89 8.44 -56.21
N THR SB 74 -21.99 7.93 -55.39
CA THR SB 74 -20.77 8.62 -55.03
C THR SB 74 -19.59 7.90 -55.69
N VAL SB 75 -18.93 8.57 -56.62
CA VAL SB 75 -17.83 7.98 -57.37
C VAL SB 75 -16.53 8.18 -56.60
N MET SB 76 -15.80 7.09 -56.37
CA MET SB 76 -14.53 7.16 -55.66
C MET SB 76 -13.32 7.18 -56.59
N SER SB 77 -13.28 6.33 -57.62
CA SER SB 77 -12.14 6.34 -58.53
C SER SB 77 -12.58 5.85 -59.90
N VAL SB 78 -11.83 6.27 -60.92
CA VAL SB 78 -12.11 5.97 -62.32
C VAL SB 78 -10.85 5.40 -62.95
N ARG SB 79 -10.98 4.24 -63.59
CA ARG SB 79 -9.90 3.64 -64.37
CA ARG SB 79 -9.90 3.64 -64.37
C ARG SB 79 -10.40 3.35 -65.77
N ALA SB 80 -9.52 3.52 -66.75
CA ALA SB 80 -9.91 3.35 -68.15
C ALA SB 80 -8.84 2.60 -68.92
N TRP SB 81 -9.29 1.69 -69.78
CA TRP SB 81 -8.44 0.95 -70.69
C TRP SB 81 -8.94 1.14 -72.12
N THR SB 82 -8.01 1.17 -73.08
CA THR SB 82 -8.45 1.09 -74.47
C THR SB 82 -8.99 -0.30 -74.74
N GLN SB 83 -10.05 -0.35 -75.55
CA GLN SB 83 -10.85 -1.56 -75.73
C GLN SB 83 -10.77 -2.14 -77.14
N LEU SB 84 -10.30 -1.35 -78.11
CA LEU SB 84 -10.02 -1.83 -79.46
C LEU SB 84 -8.59 -1.43 -79.82
N THR SB 85 -8.12 -1.93 -80.96
CA THR SB 85 -6.76 -1.69 -81.38
C THR SB 85 -6.57 -0.26 -81.89
N PRO SB 86 -5.35 0.27 -81.82
CA PRO SB 86 -5.11 1.65 -82.25
C PRO SB 86 -5.02 1.74 -83.77
N PRO SB 87 -4.88 2.95 -84.31
CA PRO SB 87 -4.58 3.08 -85.74
C PRO SB 87 -3.27 2.37 -86.08
N VAL SB 88 -3.11 2.07 -87.37
CA VAL SB 88 -1.87 1.43 -87.81
C VAL SB 88 -0.70 2.38 -87.56
N ASN SB 89 0.42 1.81 -87.10
CA ASN SB 89 1.69 2.44 -86.77
C ASN SB 89 1.70 3.11 -85.39
N GLU SB 90 0.59 3.12 -84.66
CA GLU SB 90 0.52 3.84 -83.40
C GLU SB 90 0.40 2.89 -82.22
N TYR SB 91 0.83 3.36 -81.06
CA TYR SB 91 0.52 2.72 -79.79
C TYR SB 91 -0.73 3.35 -79.22
N SER SB 92 -1.50 2.56 -78.46
CA SER SB 92 -2.73 3.07 -77.87
C SER SB 92 -2.42 4.12 -76.80
N PHE SB 93 -3.34 5.07 -76.65
CA PHE SB 93 -3.28 6.00 -75.53
C PHE SB 93 -4.70 6.35 -75.10
N VAL SB 94 -4.82 6.78 -73.84
CA VAL SB 94 -6.09 7.18 -73.29
C VAL SB 94 -5.83 8.29 -72.28
N ARG SB 95 -6.63 9.37 -72.36
CA ARG SB 95 -6.57 10.48 -71.41
C ARG SB 95 -7.87 10.59 -70.65
N LEU SB 96 -7.77 11.01 -69.38
CA LEU SB 96 -8.94 11.27 -68.56
C LEU SB 96 -8.86 12.69 -68.03
N LYS SB 97 -9.96 13.44 -68.20
CA LYS SB 97 -10.10 14.74 -67.57
C LYS SB 97 -11.24 14.67 -66.56
N PRO SB 98 -10.98 14.87 -65.28
CA PRO SB 98 -12.07 14.79 -64.29
C PRO SB 98 -13.00 15.99 -64.39
N LEU SB 99 -14.30 15.71 -64.22
CA LEU SB 99 -15.34 16.73 -64.24
C LEU SB 99 -16.04 16.78 -62.89
N PHE SB 100 -16.50 17.97 -62.52
CA PHE SB 100 -17.19 18.15 -61.24
C PHE SB 100 -18.26 19.22 -61.37
N LYS SB 101 -19.36 19.02 -60.63
CA LYS SB 101 -20.44 20.00 -60.65
C LYS SB 101 -20.02 21.34 -60.07
N THR SB 102 -19.11 21.34 -59.09
CA THR SB 102 -18.64 22.59 -58.51
C THR SB 102 -17.51 23.23 -59.30
N GLY SB 103 -17.00 22.57 -60.33
CA GLY SB 103 -15.92 23.11 -61.12
C GLY SB 103 -15.08 22.04 -61.77
N ASP SB 104 -14.86 22.13 -63.09
CA ASP SB 104 -14.19 21.08 -63.83
C ASP SB 104 -12.67 21.21 -63.73
N SER SB 105 -12.01 20.07 -63.69
CA SER SB 105 -10.55 20.04 -63.70
C SER SB 105 -10.02 20.29 -65.10
N THR SB 106 -8.74 20.62 -65.17
CA THR SB 106 -8.03 20.69 -66.44
C THR SB 106 -6.88 19.69 -66.51
N GLU SB 107 -6.83 18.74 -65.57
CA GLU SB 107 -5.85 17.67 -65.65
C GLU SB 107 -6.16 16.76 -66.83
N GLU SB 108 -5.11 16.21 -67.43
CA GLU SB 108 -5.25 15.26 -68.53
C GLU SB 108 -4.36 14.06 -68.21
N PHE SB 109 -4.76 13.28 -67.20
CA PHE SB 109 -4.06 12.04 -66.89
C PHE SB 109 -4.04 11.14 -68.11
N GLU SB 110 -2.85 10.69 -68.50
CA GLU SB 110 -2.67 10.00 -69.77
C GLU SB 110 -1.85 8.74 -69.58
N GLY SB 111 -2.30 7.66 -70.19
CA GLY SB 111 -1.54 6.42 -70.25
C GLY SB 111 -1.31 6.01 -71.68
N ARG SB 112 -0.10 5.55 -71.97
CA ARG SB 112 0.26 5.06 -73.29
C ARG SB 112 0.72 3.60 -73.19
N ALA SB 113 0.56 2.89 -74.30
CA ALA SB 113 1.03 1.52 -74.39
C ALA SB 113 2.47 1.52 -74.88
N SER SB 114 3.22 0.51 -74.46
CA SER SB 114 4.58 0.32 -74.93
C SER SB 114 4.72 -0.89 -75.86
N ASN SB 115 3.60 -1.56 -76.15
CA ASN SB 115 3.53 -2.63 -77.13
C ASN SB 115 2.28 -2.35 -77.96
N ILE SB 116 2.40 -2.36 -79.29
CA ILE SB 116 1.26 -1.96 -80.11
C ILE SB 116 0.07 -2.85 -79.87
N ASN SB 117 0.32 -4.11 -79.50
CA ASN SB 117 -0.75 -5.08 -79.31
C ASN SB 117 -1.37 -5.01 -77.91
N THR SB 118 -1.01 -4.01 -77.10
CA THR SB 118 -1.38 -3.99 -75.68
C THR SB 118 -2.23 -2.76 -75.38
N ARG SB 119 -3.20 -2.93 -74.48
CA ARG SB 119 -4.04 -1.83 -74.03
C ARG SB 119 -3.21 -0.75 -73.34
N ALA SB 120 -3.67 0.48 -73.46
CA ALA SB 120 -3.21 1.58 -72.61
C ALA SB 120 -4.19 1.75 -71.46
N SER SB 121 -3.69 2.26 -70.33
CA SER SB 121 -4.55 2.40 -69.17
C SER SB 121 -4.07 3.56 -68.32
N VAL SB 122 -5.04 4.18 -67.63
CA VAL SB 122 -4.77 5.25 -66.69
C VAL SB 122 -5.99 5.38 -65.79
N GLY SB 123 -5.80 5.92 -64.60
CA GLY SB 123 -6.90 6.17 -63.71
C GLY SB 123 -6.62 7.38 -62.84
N TYR SB 124 -7.66 7.82 -62.14
CA TYR SB 124 -7.49 8.87 -61.14
C TYR SB 124 -8.42 8.61 -59.97
N ARG SB 125 -8.01 9.10 -58.80
CA ARG SB 125 -8.78 8.98 -57.58
C ARG SB 125 -9.40 10.32 -57.23
N ILE SB 126 -10.65 10.29 -56.74
CA ILE SB 126 -11.33 11.50 -56.29
C ILE SB 126 -11.09 11.69 -54.80
N PRO SB 127 -10.62 12.85 -54.36
CA PRO SB 127 -10.38 13.04 -52.93
C PRO SB 127 -11.68 13.11 -52.15
N THR SB 128 -11.56 12.94 -50.84
CA THR SB 128 -12.74 12.86 -49.98
C THR SB 128 -13.59 14.12 -50.09
N ASN SB 129 -12.96 15.29 -50.07
CA ASN SB 129 -13.69 16.55 -50.11
C ASN SB 129 -14.51 16.75 -51.37
N LEU SB 130 -14.26 15.96 -52.42
CA LEU SB 130 -15.02 16.08 -53.65
C LEU SB 130 -15.98 14.91 -53.87
N ARG SB 131 -16.13 14.03 -52.89
CA ARG SB 131 -17.00 12.86 -53.02
C ARG SB 131 -18.40 13.19 -52.54
N GLN SB 132 -19.10 13.96 -53.36
CA GLN SB 132 -20.53 14.19 -53.17
C GLN SB 132 -21.31 13.27 -54.11
N ASN SB 133 -22.63 13.34 -54.02
CA ASN SB 133 -23.47 12.50 -54.87
C ASN SB 133 -23.55 13.08 -56.27
N THR SB 134 -23.78 12.20 -57.24
CA THR SB 134 -24.09 12.60 -58.60
C THR SB 134 -25.35 11.86 -59.05
N VAL SB 135 -26.03 12.44 -60.03
CA VAL SB 135 -27.26 11.86 -60.56
C VAL SB 135 -27.09 11.64 -62.06
N ALA SB 136 -28.11 11.07 -62.71
CA ALA SB 136 -27.97 10.61 -64.08
C ALA SB 136 -27.55 11.73 -65.03
N ALA SB 137 -28.05 12.94 -64.82
CA ALA SB 137 -27.75 14.03 -65.73
C ALA SB 137 -26.33 14.56 -65.59
N ASP SB 138 -25.57 14.09 -64.61
CA ASP SB 138 -24.21 14.57 -64.39
C ASP SB 138 -23.22 13.79 -65.24
N ASN SB 139 -21.98 14.26 -65.24
CA ASN SB 139 -20.91 13.65 -66.02
C ASN SB 139 -19.73 13.31 -65.12
N VAL SB 140 -19.08 12.18 -65.39
CA VAL SB 140 -17.95 11.75 -64.58
C VAL SB 140 -16.66 12.41 -65.06
N CYS SB 141 -16.36 12.29 -66.35
CA CYS SB 141 -15.05 12.69 -66.87
C CYS SB 141 -15.14 12.81 -68.39
N GLU SB 142 -14.06 13.31 -68.97
CA GLU SB 142 -13.89 13.36 -70.43
C GLU SB 142 -12.87 12.31 -70.83
N VAL SB 143 -13.18 11.55 -71.88
CA VAL SB 143 -12.28 10.53 -72.41
C VAL SB 143 -11.78 10.97 -73.78
N ARG SB 144 -10.47 10.86 -73.98
CA ARG SB 144 -9.86 10.96 -75.30
C ARG SB 144 -9.01 9.72 -75.53
N SER SB 145 -8.93 9.29 -76.79
CA SER SB 145 -8.19 8.10 -77.16
C SER SB 145 -8.03 8.07 -78.67
N ASN SB 146 -6.99 7.38 -79.13
CA ASN SB 146 -6.88 7.05 -80.55
C ASN SB 146 -7.50 5.71 -80.88
N CYS SB 147 -8.11 5.04 -79.90
CA CYS SB 147 -8.87 3.82 -80.12
C CYS SB 147 -10.36 4.15 -80.05
N ARG SB 148 -11.15 3.40 -80.83
CA ARG SB 148 -12.54 3.77 -81.03
C ARG SB 148 -13.47 3.34 -79.90
N GLN SB 149 -12.98 2.54 -78.96
CA GLN SB 149 -13.75 2.22 -77.75
C GLN SB 149 -12.80 2.24 -76.55
N VAL SB 150 -13.30 2.72 -75.43
CA VAL SB 150 -12.57 2.73 -74.18
C VAL SB 150 -13.37 1.94 -73.15
N ALA SB 151 -12.70 1.09 -72.38
CA ALA SB 151 -13.32 0.29 -71.34
C ALA SB 151 -13.06 0.95 -69.98
N LEU SB 152 -14.13 1.26 -69.26
CA LEU SB 152 -14.05 1.92 -67.97
C LEU SB 152 -14.48 0.98 -66.86
N VAL SB 153 -13.76 1.05 -65.74
CA VAL SB 153 -14.17 0.42 -64.48
C VAL SB 153 -14.19 1.52 -63.43
N ILE SB 154 -15.35 1.70 -62.79
CA ILE SB 154 -15.56 2.81 -61.87
C ILE SB 154 -15.89 2.25 -60.50
N SER SB 155 -15.08 2.60 -59.51
CA SER SB 155 -15.37 2.28 -58.12
C SER SB 155 -16.29 3.35 -57.54
N CYS SB 156 -17.41 2.94 -56.96
CA CYS SB 156 -18.39 3.89 -56.49
C CYS SB 156 -19.24 3.27 -55.39
N CYS SB 157 -19.97 4.13 -54.70
CA CYS SB 157 -20.90 3.74 -53.65
C CYS SB 157 -22.29 4.17 -54.08
N PHE SB 158 -23.16 3.20 -54.36
CA PHE SB 158 -24.54 3.51 -54.67
C PHE SB 158 -25.32 3.77 -53.39
N ASN SB 159 -26.16 4.80 -53.43
CA ASN SB 159 -26.94 5.18 -52.25
C ASN SB 159 -28.20 5.92 -52.66
N ASN TB 16 19.34 -49.39 -50.38
CA ASN TB 16 18.02 -50.00 -50.34
C ASN TB 16 18.11 -51.47 -50.73
N SER TB 17 17.00 -52.20 -50.56
CA SER TB 17 16.96 -53.61 -50.89
C SER TB 17 17.02 -53.82 -52.40
N ASN TB 18 17.67 -54.90 -52.81
CA ASN TB 18 17.82 -55.24 -54.22
C ASN TB 18 17.07 -56.52 -54.60
N VAL TB 19 16.42 -57.18 -53.65
CA VAL TB 19 15.71 -58.43 -53.93
C VAL TB 19 14.30 -58.35 -53.37
N VAL TB 20 13.46 -59.28 -53.82
CA VAL TB 20 12.12 -59.41 -53.25
C VAL TB 20 12.24 -59.83 -51.79
N THR TB 21 11.41 -59.21 -50.94
CA THR TB 21 11.38 -59.54 -49.53
C THR TB 21 9.96 -59.87 -49.13
N MET TB 22 9.84 -60.63 -48.05
CA MET TB 22 8.54 -61.08 -47.59
C MET TB 22 7.78 -59.96 -46.89
N ILE TB 23 6.46 -59.92 -47.12
CA ILE TB 23 5.54 -59.11 -46.33
C ILE TB 23 4.76 -60.05 -45.43
N ARG TB 24 4.62 -59.69 -44.16
CA ARG TB 24 3.87 -60.50 -43.20
C ARG TB 24 2.43 -60.01 -43.13
N ALA TB 25 1.70 -60.29 -44.20
CA ALA TB 25 0.30 -59.87 -44.31
C ALA TB 25 -0.54 -60.52 -43.21
N GLY TB 26 -1.58 -59.81 -42.80
CA GLY TB 26 -2.46 -60.32 -41.77
C GLY TB 26 -3.82 -60.68 -42.30
N SER TB 27 -4.87 -60.09 -41.73
CA SER TB 27 -6.22 -60.40 -42.14
C SER TB 27 -6.54 -59.73 -43.47
N TYR TB 28 -7.51 -60.30 -44.17
CA TYR TB 28 -7.92 -59.72 -45.44
C TYR TB 28 -8.49 -58.32 -45.20
N PRO TB 29 -8.00 -57.31 -45.90
CA PRO TB 29 -8.37 -55.93 -45.57
C PRO TB 29 -9.69 -55.52 -46.22
N LYS TB 30 -10.16 -54.34 -45.84
CA LYS TB 30 -11.25 -53.73 -46.58
C LYS TB 30 -10.74 -53.29 -47.95
N VAL TB 31 -11.56 -53.48 -48.98
CA VAL TB 31 -11.16 -53.23 -50.35
C VAL TB 31 -12.27 -52.47 -51.08
N ASN TB 32 -11.91 -51.93 -52.24
CA ASN TB 32 -12.84 -51.24 -53.12
C ASN TB 32 -12.27 -51.25 -54.53
N PRO TB 33 -12.87 -52.01 -55.45
CA PRO TB 33 -12.33 -52.07 -56.81
C PRO TB 33 -12.62 -50.83 -57.65
N THR TB 34 -13.44 -49.91 -57.17
CA THR TB 34 -13.90 -48.76 -57.96
C THR TB 34 -13.85 -47.50 -57.11
N PRO TB 35 -12.65 -46.99 -56.82
CA PRO TB 35 -12.51 -45.84 -55.93
C PRO TB 35 -12.87 -44.54 -56.61
N THR TB 36 -12.89 -43.47 -55.81
CA THR TB 36 -13.09 -42.12 -56.33
C THR TB 36 -11.78 -41.63 -56.96
N TRP TB 37 -11.82 -40.41 -57.51
CA TRP TB 37 -10.66 -39.88 -58.23
C TRP TB 37 -10.82 -38.37 -58.35
N VAL TB 38 -9.87 -37.62 -57.80
CA VAL TB 38 -9.85 -36.17 -57.94
C VAL TB 38 -9.05 -35.83 -59.19
N ARG TB 39 -9.60 -34.96 -60.03
CA ARG TB 39 -9.06 -34.78 -61.37
C ARG TB 39 -9.20 -33.33 -61.80
N ALA TB 40 -8.34 -32.94 -62.74
CA ALA TB 40 -8.48 -31.69 -63.48
C ALA TB 40 -8.68 -32.08 -64.95
N ILE TB 41 -9.88 -31.88 -65.46
CA ILE TB 41 -10.28 -32.38 -66.77
C ILE TB 41 -10.15 -31.23 -67.77
N PRO TB 42 -9.38 -31.40 -68.85
CA PRO TB 42 -9.35 -30.38 -69.90
C PRO TB 42 -10.16 -30.78 -71.12
N PHE TB 43 -11.00 -29.88 -71.62
CA PHE TB 43 -11.72 -30.10 -72.86
C PHE TB 43 -12.17 -28.77 -73.42
N GLU TB 44 -12.44 -28.75 -74.72
CA GLU TB 44 -12.81 -27.53 -75.44
C GLU TB 44 -14.29 -27.57 -75.79
N VAL TB 45 -14.87 -26.39 -75.96
CA VAL TB 45 -16.24 -26.25 -76.43
C VAL TB 45 -16.27 -25.17 -77.51
N SER TB 46 -17.19 -25.33 -78.46
CA SER TB 46 -17.39 -24.37 -79.53
C SER TB 46 -18.53 -23.44 -79.17
N VAL TB 47 -18.33 -22.15 -79.37
CA VAL TB 47 -19.33 -21.14 -79.03
C VAL TB 47 -19.53 -20.20 -80.20
N GLN TB 48 -20.76 -19.71 -80.33
CA GLN TB 48 -21.13 -18.76 -81.36
C GLN TB 48 -21.17 -17.36 -80.77
N SER TB 49 -21.00 -16.37 -81.64
CA SER TB 49 -20.99 -14.98 -81.19
C SER TB 49 -22.35 -14.60 -80.60
N GLY TB 50 -22.31 -13.97 -79.42
CA GLY TB 50 -23.50 -13.46 -78.78
C GLY TB 50 -24.46 -14.48 -78.24
N ILE TB 51 -24.13 -15.77 -78.29
CA ILE TB 51 -25.03 -16.84 -77.88
C ILE TB 51 -24.34 -17.65 -76.78
N ALA TB 52 -24.97 -17.73 -75.62
CA ALA TB 52 -24.44 -18.54 -74.54
C ALA TB 52 -24.46 -20.02 -74.91
N PHE TB 53 -23.40 -20.73 -74.53
CA PHE TB 53 -23.31 -22.17 -74.67
C PHE TB 53 -23.35 -22.80 -73.28
N LYS TB 54 -24.33 -23.67 -73.05
CA LYS TB 54 -24.40 -24.41 -71.80
C LYS TB 54 -23.46 -25.61 -71.87
N VAL TB 55 -22.59 -25.74 -70.88
CA VAL TB 55 -21.58 -26.79 -70.86
C VAL TB 55 -22.18 -28.02 -70.18
N PRO TB 56 -22.32 -29.14 -70.88
CA PRO TB 56 -22.93 -30.33 -70.25
C PRO TB 56 -21.92 -31.12 -69.42
N VAL TB 57 -22.37 -31.56 -68.25
CA VAL TB 57 -21.56 -32.40 -67.37
C VAL TB 57 -21.08 -33.66 -68.09
N GLY TB 58 -21.90 -34.17 -69.01
CA GLY TB 58 -21.54 -35.38 -69.73
C GLY TB 58 -20.19 -35.32 -70.41
N SER TB 59 -19.75 -34.11 -70.76
CA SER TB 59 -18.43 -33.93 -71.34
C SER TB 59 -17.31 -34.47 -70.46
N LEU TB 60 -17.57 -34.66 -69.17
CA LEU TB 60 -16.55 -35.13 -68.24
C LEU TB 60 -16.45 -36.65 -68.15
N PHE TB 61 -17.39 -37.39 -68.72
CA PHE TB 61 -17.37 -38.85 -68.71
C PHE TB 61 -16.96 -39.33 -70.09
N SER TB 62 -15.69 -39.73 -70.23
CA SER TB 62 -15.17 -40.13 -71.52
C SER TB 62 -13.97 -41.04 -71.32
N ALA TB 63 -13.82 -41.99 -72.25
CA ALA TB 63 -12.62 -42.83 -72.25
C ALA TB 63 -11.36 -42.00 -72.44
N ASN TB 64 -11.47 -40.83 -73.07
CA ASN TB 64 -10.32 -39.95 -73.28
C ASN TB 64 -9.78 -39.39 -71.97
N PHE TB 65 -10.58 -39.42 -70.90
CA PHE TB 65 -10.13 -38.97 -69.59
C PHE TB 65 -10.04 -40.11 -68.60
N ARG TB 66 -10.15 -41.36 -69.07
CA ARG TB 66 -10.19 -42.54 -68.20
C ARG TB 66 -11.36 -42.50 -67.23
N THR TB 67 -12.44 -41.80 -67.59
CA THR TB 67 -13.56 -41.61 -66.65
C THR TB 67 -14.87 -42.22 -67.14
N ASP TB 68 -14.86 -43.06 -68.18
CA ASP TB 68 -16.11 -43.57 -68.72
C ASP TB 68 -16.85 -44.49 -67.74
N SER TB 69 -16.17 -45.02 -66.73
CA SER TB 69 -16.82 -45.90 -65.77
C SER TB 69 -17.56 -45.14 -64.67
N PHE TB 70 -17.55 -43.81 -64.69
CA PHE TB 70 -18.26 -43.01 -63.70
C PHE TB 70 -19.58 -42.53 -64.27
N THR TB 71 -20.54 -42.28 -63.36
CA THR TB 71 -21.82 -41.71 -63.73
C THR TB 71 -22.16 -40.44 -62.95
N SER TB 72 -21.45 -40.15 -61.86
CA SER TB 72 -21.65 -38.92 -61.10
C SER TB 72 -20.31 -38.22 -60.91
N VAL TB 73 -20.38 -36.93 -60.62
CA VAL TB 73 -19.17 -36.14 -60.39
C VAL TB 73 -19.56 -34.94 -59.54
N THR TB 74 -18.63 -34.53 -58.66
CA THR TB 74 -18.78 -33.33 -57.85
C THR TB 74 -17.79 -32.30 -58.36
N VAL TB 75 -18.29 -31.25 -58.99
CA VAL TB 75 -17.44 -30.19 -59.53
C VAL TB 75 -17.01 -29.28 -58.38
N MET TB 76 -15.73 -28.94 -58.33
CA MET TB 76 -15.19 -28.04 -57.32
C MET TB 76 -14.84 -26.66 -57.84
N SER TB 77 -14.23 -26.57 -59.03
CA SER TB 77 -13.93 -25.27 -59.61
C SER TB 77 -13.90 -25.38 -61.13
N VAL TB 78 -14.08 -24.23 -61.78
CA VAL TB 78 -14.17 -24.14 -63.23
C VAL TB 78 -13.29 -22.98 -63.70
N ARG TB 79 -12.40 -23.26 -64.65
CA ARG TB 79 -11.57 -22.25 -65.28
CA ARG TB 79 -11.55 -22.26 -65.28
C ARG TB 79 -11.74 -22.32 -66.79
N ALA TB 80 -11.74 -21.16 -67.43
CA ALA TB 80 -11.93 -21.09 -68.87
C ALA TB 80 -10.86 -20.20 -69.50
N TRP TB 81 -10.36 -20.63 -70.65
CA TRP TB 81 -9.45 -19.85 -71.48
C TRP TB 81 -10.03 -19.78 -72.89
N THR TB 82 -9.87 -18.64 -73.54
CA THR TB 82 -10.16 -18.59 -74.96
C THR TB 82 -9.11 -19.41 -75.71
N GLN TB 83 -9.56 -20.08 -76.78
CA GLN TB 83 -8.79 -21.11 -77.43
C GLN TB 83 -8.44 -20.78 -78.88
N LEU TB 84 -9.09 -19.78 -79.48
CA LEU TB 84 -8.75 -19.28 -80.80
C LEU TB 84 -8.68 -17.76 -80.75
N THR TB 85 -8.10 -17.17 -81.80
CA THR TB 85 -7.89 -15.74 -81.84
C THR TB 85 -9.23 -15.00 -81.85
N PRO TB 86 -9.27 -13.77 -81.36
CA PRO TB 86 -10.50 -13.00 -81.34
C PRO TB 86 -10.79 -12.40 -82.71
N PRO TB 87 -11.94 -11.76 -82.91
CA PRO TB 87 -12.16 -11.05 -84.16
C PRO TB 87 -11.17 -9.90 -84.34
N VAL TB 88 -11.05 -9.45 -85.59
CA VAL TB 88 -10.17 -8.34 -85.90
C VAL TB 88 -10.54 -7.14 -85.05
N ASN TB 89 -9.51 -6.43 -84.58
CA ASN TB 89 -9.62 -5.20 -83.78
C ASN TB 89 -9.95 -5.43 -82.31
N GLU TB 90 -10.38 -6.63 -81.95
CA GLU TB 90 -10.88 -6.87 -80.60
C GLU TB 90 -9.85 -7.58 -79.72
N TYR TB 91 -10.07 -7.49 -78.41
CA TYR TB 91 -9.37 -8.30 -77.44
C TYR TB 91 -10.27 -9.46 -77.01
N SER TB 92 -9.66 -10.58 -76.67
CA SER TB 92 -10.43 -11.74 -76.25
C SER TB 92 -11.15 -11.46 -74.93
N PHE TB 93 -12.36 -12.00 -74.79
CA PHE TB 93 -13.03 -12.05 -73.51
C PHE TB 93 -13.74 -13.39 -73.37
N VAL TB 94 -13.92 -13.81 -72.13
CA VAL TB 94 -14.69 -15.01 -71.82
C VAL TB 94 -15.50 -14.72 -70.56
N ARG TB 95 -16.74 -15.22 -70.52
CA ARG TB 95 -17.62 -15.04 -69.37
C ARG TB 95 -18.16 -16.38 -68.92
N LEU TB 96 -18.31 -16.55 -67.61
CA LEU TB 96 -18.79 -17.78 -67.02
C LEU TB 96 -19.97 -17.47 -66.11
N LYS TB 97 -21.10 -18.13 -66.35
CA LYS TB 97 -22.27 -18.01 -65.50
C LYS TB 97 -22.56 -19.36 -64.85
N PRO TB 98 -22.40 -19.51 -63.53
CA PRO TB 98 -22.57 -20.82 -62.91
C PRO TB 98 -24.02 -21.27 -62.94
N LEU TB 99 -24.22 -22.57 -63.13
CA LEU TB 99 -25.53 -23.19 -63.14
C LEU TB 99 -25.62 -24.26 -62.05
N PHE TB 100 -26.80 -24.40 -61.47
CA PHE TB 100 -27.03 -25.37 -60.39
C PHE TB 100 -28.44 -25.91 -60.47
N LYS TB 101 -28.60 -27.20 -60.15
CA LYS TB 101 -29.90 -27.83 -60.18
C LYS TB 101 -30.88 -27.20 -59.21
N THR TB 102 -30.39 -26.72 -58.06
CA THR TB 102 -31.29 -26.11 -57.09
C THR TB 102 -31.57 -24.64 -57.39
N GLY TB 103 -30.93 -24.06 -58.41
CA GLY TB 103 -31.18 -22.68 -58.78
C GLY TB 103 -29.99 -22.01 -59.44
N ASP TB 104 -30.20 -21.45 -60.63
CA ASP TB 104 -29.11 -20.89 -61.42
C ASP TB 104 -28.64 -19.55 -60.85
N SER TB 105 -27.37 -19.25 -61.08
CA SER TB 105 -26.78 -17.97 -60.74
C SER TB 105 -26.96 -16.97 -61.87
N THR TB 106 -26.88 -15.68 -61.53
CA THR TB 106 -26.85 -14.62 -62.53
C THR TB 106 -25.55 -13.83 -62.51
N GLU TB 107 -24.52 -14.33 -61.82
CA GLU TB 107 -23.19 -13.75 -61.94
C GLU TB 107 -22.63 -14.02 -63.34
N GLU TB 108 -21.82 -13.08 -63.83
CA GLU TB 108 -21.14 -13.22 -65.11
C GLU TB 108 -19.66 -12.87 -64.91
N PHE TB 109 -18.92 -13.78 -64.28
CA PHE TB 109 -17.48 -13.59 -64.11
C PHE TB 109 -16.82 -13.48 -65.47
N GLU TB 110 -16.02 -12.43 -65.67
CA GLU TB 110 -15.47 -12.12 -66.98
C GLU TB 110 -13.98 -11.83 -66.90
N GLY TB 111 -13.26 -12.38 -67.86
CA GLY TB 111 -11.84 -12.05 -68.06
C GLY TB 111 -11.63 -11.54 -69.46
N ARG TB 112 -10.82 -10.48 -69.58
CA ARG TB 112 -10.45 -9.91 -70.86
C ARG TB 112 -8.93 -9.90 -71.00
N ALA TB 113 -8.45 -10.01 -72.22
CA ALA TB 113 -7.02 -9.97 -72.48
C ALA TB 113 -6.55 -8.53 -72.60
N SER TB 114 -5.29 -8.29 -72.22
CA SER TB 114 -4.68 -6.99 -72.35
C SER TB 114 -3.74 -6.91 -73.56
N ASN TB 115 -3.57 -8.03 -74.28
CA ASN TB 115 -2.78 -8.12 -75.49
C ASN TB 115 -3.58 -8.96 -76.47
N ILE TB 116 -3.77 -8.45 -77.70
CA ILE TB 116 -4.67 -9.11 -78.63
C ILE TB 116 -4.21 -10.51 -78.98
N ASN TB 117 -2.93 -10.81 -78.79
CA ASN TB 117 -2.39 -12.12 -79.15
C ASN TB 117 -2.42 -13.09 -77.98
N THR TB 118 -3.08 -12.74 -76.89
CA THR TB 118 -3.05 -13.51 -75.66
C THR TB 118 -4.44 -13.98 -75.28
N ARG TB 119 -4.51 -15.17 -74.68
CA ARG TB 119 -5.78 -15.71 -74.21
C ARG TB 119 -6.38 -14.85 -73.11
N ALA TB 120 -7.72 -14.85 -73.05
CA ALA TB 120 -8.45 -14.32 -71.91
C ALA TB 120 -8.88 -15.49 -71.02
N SER TB 121 -8.89 -15.26 -69.72
CA SER TB 121 -9.17 -16.33 -68.77
C SER TB 121 -9.98 -15.81 -67.60
N VAL TB 122 -10.75 -16.71 -67.01
CA VAL TB 122 -11.49 -16.44 -65.78
C VAL TB 122 -11.89 -17.80 -65.22
N GLY TB 123 -12.30 -17.82 -63.94
CA GLY TB 123 -12.80 -19.03 -63.35
C GLY TB 123 -13.62 -18.69 -62.12
N TYR TB 124 -14.30 -19.71 -61.60
CA TYR TB 124 -15.06 -19.53 -60.36
C TYR TB 124 -14.98 -20.80 -59.53
N ARG TB 125 -15.08 -20.61 -58.22
CA ARG TB 125 -15.07 -21.70 -57.26
C ARG TB 125 -16.49 -21.97 -56.78
N ILE TB 126 -16.82 -23.23 -56.58
CA ILE TB 126 -18.12 -23.64 -56.06
C ILE TB 126 -17.97 -23.84 -54.55
N PRO TB 127 -18.83 -23.23 -53.73
CA PRO TB 127 -18.69 -23.38 -52.28
C PRO TB 127 -19.16 -24.75 -51.81
N THR TB 128 -18.72 -25.10 -50.59
CA THR TB 128 -18.96 -26.44 -50.06
C THR TB 128 -20.44 -26.77 -50.05
N ASN TB 129 -21.28 -25.83 -49.61
CA ASN TB 129 -22.71 -26.07 -49.50
C ASN TB 129 -23.38 -26.36 -50.83
N LEU TB 130 -22.69 -26.15 -51.96
CA LEU TB 130 -23.25 -26.39 -53.28
C LEU TB 130 -22.55 -27.51 -54.03
N ARG TB 131 -21.63 -28.23 -53.38
CA ARG TB 131 -20.89 -29.31 -54.02
C ARG TB 131 -21.63 -30.64 -53.86
N GLN TB 132 -22.76 -30.73 -54.56
CA GLN TB 132 -23.47 -31.99 -54.66
C GLN TB 132 -23.08 -32.69 -55.95
N ASN TB 133 -23.67 -33.85 -56.20
CA ASN TB 133 -23.34 -34.58 -57.40
C ASN TB 133 -24.13 -34.05 -58.59
N THR TB 134 -23.51 -34.12 -59.76
CA THR TB 134 -24.19 -33.89 -61.03
C THR TB 134 -24.06 -35.13 -61.88
N VAL TB 135 -25.02 -35.33 -62.79
CA VAL TB 135 -25.01 -36.45 -63.70
C VAL TB 135 -24.89 -35.91 -65.12
N ALA TB 136 -24.81 -36.82 -66.10
CA ALA TB 136 -24.48 -36.41 -67.46
C ALA TB 136 -25.47 -35.41 -68.04
N ALA TB 137 -26.75 -35.50 -67.63
CA ALA TB 137 -27.77 -34.62 -68.19
C ALA TB 137 -27.72 -33.21 -67.62
N ASP TB 138 -26.96 -32.98 -66.56
CA ASP TB 138 -26.87 -31.65 -65.97
C ASP TB 138 -25.89 -30.78 -66.75
N ASN TB 139 -25.87 -29.50 -66.42
CA ASN TB 139 -24.92 -28.54 -66.99
C ASN TB 139 -24.07 -27.96 -65.87
N VAL TB 140 -22.87 -27.50 -66.24
CA VAL TB 140 -21.98 -26.85 -65.28
C VAL TB 140 -22.15 -25.34 -65.29
N CYS TB 141 -22.08 -24.72 -66.47
CA CYS TB 141 -22.06 -23.26 -66.56
C CYS TB 141 -22.43 -22.84 -67.98
N GLU TB 142 -22.65 -21.54 -68.13
CA GLU TB 142 -22.82 -20.93 -69.45
C GLU TB 142 -21.53 -20.20 -69.83
N VAL TB 143 -21.12 -20.37 -71.09
CA VAL TB 143 -19.92 -19.74 -71.63
C VAL TB 143 -20.34 -18.73 -72.68
N ARG TB 144 -19.79 -17.53 -72.58
CA ARG TB 144 -19.90 -16.52 -73.64
C ARG TB 144 -18.51 -16.02 -73.97
N SER TB 145 -18.30 -15.69 -75.24
CA SER TB 145 -16.98 -15.31 -75.72
C SER TB 145 -17.11 -14.74 -77.12
N ASN TB 146 -16.13 -13.93 -77.52
CA ASN TB 146 -16.01 -13.49 -78.89
C ASN TB 146 -15.06 -14.38 -79.70
N CYS TB 147 -14.52 -15.42 -79.10
CA CYS TB 147 -13.71 -16.39 -79.81
C CYS TB 147 -14.55 -17.65 -80.06
N ARG TB 148 -14.26 -18.34 -81.15
CA ARG TB 148 -15.12 -19.44 -81.58
C ARG TB 148 -14.93 -20.70 -80.75
N GLN TB 149 -13.95 -20.74 -79.85
CA GLN TB 149 -13.72 -21.91 -79.02
C GLN TB 149 -13.19 -21.48 -77.67
N VAL TB 150 -13.62 -22.19 -76.63
CA VAL TB 150 -13.21 -21.93 -75.25
C VAL TB 150 -12.64 -23.21 -74.68
N ALA TB 151 -11.48 -23.10 -74.02
CA ALA TB 151 -10.81 -24.23 -73.38
C ALA TB 151 -11.12 -24.21 -71.90
N LEU TB 152 -11.71 -25.29 -71.40
CA LEU TB 152 -12.09 -25.41 -70.01
C LEU TB 152 -11.18 -26.39 -69.29
N VAL TB 153 -10.92 -26.11 -68.02
CA VAL TB 153 -10.30 -27.05 -67.10
C VAL TB 153 -11.16 -27.08 -65.84
N ILE TB 154 -11.72 -28.24 -65.54
CA ILE TB 154 -12.67 -28.40 -64.44
C ILE TB 154 -12.03 -29.29 -63.37
N SER TB 155 -11.93 -28.78 -62.16
CA SER TB 155 -11.49 -29.57 -61.01
C SER TB 155 -12.70 -30.24 -60.37
N CYS TB 156 -12.62 -31.56 -60.20
CA CYS TB 156 -13.81 -32.29 -59.79
C CYS TB 156 -13.41 -33.61 -59.14
N CYS TB 157 -14.38 -34.20 -58.44
CA CYS TB 157 -14.21 -35.47 -57.75
C CYS TB 157 -15.16 -36.49 -58.37
N PHE TB 158 -14.61 -37.42 -59.15
CA PHE TB 158 -15.42 -38.48 -59.72
C PHE TB 158 -15.74 -39.51 -58.65
N ASN TB 159 -17.00 -39.90 -58.57
CA ASN TB 159 -17.42 -40.90 -57.60
C ASN TB 159 -18.59 -41.73 -58.15
N ASN UB 16 50.12 -17.01 -57.87
CA ASN UB 16 50.17 -18.36 -58.42
C ASN UB 16 51.47 -18.56 -59.20
N SER UB 17 51.76 -19.82 -59.54
CA SER UB 17 53.00 -20.14 -60.24
C SER UB 17 52.94 -19.69 -61.69
N ASN UB 18 54.10 -19.29 -62.21
CA ASN UB 18 54.24 -18.86 -63.59
C ASN UB 18 55.03 -19.82 -64.45
N VAL UB 19 55.53 -20.92 -63.88
CA VAL UB 19 56.37 -21.85 -64.61
C VAL UB 19 55.89 -23.27 -64.38
N VAL UB 20 56.37 -24.17 -65.25
CA VAL UB 20 56.11 -25.60 -65.07
C VAL UB 20 56.71 -26.06 -63.76
N THR UB 21 55.99 -26.92 -63.05
CA THR UB 21 56.47 -27.49 -61.80
C THR UB 21 56.28 -29.00 -61.83
N MET UB 22 57.05 -29.68 -60.99
CA MET UB 22 57.08 -31.13 -61.01
C MET UB 22 55.91 -31.72 -60.22
N ILE UB 23 55.38 -32.82 -60.73
CA ILE UB 23 54.40 -33.65 -60.03
C ILE UB 23 55.11 -34.92 -59.58
N ARG UB 24 54.91 -35.31 -58.33
CA ARG UB 24 55.55 -36.52 -57.80
C ARG UB 24 54.56 -37.68 -57.95
N ALA UB 25 54.45 -38.15 -59.19
CA ALA UB 25 53.53 -39.22 -59.52
C ALA UB 25 53.97 -40.54 -58.88
N GLY UB 26 53.01 -41.45 -58.74
CA GLY UB 26 53.26 -42.73 -58.11
C GLY UB 26 52.95 -43.91 -59.01
N SER UB 27 52.18 -44.87 -58.49
CA SER UB 27 51.82 -46.03 -59.28
C SER UB 27 50.97 -45.61 -60.48
N TYR UB 28 50.97 -46.45 -61.49
CA TYR UB 28 50.10 -46.22 -62.64
C TYR UB 28 48.65 -46.30 -62.19
N PRO UB 29 47.81 -45.32 -62.51
CA PRO UB 29 46.44 -45.29 -61.98
C PRO UB 29 45.50 -46.18 -62.79
N LYS UB 30 44.26 -46.27 -62.31
CA LYS UB 30 43.20 -46.86 -63.11
C LYS UB 30 42.79 -45.87 -64.19
N VAL UB 31 42.64 -46.36 -65.42
CA VAL UB 31 42.33 -45.48 -66.54
C VAL UB 31 41.11 -46.02 -67.27
N ASN UB 32 40.52 -45.14 -68.07
CA ASN UB 32 39.38 -45.48 -68.91
C ASN UB 32 39.39 -44.56 -70.13
N PRO UB 33 39.73 -45.08 -71.31
CA PRO UB 33 39.79 -44.19 -72.49
C PRO UB 33 38.42 -43.78 -73.00
N THR UB 34 37.35 -44.46 -72.61
CA THR UB 34 36.01 -44.25 -73.18
C THR UB 34 35.00 -44.04 -72.07
N PRO UB 35 35.00 -42.88 -71.43
CA PRO UB 35 34.13 -42.65 -70.28
C PRO UB 35 32.70 -42.32 -70.67
N THR UB 36 31.84 -42.30 -69.65
CA THR UB 36 30.45 -41.87 -69.79
C THR UB 36 30.37 -40.35 -69.87
N TRP UB 37 29.18 -39.84 -70.19
CA TRP UB 37 29.00 -38.42 -70.44
C TRP UB 37 27.54 -38.05 -70.19
N VAL UB 38 27.30 -37.16 -69.23
CA VAL UB 38 25.96 -36.63 -69.00
C VAL UB 38 25.77 -35.42 -69.90
N ARG UB 39 24.66 -35.38 -70.64
CA ARG UB 39 24.50 -34.43 -71.73
C ARG UB 39 23.06 -33.93 -71.80
N ALA UB 40 22.90 -32.78 -72.45
CA ALA UB 40 21.61 -32.25 -72.86
C ALA UB 40 21.66 -32.07 -74.38
N ILE UB 41 20.97 -32.94 -75.10
CA ILE UB 41 21.10 -33.04 -76.55
C ILE UB 41 19.93 -32.29 -77.19
N PRO UB 42 20.20 -31.28 -78.03
CA PRO UB 42 19.10 -30.59 -78.72
C PRO UB 42 18.95 -31.05 -80.16
N PHE UB 43 17.73 -31.38 -80.57
CA PHE UB 43 17.47 -31.68 -81.98
C PHE UB 43 15.99 -31.46 -82.26
N GLU UB 44 15.68 -31.38 -83.55
CA GLU UB 44 14.33 -31.10 -84.01
C GLU UB 44 13.80 -32.29 -84.80
N VAL UB 45 12.46 -32.42 -84.82
CA VAL UB 45 11.79 -33.45 -85.59
C VAL UB 45 10.62 -32.82 -86.31
N SER UB 46 10.34 -33.32 -87.52
CA SER UB 46 9.20 -32.88 -88.30
C SER UB 46 7.97 -33.69 -87.91
N VAL UB 47 6.83 -33.02 -87.85
CA VAL UB 47 5.58 -33.61 -87.38
C VAL UB 47 4.47 -33.29 -88.37
N GLN UB 48 3.63 -34.27 -88.66
CA GLN UB 48 2.44 -34.08 -89.47
C GLN UB 48 1.24 -33.87 -88.54
N SER UB 49 0.26 -33.11 -89.04
CA SER UB 49 -0.91 -32.78 -88.24
C SER UB 49 -1.75 -34.04 -87.99
N GLY UB 50 -2.19 -34.21 -86.74
CA GLY UB 50 -3.04 -35.33 -86.38
C GLY UB 50 -2.39 -36.69 -86.40
N ILE UB 51 -1.09 -36.77 -86.67
CA ILE UB 51 -0.35 -38.03 -86.66
C ILE UB 51 0.73 -37.93 -85.61
N ALA UB 52 0.84 -38.96 -84.77
CA ALA UB 52 1.90 -39.01 -83.77
C ALA UB 52 3.21 -39.43 -84.41
N PHE UB 53 4.29 -38.77 -84.00
CA PHE UB 53 5.63 -39.09 -84.47
C PHE UB 53 6.40 -39.77 -83.36
N LYS UB 54 6.93 -40.96 -83.64
CA LYS UB 54 7.75 -41.70 -82.68
C LYS UB 54 9.19 -41.23 -82.82
N VAL UB 55 9.73 -40.68 -81.74
CA VAL UB 55 11.10 -40.17 -81.73
C VAL UB 55 12.07 -41.32 -81.54
N PRO UB 56 12.91 -41.63 -82.54
CA PRO UB 56 13.89 -42.72 -82.36
C PRO UB 56 15.04 -42.29 -81.46
N VAL UB 57 15.52 -43.25 -80.67
CA VAL UB 57 16.67 -43.01 -79.79
C VAL UB 57 17.92 -42.72 -80.63
N GLY UB 58 18.03 -43.34 -81.81
CA GLY UB 58 19.19 -43.19 -82.66
C GLY UB 58 19.56 -41.75 -82.99
N SER UB 59 18.60 -40.84 -82.87
CA SER UB 59 18.88 -39.43 -83.13
C SER UB 59 19.90 -38.86 -82.16
N LEU UB 60 20.07 -39.47 -81.00
CA LEU UB 60 21.01 -38.99 -80.00
C LEU UB 60 22.45 -39.39 -80.30
N PHE UB 61 22.67 -40.35 -81.21
CA PHE UB 61 24.01 -40.79 -81.58
C PHE UB 61 24.41 -40.11 -82.88
N SER UB 62 25.29 -39.13 -82.79
CA SER UB 62 25.70 -38.40 -83.98
C SER UB 62 27.02 -37.69 -83.73
N ALA UB 63 27.81 -37.57 -84.80
CA ALA UB 63 29.02 -36.75 -84.75
C ALA UB 63 28.68 -35.30 -84.45
N ASN UB 64 27.50 -34.83 -84.85
CA ASN UB 64 27.05 -33.48 -84.57
C ASN UB 64 26.89 -33.20 -83.09
N PHE UB 65 26.87 -34.23 -82.24
CA PHE UB 65 26.76 -34.08 -80.80
C PHE UB 65 27.99 -34.62 -80.06
N ARG UB 66 29.03 -35.02 -80.80
CA ARG UB 66 30.20 -35.71 -80.25
C ARG UB 66 29.86 -37.06 -79.63
N THR UB 67 28.77 -37.70 -80.05
CA THR UB 67 28.29 -38.92 -79.40
C THR UB 67 28.26 -40.15 -80.30
N ASP UB 68 28.89 -40.09 -81.48
CA ASP UB 68 28.78 -41.21 -82.41
C ASP UB 68 29.51 -42.46 -81.93
N SER UB 69 30.39 -42.36 -80.94
CA SER UB 69 31.10 -43.52 -80.43
C SER UB 69 30.31 -44.30 -79.39
N PHE UB 70 29.15 -43.80 -78.98
CA PHE UB 70 28.29 -44.51 -78.04
C PHE UB 70 27.27 -45.35 -78.80
N THR UB 71 26.87 -46.47 -78.18
CA THR UB 71 25.79 -47.30 -78.72
C THR UB 71 24.60 -47.43 -77.78
N SER UB 72 24.73 -47.00 -76.52
CA SER UB 72 23.64 -47.05 -75.56
C SER UB 72 23.53 -45.69 -74.87
N VAL UB 73 22.38 -45.47 -74.23
CA VAL UB 73 22.13 -44.22 -73.52
C VAL UB 73 21.03 -44.45 -72.51
N THR UB 74 21.12 -43.75 -71.38
CA THR UB 74 20.09 -43.77 -70.34
C THR UB 74 19.42 -42.40 -70.33
N VAL UB 75 18.18 -42.34 -70.80
CA VAL UB 75 17.43 -41.09 -70.83
C VAL UB 75 16.87 -40.80 -69.45
N MET UB 76 16.98 -39.54 -69.02
CA MET UB 76 16.48 -39.11 -67.72
C MET UB 76 15.25 -38.20 -67.81
N SER UB 77 15.23 -37.27 -68.75
CA SER UB 77 14.07 -36.40 -68.90
C SER UB 77 14.00 -35.88 -70.32
N VAL UB 78 12.77 -35.61 -70.77
CA VAL UB 78 12.49 -35.13 -72.12
C VAL UB 78 11.74 -33.82 -72.00
N ARG UB 79 12.21 -32.80 -72.72
CA ARG UB 79 11.53 -31.52 -72.81
CA ARG UB 79 11.51 -31.52 -72.81
C ARG UB 79 11.32 -31.17 -74.27
N ALA UB 80 10.16 -30.61 -74.59
CA ALA UB 80 9.84 -30.31 -75.99
C ALA UB 80 9.25 -28.91 -76.11
N TRP UB 81 9.64 -28.23 -77.17
CA TRP UB 81 9.10 -26.93 -77.54
C TRP UB 81 8.61 -26.99 -78.98
N THR UB 82 7.53 -26.29 -79.27
CA THR UB 82 7.15 -26.11 -80.67
C THR UB 82 8.17 -25.22 -81.35
N GLN UB 83 8.48 -25.53 -82.61
CA GLN UB 83 9.61 -24.95 -83.31
C GLN UB 83 9.20 -24.07 -84.48
N LEU UB 84 8.01 -24.25 -85.05
CA LEU UB 84 7.48 -23.37 -86.09
C LEU UB 84 6.14 -22.83 -85.62
N THR UB 85 5.66 -21.80 -86.31
CA THR UB 85 4.43 -21.13 -85.90
C THR UB 85 3.22 -22.04 -86.09
N PRO UB 86 2.16 -21.83 -85.32
CA PRO UB 86 0.97 -22.69 -85.43
C PRO UB 86 0.10 -22.26 -86.60
N PRO UB 87 -0.90 -23.07 -86.97
CA PRO UB 87 -1.85 -22.63 -87.99
C PRO UB 87 -2.52 -21.32 -87.60
N VAL UB 88 -2.93 -20.56 -88.62
CA VAL UB 88 -3.66 -19.32 -88.40
C VAL UB 88 -4.81 -19.56 -87.43
N ASN UB 89 -5.03 -18.57 -86.55
CA ASN UB 89 -6.09 -18.50 -85.55
C ASN UB 89 -5.87 -19.41 -84.35
N GLU UB 90 -4.85 -20.25 -84.34
CA GLU UB 90 -4.65 -21.21 -83.27
C GLU UB 90 -3.45 -20.83 -82.39
N TYR UB 91 -3.49 -21.32 -81.17
CA TYR UB 91 -2.32 -21.30 -80.30
C TYR UB 91 -1.54 -22.60 -80.46
N SER UB 92 -0.23 -22.52 -80.25
CA SER UB 92 0.60 -23.71 -80.34
C SER UB 92 0.25 -24.70 -79.22
N PHE UB 93 0.40 -25.99 -79.51
CA PHE UB 93 0.36 -27.01 -78.48
C PHE UB 93 1.33 -28.13 -78.83
N VAL UB 94 1.71 -28.89 -77.80
CA VAL UB 94 2.58 -30.05 -77.97
C VAL UB 94 2.21 -31.07 -76.90
N ARG UB 95 2.30 -32.35 -77.26
CA ARG UB 95 2.01 -33.45 -76.36
C ARG UB 95 3.11 -34.48 -76.44
N LEU UB 96 3.41 -35.12 -75.31
CA LEU UB 96 4.41 -36.18 -75.24
C LEU UB 96 3.79 -37.42 -74.60
N LYS UB 97 4.01 -38.57 -75.21
CA LYS UB 97 3.60 -39.85 -74.64
C LYS UB 97 4.84 -40.70 -74.40
N PRO UB 98 5.21 -40.98 -73.15
CA PRO UB 98 6.42 -41.76 -72.90
C PRO UB 98 6.31 -43.17 -73.46
N LEU UB 99 7.42 -43.67 -74.00
CA LEU UB 99 7.51 -45.03 -74.53
C LEU UB 99 8.60 -45.79 -73.77
N PHE UB 100 8.34 -47.07 -73.50
CA PHE UB 100 9.30 -47.92 -72.79
C PHE UB 100 9.24 -49.34 -73.34
N LYS UB 101 10.42 -49.96 -73.45
CA LYS UB 101 10.51 -51.33 -73.98
C LYS UB 101 9.70 -52.32 -73.14
N THR UB 102 9.69 -52.16 -71.82
CA THR UB 102 8.92 -53.07 -70.99
C THR UB 102 7.45 -52.72 -70.93
N GLY UB 103 7.01 -51.65 -71.60
CA GLY UB 103 5.61 -51.28 -71.58
C GLY UB 103 5.37 -49.81 -71.80
N ASP UB 104 4.54 -49.48 -72.79
CA ASP UB 104 4.29 -48.09 -73.16
C ASP UB 104 3.32 -47.41 -72.21
N SER UB 105 3.53 -46.11 -72.01
CA SER UB 105 2.63 -45.27 -71.23
C SER UB 105 1.48 -44.78 -72.11
N THR UB 106 0.43 -44.32 -71.44
CA THR UB 106 -0.70 -43.68 -72.12
C THR UB 106 -0.93 -42.27 -71.61
N GLU UB 107 0.04 -41.70 -70.89
CA GLU UB 107 -0.05 -40.30 -70.51
C GLU UB 107 0.18 -39.43 -71.74
N GLU UB 108 -0.49 -38.28 -71.76
CA GLU UB 108 -0.34 -37.31 -72.82
C GLU UB 108 -0.04 -35.94 -72.19
N PHE UB 109 1.16 -35.81 -71.65
CA PHE UB 109 1.59 -34.54 -71.09
C PHE UB 109 1.52 -33.46 -72.16
N GLU UB 110 0.73 -32.41 -71.90
CA GLU UB 110 0.45 -31.41 -72.92
C GLU UB 110 0.72 -30.01 -72.40
N GLY UB 111 1.34 -29.19 -73.26
CA GLY UB 111 1.48 -27.78 -72.99
C GLY UB 111 0.96 -26.97 -74.15
N ARG UB 112 0.41 -25.81 -73.83
CA ARG UB 112 -0.15 -24.91 -74.83
C ARG UB 112 0.37 -23.50 -74.62
N ALA UB 113 0.52 -22.77 -75.72
CA ALA UB 113 0.87 -21.37 -75.65
C ALA UB 113 -0.35 -20.54 -75.24
N SER UB 114 -0.09 -19.45 -74.51
CA SER UB 114 -1.12 -18.47 -74.19
C SER UB 114 -0.96 -17.19 -74.98
N ASN UB 115 0.03 -17.15 -75.88
CA ASN UB 115 0.24 -16.05 -76.81
C ASN UB 115 0.57 -16.69 -78.15
N ILE UB 116 -0.20 -16.37 -79.19
CA ILE UB 116 -0.04 -17.05 -80.48
C ILE UB 116 1.37 -16.96 -81.02
N ASN UB 117 2.15 -15.99 -80.56
CA ASN UB 117 3.49 -15.76 -81.08
C ASN UB 117 4.57 -16.51 -80.32
N THR UB 118 4.23 -17.27 -79.28
CA THR UB 118 5.22 -17.91 -78.44
C THR UB 118 5.14 -19.44 -78.54
N ARG UB 119 6.24 -20.09 -78.18
CA ARG UB 119 6.31 -21.54 -78.23
C ARG UB 119 5.48 -22.17 -77.12
N ALA UB 120 4.89 -23.32 -77.42
CA ALA UB 120 4.32 -24.17 -76.40
C ALA UB 120 5.38 -25.18 -75.97
N SER UB 121 5.34 -25.57 -74.69
CA SER UB 121 6.38 -26.41 -74.13
C SER UB 121 5.81 -27.33 -73.06
N VAL UB 122 6.45 -28.49 -72.92
CA VAL UB 122 6.09 -29.46 -71.90
C VAL UB 122 7.25 -30.45 -71.82
N GLY UB 123 7.34 -31.15 -70.70
CA GLY UB 123 8.33 -32.19 -70.55
C GLY UB 123 7.92 -33.17 -69.48
N TYR UB 124 8.60 -34.31 -69.46
CA TYR UB 124 8.37 -35.30 -68.42
C TYR UB 124 9.70 -35.87 -67.95
N ARG UB 125 9.69 -36.33 -66.71
CA ARG UB 125 10.85 -36.95 -66.08
C ARG UB 125 10.64 -38.46 -66.01
N ILE UB 126 11.70 -39.21 -66.24
CA ILE UB 126 11.66 -40.67 -66.17
C ILE UB 126 12.17 -41.09 -64.79
N PRO UB 127 11.44 -41.90 -64.05
CA PRO UB 127 11.87 -42.26 -62.70
C PRO UB 127 13.00 -43.29 -62.71
N THR UB 128 13.65 -43.41 -61.55
CA THR UB 128 14.85 -44.22 -61.44
C THR UB 128 14.60 -45.67 -61.86
N ASN UB 129 13.47 -46.24 -61.41
CA ASN UB 129 13.18 -47.63 -61.71
C ASN UB 129 13.04 -47.90 -63.21
N LEU UB 130 12.86 -46.85 -64.01
CA LEU UB 130 12.71 -47.01 -65.46
C LEU UB 130 13.90 -46.48 -66.25
N ARG UB 131 15.03 -46.21 -65.59
CA ARG UB 131 16.22 -45.68 -66.27
C ARG UB 131 17.16 -46.82 -66.63
N GLN UB 132 16.76 -47.56 -67.66
CA GLN UB 132 17.63 -48.57 -68.25
C GLN UB 132 18.26 -48.00 -69.52
N ASN UB 133 19.06 -48.81 -70.18
CA ASN UB 133 19.69 -48.38 -71.42
C ASN UB 133 18.73 -48.56 -72.60
N THR UB 134 18.84 -47.67 -73.57
CA THR UB 134 18.20 -47.84 -74.86
C THR UB 134 19.25 -47.74 -75.95
N VAL UB 135 18.90 -48.26 -77.13
CA VAL UB 135 19.80 -48.29 -78.27
C VAL UB 135 19.07 -47.68 -79.47
N ALA UB 136 19.80 -47.55 -80.59
CA ALA UB 136 19.32 -46.80 -81.74
C ALA UB 136 17.92 -47.26 -82.17
N ALA UB 137 17.67 -48.58 -82.13
CA ALA UB 137 16.39 -49.09 -82.62
C ALA UB 137 15.21 -48.74 -81.72
N ASP UB 138 15.46 -48.32 -80.48
CA ASP UB 138 14.39 -48.03 -79.54
C ASP UB 138 13.80 -46.64 -79.81
N ASN UB 139 12.66 -46.38 -79.18
CA ASN UB 139 11.98 -45.09 -79.24
C ASN UB 139 11.92 -44.46 -77.86
N VAL UB 140 11.87 -43.14 -77.83
CA VAL UB 140 11.78 -42.39 -76.57
C VAL UB 140 10.32 -42.11 -76.24
N CYS UB 141 9.63 -41.44 -77.18
CA CYS UB 141 8.31 -40.89 -76.90
C CYS UB 141 7.59 -40.65 -78.21
N GLU UB 142 6.31 -40.32 -78.09
CA GLU UB 142 5.50 -39.86 -79.20
C GLU UB 142 5.27 -38.37 -79.07
N VAL UB 143 5.32 -37.67 -80.20
CA VAL UB 143 5.11 -36.22 -80.25
C VAL UB 143 3.88 -35.94 -81.12
N ARG UB 144 2.96 -35.17 -80.57
CA ARG UB 144 1.85 -34.60 -81.33
C ARG UB 144 1.89 -33.09 -81.18
N SER UB 145 1.55 -32.39 -82.25
CA SER UB 145 1.57 -30.93 -82.23
C SER UB 145 0.84 -30.42 -83.46
N ASN UB 146 0.30 -29.21 -83.34
CA ASN UB 146 -0.26 -28.52 -84.50
C ASN UB 146 0.79 -27.71 -85.24
N CYS UB 147 2.04 -27.71 -84.77
CA CYS UB 147 3.14 -27.07 -85.47
C CYS UB 147 3.93 -28.12 -86.23
N ARG UB 148 4.51 -27.73 -87.36
CA ARG UB 148 5.15 -28.68 -88.26
C ARG UB 148 6.55 -29.10 -87.80
N GLN UB 149 7.08 -28.46 -86.75
CA GLN UB 149 8.36 -28.87 -86.18
C GLN UB 149 8.32 -28.73 -84.67
N VAL UB 150 8.96 -29.67 -83.99
CA VAL UB 150 9.05 -29.65 -82.53
C VAL UB 150 10.52 -29.76 -82.15
N ALA UB 151 10.96 -28.91 -81.23
CA ALA UB 151 12.33 -28.91 -80.74
C ALA UB 151 12.40 -29.69 -79.44
N LEU UB 152 13.31 -30.66 -79.39
CA LEU UB 152 13.52 -31.50 -78.22
C LEU UB 152 14.87 -31.20 -77.59
N VAL UB 153 14.91 -31.22 -76.26
CA VAL UB 153 16.14 -31.21 -75.50
C VAL UB 153 16.05 -32.36 -74.51
N ILE UB 154 16.89 -33.37 -74.68
CA ILE UB 154 16.84 -34.59 -73.88
C ILE UB 154 18.06 -34.64 -72.96
N SER UB 155 17.81 -34.81 -71.67
CA SER UB 155 18.87 -35.01 -70.69
C SER UB 155 19.10 -36.51 -70.53
N CYS UB 156 20.34 -36.95 -70.74
CA CYS UB 156 20.63 -38.37 -70.80
C CYS UB 156 22.06 -38.63 -70.38
N CYS UB 157 22.35 -39.89 -70.05
CA CYS UB 157 23.68 -40.34 -69.71
C CYS UB 157 24.15 -41.30 -70.79
N PHE UB 158 25.05 -40.83 -71.65
CA PHE UB 158 25.65 -41.71 -72.64
C PHE UB 158 26.62 -42.67 -71.96
N ASN UB 159 26.53 -43.96 -72.30
CA ASN UB 159 27.44 -44.94 -71.74
C ASN UB 159 27.70 -46.07 -72.73
N ASN VB 16 30.29 23.09 -49.95
CA ASN VB 16 31.54 22.89 -50.68
C ASN VB 16 32.14 24.24 -51.09
N SER VB 17 33.33 24.20 -51.68
CA SER VB 17 34.04 25.41 -52.05
C SER VB 17 33.47 26.02 -53.32
N ASN VB 18 33.45 27.36 -53.38
CA ASN VB 18 32.91 28.08 -54.53
C ASN VB 18 33.98 28.72 -55.40
N VAL VB 19 35.24 28.76 -54.95
CA VAL VB 19 36.30 29.43 -55.69
C VAL VB 19 37.40 28.43 -55.99
N VAL VB 20 38.31 28.84 -56.88
CA VAL VB 20 39.53 28.07 -57.10
C VAL VB 20 40.36 28.07 -55.83
N THR VB 21 41.06 26.97 -55.58
CA THR VB 21 41.95 26.87 -54.43
C THR VB 21 43.24 26.21 -54.88
N MET VB 22 44.30 26.49 -54.12
CA MET VB 22 45.62 26.01 -54.47
C MET VB 22 45.75 24.52 -54.20
N ILE VB 23 46.46 23.83 -55.10
CA ILE VB 23 46.92 22.47 -54.87
C ILE VB 23 48.43 22.53 -54.65
N ARG VB 24 48.90 21.84 -53.62
CA ARG VB 24 50.32 21.91 -53.25
C ARG VB 24 51.06 20.74 -53.88
N ALA VB 25 51.24 20.86 -55.20
CA ALA VB 25 51.85 19.79 -55.99
C ALA VB 25 53.29 19.54 -55.55
N GLY VB 26 53.74 18.31 -55.75
CA GLY VB 26 55.09 17.92 -55.42
C GLY VB 26 55.95 17.69 -56.64
N SER VB 27 56.57 16.52 -56.73
CA SER VB 27 57.44 16.22 -57.85
C SER VB 27 56.62 15.85 -59.08
N TYR VB 28 57.25 15.95 -60.24
CA TYR VB 28 56.56 15.59 -61.46
C TYR VB 28 56.23 14.10 -61.43
N PRO VB 29 54.98 13.72 -61.69
CA PRO VB 29 54.56 12.33 -61.50
C PRO VB 29 54.84 11.45 -62.71
N LYS VB 30 54.62 10.15 -62.54
CA LYS VB 30 54.58 9.25 -63.68
C LYS VB 30 53.35 9.54 -64.51
N VAL VB 31 53.53 9.60 -65.83
CA VAL VB 31 52.47 10.00 -66.74
C VAL VB 31 52.36 8.96 -67.84
N ASN VB 32 51.24 9.01 -68.56
CA ASN VB 32 50.99 8.17 -69.72
C ASN VB 32 49.96 8.84 -70.62
N PRO VB 33 50.36 9.34 -71.79
CA PRO VB 33 49.41 10.03 -72.67
C PRO VB 33 48.48 9.09 -73.42
N THR VB 34 48.77 7.80 -73.49
CA THR VB 34 48.00 6.85 -74.28
C THR VB 34 47.66 5.63 -73.43
N PRO VB 35 46.68 5.76 -72.54
CA PRO VB 35 46.38 4.68 -71.60
C PRO VB 35 45.46 3.62 -72.20
N THR VB 36 45.21 2.58 -71.40
CA THR VB 36 44.29 1.52 -71.74
C THR VB 36 42.84 1.96 -71.52
N TRP VB 37 41.90 1.15 -72.02
CA TRP VB 37 40.49 1.51 -71.95
C TRP VB 37 39.65 0.24 -71.95
N VAL VB 38 38.91 0.00 -70.86
CA VAL VB 38 37.95 -1.10 -70.81
C VAL VB 38 36.64 -0.64 -71.42
N ARG VB 39 36.12 -1.42 -72.37
CA ARG VB 39 35.02 -0.94 -73.21
C ARG VB 39 34.02 -2.05 -73.50
N ALA VB 40 32.81 -1.63 -73.85
CA ALA VB 40 31.77 -2.49 -74.40
C ALA VB 40 31.40 -1.94 -75.76
N ILE VB 41 31.85 -2.62 -76.82
CA ILE VB 41 31.76 -2.11 -78.19
C ILE VB 41 30.52 -2.70 -78.84
N PRO VB 42 29.59 -1.89 -79.35
CA PRO VB 42 28.44 -2.43 -80.08
C PRO VB 42 28.57 -2.27 -81.59
N PHE VB 43 28.41 -3.35 -82.35
CA PHE VB 43 28.38 -3.25 -83.80
C PHE VB 43 27.59 -4.41 -84.38
N GLU VB 44 27.34 -4.34 -85.68
CA GLU VB 44 26.49 -5.28 -86.38
C GLU VB 44 27.21 -5.86 -87.59
N VAL VB 45 26.90 -7.12 -87.89
CA VAL VB 45 27.48 -7.82 -89.04
C VAL VB 45 26.35 -8.38 -89.89
N SER VB 46 26.61 -8.48 -91.19
CA SER VB 46 25.66 -9.08 -92.11
C SER VB 46 25.92 -10.58 -92.20
N VAL VB 47 24.87 -11.38 -92.12
CA VAL VB 47 24.98 -12.82 -92.16
C VAL VB 47 24.13 -13.34 -93.32
N GLN VB 48 24.61 -14.41 -93.95
CA GLN VB 48 23.85 -15.12 -94.96
C GLN VB 48 23.37 -16.45 -94.40
N SER VB 49 22.21 -16.89 -94.87
CA SER VB 49 21.64 -18.14 -94.39
C SER VB 49 22.54 -19.31 -94.74
N GLY VB 50 22.70 -20.23 -93.78
CA GLY VB 50 23.50 -21.42 -93.99
C GLY VB 50 25.00 -21.20 -94.11
N ILE VB 51 25.47 -19.98 -93.97
CA ILE VB 51 26.88 -19.64 -94.07
C ILE VB 51 27.33 -19.01 -92.77
N ALA VB 52 28.46 -19.48 -92.24
CA ALA VB 52 29.05 -18.83 -91.08
C ALA VB 52 29.81 -17.58 -91.52
N PHE VB 53 29.81 -16.57 -90.65
CA PHE VB 53 30.54 -15.33 -90.88
C PHE VB 53 31.60 -15.18 -89.80
N LYS VB 54 32.84 -14.93 -90.21
CA LYS VB 54 33.93 -14.72 -89.28
C LYS VB 54 33.98 -13.24 -88.92
N VAL VB 55 33.76 -12.94 -87.64
CA VAL VB 55 33.80 -11.56 -87.16
C VAL VB 55 35.25 -11.11 -87.02
N PRO VB 56 35.69 -10.11 -87.77
CA PRO VB 56 37.08 -9.67 -87.67
C PRO VB 56 37.31 -8.75 -86.48
N VAL VB 57 38.45 -8.95 -85.81
CA VAL VB 57 38.86 -8.10 -84.71
C VAL VB 57 38.96 -6.65 -85.16
N GLY VB 58 39.35 -6.42 -86.42
CA GLY VB 58 39.48 -5.09 -86.96
C GLY VB 58 38.23 -4.24 -86.87
N SER VB 59 37.07 -4.87 -86.72
CA SER VB 59 35.83 -4.12 -86.54
C SER VB 59 35.85 -3.28 -85.28
N LEU VB 60 36.66 -3.66 -84.29
CA LEU VB 60 36.70 -2.95 -83.02
C LEU VB 60 37.52 -1.68 -83.08
N PHE VB 61 38.36 -1.51 -84.08
CA PHE VB 61 39.20 -0.31 -84.23
C PHE VB 61 38.52 0.63 -85.22
N SER VB 62 37.96 1.72 -84.69
CA SER VB 62 37.24 2.68 -85.50
C SER VB 62 37.11 3.99 -84.72
N ALA VB 63 37.03 5.10 -85.46
CA ALA VB 63 36.79 6.38 -84.83
C ALA VB 63 35.35 6.51 -84.34
N ASN VB 64 34.43 5.68 -84.86
CA ASN VB 64 33.06 5.65 -84.35
C ASN VB 64 33.00 5.19 -82.90
N PHE VB 65 34.07 4.57 -82.40
CA PHE VB 65 34.14 4.10 -81.02
C PHE VB 65 35.22 4.81 -80.22
N ARG VB 66 35.88 5.82 -80.79
CA ARG VB 66 37.03 6.48 -80.19
C ARG VB 66 38.22 5.54 -80.03
N THR VB 67 38.30 4.49 -80.85
CA THR VB 67 39.30 3.44 -80.66
C THR VB 67 40.30 3.33 -81.81
N ASP VB 68 40.30 4.28 -82.76
CA ASP VB 68 41.17 4.15 -83.92
C ASP VB 68 42.66 4.27 -83.59
N SER VB 69 43.01 4.76 -82.40
CA SER VB 69 44.41 4.90 -82.01
C SER VB 69 44.98 3.63 -81.40
N PHE VB 70 44.15 2.61 -81.18
CA PHE VB 70 44.65 1.33 -80.69
C PHE VB 70 44.92 0.39 -81.87
N THR VB 71 45.86 -0.54 -81.66
CA THR VB 71 46.14 -1.59 -82.62
C THR VB 71 45.98 -2.99 -82.04
N SER VB 72 45.83 -3.12 -80.73
CA SER VB 72 45.61 -4.41 -80.09
C SER VB 72 44.44 -4.30 -79.12
N VAL VB 73 43.90 -5.45 -78.77
CA VAL VB 73 42.78 -5.51 -77.83
C VAL VB 73 42.73 -6.91 -77.23
N THR VB 74 42.38 -6.98 -75.95
CA THR VB 74 42.15 -8.24 -75.27
C THR VB 74 40.66 -8.43 -75.12
N VAL VB 75 40.12 -9.48 -75.73
CA VAL VB 75 38.69 -9.74 -75.69
C VAL VB 75 38.38 -10.55 -74.44
N MET VB 76 37.32 -10.16 -73.73
CA MET VB 76 36.90 -10.85 -72.51
C MET VB 76 35.61 -11.64 -72.66
N SER VB 77 34.60 -11.10 -73.33
CA SER VB 77 33.37 -11.83 -73.53
C SER VB 77 32.64 -11.29 -74.75
N VAL VB 78 31.85 -12.14 -75.39
CA VAL VB 78 31.13 -11.80 -76.61
C VAL VB 78 29.67 -12.16 -76.42
N ARG VB 79 28.79 -11.18 -76.62
CA ARG VB 79 27.35 -11.40 -76.62
C ARG VB 79 26.78 -11.00 -77.96
N ALA VB 80 25.76 -11.73 -78.41
CA ALA VB 80 25.20 -11.54 -79.73
C ALA VB 80 23.68 -11.57 -79.69
N TRP VB 81 23.06 -10.69 -80.49
CA TRP VB 81 21.62 -10.64 -80.64
C TRP VB 81 21.28 -10.65 -82.11
N THR VB 82 20.12 -11.23 -82.45
CA THR VB 82 19.60 -11.06 -83.80
C THR VB 82 19.07 -9.64 -83.94
N GLN VB 83 19.31 -9.05 -85.11
CA GLN VB 83 19.04 -7.63 -85.36
C GLN VB 83 17.92 -7.40 -86.37
N LEU VB 84 17.53 -8.41 -87.13
CA LEU VB 84 16.38 -8.34 -88.02
C LEU VB 84 15.44 -9.49 -87.70
N THR VB 85 14.23 -9.42 -88.24
CA THR VB 85 13.24 -10.46 -88.00
C THR VB 85 13.64 -11.75 -88.71
N PRO VB 86 13.18 -12.90 -88.21
CA PRO VB 86 13.54 -14.18 -88.83
C PRO VB 86 12.71 -14.42 -90.07
N PRO VB 87 13.01 -15.47 -90.84
CA PRO VB 87 12.13 -15.84 -91.95
C PRO VB 87 10.72 -16.15 -91.45
N VAL VB 88 9.77 -16.13 -92.39
CA VAL VB 88 8.39 -16.43 -92.05
C VAL VB 88 8.30 -17.80 -91.40
N ASN VB 89 7.39 -17.94 -90.43
CA ASN VB 89 7.09 -19.15 -89.68
C ASN VB 89 8.18 -19.56 -88.70
N GLU VB 90 9.26 -18.79 -88.54
CA GLU VB 90 10.40 -19.24 -87.76
C GLU VB 90 10.63 -18.35 -86.54
N TYR VB 91 11.31 -18.92 -85.55
CA TYR VB 91 11.84 -18.19 -84.41
C TYR VB 91 13.30 -17.86 -84.68
N SER VB 92 13.75 -16.70 -84.22
CA SER VB 92 15.14 -16.32 -84.39
C SER VB 92 16.06 -17.25 -83.63
N PHE VB 93 17.24 -17.50 -84.20
CA PHE VB 93 18.31 -18.18 -83.49
C PHE VB 93 19.65 -17.54 -83.88
N VAL VB 94 20.64 -17.76 -83.03
CA VAL VB 94 22.01 -17.31 -83.32
C VAL VB 94 22.97 -18.30 -82.67
N ARG VB 95 24.08 -18.57 -83.36
CA ARG VB 95 25.13 -19.45 -82.85
C ARG VB 95 26.46 -18.72 -82.86
N LEU VB 96 27.27 -18.98 -81.85
CA LEU VB 96 28.61 -18.41 -81.72
C LEU VB 96 29.63 -19.53 -81.60
N LYS VB 97 30.69 -19.45 -82.39
CA LYS VB 97 31.79 -20.42 -82.34
C LYS VB 97 33.08 -19.67 -82.06
N PRO VB 98 33.61 -19.73 -80.83
CA PRO VB 98 34.88 -19.04 -80.53
C PRO VB 98 36.01 -19.44 -81.46
N LEU VB 99 36.81 -18.46 -81.84
CA LEU VB 99 38.04 -18.67 -82.60
C LEU VB 99 39.23 -18.16 -81.79
N PHE VB 100 40.39 -18.80 -81.98
CA PHE VB 100 41.61 -18.40 -81.31
C PHE VB 100 42.81 -18.69 -82.21
N LYS VB 101 43.81 -17.81 -82.14
CA LYS VB 101 45.03 -18.01 -82.94
C LYS VB 101 45.74 -19.31 -82.58
N THR VB 102 45.70 -19.73 -81.33
CA THR VB 102 46.37 -20.96 -80.91
C THR VB 102 45.52 -22.20 -81.12
N GLY VB 103 44.30 -22.06 -81.66
CA GLY VB 103 43.46 -23.22 -81.93
C GLY VB 103 41.99 -22.94 -81.77
N ASP VB 104 41.24 -23.08 -82.87
CA ASP VB 104 39.81 -22.77 -82.85
C ASP VB 104 39.03 -23.79 -82.03
N SER VB 105 37.92 -23.33 -81.46
CA SER VB 105 37.04 -24.24 -80.75
C SER VB 105 35.97 -24.77 -81.70
N THR VB 106 35.27 -25.81 -81.26
CA THR VB 106 34.15 -26.36 -82.00
C THR VB 106 32.84 -26.28 -81.21
N GLU VB 107 32.82 -25.54 -80.10
CA GLU VB 107 31.56 -25.25 -79.44
C GLU VB 107 30.68 -24.37 -80.33
N GLU VB 108 29.37 -24.56 -80.22
CA GLU VB 108 28.40 -23.78 -80.96
C GLU VB 108 27.34 -23.28 -79.97
N PHE VB 109 27.74 -22.33 -79.12
CA PHE VB 109 26.80 -21.74 -78.18
C PHE VB 109 25.64 -21.11 -78.94
N GLU VB 110 24.42 -21.52 -78.59
CA GLU VB 110 23.25 -21.14 -79.35
C GLU VB 110 22.13 -20.69 -78.43
N GLY VB 111 21.46 -19.60 -78.81
CA GLY VB 111 20.23 -19.18 -78.19
C GLY VB 111 19.11 -19.13 -79.22
N ARG VB 112 17.87 -19.28 -78.78
CA ARG VB 112 16.72 -19.20 -79.67
C ARG VB 112 15.66 -18.31 -79.05
N ALA VB 113 14.91 -17.63 -79.91
CA ALA VB 113 13.76 -16.87 -79.44
C ALA VB 113 12.62 -17.82 -79.11
N SER VB 114 11.82 -17.44 -78.12
CA SER VB 114 10.61 -18.18 -77.77
C SER VB 114 9.35 -17.42 -78.14
N ASN VB 115 9.49 -16.25 -78.76
CA ASN VB 115 8.40 -15.45 -79.31
C ASN VB 115 8.91 -14.91 -80.64
N ILE VB 116 8.15 -15.14 -81.72
CA ILE VB 116 8.67 -14.85 -83.06
C ILE VB 116 9.07 -13.38 -83.22
N ASN VB 117 8.51 -12.50 -82.41
CA ASN VB 117 8.77 -11.07 -82.53
C ASN VB 117 9.93 -10.59 -81.65
N THR VB 118 10.71 -11.52 -81.10
CA THR VB 118 11.73 -11.20 -80.11
C THR VB 118 13.09 -11.67 -80.59
N ARG VB 119 14.13 -10.90 -80.25
CA ARG VB 119 15.49 -11.27 -80.61
C ARG VB 119 15.92 -12.56 -79.90
N ALA VB 120 16.78 -13.32 -80.56
CA ALA VB 120 17.51 -14.41 -79.92
C ALA VB 120 18.86 -13.88 -79.46
N SER VB 121 19.34 -14.43 -78.34
CA SER VB 121 20.61 -13.97 -77.77
C SER VB 121 21.39 -15.14 -77.21
N VAL VB 122 22.71 -14.96 -77.18
CA VAL VB 122 23.62 -15.91 -76.57
C VAL VB 122 24.96 -15.21 -76.42
N GLY VB 123 25.82 -15.74 -75.55
CA GLY VB 123 27.15 -15.17 -75.39
C GLY VB 123 28.09 -16.19 -74.81
N TYR VB 124 29.38 -15.86 -74.86
CA TYR VB 124 30.39 -16.70 -74.22
C TYR VB 124 31.47 -15.83 -73.60
N ARG VB 125 32.13 -16.39 -72.59
CA ARG VB 125 33.18 -15.72 -71.84
C ARG VB 125 34.50 -16.44 -72.10
N ILE VB 126 35.56 -15.66 -72.32
CA ILE VB 126 36.89 -16.20 -72.58
C ILE VB 126 37.63 -16.34 -71.26
N PRO VB 127 38.22 -17.50 -70.98
CA PRO VB 127 38.93 -17.67 -69.71
C PRO VB 127 40.23 -16.87 -69.68
N THR VB 128 40.76 -16.70 -68.47
CA THR VB 128 41.95 -15.87 -68.28
C THR VB 128 43.12 -16.37 -69.11
N ASN VB 129 43.35 -17.68 -69.11
CA ASN VB 129 44.46 -18.27 -69.85
C ASN VB 129 44.39 -18.06 -71.35
N LEU VB 130 43.25 -17.60 -71.88
CA LEU VB 130 43.09 -17.39 -73.31
C LEU VB 130 42.96 -15.91 -73.67
N ARG VB 131 43.16 -15.02 -72.71
CA ARG VB 131 43.03 -13.59 -72.95
C ARG VB 131 44.38 -12.99 -73.32
N GLN VB 132 44.83 -13.30 -74.53
CA GLN VB 132 46.00 -12.64 -75.09
C GLN VB 132 45.52 -11.56 -76.04
N ASN VB 133 46.47 -10.82 -76.60
CA ASN VB 133 46.09 -9.74 -77.49
C ASN VB 133 45.70 -10.28 -78.87
N THR VB 134 44.94 -9.46 -79.59
CA THR VB 134 44.58 -9.75 -80.97
C THR VB 134 44.70 -8.47 -81.78
N VAL VB 135 45.04 -8.62 -83.06
CA VAL VB 135 45.19 -7.48 -83.95
C VAL VB 135 44.10 -7.51 -85.01
N ALA VB 136 44.06 -6.46 -85.83
CA ALA VB 136 42.97 -6.27 -86.78
C ALA VB 136 42.75 -7.46 -87.69
N ALA VB 137 43.81 -8.21 -88.00
CA ALA VB 137 43.68 -9.32 -88.94
C ALA VB 137 43.13 -10.59 -88.30
N ASP VB 138 43.09 -10.67 -86.98
CA ASP VB 138 42.54 -11.86 -86.32
C ASP VB 138 41.02 -11.85 -86.39
N ASN VB 139 40.42 -12.98 -86.03
CA ASN VB 139 38.98 -13.12 -85.92
C ASN VB 139 38.59 -13.46 -84.49
N VAL VB 140 37.39 -13.04 -84.09
CA VAL VB 140 36.89 -13.33 -82.75
C VAL VB 140 36.12 -14.64 -82.71
N CYS VB 141 35.20 -14.82 -83.65
CA CYS VB 141 34.27 -15.94 -83.60
C CYS VB 141 33.56 -16.06 -84.94
N GLU VB 142 32.87 -17.18 -85.12
CA GLU VB 142 31.96 -17.38 -86.24
C GLU VB 142 30.54 -17.14 -85.78
N VAL VB 143 29.74 -16.49 -86.63
CA VAL VB 143 28.33 -16.23 -86.35
C VAL VB 143 27.49 -16.97 -87.36
N ARG VB 144 26.44 -17.65 -86.88
CA ARG VB 144 25.40 -18.22 -87.72
C ARG VB 144 24.05 -17.77 -87.22
N SER VB 145 23.12 -17.58 -88.14
CA SER VB 145 21.78 -17.15 -87.79
C SER VB 145 20.85 -17.35 -88.98
N ASN VB 146 19.56 -17.43 -88.71
CA ASN VB 146 18.56 -17.35 -89.75
C ASN VB 146 18.08 -15.91 -89.98
N CYS VB 147 18.64 -14.95 -89.25
CA CYS VB 147 18.37 -13.54 -89.48
C CYS VB 147 19.54 -12.92 -90.24
N ARG VB 148 19.23 -11.96 -91.10
CA ARG VB 148 20.21 -11.41 -92.02
C ARG VB 148 21.21 -10.48 -91.36
N GLN VB 149 20.98 -10.07 -90.12
CA GLN VB 149 21.89 -9.19 -89.41
C GLN VB 149 21.96 -9.64 -87.97
N VAL VB 150 23.14 -9.53 -87.37
CA VAL VB 150 23.37 -9.90 -85.98
C VAL VB 150 24.12 -8.76 -85.30
N ALA VB 151 23.63 -8.36 -84.13
CA ALA VB 151 24.22 -7.28 -83.35
C ALA VB 151 25.10 -7.86 -82.26
N LEU VB 152 26.39 -7.51 -82.28
CA LEU VB 152 27.33 -7.96 -81.29
C LEU VB 152 27.62 -6.84 -80.30
N VAL VB 153 27.84 -7.22 -79.05
CA VAL VB 153 28.39 -6.34 -78.02
C VAL VB 153 29.57 -7.09 -77.40
N ILE VB 154 30.77 -6.53 -77.53
CA ILE VB 154 31.99 -7.21 -77.12
C ILE VB 154 32.61 -6.42 -75.97
N SER VB 155 32.85 -7.12 -74.85
CA SER VB 155 33.58 -6.54 -73.73
C SER VB 155 35.06 -6.84 -73.91
N CYS VB 156 35.88 -5.79 -73.90
CA CYS VB 156 37.28 -5.95 -74.24
C CYS VB 156 38.11 -4.86 -73.58
N CYS VB 157 39.43 -5.08 -73.59
CA CYS VB 157 40.40 -4.15 -73.04
C CYS VB 157 41.29 -3.68 -74.18
N PHE VB 158 41.17 -2.42 -74.56
CA PHE VB 158 42.07 -1.83 -75.54
C PHE VB 158 43.39 -1.48 -74.86
N ASN VB 159 44.48 -1.85 -75.48
CA ASN VB 159 45.81 -1.55 -74.96
C ASN VB 159 46.77 -1.30 -76.11
N ASN WB 16 -12.45 15.41 -36.84
CA ASN WB 16 -11.92 16.66 -37.36
C ASN WB 16 -12.99 17.76 -37.32
N SER WB 17 -12.57 19.00 -37.57
CA SER WB 17 -13.49 20.12 -37.53
C SER WB 17 -14.45 20.09 -38.73
N ASN WB 18 -15.67 20.57 -38.50
CA ASN WB 18 -16.69 20.63 -39.54
C ASN WB 18 -17.09 22.05 -39.90
N VAL WB 19 -16.47 23.07 -39.28
CA VAL WB 19 -16.83 24.46 -39.50
C VAL WB 19 -15.57 25.28 -39.76
N VAL WB 20 -15.78 26.49 -40.26
CA VAL WB 20 -14.68 27.42 -40.44
C VAL WB 20 -14.18 27.88 -39.08
N THR WB 21 -12.86 27.89 -38.90
CA THR WB 21 -12.25 28.33 -37.66
C THR WB 21 -11.26 29.46 -37.92
N MET WB 22 -11.01 30.24 -36.88
CA MET WB 22 -10.17 31.42 -36.99
C MET WB 22 -8.70 31.03 -37.02
N ILE WB 23 -7.94 31.71 -37.88
CA ILE WB 23 -6.48 31.68 -37.87
C ILE WB 23 -5.98 32.95 -37.19
N ARG WB 24 -5.03 32.81 -36.27
CA ARG WB 24 -4.44 33.97 -35.61
C ARG WB 24 -3.20 34.38 -36.39
N ALA WB 25 -3.43 35.11 -37.47
CA ALA WB 25 -2.36 35.52 -38.37
C ALA WB 25 -1.52 36.63 -37.75
N GLY WB 26 -0.28 36.75 -38.25
CA GLY WB 26 0.64 37.70 -37.69
C GLY WB 26 0.99 38.84 -38.62
N SER WB 27 2.28 39.16 -38.72
CA SER WB 27 2.73 40.17 -39.66
C SER WB 27 2.58 39.67 -41.09
N TYR WB 28 2.66 40.60 -42.04
CA TYR WB 28 2.56 40.22 -43.45
C TYR WB 28 3.79 39.40 -43.85
N PRO WB 29 3.61 38.27 -44.52
CA PRO WB 29 4.73 37.38 -44.79
C PRO WB 29 5.46 37.74 -46.09
N LYS WB 30 6.63 37.12 -46.26
CA LYS WB 30 7.28 37.14 -47.56
C LYS WB 30 6.41 36.37 -48.55
N VAL WB 31 6.24 36.94 -49.74
CA VAL WB 31 5.35 36.37 -50.76
C VAL WB 31 6.04 36.40 -52.11
N ASN WB 32 5.49 35.62 -53.03
CA ASN WB 32 6.00 35.53 -54.40
C ASN WB 32 4.87 35.07 -55.31
N PRO WB 33 4.37 35.95 -56.19
CA PRO WB 33 3.27 35.56 -57.08
C PRO WB 33 3.67 34.64 -58.22
N THR WB 34 4.95 34.50 -58.52
CA THR WB 34 5.42 33.76 -59.70
C THR WB 34 6.50 32.77 -59.30
N PRO WB 35 6.12 31.68 -58.64
CA PRO WB 35 7.12 30.75 -58.10
C PRO WB 35 7.71 29.85 -59.17
N THR WB 36 8.70 29.06 -58.76
CA THR WB 36 9.29 28.02 -59.58
C THR WB 36 8.39 26.79 -59.59
N TRP WB 37 8.68 25.87 -60.51
CA TRP WB 37 7.83 24.69 -60.68
C TRP WB 37 8.69 23.56 -61.23
N VAL WB 38 8.80 22.48 -60.47
CA VAL WB 38 9.49 21.27 -60.91
C VAL WB 38 8.50 20.40 -61.67
N ARG WB 39 8.89 19.96 -62.87
CA ARG WB 39 7.93 19.40 -63.81
C ARG WB 39 8.52 18.22 -64.55
N ALA WB 40 7.63 17.42 -65.15
CA ALA WB 40 7.98 16.35 -66.08
C ALA WB 40 7.14 16.56 -67.33
N ILE WB 41 7.76 17.13 -68.37
CA ILE WB 41 7.04 17.62 -69.53
C ILE WB 41 7.04 16.53 -70.60
N PRO WB 42 5.86 16.07 -71.06
CA PRO WB 42 5.83 15.10 -72.17
C PRO WB 42 5.49 15.75 -73.49
N PHE WB 43 6.25 15.45 -74.54
CA PHE WB 43 5.92 15.94 -75.88
C PHE WB 43 6.63 15.08 -76.92
N GLU WB 44 6.20 15.24 -78.16
CA GLU WB 44 6.69 14.43 -79.28
C GLU WB 44 7.38 15.32 -80.30
N VAL WB 45 8.31 14.72 -81.05
CA VAL WB 45 9.00 15.38 -82.15
C VAL WB 45 9.01 14.44 -83.35
N SER WB 46 9.05 15.03 -84.54
CA SER WB 46 9.11 14.27 -85.78
C SER WB 46 10.56 14.14 -86.21
N VAL WB 47 10.94 12.93 -86.61
CA VAL WB 47 12.32 12.58 -86.94
C VAL WB 47 12.35 11.98 -88.34
N GLN WB 48 13.37 12.34 -89.10
CA GLN WB 48 13.61 11.75 -90.42
C GLN WB 48 14.69 10.68 -90.30
N SER WB 49 14.58 9.67 -91.17
CA SER WB 49 15.56 8.60 -91.18
C SER WB 49 16.93 9.14 -91.57
N GLY WB 50 17.95 8.77 -90.80
CA GLY WB 50 19.31 9.16 -91.10
C GLY WB 50 19.63 10.62 -90.84
N ILE WB 51 18.72 11.38 -90.25
CA ILE WB 51 18.93 12.79 -89.96
C ILE WB 51 18.73 13.03 -88.47
N ALA WB 52 19.70 13.67 -87.84
CA ALA WB 52 19.54 14.08 -86.46
C ALA WB 52 18.57 15.25 -86.38
N PHE WB 53 17.78 15.28 -85.30
CA PHE WB 53 16.87 16.38 -85.03
C PHE WB 53 17.29 17.04 -83.73
N LYS WB 54 17.48 18.36 -83.77
CA LYS WB 54 17.84 19.13 -82.58
C LYS WB 54 16.55 19.54 -81.86
N VAL WB 55 16.40 19.08 -80.62
CA VAL WB 55 15.21 19.41 -79.84
C VAL WB 55 15.35 20.81 -79.26
N PRO WB 56 14.45 21.72 -79.58
CA PRO WB 56 14.55 23.09 -79.04
C PRO WB 56 13.96 23.20 -77.64
N VAL WB 57 14.66 23.94 -76.78
CA VAL WB 57 14.19 24.19 -75.43
C VAL WB 57 12.81 24.86 -75.47
N GLY WB 58 12.59 25.73 -76.44
CA GLY WB 58 11.34 26.45 -76.59
C GLY WB 58 10.08 25.58 -76.58
N SER WB 59 10.24 24.29 -76.89
CA SER WB 59 9.10 23.38 -76.82
C SER WB 59 8.53 23.27 -75.41
N LEU WB 60 9.33 23.58 -74.39
CA LEU WB 60 8.89 23.42 -73.01
C LEU WB 60 8.04 24.58 -72.51
N PHE WB 61 8.02 25.71 -73.22
CA PHE WB 61 7.20 26.85 -72.84
C PHE WB 61 5.95 26.84 -73.71
N SER WB 62 4.83 26.39 -73.14
CA SER WB 62 3.57 26.34 -73.86
C SER WB 62 2.43 26.40 -72.86
N ALA WB 63 1.31 26.97 -73.31
CA ALA WB 63 0.10 26.95 -72.50
C ALA WB 63 -0.43 25.53 -72.29
N ASN WB 64 -0.08 24.60 -73.18
CA ASN WB 64 -0.47 23.20 -73.02
C ASN WB 64 0.19 22.54 -71.81
N PHE WB 65 1.25 23.14 -71.27
CA PHE WB 65 1.93 22.61 -70.10
C PHE WB 65 1.79 23.52 -68.90
N ARG WB 66 0.99 24.58 -69.01
CA ARG WB 66 0.85 25.61 -67.97
C ARG WB 66 2.17 26.36 -67.75
N THR WB 67 3.03 26.45 -68.76
CA THR WB 67 4.37 27.00 -68.59
C THR WB 67 4.66 28.19 -69.50
N ASP WB 68 3.65 28.79 -70.13
CA ASP WB 68 3.92 29.89 -71.05
C ASP WB 68 4.40 31.16 -70.35
N SER WB 69 4.31 31.23 -69.02
CA SER WB 69 4.75 32.39 -68.28
C SER WB 69 6.23 32.32 -67.91
N PHE WB 70 6.91 31.23 -68.20
CA PHE WB 70 8.34 31.10 -67.95
C PHE WB 70 9.12 31.43 -69.21
N THR WB 71 10.33 31.95 -69.01
CA THR WB 71 11.25 32.20 -70.11
C THR WB 71 12.57 31.45 -69.97
N SER WB 72 12.79 30.77 -68.86
CA SER WB 72 14.00 29.98 -68.64
C SER WB 72 13.62 28.67 -67.99
N VAL WB 73 14.55 27.71 -68.04
CA VAL WB 73 14.32 26.39 -67.47
C VAL WB 73 15.67 25.75 -67.22
N THR WB 74 15.76 24.97 -66.14
CA THR WB 74 16.94 24.19 -65.83
C THR WB 74 16.59 22.72 -66.06
N VAL WB 75 17.14 22.15 -67.11
CA VAL WB 75 16.86 20.76 -67.47
C VAL WB 75 17.71 19.83 -66.62
N MET WB 76 17.07 18.85 -65.98
CA MET WB 76 17.77 17.91 -65.12
C MET WB 76 18.01 16.55 -65.77
N SER WB 77 17.02 16.00 -66.48
CA SER WB 77 17.23 14.72 -67.14
C SER WB 77 16.25 14.58 -68.30
N VAL WB 78 16.69 13.83 -69.32
CA VAL WB 78 15.94 13.63 -70.55
C VAL WB 78 15.74 12.14 -70.75
N ARG WB 79 14.51 11.72 -71.07
CA ARG WB 79 14.22 10.36 -71.48
C ARG WB 79 13.44 10.38 -72.78
N ALA WB 80 13.62 9.33 -73.58
CA ALA WB 80 13.05 9.28 -74.92
C ALA WB 80 12.51 7.89 -75.22
N TRP WB 81 11.37 7.84 -75.92
CA TRP WB 81 10.78 6.61 -76.40
C TRP WB 81 10.40 6.78 -77.86
N THR WB 82 10.51 5.70 -78.63
CA THR WB 82 9.96 5.72 -79.98
C THR WB 82 8.44 5.74 -79.89
N GLN WB 83 7.81 6.52 -80.77
CA GLN WB 83 6.38 6.80 -80.68
C GLN WB 83 5.57 6.20 -81.83
N LEU WB 84 6.22 5.70 -82.88
CA LEU WB 84 5.56 4.96 -83.94
C LEU WB 84 6.33 3.66 -84.19
N THR WB 85 5.72 2.77 -84.97
CA THR WB 85 6.34 1.49 -85.28
C THR WB 85 7.59 1.69 -86.15
N PRO WB 86 8.54 0.77 -86.09
CA PRO WB 86 9.74 0.88 -86.91
C PRO WB 86 9.46 0.39 -88.32
N PRO WB 87 10.41 0.53 -89.25
CA PRO WB 87 10.22 -0.04 -90.57
C PRO WB 87 10.11 -1.57 -90.50
N VAL WB 88 9.61 -2.15 -91.59
CA VAL WB 88 9.47 -3.59 -91.67
C VAL WB 88 10.84 -4.25 -91.45
N ASN WB 89 10.84 -5.35 -90.70
CA ASN WB 89 11.96 -6.22 -90.38
C ASN WB 89 12.88 -5.66 -89.30
N GLU WB 90 12.69 -4.42 -88.85
CA GLU WB 90 13.63 -3.81 -87.92
C GLU WB 90 13.03 -3.72 -86.51
N TYR WB 91 13.92 -3.64 -85.53
CA TYR WB 91 13.56 -3.29 -84.17
C TYR WB 91 13.79 -1.79 -83.96
N SER WB 92 12.92 -1.17 -83.17
CA SER WB 92 13.05 0.26 -82.92
C SER WB 92 14.38 0.58 -82.23
N PHE WB 93 14.90 1.76 -82.51
CA PHE WB 93 16.03 2.28 -81.74
C PHE WB 93 15.89 3.79 -81.62
N VAL WB 94 16.50 4.35 -80.59
CA VAL WB 94 16.57 5.79 -80.38
C VAL WB 94 17.93 6.14 -79.79
N ARG WB 95 18.52 7.24 -80.25
CA ARG WB 95 19.79 7.74 -79.74
C ARG WB 95 19.60 9.17 -79.24
N LEU WB 96 20.31 9.50 -78.17
CA LEU WB 96 20.31 10.86 -77.63
C LEU WB 96 21.74 11.35 -77.53
N LYS WB 97 21.98 12.55 -78.06
CA LYS WB 97 23.27 13.22 -77.93
C LYS WB 97 23.08 14.53 -77.17
N PRO WB 98 23.63 14.67 -75.96
CA PRO WB 98 23.40 15.90 -75.20
C PRO WB 98 24.09 17.10 -75.84
N LEU WB 99 23.41 18.24 -75.77
CA LEU WB 99 23.94 19.51 -76.24
C LEU WB 99 24.05 20.48 -75.08
N PHE WB 100 25.02 21.39 -75.14
CA PHE WB 100 25.23 22.39 -74.10
C PHE WB 100 25.76 23.67 -74.71
N LYS WB 101 25.35 24.80 -74.14
CA LYS WB 101 25.81 26.10 -74.64
C LYS WB 101 27.32 26.24 -74.50
N THR WB 102 27.89 25.73 -73.40
CA THR WB 102 29.34 25.80 -73.20
C THR WB 102 30.10 24.70 -73.94
N GLY WB 103 29.42 23.82 -74.68
CA GLY WB 103 30.12 22.80 -75.44
C GLY WB 103 29.35 21.50 -75.58
N ASP WB 104 29.16 21.04 -76.81
CA ASP WB 104 28.33 19.87 -77.07
C ASP WB 104 29.07 18.58 -76.73
N SER WB 105 28.29 17.59 -76.29
CA SER WB 105 28.81 16.25 -76.06
C SER WB 105 28.84 15.46 -77.36
N THR WB 106 29.59 14.37 -77.36
CA THR WB 106 29.57 13.42 -78.46
C THR WB 106 29.17 12.02 -78.02
N GLU WB 107 28.54 11.90 -76.86
CA GLU WB 107 27.93 10.64 -76.48
C GLU WB 107 26.69 10.39 -77.33
N GLU WB 108 26.38 9.12 -77.53
CA GLU WB 108 25.21 8.71 -78.29
C GLU WB 108 24.56 7.57 -77.51
N PHE WB 109 23.95 7.91 -76.38
CA PHE WB 109 23.20 6.94 -75.60
C PHE WB 109 22.09 6.36 -76.45
N GLU WB 110 22.05 5.04 -76.57
CA GLU WB 110 21.16 4.37 -77.52
C GLU WB 110 20.41 3.24 -76.83
N GLY WB 111 19.12 3.19 -77.06
CA GLY WB 111 18.30 2.07 -76.63
C GLY WB 111 17.65 1.41 -77.84
N ARG WB 112 17.61 0.08 -77.83
CA ARG WB 112 16.94 -0.68 -78.87
C ARG WB 112 15.86 -1.53 -78.24
N ALA WB 113 14.85 -1.85 -79.04
CA ALA WB 113 13.82 -2.77 -78.59
C ALA WB 113 14.28 -4.20 -78.83
N SER WB 114 13.81 -5.11 -77.98
CA SER WB 114 14.02 -6.54 -78.19
C SER WB 114 12.76 -7.25 -78.68
N ASN WB 115 11.66 -6.52 -78.84
CA ASN WB 115 10.43 -7.01 -79.43
C ASN WB 115 9.97 -5.96 -80.44
N ILE WB 116 9.76 -6.39 -81.70
CA ILE WB 116 9.52 -5.43 -82.77
C ILE WB 116 8.27 -4.60 -82.52
N ASN WB 117 7.35 -5.10 -81.69
CA ASN WB 117 6.12 -4.38 -81.38
C ASN WB 117 6.28 -3.44 -80.20
N THR WB 118 7.49 -3.28 -79.67
CA THR WB 118 7.75 -2.61 -78.41
C THR WB 118 8.61 -1.38 -78.60
N ARG WB 119 8.33 -0.33 -77.82
CA ARG WB 119 9.10 0.90 -77.89
C ARG WB 119 10.55 0.66 -77.46
N ALA WB 120 11.47 1.37 -78.10
CA ALA WB 120 12.83 1.50 -77.60
C ALA WB 120 12.92 2.75 -76.74
N SER WB 121 13.82 2.73 -75.75
CA SER WB 121 13.91 3.84 -74.81
C SER WB 121 15.32 4.00 -74.31
N VAL WB 122 15.66 5.24 -73.98
CA VAL WB 122 16.96 5.57 -73.39
C VAL WB 122 16.81 6.96 -72.77
N GLY WB 123 17.75 7.31 -71.89
CA GLY WB 123 17.75 8.64 -71.32
C GLY WB 123 19.11 8.96 -70.77
N TYR WB 124 19.29 10.22 -70.39
CA TYR WB 124 20.52 10.63 -69.74
C TYR WB 124 20.22 11.69 -68.68
N ARG WB 125 21.10 11.74 -67.68
CA ARG WB 125 21.00 12.70 -66.59
C ARG WB 125 22.06 13.78 -66.77
N ILE WB 126 21.69 15.02 -66.48
CA ILE WB 126 22.63 16.14 -66.53
C ILE WB 126 23.23 16.33 -65.13
N PRO WB 127 24.54 16.41 -65.01
CA PRO WB 127 25.16 16.60 -63.69
C PRO WB 127 24.97 18.02 -63.17
N THR WB 128 25.16 18.17 -61.86
CA THR WB 128 24.89 19.43 -61.19
C THR WB 128 25.71 20.56 -61.80
N ASN WB 129 26.97 20.30 -62.13
CA ASN WB 129 27.84 21.35 -62.67
C ASN WB 129 27.40 21.85 -64.04
N LEU WB 130 26.44 21.18 -64.68
CA LEU WB 130 25.96 21.60 -66.00
C LEU WB 130 24.51 22.07 -65.98
N ARG WB 131 23.90 22.18 -64.80
CA ARG WB 131 22.50 22.58 -64.69
C ARG WB 131 22.39 24.10 -64.57
N GLN WB 132 22.65 24.76 -65.68
CA GLN WB 132 22.39 26.19 -65.80
C GLN WB 132 21.06 26.37 -66.53
N ASN WB 133 20.62 27.62 -66.62
CA ASN WB 133 19.37 27.89 -67.32
C ASN WB 133 19.58 27.81 -68.82
N THR WB 134 18.51 27.44 -69.52
CA THR WB 134 18.44 27.56 -70.96
C THR WB 134 17.19 28.32 -71.30
N VAL WB 135 17.16 28.87 -72.52
CA VAL WB 135 16.06 29.69 -72.99
C VAL WB 135 15.57 29.12 -74.33
N ALA WB 136 14.50 29.71 -74.85
CA ALA WB 136 13.76 29.12 -75.96
C ALA WB 136 14.63 28.86 -77.18
N ALA WB 137 15.66 29.69 -77.40
CA ALA WB 137 16.49 29.50 -78.56
C ALA WB 137 17.58 28.45 -78.36
N ASP WB 138 17.74 27.92 -77.15
CA ASP WB 138 18.72 26.88 -76.90
C ASP WB 138 18.17 25.51 -77.34
N ASN WB 139 19.06 24.52 -77.38
CA ASN WB 139 18.71 23.15 -77.74
C ASN WB 139 19.04 22.20 -76.59
N VAL WB 140 18.20 21.18 -76.42
CA VAL WB 140 18.45 20.19 -75.38
C VAL WB 140 19.41 19.12 -75.87
N CYS WB 141 19.09 18.49 -76.99
CA CYS WB 141 19.81 17.30 -77.42
C CYS WB 141 19.51 17.04 -78.89
N GLU WB 142 20.21 16.05 -79.45
CA GLU WB 142 19.95 15.56 -80.78
C GLU WB 142 19.34 14.17 -80.70
N VAL WB 143 18.26 13.96 -81.45
CA VAL WB 143 17.54 12.70 -81.48
C VAL WB 143 17.77 12.02 -82.82
N ARG WB 144 18.05 10.72 -82.79
CA ARG WB 144 18.07 9.88 -83.97
C ARG WB 144 17.26 8.64 -83.70
N SER WB 145 16.56 8.16 -84.74
CA SER WB 145 15.71 6.99 -84.60
C SER WB 145 15.37 6.49 -85.99
N ASN WB 146 15.00 5.21 -86.07
CA ASN WB 146 14.41 4.66 -87.29
C ASN WB 146 12.89 4.74 -87.27
N CYS WB 147 12.30 5.34 -86.25
CA CYS WB 147 10.87 5.62 -86.20
C CYS WB 147 10.63 7.10 -86.48
N ARG WB 148 9.53 7.38 -87.16
CA ARG WB 148 9.26 8.74 -87.63
C ARG WB 148 8.89 9.69 -86.50
N GLN WB 149 8.65 9.19 -85.29
CA GLN WB 149 8.27 10.06 -84.18
C GLN WB 149 8.89 9.54 -82.90
N VAL WB 150 9.29 10.47 -82.03
CA VAL WB 150 9.93 10.15 -80.77
C VAL WB 150 9.20 10.90 -79.66
N ALA WB 151 8.88 10.18 -78.59
CA ALA WB 151 8.26 10.77 -77.41
C ALA WB 151 9.33 11.10 -76.38
N LEU WB 152 9.28 12.31 -75.85
CA LEU WB 152 10.23 12.75 -74.83
C LEU WB 152 9.50 13.08 -73.55
N VAL WB 153 10.14 12.79 -72.42
CA VAL WB 153 9.74 13.29 -71.12
C VAL WB 153 10.96 13.91 -70.49
N ILE WB 154 10.90 15.22 -70.24
CA ILE WB 154 12.02 15.98 -69.72
C ILE WB 154 11.71 16.40 -68.29
N SER WB 155 12.60 16.06 -67.36
CA SER WB 155 12.50 16.52 -65.98
C SER WB 155 13.26 17.83 -65.86
N CYS WB 156 12.58 18.89 -65.42
CA CYS WB 156 13.15 20.21 -65.47
C CYS WB 156 12.59 21.08 -64.36
N CYS WB 157 13.30 22.16 -64.07
CA CYS WB 157 12.89 23.16 -63.10
C CYS WB 157 12.63 24.46 -63.85
N PHE WB 158 11.35 24.83 -63.98
CA PHE WB 158 11.03 26.13 -64.54
C PHE WB 158 11.30 27.21 -63.50
N ASN WB 159 11.89 28.31 -63.95
CA ASN WB 159 12.13 29.45 -63.08
C ASN WB 159 12.17 30.75 -63.88
MG MG FD . -19.05 -43.29 36.67
P PO4 GD . -21.33 -45.22 38.76
O1 PO4 GD . -21.91 -46.14 37.71
O1 PO4 GD . -22.55 -44.93 37.93
O1 PO4 GD . -21.80 -43.82 39.09
O1 PO4 GD . -20.57 -44.70 39.95
O1 PO4 GD . -20.33 -46.34 38.69
O2 PO4 GD . -20.19 -45.91 39.47
O2 PO4 GD . -20.63 -46.43 38.20
O2 PO4 GD . -22.00 -45.69 37.49
O2 PO4 GD . -22.56 -44.38 38.54
O2 PO4 GD . -20.92 -44.25 39.84
O3 PO4 GD . -22.40 -44.86 39.75
O3 PO4 GD . -21.74 -45.49 40.19
O3 PO4 GD . -21.69 -46.15 39.89
O3 PO4 GD . -21.74 -46.65 39.00
O3 PO4 GD . -22.70 -45.78 39.07
O4 PO4 GD . -20.82 -43.97 38.10
O4 PO4 GD . -20.41 -44.03 38.71
O4 PO4 GD . -19.83 -45.22 38.57
O4 PO4 GD . -20.45 -45.16 37.54
O4 PO4 GD . -21.38 -44.51 37.43
S SO4 HD . -43.83 -34.89 32.13
O1 SO4 HD . -45.21 -35.37 32.15
O2 SO4 HD . -43.23 -35.21 30.83
O3 SO4 HD . -43.07 -35.55 33.19
O4 SO4 HD . -43.80 -33.45 32.33
S SO4 ID . -22.30 -20.84 30.28
O1 SO4 ID . -23.65 -21.19 29.89
O2 SO4 ID . -21.43 -22.01 30.12
O3 SO4 ID . -22.27 -20.36 31.65
O4 SO4 ID . -21.84 -19.77 29.42
MG MG JD . -7.89 27.71 37.11
P PO4 KD . -9.13 31.22 38.97
O1 PO4 KD . -10.09 30.06 38.82
O1 PO4 KD . -9.79 31.19 37.63
O1 PO4 KD . -8.64 31.88 37.70
O1 PO4 KD . -7.76 31.78 39.25
O1 PO4 KD . -8.26 30.52 39.98
O2 PO4 KD . -9.55 32.34 38.06
O2 PO4 KD . -8.21 32.41 39.06
O2 PO4 KD . -8.27 31.66 40.13
O2 PO4 KD . -9.51 30.26 40.07
O2 PO4 KD . -10.57 30.81 39.18
O3 PO4 KD . -9.13 31.71 40.40
O3 PO4 KD . -10.17 31.31 40.05
O3 PO4 KD . -10.56 31.61 39.22
O3 PO4 KD . -10.13 32.33 38.91
O3 PO4 KD . -9.00 32.71 39.13
O4 PO4 KD . -7.74 30.75 38.60
O4 PO4 KD . -8.33 29.95 39.16
O4 PO4 KD . -9.04 29.72 38.82
O4 PO4 KD . -9.10 30.49 37.65
O4 PO4 KD . -8.70 30.82 37.58
S SO4 LD . 19.50 39.99 31.79
O1 SO4 LD . 18.35 39.62 30.97
O2 SO4 LD . 20.73 39.63 31.08
O3 SO4 LD . 19.44 39.28 33.06
O4 SO4 LD . 19.50 41.44 32.00
MG MG MD . 45.17 -15.76 58.46
P PO4 ND . 47.06 -17.04 61.78
O1 PO4 ND . 46.69 -17.78 60.52
O1 PO4 ND . 46.03 -16.95 60.68
O1 PO4 ND . 46.27 -16.16 60.84
O1 PO4 ND . 47.26 -16.44 60.40
O1 PO4 ND . 47.37 -17.23 60.31
O2 PO4 ND . 46.20 -15.82 61.92
O2 PO4 ND . 48.03 -15.90 61.65
O2 PO4 ND . 48.25 -17.61 61.04
O2 PO4 ND . 46.86 -18.53 61.65
O2 PO4 ND . 45.68 -17.58 62.07
O3 PO4 ND . 46.84 -17.95 62.96
O3 PO4 ND . 46.37 -16.97 63.12
O3 PO4 ND . 47.53 -16.24 62.95
O3 PO4 ND . 48.28 -16.78 62.62
O3 PO4 ND . 48.08 -17.79 62.60
O4 PO4 ND . 48.51 -16.64 61.72
O4 PO4 ND . 47.80 -18.35 61.67
O4 PO4 ND . 46.18 -18.17 62.26
O4 PO4 ND . 45.85 -16.43 62.43
O4 PO4 ND . 47.10 -15.58 62.12
P PO4 OD . 6.34 53.15 -33.76
O1 PO4 OD . 6.85 52.76 -35.12
O1 PO4 OD . 7.83 53.40 -33.77
O1 PO4 OD . 7.07 53.52 -32.50
O1 PO4 OD . 5.18 53.55 -32.88
O1 PO4 OD . 5.12 52.53 -34.40
O2 PO4 OD . 7.35 54.03 -33.08
O2 PO4 OD . 5.75 53.66 -32.48
O2 PO4 OD . 4.93 52.74 -33.42
O2 PO4 OD . 5.81 52.54 -35.04
O2 PO4 OD . 7.52 52.99 -34.69
O3 PO4 OD . 5.05 53.91 -33.92
O3 PO4 OD . 5.70 53.86 -34.93
O3 PO4 OD . 6.30 54.34 -34.69
O3 PO4 OD . 7.16 54.37 -34.10
O3 PO4 OD . 6.08 54.62 -33.53
O4 PO4 OD . 6.10 51.91 -32.94
O4 PO4 OD . 6.08 51.67 -33.88
O4 PO4 OD . 7.04 52.00 -34.44
O4 PO4 OD . 7.19 52.14 -33.04
O4 PO4 OD . 6.62 52.47 -32.45
MG MG PD . 8.24 50.10 -31.11
S SO4 QD . -7.29 62.09 -15.17
O1 SO4 QD . -7.12 62.29 -16.61
O2 SO4 QD . -8.45 61.24 -14.93
O3 SO4 QD . -7.49 63.38 -14.52
O4 SO4 QD . -6.09 61.45 -14.64
S SO4 RD . -3.88 41.29 -8.68
O1 SO4 RD . -3.87 40.81 -10.06
O2 SO4 RD . -2.64 40.88 -8.03
O3 SO4 RD . -5.00 40.67 -7.98
O4 SO4 RD . -4.02 42.74 -8.62
P PO4 SD . -46.52 -1.88 -20.31
O1 PO4 SD . -45.42 -2.77 -20.84
O1 PO4 SD . -45.14 -2.01 -20.91
O1 PO4 SD . -45.23 -1.23 -20.75
O1 PO4 SD . -45.18 -1.78 -19.63
O1 PO4 SD . -45.27 -2.27 -19.56
O2 PO4 SD . -45.94 -0.55 -19.91
O2 PO4 SD . -46.40 -1.60 -18.84
O2 PO4 SD . -46.22 -2.95 -19.30
O2 PO4 SD . -46.63 -3.22 -21.01
O2 PO4 SD . -46.19 -1.68 -21.77
O3 PO4 SD . -47.56 -1.67 -21.39
O3 PO4 SD . -47.26 -0.75 -20.99
O3 PO4 SD . -47.42 -0.84 -19.70
O3 PO4 SD . -47.61 -1.75 -19.29
O3 PO4 SD . -47.54 -2.98 -20.19
O4 PO4 SD . -47.16 -2.53 -19.12
O4 PO4 SD . -47.28 -3.17 -20.53
O4 PO4 SD . -47.20 -2.50 -21.51
O4 PO4 SD . -46.65 -0.77 -21.33
O4 PO4 SD . -47.08 -0.60 -19.74
MG MG TD . -42.98 -3.80 -19.14
P PO4 UD . 3.63 -9.79 -78.85
O1 PO4 UD . 4.04 -11.15 -79.35
O1 PO4 UD . 4.92 -9.71 -79.60
O1 PO4 UD . 3.67 -8.30 -79.10
O1 PO4 UD . 2.43 -8.89 -78.57
O1 PO4 UD . 2.50 -10.78 -78.98
O2 PO4 UD . 2.22 -9.87 -78.30
O2 PO4 UD . 3.20 -11.23 -78.72
O2 PO4 UD . 4.99 -10.38 -79.09
O2 PO4 UD . 4.82 -8.94 -79.17
O2 PO4 UD . 3.07 -8.44 -78.48
O3 PO4 UD . 3.66 -8.80 -79.98
O3 PO4 UD . 2.56 -9.02 -79.59
O3 PO4 UD . 2.62 -10.42 -79.78
O3 PO4 UD . 3.32 -10.69 -80.01
O3 PO4 UD . 4.36 -9.69 -80.16
O4 PO4 UD . 4.57 -9.34 -77.76
O4 PO4 UD . 3.81 -9.19 -77.48
O4 PO4 UD . 3.21 -10.04 -77.42
O4 PO4 UD . 3.92 -10.63 -77.63
O4 PO4 UD . 4.58 -10.25 -77.77
MG MG VD . 4.15 -9.09 -75.36
#